data_6ZOF
#
_entry.id   6ZOF
#
_cell.length_a   145.100
_cell.length_b   162.327
_cell.length_c   244.852
_cell.angle_alpha   90.000
_cell.angle_beta   90.000
_cell.angle_gamma   90.000
#
_symmetry.space_group_name_H-M   'P 21 21 21'
#
loop_
_entity.id
_entity.type
_entity.pdbx_description
1 polymer 'Multidrug efflux pump subunit AcrB'
2 polymer DARPIN
3 non-polymer DODECYL-BETA-D-MALTOSIDE
4 non-polymer 'SULFATE ION'
5 non-polymer DECANE
6 non-polymer DECYLAMINE-N,N-DIMETHYL-N-OXIDE
7 non-polymer GLYCEROL
8 non-polymer 'FUSIDIC ACID'
9 non-polymer HEXADECANE
10 non-polymer PHOSPHATIDYLETHANOLAMINE
11 water water
#
loop_
_entity_poly.entity_id
_entity_poly.type
_entity_poly.pdbx_seq_one_letter_code
_entity_poly.pdbx_strand_id
1 'polypeptide(L)'
;MPNFFIDRPIFAWVIAIIIMLAGGLAILKLPVAQYPTIAPPAVTISASYPGADAKTVQDTVTQVIEQNMNGIDNLMYMSS
NSDSTGTVQITLTFESGTDADIAQVQVQNKLQLAMPLLPQEVQQQGVSVEKSSSSFLMVVGVINTDGTMTQEDISDYVAA
NMKDAISRTSGVGDVQLFGSQYAMRIWMNPNELNKFQLTPVDVITAIKAQNAQVAAGQLGGTPPVKGQQLNASIIAQTRL
TSTEEFGKILLKVNQDGSRVLLRDVAKIELGGENYDIIAEFNGQPASGLGIKLATGANALDTAAAIRAELAKMEPFFPSG
LKIVYPYDTTPFVKISIHEVVKTLVEAIILVFLVMYLFLQNFRATLIPTIAVPVVLLGTAAVLAAFGFSINTLTMFGMVL
AIGLLVDDAIVVVENVERVMAEEGLPPKEATRKSMGQIQGALVGIAMVLSAVFVPMAFFGGSTGAIYRQFSITIVSAMAL
SVLVALILTPALCATMLKPIAKGDHGEGKKGFFGWFNRMFEKSTHHYTDSVGGILRSTGRYLVLYLIIVVGMAYLFVRLP
SSFLPDEDQGVFMTMVQLPAGATQERTQKVLNEVTHYYLTKEKNNVESVFAVNGFGFAGRGQNTGIAFVSLKDWADRPGE
ENKVEAITMRATRAFSQIKDAMVFAFNLPAIVELGTATGFDFELIDQAGLGHEKLTQARNQLLAEAAKHPDMLTSVRPNG
LEDTPQFKIDIDQEKAQALGVSINDINTTLGAAWGGSYVNDFIDRGRVKKVYVMSEAKYRMLPDDIGDWYVRAADGQMVP
FSAFSSSRWEYGSPRLERYNGLPSMEILGQAAPGKSTGEAMELMEQLASKLPTGVGYDWTGMSYQERLSGNQAPSLYAIS
LIVVFLCLAALYESWSIPFSVMLVVPLGVIGALLAATFRGLTNDVYFQVGLLTTIGLSAKNAILIVEFAKDLMDKEGKGL
IEATLDAVRMRLRPILMTSLAFILGVMPLVISTGAGSGAQNAVGTGVMGGMVTATVLAIFFVPVFFVVVRRRFSRKNEDI
EHSHTVDHHLEHHHHHH
;
A,B,C
2 'polypeptide(L)'
;MRGSHHHHHHGSDLGKKLLEAARAGRDDEVRILMANGADVNAADVVGWTPLHLAAYWGHLEIVEVLLKNGADVNAYDTLG
STPLHLAAHFGHLEIVEVLLKNGADVNAKDDNGITPLHLAANRGHLEIVEVLLKYGADVNAQDKFGKTAFDISINNGNED
LAEILQKLN
;
D,E
#
# COMPACT_ATOMS: atom_id res chain seq x y z
N MET A 1 -27.96 39.25 3.94
CA MET A 1 -27.95 38.24 2.83
C MET A 1 -29.31 38.15 2.16
N PRO A 2 -30.43 37.99 2.91
CA PRO A 2 -31.76 37.89 2.30
C PRO A 2 -32.11 39.13 1.46
N ASN A 3 -31.89 40.33 2.02
CA ASN A 3 -32.21 41.64 1.39
C ASN A 3 -31.42 41.80 0.09
N PHE A 4 -30.17 41.32 0.06
CA PHE A 4 -29.27 41.31 -1.13
C PHE A 4 -29.88 40.46 -2.24
N PHE A 5 -30.37 39.26 -1.89
CA PHE A 5 -30.85 38.22 -2.84
C PHE A 5 -32.34 38.42 -3.19
N ILE A 6 -33.06 39.21 -2.39
CA ILE A 6 -34.46 39.64 -2.70
C ILE A 6 -34.42 40.57 -3.93
N ASP A 7 -33.36 41.39 -4.05
CA ASP A 7 -33.14 42.34 -5.18
C ASP A 7 -32.48 41.62 -6.37
N ARG A 8 -31.93 40.41 -6.15
CA ARG A 8 -31.17 39.64 -7.17
C ARG A 8 -31.67 38.19 -7.21
N PRO A 9 -32.89 37.92 -7.73
CA PRO A 9 -33.41 36.56 -7.82
C PRO A 9 -32.59 35.62 -8.72
N ILE A 10 -31.97 36.16 -9.78
CA ILE A 10 -31.17 35.38 -10.77
C ILE A 10 -29.92 34.84 -10.07
N PHE A 11 -29.24 35.68 -9.30
CA PHE A 11 -28.05 35.28 -8.47
C PHE A 11 -28.45 34.09 -7.60
N ALA A 12 -29.55 34.23 -6.85
CA ALA A 12 -30.11 33.19 -5.95
C ALA A 12 -30.36 31.90 -6.75
N TRP A 13 -30.95 32.02 -7.94
CA TRP A 13 -31.21 30.89 -8.88
C TRP A 13 -29.89 30.26 -9.32
N VAL A 14 -28.90 31.08 -9.68
CA VAL A 14 -27.55 30.64 -10.14
C VAL A 14 -26.90 29.79 -9.04
N ILE A 15 -26.87 30.31 -7.80
CA ILE A 15 -26.32 29.61 -6.61
C ILE A 15 -27.02 28.25 -6.46
N ALA A 16 -28.36 28.22 -6.57
CA ALA A 16 -29.20 27.01 -6.45
C ALA A 16 -28.80 26.00 -7.52
N ILE A 17 -28.65 26.45 -8.77
CA ILE A 17 -28.32 25.60 -9.97
C ILE A 17 -26.90 25.03 -9.79
N ILE A 18 -25.93 25.88 -9.46
CA ILE A 18 -24.50 25.50 -9.24
C ILE A 18 -24.44 24.37 -8.19
N ILE A 19 -25.16 24.53 -7.08
CA ILE A 19 -25.29 23.51 -5.99
C ILE A 19 -25.88 22.22 -6.59
N MET A 20 -26.92 22.35 -7.41
CA MET A 20 -27.66 21.21 -8.01
C MET A 20 -26.81 20.49 -9.05
N LEU A 21 -25.90 21.19 -9.74
CA LEU A 21 -24.91 20.57 -10.67
C LEU A 21 -23.95 19.71 -9.83
N ALA A 22 -23.22 20.34 -8.90
CA ALA A 22 -22.26 19.68 -7.97
C ALA A 22 -22.88 18.39 -7.45
N GLY A 23 -24.11 18.45 -6.94
CA GLY A 23 -24.89 17.29 -6.47
C GLY A 23 -25.10 16.28 -7.59
N GLY A 24 -25.56 16.74 -8.76
CA GLY A 24 -25.75 15.92 -9.97
C GLY A 24 -24.46 15.20 -10.36
N LEU A 25 -23.36 15.94 -10.44
CA LEU A 25 -22.02 15.43 -10.84
C LEU A 25 -21.48 14.48 -9.76
N ALA A 26 -21.80 14.75 -8.49
CA ALA A 26 -21.41 13.91 -7.34
C ALA A 26 -22.09 12.53 -7.45
N ILE A 27 -23.42 12.52 -7.65
CA ILE A 27 -24.26 11.29 -7.69
C ILE A 27 -23.79 10.36 -8.82
N LEU A 28 -23.24 10.92 -9.91
CA LEU A 28 -22.68 10.14 -11.05
C LEU A 28 -21.42 9.38 -10.60
N LYS A 29 -20.58 10.01 -9.76
CA LYS A 29 -19.23 9.50 -9.38
C LYS A 29 -19.24 8.88 -7.98
N LEU A 30 -20.25 9.18 -7.15
CA LEU A 30 -20.36 8.68 -5.74
C LEU A 30 -20.44 7.15 -5.74
N PRO A 31 -19.57 6.45 -4.98
CA PRO A 31 -19.68 4.99 -4.82
C PRO A 31 -21.01 4.59 -4.17
N VAL A 32 -21.48 3.38 -4.47
CA VAL A 32 -22.77 2.81 -3.95
C VAL A 32 -22.46 1.49 -3.22
N ALA A 33 -23.12 1.28 -2.08
CA ALA A 33 -23.04 0.05 -1.25
C ALA A 33 -24.22 0.03 -0.27
N GLN A 34 -24.42 -1.10 0.43
CA GLN A 34 -25.52 -1.28 1.41
C GLN A 34 -25.20 -0.48 2.68
N TYR A 35 -24.01 -0.71 3.25
CA TYR A 35 -23.50 -0.03 4.47
C TYR A 35 -22.05 0.37 4.26
N PRO A 36 -21.49 1.28 5.08
CA PRO A 36 -20.05 1.54 5.09
C PRO A 36 -19.28 0.33 5.63
N THR A 37 -18.14 0.00 5.01
CA THR A 37 -17.31 -1.20 5.33
C THR A 37 -16.76 -1.09 6.76
N ILE A 38 -17.42 -1.76 7.70
CA ILE A 38 -17.03 -1.82 9.15
C ILE A 38 -16.09 -3.02 9.37
N ALA A 39 -16.24 -4.08 8.56
CA ALA A 39 -15.56 -5.39 8.71
C ALA A 39 -14.05 -5.20 8.86
N PRO A 40 -13.39 -5.98 9.74
CA PRO A 40 -11.94 -5.88 9.92
C PRO A 40 -11.18 -6.59 8.79
N PRO A 41 -10.25 -5.92 8.09
CA PRO A 41 -9.39 -6.57 7.09
C PRO A 41 -8.76 -7.88 7.58
N ALA A 42 -8.78 -8.92 6.74
CA ALA A 42 -8.25 -10.27 7.05
C ALA A 42 -7.42 -10.78 5.86
N VAL A 43 -6.15 -11.12 6.10
CA VAL A 43 -5.22 -11.75 5.13
C VAL A 43 -5.26 -13.27 5.33
N THR A 44 -5.27 -14.03 4.24
CA THR A 44 -5.45 -15.52 4.23
C THR A 44 -4.27 -16.18 3.51
N ILE A 45 -3.41 -16.88 4.26
CA ILE A 45 -2.28 -17.69 3.71
C ILE A 45 -2.80 -19.12 3.49
N SER A 46 -3.05 -19.50 2.22
CA SER A 46 -3.51 -20.85 1.82
C SER A 46 -2.35 -21.60 1.12
N ALA A 47 -2.10 -22.85 1.55
CA ALA A 47 -1.09 -23.76 0.96
C ALA A 47 -1.73 -25.15 0.75
N SER A 48 -1.05 -26.01 -0.02
CA SER A 48 -1.52 -27.37 -0.39
C SER A 48 -0.36 -28.36 -0.35
N TYR A 49 -0.56 -29.52 0.29
CA TYR A 49 0.39 -30.66 0.35
C TYR A 49 -0.34 -31.91 -0.16
N PRO A 50 -0.19 -32.28 -1.45
CA PRO A 50 -0.94 -33.41 -2.02
C PRO A 50 -0.66 -34.75 -1.33
N GLY A 51 -1.72 -35.39 -0.83
CA GLY A 51 -1.70 -36.74 -0.24
C GLY A 51 -1.22 -36.74 1.21
N ALA A 52 -1.22 -35.57 1.87
CA ALA A 52 -0.74 -35.37 3.25
C ALA A 52 -1.91 -35.38 4.23
N ASP A 53 -1.77 -36.14 5.32
CA ASP A 53 -2.76 -36.20 6.44
C ASP A 53 -2.69 -34.88 7.23
N ALA A 54 -3.72 -34.59 8.02
CA ALA A 54 -3.91 -33.33 8.77
C ALA A 54 -2.67 -33.02 9.63
N LYS A 55 -2.08 -34.03 10.28
CA LYS A 55 -0.93 -33.87 11.20
C LYS A 55 0.32 -33.49 10.40
N THR A 56 0.61 -34.21 9.32
CA THR A 56 1.75 -33.96 8.41
C THR A 56 1.71 -32.51 7.93
N VAL A 57 0.54 -32.05 7.48
CA VAL A 57 0.30 -30.66 6.99
C VAL A 57 0.66 -29.66 8.10
N GLN A 58 0.11 -29.86 9.31
CA GLN A 58 0.27 -28.95 10.47
C GLN A 58 1.75 -28.83 10.83
N ASP A 59 2.41 -29.96 11.08
CA ASP A 59 3.79 -30.05 11.64
C ASP A 59 4.84 -29.74 10.57
N THR A 60 4.45 -29.70 9.29
CA THR A 60 5.37 -29.47 8.14
C THR A 60 5.22 -28.05 7.57
N VAL A 61 4.03 -27.45 7.67
CA VAL A 61 3.68 -26.17 6.99
C VAL A 61 3.09 -25.18 8.01
N THR A 62 1.91 -25.48 8.56
CA THR A 62 1.10 -24.56 9.41
C THR A 62 2.00 -23.95 10.50
N GLN A 63 2.65 -24.80 11.31
CA GLN A 63 3.52 -24.39 12.43
C GLN A 63 4.70 -23.57 11.89
N VAL A 64 5.39 -24.08 10.86
CA VAL A 64 6.58 -23.45 10.23
C VAL A 64 6.24 -22.01 9.83
N ILE A 65 5.07 -21.79 9.23
CA ILE A 65 4.58 -20.45 8.79
C ILE A 65 4.22 -19.62 10.04
N GLU A 66 3.36 -20.17 10.90
CA GLU A 66 2.84 -19.48 12.13
C GLU A 66 4.00 -18.95 12.97
N GLN A 67 5.10 -19.70 13.08
CA GLN A 67 6.27 -19.35 13.93
C GLN A 67 7.01 -18.13 13.34
N ASN A 68 6.88 -17.89 12.03
CA ASN A 68 7.54 -16.75 11.33
C ASN A 68 6.66 -15.49 11.39
N MET A 69 5.36 -15.64 11.66
CA MET A 69 4.38 -14.53 11.74
C MET A 69 4.58 -13.77 13.06
N ASN A 70 5.24 -12.60 12.99
CA ASN A 70 5.58 -11.76 14.17
C ASN A 70 5.90 -10.33 13.70
N GLY A 71 5.76 -9.35 14.60
CA GLY A 71 6.00 -7.93 14.33
C GLY A 71 5.13 -7.39 13.21
N ILE A 72 3.88 -7.85 13.14
CA ILE A 72 2.87 -7.45 12.12
C ILE A 72 1.91 -6.44 12.76
N ASP A 73 1.80 -5.24 12.18
CA ASP A 73 1.04 -4.09 12.75
C ASP A 73 -0.46 -4.39 12.73
N ASN A 74 -1.15 -4.06 13.84
CA ASN A 74 -2.63 -4.05 13.96
C ASN A 74 -3.20 -5.46 13.96
N LEU A 75 -2.37 -6.49 14.17
CA LEU A 75 -2.80 -7.92 14.17
C LEU A 75 -3.59 -8.20 15.46
N MET A 76 -4.89 -8.48 15.34
CA MET A 76 -5.80 -8.74 16.49
C MET A 76 -5.62 -10.18 16.97
N TYR A 77 -5.70 -11.15 16.04
CA TYR A 77 -5.52 -12.61 16.31
C TYR A 77 -5.24 -13.35 14.99
N MET A 78 -4.84 -14.62 15.11
CA MET A 78 -4.45 -15.50 13.98
C MET A 78 -5.01 -16.92 14.23
N SER A 79 -5.78 -17.45 13.27
CA SER A 79 -6.38 -18.82 13.32
C SER A 79 -6.01 -19.58 12.04
N SER A 80 -5.76 -20.89 12.16
CA SER A 80 -5.32 -21.79 11.05
C SER A 80 -5.99 -23.16 11.16
N ASN A 81 -6.41 -23.72 10.02
CA ASN A 81 -7.04 -25.07 9.91
C ASN A 81 -6.17 -25.95 9.00
N SER A 82 -5.63 -27.04 9.55
CA SER A 82 -4.79 -28.05 8.84
C SER A 82 -5.56 -29.39 8.79
N ASP A 83 -5.97 -29.83 7.60
CA ASP A 83 -6.91 -30.98 7.43
C ASP A 83 -6.32 -32.03 6.48
N SER A 84 -6.93 -33.21 6.45
CA SER A 84 -6.44 -34.45 5.78
C SER A 84 -6.53 -34.34 4.25
N THR A 85 -7.29 -33.38 3.73
CA THR A 85 -7.35 -33.04 2.28
C THR A 85 -5.95 -32.60 1.82
N GLY A 86 -5.16 -32.03 2.73
CA GLY A 86 -3.77 -31.59 2.50
C GLY A 86 -3.68 -30.08 2.32
N THR A 87 -4.46 -29.33 3.10
CA THR A 87 -4.70 -27.88 2.90
C THR A 87 -4.49 -27.12 4.23
N VAL A 88 -3.61 -26.12 4.23
CA VAL A 88 -3.46 -25.10 5.30
C VAL A 88 -4.32 -23.89 4.90
N GLN A 89 -4.81 -23.14 5.89
CA GLN A 89 -5.54 -21.86 5.67
C GLN A 89 -5.41 -21.00 6.93
N ILE A 90 -4.31 -20.27 7.04
CA ILE A 90 -4.03 -19.31 8.16
C ILE A 90 -4.75 -17.99 7.84
N THR A 91 -5.46 -17.43 8.82
CA THR A 91 -6.30 -16.21 8.69
C THR A 91 -5.86 -15.18 9.74
N LEU A 92 -5.01 -14.22 9.34
CA LEU A 92 -4.54 -13.09 10.19
C LEU A 92 -5.55 -11.94 10.08
N THR A 93 -6.33 -11.71 11.14
CA THR A 93 -7.39 -10.67 11.21
C THR A 93 -6.82 -9.41 11.86
N PHE A 94 -7.02 -8.24 11.23
CA PHE A 94 -6.42 -6.93 11.61
C PHE A 94 -7.50 -6.01 12.20
N GLU A 95 -7.08 -4.87 12.74
CA GLU A 95 -7.98 -3.82 13.32
C GLU A 95 -8.71 -3.11 12.17
N SER A 96 -9.88 -2.53 12.47
CA SER A 96 -10.70 -1.73 11.51
C SER A 96 -9.95 -0.43 11.17
N GLY A 97 -9.81 -0.15 9.87
CA GLY A 97 -9.09 1.04 9.35
C GLY A 97 -7.65 0.71 8.97
N THR A 98 -7.23 -0.55 9.13
CA THR A 98 -5.89 -1.05 8.74
C THR A 98 -5.80 -1.09 7.21
N ASP A 99 -4.67 -0.63 6.66
CA ASP A 99 -4.39 -0.65 5.19
C ASP A 99 -4.18 -2.11 4.77
N ALA A 100 -5.17 -2.70 4.10
CA ALA A 100 -5.19 -4.12 3.67
C ALA A 100 -4.04 -4.40 2.70
N ASP A 101 -3.66 -3.40 1.89
CA ASP A 101 -2.54 -3.48 0.91
C ASP A 101 -1.22 -3.68 1.67
N ILE A 102 -1.00 -2.92 2.74
CA ILE A 102 0.23 -2.96 3.59
C ILE A 102 0.20 -4.24 4.44
N ALA A 103 -0.98 -4.62 4.95
CA ALA A 103 -1.20 -5.86 5.74
C ALA A 103 -0.71 -7.08 4.96
N GLN A 104 -1.05 -7.16 3.67
CA GLN A 104 -0.62 -8.24 2.74
C GLN A 104 0.92 -8.25 2.63
N VAL A 105 1.52 -7.09 2.42
CA VAL A 105 2.99 -6.90 2.19
C VAL A 105 3.77 -7.36 3.43
N GLN A 106 3.30 -6.98 4.62
CA GLN A 106 3.97 -7.31 5.92
C GLN A 106 3.85 -8.82 6.18
N VAL A 107 2.69 -9.41 5.91
CA VAL A 107 2.39 -10.86 6.15
C VAL A 107 3.24 -11.70 5.18
N GLN A 108 3.35 -11.30 3.92
CA GLN A 108 4.10 -12.03 2.87
C GLN A 108 5.61 -11.95 3.15
N ASN A 109 6.10 -10.77 3.57
CA ASN A 109 7.51 -10.53 3.95
C ASN A 109 7.97 -11.64 4.91
N LYS A 110 7.11 -12.02 5.86
CA LYS A 110 7.40 -13.05 6.90
C LYS A 110 7.25 -14.45 6.30
N LEU A 111 6.25 -14.65 5.42
CA LEU A 111 5.98 -15.94 4.74
C LEU A 111 7.17 -16.32 3.85
N GLN A 112 7.83 -15.33 3.23
CA GLN A 112 9.00 -15.53 2.33
C GLN A 112 10.16 -16.16 3.11
N LEU A 113 10.24 -15.93 4.43
CA LEU A 113 11.28 -16.49 5.33
C LEU A 113 10.95 -17.96 5.63
N ALA A 114 9.67 -18.33 5.58
CA ALA A 114 9.17 -19.69 5.86
C ALA A 114 9.18 -20.55 4.58
N MET A 115 8.96 -19.92 3.41
CA MET A 115 8.75 -20.60 2.11
C MET A 115 9.86 -21.63 1.84
N PRO A 116 11.16 -21.29 2.02
CA PRO A 116 12.24 -22.27 1.82
C PRO A 116 12.15 -23.50 2.74
N LEU A 117 11.71 -23.30 4.00
CA LEU A 117 11.62 -24.36 5.04
C LEU A 117 10.44 -25.29 4.75
N LEU A 118 9.49 -24.86 3.92
CA LEU A 118 8.33 -25.70 3.48
C LEU A 118 8.85 -26.76 2.49
N PRO A 119 8.19 -27.93 2.39
CA PRO A 119 8.59 -28.97 1.43
C PRO A 119 8.58 -28.50 -0.03
N GLN A 120 9.31 -29.22 -0.90
CA GLN A 120 9.41 -28.93 -2.36
C GLN A 120 8.03 -29.10 -3.00
N GLU A 121 7.24 -30.06 -2.52
CA GLU A 121 5.89 -30.40 -3.07
C GLU A 121 4.89 -29.28 -2.74
N VAL A 122 4.99 -28.68 -1.55
CA VAL A 122 4.07 -27.63 -1.04
C VAL A 122 4.32 -26.33 -1.81
N GLN A 123 5.58 -26.05 -2.14
CA GLN A 123 6.00 -24.84 -2.93
C GLN A 123 5.48 -24.96 -4.37
N GLN A 124 5.55 -26.17 -4.95
CA GLN A 124 5.22 -26.44 -6.38
C GLN A 124 3.70 -26.43 -6.60
N GLN A 125 2.91 -26.51 -5.52
CA GLN A 125 1.43 -26.34 -5.57
C GLN A 125 1.08 -24.85 -5.49
N GLY A 126 2.07 -24.01 -5.14
CA GLY A 126 1.93 -22.54 -5.10
C GLY A 126 1.17 -22.08 -3.88
N VAL A 127 1.85 -21.45 -2.92
CA VAL A 127 1.25 -20.79 -1.72
C VAL A 127 0.67 -19.45 -2.17
N SER A 128 -0.50 -19.06 -1.64
CA SER A 128 -1.23 -17.83 -2.01
C SER A 128 -1.49 -16.98 -0.77
N VAL A 129 -1.25 -15.66 -0.87
CA VAL A 129 -1.59 -14.64 0.16
C VAL A 129 -2.66 -13.72 -0.44
N GLU A 130 -3.86 -13.75 0.12
CA GLU A 130 -5.06 -13.03 -0.40
C GLU A 130 -5.66 -12.17 0.71
N LYS A 131 -6.27 -11.04 0.35
CA LYS A 131 -6.93 -10.07 1.25
C LYS A 131 -8.38 -9.87 0.77
N SER A 132 -9.25 -10.83 1.08
CA SER A 132 -10.67 -10.89 0.64
C SER A 132 -11.60 -10.99 1.85
N SER A 133 -12.88 -10.66 1.65
CA SER A 133 -13.99 -10.94 2.60
C SER A 133 -14.32 -12.44 2.52
N SER A 134 -14.44 -13.10 3.68
CA SER A 134 -14.63 -14.58 3.80
C SER A 134 -15.89 -15.03 3.03
N SER A 135 -16.98 -14.26 3.13
CA SER A 135 -18.28 -14.55 2.45
C SER A 135 -18.16 -14.26 0.94
N PHE A 136 -18.96 -14.96 0.14
CA PHE A 136 -18.97 -14.87 -1.35
C PHE A 136 -19.76 -13.63 -1.80
N LEU A 137 -19.20 -12.86 -2.74
CA LEU A 137 -19.87 -11.71 -3.39
C LEU A 137 -20.96 -12.24 -4.34
N MET A 138 -20.55 -13.10 -5.29
CA MET A 138 -21.45 -13.74 -6.28
C MET A 138 -20.86 -15.09 -6.71
N VAL A 139 -21.72 -15.95 -7.29
CA VAL A 139 -21.33 -17.23 -7.96
C VAL A 139 -21.70 -17.10 -9.44
N VAL A 140 -20.70 -17.24 -10.32
CA VAL A 140 -20.87 -17.21 -11.81
C VAL A 140 -20.98 -18.67 -12.28
N GLY A 141 -22.21 -19.18 -12.41
CA GLY A 141 -22.50 -20.54 -12.88
C GLY A 141 -22.26 -20.68 -14.37
N VAL A 142 -21.76 -21.84 -14.81
CA VAL A 142 -21.48 -22.15 -16.24
C VAL A 142 -22.00 -23.58 -16.52
N ILE A 143 -22.90 -23.70 -17.51
CA ILE A 143 -23.56 -24.99 -17.91
C ILE A 143 -23.49 -25.13 -19.44
N ASN A 144 -23.68 -26.35 -19.94
CA ASN A 144 -23.88 -26.65 -21.39
C ASN A 144 -25.35 -27.04 -21.59
N THR A 145 -26.11 -26.22 -22.32
CA THR A 145 -27.56 -26.40 -22.58
C THR A 145 -27.77 -27.57 -23.56
N ASP A 146 -26.89 -27.70 -24.56
CA ASP A 146 -26.96 -28.75 -25.61
C ASP A 146 -26.56 -30.12 -25.04
N GLY A 147 -25.89 -30.15 -23.88
CA GLY A 147 -25.40 -31.38 -23.23
C GLY A 147 -24.25 -32.01 -24.02
N THR A 148 -23.49 -31.17 -24.74
CA THR A 148 -22.35 -31.58 -25.61
C THR A 148 -21.12 -31.85 -24.74
N MET A 149 -21.00 -31.16 -23.60
CA MET A 149 -19.83 -31.22 -22.67
C MET A 149 -20.27 -31.79 -21.32
N THR A 150 -19.38 -32.52 -20.65
CA THR A 150 -19.58 -33.16 -19.33
C THR A 150 -19.30 -32.14 -18.20
N GLN A 151 -19.45 -32.56 -16.94
CA GLN A 151 -19.16 -31.74 -15.74
C GLN A 151 -17.66 -31.38 -15.72
N GLU A 152 -16.80 -32.34 -16.08
CA GLU A 152 -15.32 -32.20 -16.06
C GLU A 152 -14.86 -31.27 -17.19
N ASP A 153 -15.49 -31.38 -18.37
CA ASP A 153 -15.16 -30.57 -19.58
C ASP A 153 -15.47 -29.08 -19.30
N ILE A 154 -16.67 -28.79 -18.79
CA ILE A 154 -17.14 -27.41 -18.48
C ILE A 154 -16.17 -26.78 -17.48
N SER A 155 -15.84 -27.50 -16.40
CA SER A 155 -14.91 -27.08 -15.32
C SER A 155 -13.55 -26.71 -15.92
N ASP A 156 -13.04 -27.51 -16.86
CA ASP A 156 -11.73 -27.30 -17.52
C ASP A 156 -11.74 -25.97 -18.27
N TYR A 157 -12.79 -25.73 -19.09
CA TYR A 157 -12.93 -24.49 -19.91
C TYR A 157 -12.95 -23.27 -18.98
N VAL A 158 -13.74 -23.33 -17.91
CA VAL A 158 -13.92 -22.24 -16.90
C VAL A 158 -12.56 -21.91 -16.28
N ALA A 159 -11.73 -22.93 -16.02
CA ALA A 159 -10.40 -22.80 -15.39
C ALA A 159 -9.38 -22.26 -16.41
N ALA A 160 -9.50 -22.67 -17.68
CA ALA A 160 -8.49 -22.44 -18.75
C ALA A 160 -8.75 -21.12 -19.48
N ASN A 161 -10.01 -20.72 -19.66
CA ASN A 161 -10.42 -19.66 -20.62
C ASN A 161 -11.29 -18.58 -19.94
N MET A 162 -11.41 -18.58 -18.61
CA MET A 162 -12.30 -17.64 -17.87
C MET A 162 -11.67 -17.23 -16.54
N LYS A 163 -11.36 -18.20 -15.67
CA LYS A 163 -10.91 -17.98 -14.26
C LYS A 163 -9.81 -16.92 -14.20
N ASP A 164 -8.75 -17.08 -15.00
CA ASP A 164 -7.52 -16.24 -14.96
C ASP A 164 -7.89 -14.75 -15.07
N ALA A 165 -8.67 -14.38 -16.09
CA ALA A 165 -9.08 -13.00 -16.40
C ALA A 165 -9.93 -12.42 -15.26
N ILE A 166 -10.81 -13.24 -14.67
CA ILE A 166 -11.70 -12.85 -13.54
C ILE A 166 -10.83 -12.60 -12.30
N SER A 167 -9.83 -13.46 -12.07
CA SER A 167 -8.89 -13.40 -10.91
C SER A 167 -8.01 -12.13 -11.00
N ARG A 168 -7.73 -11.66 -12.23
CA ARG A 168 -6.88 -10.46 -12.49
C ARG A 168 -7.71 -9.18 -12.33
N THR A 169 -9.03 -9.26 -12.45
CA THR A 169 -9.99 -8.13 -12.35
C THR A 169 -9.82 -7.43 -11.00
N SER A 170 -9.79 -6.09 -11.00
CA SER A 170 -9.62 -5.24 -9.79
C SER A 170 -10.85 -5.36 -8.90
N GLY A 171 -10.65 -5.69 -7.61
CA GLY A 171 -11.71 -5.87 -6.61
C GLY A 171 -11.96 -7.33 -6.29
N VAL A 172 -11.44 -8.25 -7.11
CA VAL A 172 -11.61 -9.73 -6.96
C VAL A 172 -10.50 -10.25 -6.04
N GLY A 173 -10.81 -10.40 -4.75
CA GLY A 173 -9.86 -10.83 -3.71
C GLY A 173 -9.50 -12.30 -3.84
N ASP A 174 -10.46 -13.14 -4.21
CA ASP A 174 -10.29 -14.62 -4.33
C ASP A 174 -11.32 -15.17 -5.34
N VAL A 175 -10.94 -16.19 -6.11
CA VAL A 175 -11.82 -16.91 -7.07
C VAL A 175 -11.68 -18.42 -6.81
N GLN A 176 -12.75 -19.05 -6.30
CA GLN A 176 -12.84 -20.51 -6.09
C GLN A 176 -13.47 -21.15 -7.33
N LEU A 177 -12.80 -22.16 -7.91
CA LEU A 177 -13.29 -22.94 -9.07
C LEU A 177 -14.13 -24.13 -8.56
N PHE A 178 -15.44 -24.11 -8.80
CA PHE A 178 -16.37 -25.21 -8.45
C PHE A 178 -16.17 -26.33 -9.47
N GLY A 179 -15.04 -27.03 -9.34
CA GLY A 179 -14.51 -28.01 -10.30
C GLY A 179 -12.99 -28.09 -10.22
N SER A 180 -12.33 -28.43 -11.32
CA SER A 180 -10.84 -28.52 -11.41
C SER A 180 -10.40 -28.47 -12.88
N GLN A 181 -9.36 -27.69 -13.18
CA GLN A 181 -8.68 -27.65 -14.50
C GLN A 181 -8.16 -29.06 -14.81
N TYR A 182 -8.17 -29.46 -16.08
CA TYR A 182 -7.63 -30.76 -16.55
C TYR A 182 -6.12 -30.83 -16.25
N ALA A 183 -5.62 -32.06 -16.09
CA ALA A 183 -4.20 -32.40 -15.89
C ALA A 183 -3.94 -33.78 -16.49
N MET A 184 -2.77 -33.97 -17.11
CA MET A 184 -2.40 -35.25 -17.76
C MET A 184 -2.29 -36.33 -16.68
N ARG A 185 -3.40 -37.06 -16.44
CA ARG A 185 -3.51 -38.14 -15.43
C ARG A 185 -2.80 -39.39 -15.96
N ILE A 186 -1.82 -39.91 -15.22
CA ILE A 186 -1.17 -41.23 -15.47
C ILE A 186 -1.69 -42.20 -14.41
N TRP A 187 -2.79 -42.91 -14.70
CA TRP A 187 -3.42 -43.91 -13.80
C TRP A 187 -2.63 -45.22 -13.85
N MET A 188 -1.79 -45.46 -12.85
CA MET A 188 -0.80 -46.57 -12.83
C MET A 188 -1.48 -47.89 -12.45
N ASN A 189 -0.99 -48.99 -13.03
CA ASN A 189 -1.43 -50.39 -12.73
C ASN A 189 -0.27 -51.11 -12.05
N PRO A 190 -0.42 -51.53 -10.77
CA PRO A 190 0.68 -52.14 -10.02
C PRO A 190 1.06 -53.55 -10.52
N ASN A 191 0.08 -54.30 -11.04
CA ASN A 191 0.26 -55.66 -11.58
C ASN A 191 1.16 -55.60 -12.82
N GLU A 192 1.04 -54.53 -13.61
CA GLU A 192 1.78 -54.34 -14.90
C GLU A 192 3.17 -53.77 -14.61
N LEU A 193 3.31 -52.89 -13.61
CA LEU A 193 4.61 -52.30 -13.19
C LEU A 193 5.53 -53.42 -12.67
N ASN A 194 4.99 -54.33 -11.86
CA ASN A 194 5.74 -55.48 -11.25
C ASN A 194 6.18 -56.45 -12.36
N LYS A 195 5.35 -56.64 -13.37
CA LYS A 195 5.58 -57.60 -14.49
C LYS A 195 6.88 -57.26 -15.23
N PHE A 196 7.13 -55.96 -15.48
CA PHE A 196 8.29 -55.45 -16.25
C PHE A 196 9.40 -54.95 -15.30
N GLN A 197 9.32 -55.30 -14.01
CA GLN A 197 10.26 -54.85 -12.94
C GLN A 197 10.39 -53.33 -12.96
N LEU A 198 9.32 -52.62 -12.59
CA LEU A 198 9.26 -51.14 -12.57
C LEU A 198 8.47 -50.65 -11.35
N THR A 199 8.59 -49.35 -11.04
CA THR A 199 7.95 -48.67 -9.89
C THR A 199 7.40 -47.31 -10.32
N PRO A 200 6.55 -46.66 -9.50
CA PRO A 200 6.17 -45.26 -9.72
C PRO A 200 7.38 -44.31 -9.91
N VAL A 201 8.51 -44.63 -9.27
CA VAL A 201 9.78 -43.83 -9.36
C VAL A 201 10.21 -43.78 -10.84
N ASP A 202 10.28 -44.95 -11.49
CA ASP A 202 10.72 -45.10 -12.91
C ASP A 202 9.77 -44.31 -13.83
N VAL A 203 8.46 -44.36 -13.55
CA VAL A 203 7.40 -43.65 -14.32
C VAL A 203 7.64 -42.13 -14.20
N ILE A 204 7.87 -41.64 -12.98
CA ILE A 204 8.13 -40.21 -12.67
C ILE A 204 9.44 -39.77 -13.34
N THR A 205 10.48 -40.62 -13.26
CA THR A 205 11.84 -40.37 -13.84
C THR A 205 11.73 -40.25 -15.36
N ALA A 206 10.96 -41.14 -16.00
CA ALA A 206 10.78 -41.23 -17.47
C ALA A 206 10.02 -40.00 -17.99
N ILE A 207 8.95 -39.62 -17.30
CA ILE A 207 8.09 -38.43 -17.66
C ILE A 207 8.95 -37.16 -17.57
N LYS A 208 9.73 -37.00 -16.50
CA LYS A 208 10.63 -35.84 -16.27
C LYS A 208 11.65 -35.72 -17.41
N ALA A 209 12.09 -36.86 -17.97
CA ALA A 209 13.14 -36.95 -19.02
C ALA A 209 12.55 -36.70 -20.41
N GLN A 210 11.37 -37.26 -20.70
CA GLN A 210 10.77 -37.34 -22.06
C GLN A 210 9.68 -36.28 -22.24
N ASN A 211 9.07 -35.78 -21.16
CA ASN A 211 8.17 -34.59 -21.16
C ASN A 211 8.96 -33.42 -20.58
N ALA A 212 9.84 -32.81 -21.39
CA ALA A 212 10.77 -31.74 -20.98
C ALA A 212 10.93 -30.71 -22.11
N GLN A 213 10.95 -29.43 -21.76
CA GLN A 213 11.19 -28.28 -22.69
C GLN A 213 12.64 -27.81 -22.50
N VAL A 214 13.50 -28.10 -23.49
CA VAL A 214 14.98 -27.95 -23.39
C VAL A 214 15.41 -26.63 -24.03
N ALA A 215 16.43 -25.99 -23.44
CA ALA A 215 17.16 -24.83 -24.01
C ALA A 215 18.43 -25.35 -24.71
N ALA A 216 18.38 -25.46 -26.05
CA ALA A 216 19.39 -26.16 -26.88
C ALA A 216 20.30 -25.15 -27.61
N GLY A 217 20.12 -23.85 -27.37
CA GLY A 217 21.00 -22.79 -27.91
C GLY A 217 20.61 -22.40 -29.33
N GLN A 218 21.61 -22.01 -30.14
CA GLN A 218 21.41 -21.53 -31.53
C GLN A 218 22.59 -21.97 -32.41
N LEU A 219 22.33 -22.16 -33.71
CA LEU A 219 23.36 -22.22 -34.78
C LEU A 219 23.82 -20.79 -35.07
N GLY A 220 25.12 -20.59 -35.28
CA GLY A 220 25.73 -19.26 -35.50
C GLY A 220 25.41 -18.29 -34.38
N GLY A 221 25.35 -18.79 -33.14
CA GLY A 221 25.05 -18.00 -31.93
C GLY A 221 26.21 -17.10 -31.54
N THR A 222 25.94 -16.06 -30.76
CA THR A 222 26.92 -15.04 -30.32
C THR A 222 27.71 -15.58 -29.11
N PRO A 223 29.04 -15.37 -29.03
CA PRO A 223 29.81 -14.76 -30.11
C PRO A 223 30.09 -15.73 -31.25
N PRO A 224 29.86 -15.34 -32.53
CA PRO A 224 30.06 -16.24 -33.67
C PRO A 224 31.51 -16.26 -34.17
N VAL A 225 31.80 -17.04 -35.20
CA VAL A 225 33.09 -17.02 -35.95
C VAL A 225 32.98 -15.95 -37.04
N LYS A 226 34.13 -15.53 -37.59
CA LYS A 226 34.23 -14.54 -38.70
C LYS A 226 33.83 -15.24 -40.00
N GLY A 227 32.85 -14.70 -40.73
CA GLY A 227 32.36 -15.23 -42.01
C GLY A 227 31.23 -16.23 -41.83
N GLN A 228 30.40 -16.04 -40.80
CA GLN A 228 29.18 -16.86 -40.53
C GLN A 228 27.99 -16.20 -41.26
N GLN A 229 27.15 -17.02 -41.90
CA GLN A 229 25.95 -16.57 -42.66
C GLN A 229 24.66 -17.18 -42.07
N LEU A 230 24.75 -18.32 -41.38
CA LEU A 230 23.59 -19.06 -40.81
C LEU A 230 23.37 -18.62 -39.35
N ASN A 231 22.12 -18.32 -38.99
CA ASN A 231 21.67 -18.06 -37.60
C ASN A 231 20.24 -18.59 -37.44
N ALA A 232 20.07 -19.64 -36.62
CA ALA A 232 18.78 -20.34 -36.40
C ALA A 232 18.77 -20.98 -35.01
N SER A 233 17.65 -20.88 -34.29
CA SER A 233 17.43 -21.47 -32.94
C SER A 233 17.37 -22.99 -33.07
N ILE A 234 18.06 -23.71 -32.16
CA ILE A 234 18.03 -25.20 -32.06
C ILE A 234 16.86 -25.59 -31.16
N ILE A 235 15.99 -26.49 -31.65
CA ILE A 235 14.81 -27.03 -30.91
C ILE A 235 15.05 -28.52 -30.66
N ALA A 236 15.31 -28.90 -29.40
CA ALA A 236 15.45 -30.30 -28.95
C ALA A 236 14.07 -30.81 -28.53
N GLN A 237 13.95 -31.43 -27.35
CA GLN A 237 12.66 -31.93 -26.81
C GLN A 237 11.78 -30.73 -26.42
N THR A 238 10.47 -30.88 -26.58
CA THR A 238 9.41 -29.91 -26.15
C THR A 238 8.44 -30.62 -25.22
N ARG A 239 7.54 -29.87 -24.57
CA ARG A 239 6.45 -30.42 -23.73
C ARG A 239 5.52 -31.26 -24.62
N LEU A 240 4.94 -32.32 -24.05
CA LEU A 240 3.96 -33.20 -24.74
C LEU A 240 2.58 -32.52 -24.69
N THR A 241 1.76 -32.72 -25.71
CA THR A 241 0.45 -32.03 -25.91
C THR A 241 -0.71 -32.99 -25.64
N SER A 242 -0.71 -34.16 -26.29
CA SER A 242 -1.83 -35.15 -26.27
C SER A 242 -1.51 -36.31 -25.31
N THR A 243 -2.54 -37.07 -24.94
CA THR A 243 -2.45 -38.32 -24.15
C THR A 243 -1.64 -39.36 -24.92
N GLU A 244 -1.79 -39.38 -26.25
CA GLU A 244 -1.08 -40.29 -27.19
C GLU A 244 0.43 -40.17 -26.99
N GLU A 245 0.95 -38.93 -26.92
CA GLU A 245 2.40 -38.63 -26.82
C GLU A 245 2.95 -39.15 -25.48
N PHE A 246 2.18 -39.01 -24.39
CA PHE A 246 2.50 -39.57 -23.05
C PHE A 246 2.47 -41.10 -23.12
N GLY A 247 1.50 -41.65 -23.86
CA GLY A 247 1.31 -43.10 -24.06
C GLY A 247 2.58 -43.79 -24.54
N LYS A 248 3.34 -43.15 -25.42
CA LYS A 248 4.53 -43.74 -26.10
C LYS A 248 5.82 -43.28 -25.42
N ILE A 249 5.76 -42.89 -24.14
CA ILE A 249 6.97 -42.62 -23.29
C ILE A 249 7.64 -43.97 -22.99
N LEU A 250 8.86 -44.16 -23.49
CA LEU A 250 9.64 -45.42 -23.37
C LEU A 250 10.24 -45.53 -21.96
N LEU A 251 9.67 -46.40 -21.12
CA LEU A 251 10.13 -46.63 -19.72
C LEU A 251 11.42 -47.45 -19.72
N LYS A 252 11.48 -48.53 -20.52
CA LYS A 252 12.65 -49.42 -20.64
C LYS A 252 12.55 -50.26 -21.92
N VAL A 253 13.70 -50.68 -22.45
CA VAL A 253 13.82 -51.72 -23.52
C VAL A 253 14.10 -53.06 -22.83
N ASN A 254 13.34 -54.10 -23.18
CA ASN A 254 13.44 -55.46 -22.57
C ASN A 254 14.70 -56.16 -23.11
N GLN A 255 15.06 -57.29 -22.50
CA GLN A 255 16.25 -58.11 -22.85
C GLN A 255 16.10 -58.61 -24.29
N ASP A 256 14.94 -59.16 -24.64
CA ASP A 256 14.61 -59.74 -25.98
C ASP A 256 14.61 -58.62 -27.03
N GLY A 257 14.27 -57.39 -26.64
CA GLY A 257 14.31 -56.20 -27.52
C GLY A 257 13.01 -55.41 -27.50
N SER A 258 11.91 -56.02 -27.05
CA SER A 258 10.56 -55.39 -26.96
C SER A 258 10.62 -54.14 -26.08
N ARG A 259 9.68 -53.21 -26.29
CA ARG A 259 9.64 -51.87 -25.64
C ARG A 259 8.48 -51.82 -24.64
N VAL A 260 8.77 -51.39 -23.39
CA VAL A 260 7.76 -51.13 -22.33
C VAL A 260 7.42 -49.64 -22.34
N LEU A 261 6.29 -49.27 -22.96
CA LEU A 261 5.79 -47.87 -23.03
C LEU A 261 4.95 -47.58 -21.78
N LEU A 262 4.63 -46.30 -21.55
CA LEU A 262 3.89 -45.83 -20.34
C LEU A 262 2.45 -46.34 -20.38
N ARG A 263 1.85 -46.44 -21.57
CA ARG A 263 0.45 -46.91 -21.78
C ARG A 263 0.33 -48.41 -21.42
N ASP A 264 1.44 -49.16 -21.49
CA ASP A 264 1.49 -50.61 -21.18
C ASP A 264 1.29 -50.83 -19.68
N VAL A 265 1.71 -49.88 -18.83
CA VAL A 265 1.76 -50.01 -17.35
C VAL A 265 0.83 -48.99 -16.67
N ALA A 266 0.05 -48.22 -17.44
CA ALA A 266 -0.84 -47.15 -16.92
C ALA A 266 -1.86 -46.73 -17.97
N LYS A 267 -3.07 -46.36 -17.55
CA LYS A 267 -4.11 -45.71 -18.39
C LYS A 267 -3.91 -44.20 -18.33
N ILE A 268 -4.03 -43.52 -19.48
CA ILE A 268 -3.67 -42.08 -19.66
C ILE A 268 -4.88 -41.33 -20.22
N GLU A 269 -5.36 -40.31 -19.50
CA GLU A 269 -6.52 -39.47 -19.89
C GLU A 269 -6.35 -38.06 -19.30
N LEU A 270 -7.00 -37.06 -19.90
CA LEU A 270 -7.14 -35.70 -19.32
C LEU A 270 -8.21 -35.75 -18.22
N GLY A 271 -7.91 -35.19 -17.05
CA GLY A 271 -8.81 -35.18 -15.88
C GLY A 271 -8.39 -34.16 -14.84
N GLY A 272 -9.30 -33.80 -13.94
CA GLY A 272 -9.11 -32.76 -12.91
C GLY A 272 -7.83 -32.98 -12.11
N GLU A 273 -7.16 -31.88 -11.73
CA GLU A 273 -6.02 -31.89 -10.78
C GLU A 273 -6.48 -32.53 -9.47
N ASN A 274 -7.75 -32.27 -9.09
CA ASN A 274 -8.46 -32.94 -7.97
C ASN A 274 -9.87 -33.32 -8.42
N TYR A 275 -10.40 -34.43 -7.90
CA TYR A 275 -11.77 -34.95 -8.19
C TYR A 275 -12.65 -34.79 -6.95
N ASP A 276 -12.53 -33.66 -6.25
CA ASP A 276 -13.23 -33.38 -4.96
C ASP A 276 -14.52 -32.60 -5.23
N ILE A 277 -14.41 -31.43 -5.88
CA ILE A 277 -15.52 -30.45 -6.06
C ILE A 277 -16.29 -30.77 -7.34
N ILE A 278 -17.58 -31.13 -7.22
CA ILE A 278 -18.52 -31.43 -8.34
C ILE A 278 -19.80 -30.60 -8.12
N ALA A 279 -20.09 -29.67 -9.04
CA ALA A 279 -21.23 -28.72 -8.95
C ALA A 279 -22.36 -29.16 -9.88
N GLU A 280 -23.59 -28.74 -9.57
CA GLU A 280 -24.83 -29.03 -10.34
C GLU A 280 -25.79 -27.83 -10.21
N PHE A 281 -26.25 -27.29 -11.35
CA PHE A 281 -27.20 -26.15 -11.43
C PHE A 281 -28.59 -26.67 -11.80
N ASN A 282 -29.50 -26.73 -10.81
CA ASN A 282 -30.89 -27.22 -10.96
C ASN A 282 -30.88 -28.65 -11.52
N GLY A 283 -29.99 -29.50 -10.99
CA GLY A 283 -29.91 -30.94 -11.31
C GLY A 283 -28.83 -31.25 -12.34
N GLN A 284 -28.79 -30.52 -13.46
CA GLN A 284 -27.91 -30.82 -14.63
C GLN A 284 -26.47 -30.46 -14.30
N PRO A 285 -25.47 -31.10 -14.96
CA PRO A 285 -24.05 -30.83 -14.72
C PRO A 285 -23.67 -29.34 -14.88
N ALA A 286 -22.77 -28.85 -14.03
CA ALA A 286 -22.37 -27.42 -13.97
C ALA A 286 -20.97 -27.28 -13.37
N SER A 287 -20.31 -26.17 -13.69
CA SER A 287 -19.11 -25.63 -12.99
C SER A 287 -19.40 -24.17 -12.62
N GLY A 288 -18.38 -23.39 -12.26
CA GLY A 288 -18.52 -21.95 -12.01
C GLY A 288 -17.40 -21.38 -11.15
N LEU A 289 -17.48 -20.08 -10.87
CA LEU A 289 -16.47 -19.31 -10.10
C LEU A 289 -17.12 -18.70 -8.86
N GLY A 290 -16.65 -19.08 -7.66
CA GLY A 290 -17.02 -18.47 -6.38
C GLY A 290 -16.17 -17.24 -6.09
N ILE A 291 -16.58 -16.09 -6.62
CA ILE A 291 -15.81 -14.81 -6.53
C ILE A 291 -16.05 -14.17 -5.16
N LYS A 292 -14.97 -13.86 -4.44
CA LYS A 292 -14.99 -13.17 -3.12
C LYS A 292 -14.45 -11.75 -3.29
N LEU A 293 -15.15 -10.76 -2.72
CA LEU A 293 -14.82 -9.32 -2.82
C LEU A 293 -13.50 -9.06 -2.08
N ALA A 294 -12.57 -8.33 -2.71
CA ALA A 294 -11.28 -7.89 -2.12
C ALA A 294 -11.57 -6.90 -0.98
N THR A 295 -10.65 -6.81 -0.01
CA THR A 295 -10.81 -6.00 1.23
C THR A 295 -10.98 -4.52 0.88
N GLY A 296 -12.15 -3.95 1.19
CA GLY A 296 -12.43 -2.50 1.08
C GLY A 296 -12.83 -2.08 -0.33
N ALA A 297 -12.97 -3.03 -1.25
CA ALA A 297 -13.40 -2.77 -2.65
C ALA A 297 -14.91 -2.57 -2.69
N ASN A 298 -15.41 -1.85 -3.70
CA ASN A 298 -16.86 -1.60 -3.93
C ASN A 298 -17.47 -2.82 -4.62
N ALA A 299 -18.52 -3.40 -4.01
CA ALA A 299 -19.21 -4.62 -4.47
C ALA A 299 -19.80 -4.41 -5.86
N LEU A 300 -20.61 -3.36 -6.04
CA LEU A 300 -21.35 -3.04 -7.28
C LEU A 300 -20.37 -2.78 -8.44
N ASP A 301 -19.31 -2.01 -8.18
CA ASP A 301 -18.30 -1.59 -9.19
C ASP A 301 -17.47 -2.80 -9.63
N THR A 302 -17.13 -3.69 -8.69
CA THR A 302 -16.37 -4.96 -8.94
C THR A 302 -17.26 -5.90 -9.75
N ALA A 303 -18.52 -6.07 -9.35
CA ALA A 303 -19.53 -6.92 -10.02
C ALA A 303 -19.72 -6.46 -11.48
N ALA A 304 -19.79 -5.16 -11.71
CA ALA A 304 -19.93 -4.53 -13.04
C ALA A 304 -18.74 -4.91 -13.93
N ALA A 305 -17.52 -4.86 -13.37
CA ALA A 305 -16.25 -5.17 -14.06
C ALA A 305 -16.19 -6.66 -14.42
N ILE A 306 -16.72 -7.53 -13.57
CA ILE A 306 -16.79 -9.01 -13.78
C ILE A 306 -17.68 -9.28 -15.01
N ARG A 307 -18.85 -8.65 -15.07
CA ARG A 307 -19.83 -8.80 -16.18
C ARG A 307 -19.21 -8.32 -17.50
N ALA A 308 -18.42 -7.24 -17.45
CA ALA A 308 -17.70 -6.67 -18.62
C ALA A 308 -16.68 -7.68 -19.15
N GLU A 309 -16.05 -8.44 -18.26
CA GLU A 309 -14.99 -9.44 -18.59
C GLU A 309 -15.63 -10.72 -19.12
N LEU A 310 -16.74 -11.16 -18.51
CA LEU A 310 -17.52 -12.35 -18.94
C LEU A 310 -18.13 -12.09 -20.33
N ALA A 311 -18.55 -10.85 -20.59
CA ALA A 311 -19.19 -10.42 -21.86
C ALA A 311 -18.22 -10.58 -23.04
N LYS A 312 -16.91 -10.49 -22.78
CA LYS A 312 -15.83 -10.60 -23.81
C LYS A 312 -15.53 -12.08 -24.10
N MET A 313 -15.93 -12.99 -23.22
CA MET A 313 -15.66 -14.45 -23.31
C MET A 313 -16.81 -15.17 -24.03
N GLU A 314 -18.03 -14.68 -23.89
CA GLU A 314 -19.27 -15.31 -24.43
C GLU A 314 -19.15 -15.55 -25.93
N PRO A 315 -18.70 -14.56 -26.74
CA PRO A 315 -18.58 -14.74 -28.19
C PRO A 315 -17.72 -15.93 -28.65
N PHE A 316 -16.74 -16.34 -27.83
CA PHE A 316 -15.73 -17.38 -28.18
C PHE A 316 -15.99 -18.67 -27.39
N PHE A 317 -17.17 -18.81 -26.78
CA PHE A 317 -17.63 -20.05 -26.10
C PHE A 317 -17.84 -21.14 -27.14
N PRO A 318 -17.67 -22.44 -26.77
CA PRO A 318 -18.07 -23.55 -27.63
C PRO A 318 -19.60 -23.68 -27.66
N SER A 319 -20.14 -24.27 -28.73
CA SER A 319 -21.61 -24.43 -28.96
C SER A 319 -22.24 -25.14 -27.75
N GLY A 320 -23.24 -24.50 -27.14
CA GLY A 320 -24.05 -25.08 -26.04
C GLY A 320 -23.76 -24.44 -24.70
N LEU A 321 -22.54 -23.92 -24.50
CA LEU A 321 -22.08 -23.34 -23.20
C LEU A 321 -22.82 -22.01 -22.95
N LYS A 322 -23.21 -21.77 -21.69
CA LYS A 322 -24.01 -20.59 -21.26
C LYS A 322 -23.63 -20.21 -19.84
N ILE A 323 -23.64 -18.91 -19.54
CA ILE A 323 -23.44 -18.35 -18.16
C ILE A 323 -24.82 -18.25 -17.48
N VAL A 324 -24.89 -18.66 -16.22
CA VAL A 324 -26.09 -18.52 -15.32
C VAL A 324 -25.63 -17.86 -14.02
N TYR A 325 -26.55 -17.20 -13.31
CA TYR A 325 -26.26 -16.39 -12.09
C TYR A 325 -27.07 -16.93 -10.91
N PRO A 326 -26.67 -18.09 -10.34
CA PRO A 326 -27.44 -18.74 -9.27
C PRO A 326 -27.28 -18.13 -7.87
N TYR A 327 -26.39 -17.14 -7.73
CA TYR A 327 -26.14 -16.42 -6.45
C TYR A 327 -25.45 -15.08 -6.74
N ASP A 328 -25.96 -14.00 -6.14
CA ASP A 328 -25.46 -12.62 -6.32
C ASP A 328 -26.11 -11.72 -5.25
N THR A 329 -25.29 -11.00 -4.48
CA THR A 329 -25.72 -10.11 -3.37
C THR A 329 -25.93 -8.68 -3.88
N THR A 330 -25.35 -8.33 -5.04
CA THR A 330 -25.36 -6.96 -5.62
C THR A 330 -26.77 -6.58 -6.11
N PRO A 331 -27.54 -7.47 -6.76
CA PRO A 331 -28.89 -7.12 -7.23
C PRO A 331 -29.78 -6.52 -6.13
N PHE A 332 -29.67 -7.01 -4.90
CA PHE A 332 -30.36 -6.47 -3.70
C PHE A 332 -29.90 -5.03 -3.46
N VAL A 333 -28.59 -4.83 -3.35
CA VAL A 333 -27.95 -3.52 -3.00
C VAL A 333 -28.36 -2.47 -4.05
N LYS A 334 -28.40 -2.85 -5.33
CA LYS A 334 -28.73 -1.95 -6.47
C LYS A 334 -30.21 -1.57 -6.41
N ILE A 335 -31.10 -2.55 -6.24
CA ILE A 335 -32.58 -2.36 -6.24
C ILE A 335 -33.00 -1.67 -4.93
N SER A 336 -32.53 -2.16 -3.78
CA SER A 336 -32.90 -1.66 -2.43
C SER A 336 -32.65 -0.14 -2.33
N ILE A 337 -31.51 0.33 -2.85
CA ILE A 337 -31.13 1.77 -2.91
C ILE A 337 -32.12 2.50 -3.82
N HIS A 338 -32.31 2.00 -5.05
CA HIS A 338 -33.23 2.56 -6.09
C HIS A 338 -34.66 2.63 -5.54
N GLU A 339 -35.05 1.68 -4.67
CA GLU A 339 -36.39 1.65 -4.03
C GLU A 339 -36.50 2.78 -3.00
N VAL A 340 -35.42 3.10 -2.29
CA VAL A 340 -35.36 4.21 -1.29
C VAL A 340 -35.36 5.54 -2.06
N VAL A 341 -34.66 5.60 -3.20
CA VAL A 341 -34.63 6.79 -4.12
C VAL A 341 -36.04 7.05 -4.65
N LYS A 342 -36.87 6.00 -4.77
CA LYS A 342 -38.27 6.09 -5.29
C LYS A 342 -39.16 6.75 -4.23
N THR A 343 -39.07 6.30 -2.98
CA THR A 343 -39.82 6.86 -1.82
C THR A 343 -39.36 8.30 -1.56
N LEU A 344 -38.16 8.66 -2.04
CA LEU A 344 -37.57 10.03 -1.98
C LEU A 344 -38.33 10.96 -2.93
N VAL A 345 -38.51 10.52 -4.19
CA VAL A 345 -39.23 11.28 -5.27
C VAL A 345 -40.73 11.34 -4.92
N GLU A 346 -41.29 10.23 -4.43
CA GLU A 346 -42.72 10.11 -4.01
C GLU A 346 -43.00 11.12 -2.88
N ALA A 347 -42.08 11.25 -1.93
CA ALA A 347 -42.19 12.15 -0.76
C ALA A 347 -42.26 13.62 -1.22
N ILE A 348 -41.47 13.99 -2.23
CA ILE A 348 -41.44 15.37 -2.81
C ILE A 348 -42.81 15.68 -3.43
N ILE A 349 -43.41 14.71 -4.13
CA ILE A 349 -44.73 14.84 -4.81
C ILE A 349 -45.83 14.93 -3.75
N LEU A 350 -45.76 14.09 -2.71
CA LEU A 350 -46.77 14.05 -1.60
C LEU A 350 -46.68 15.34 -0.78
N VAL A 351 -45.48 15.91 -0.61
CA VAL A 351 -45.26 17.23 0.05
C VAL A 351 -45.93 18.32 -0.79
N PHE A 352 -45.61 18.36 -2.10
CA PHE A 352 -46.17 19.31 -3.09
C PHE A 352 -47.69 19.39 -2.97
N LEU A 353 -48.37 18.24 -2.89
CA LEU A 353 -49.85 18.13 -2.77
C LEU A 353 -50.32 18.78 -1.46
N VAL A 354 -49.66 18.45 -0.34
CA VAL A 354 -50.03 18.96 1.02
C VAL A 354 -49.73 20.45 1.12
N MET A 355 -48.73 20.95 0.37
CA MET A 355 -48.42 22.40 0.27
C MET A 355 -49.53 23.12 -0.49
N TYR A 356 -50.06 22.50 -1.55
CA TYR A 356 -51.14 23.05 -2.43
C TYR A 356 -52.43 23.22 -1.61
N LEU A 357 -52.69 22.29 -0.69
CA LEU A 357 -53.89 22.29 0.21
C LEU A 357 -53.94 23.61 1.00
N PHE A 358 -52.80 24.08 1.52
CA PHE A 358 -52.69 25.22 2.47
C PHE A 358 -52.39 26.52 1.72
N LEU A 359 -51.42 26.51 0.80
CA LEU A 359 -50.96 27.72 0.06
C LEU A 359 -51.93 28.05 -1.08
N GLN A 360 -52.53 27.05 -1.71
CA GLN A 360 -53.65 27.18 -2.68
C GLN A 360 -53.21 28.01 -3.89
N ASN A 361 -51.98 27.75 -4.38
CA ASN A 361 -51.41 28.40 -5.59
C ASN A 361 -50.23 27.55 -6.08
N PHE A 362 -50.06 27.44 -7.41
CA PHE A 362 -49.06 26.56 -8.08
C PHE A 362 -47.64 27.03 -7.76
N ARG A 363 -47.36 28.32 -7.94
CA ARG A 363 -46.01 28.93 -7.77
C ARG A 363 -45.64 29.00 -6.28
N ALA A 364 -46.61 29.30 -5.41
CA ALA A 364 -46.45 29.34 -3.93
C ALA A 364 -45.97 27.96 -3.45
N THR A 365 -46.53 26.89 -4.02
CA THR A 365 -46.26 25.46 -3.67
C THR A 365 -44.83 25.08 -4.06
N LEU A 366 -44.29 25.68 -5.13
CA LEU A 366 -42.96 25.31 -5.72
C LEU A 366 -41.82 25.75 -4.80
N ILE A 367 -42.00 26.81 -4.01
CA ILE A 367 -40.91 27.43 -3.18
C ILE A 367 -40.41 26.40 -2.17
N PRO A 368 -41.29 25.75 -1.38
CA PRO A 368 -40.88 24.59 -0.58
C PRO A 368 -40.39 23.40 -1.42
N THR A 369 -41.08 23.10 -2.52
CA THR A 369 -40.83 21.92 -3.39
C THR A 369 -39.46 22.02 -4.07
N ILE A 370 -39.02 23.24 -4.42
CA ILE A 370 -37.71 23.51 -5.08
C ILE A 370 -36.59 23.43 -4.04
N ALA A 371 -36.85 23.91 -2.82
CA ALA A 371 -35.88 23.98 -1.70
C ALA A 371 -35.33 22.58 -1.39
N VAL A 372 -36.20 21.56 -1.38
CA VAL A 372 -35.89 20.16 -0.97
C VAL A 372 -34.78 19.60 -1.86
N PRO A 373 -34.99 19.41 -3.19
CA PRO A 373 -33.96 18.80 -4.04
C PRO A 373 -32.65 19.58 -4.15
N VAL A 374 -32.71 20.92 -4.04
CA VAL A 374 -31.53 21.84 -4.09
C VAL A 374 -30.59 21.48 -2.92
N VAL A 375 -31.15 21.19 -1.74
CA VAL A 375 -30.39 20.87 -0.49
C VAL A 375 -29.88 19.43 -0.58
N LEU A 376 -30.75 18.48 -0.93
CA LEU A 376 -30.44 17.03 -0.98
C LEU A 376 -29.32 16.76 -1.99
N LEU A 377 -29.38 17.41 -3.16
CA LEU A 377 -28.27 17.40 -4.17
C LEU A 377 -27.03 18.04 -3.55
N GLY A 378 -27.20 19.18 -2.89
CA GLY A 378 -26.14 19.86 -2.11
C GLY A 378 -25.50 18.92 -1.10
N THR A 379 -26.33 18.16 -0.37
CA THR A 379 -25.90 17.17 0.66
C THR A 379 -25.02 16.10 0.02
N ALA A 380 -25.43 15.59 -1.15
CA ALA A 380 -24.70 14.58 -1.95
C ALA A 380 -23.30 15.10 -2.29
N ALA A 381 -23.19 16.38 -2.64
CA ALA A 381 -21.92 17.07 -2.98
C ALA A 381 -21.04 17.18 -1.73
N VAL A 382 -21.64 17.45 -0.56
CA VAL A 382 -20.95 17.58 0.75
C VAL A 382 -20.47 16.19 1.20
N LEU A 383 -21.27 15.14 0.96
CA LEU A 383 -20.91 13.72 1.25
C LEU A 383 -19.72 13.31 0.37
N ALA A 384 -19.76 13.66 -0.91
CA ALA A 384 -18.70 13.38 -1.91
C ALA A 384 -17.39 14.07 -1.49
N ALA A 385 -17.49 15.28 -0.91
CA ALA A 385 -16.35 16.10 -0.44
C ALA A 385 -15.64 15.40 0.73
N PHE A 386 -16.41 14.84 1.67
CA PHE A 386 -15.90 14.16 2.90
C PHE A 386 -15.72 12.66 2.65
N GLY A 387 -15.83 12.22 1.39
CA GLY A 387 -15.49 10.84 0.94
C GLY A 387 -16.50 9.80 1.41
N PHE A 388 -17.74 10.22 1.71
CA PHE A 388 -18.87 9.32 2.07
C PHE A 388 -19.49 8.77 0.78
N SER A 389 -20.13 7.60 0.87
CA SER A 389 -20.76 6.86 -0.26
C SER A 389 -22.28 6.93 -0.14
N ILE A 390 -22.98 6.78 -1.28
CA ILE A 390 -24.46 6.61 -1.33
C ILE A 390 -24.78 5.20 -0.82
N ASN A 391 -25.47 5.09 0.31
CA ASN A 391 -25.79 3.79 0.97
C ASN A 391 -27.14 3.90 1.69
N THR A 392 -27.66 2.75 2.14
CA THR A 392 -28.95 2.62 2.86
C THR A 392 -29.10 3.74 3.88
N LEU A 393 -28.08 3.94 4.73
CA LEU A 393 -28.11 4.83 5.93
C LEU A 393 -28.11 6.30 5.50
N THR A 394 -27.23 6.67 4.54
CA THR A 394 -27.16 8.03 3.96
C THR A 394 -28.46 8.34 3.22
N MET A 395 -28.95 7.39 2.41
CA MET A 395 -30.19 7.53 1.60
C MET A 395 -31.41 7.75 2.52
N PHE A 396 -31.44 7.10 3.69
CA PHE A 396 -32.49 7.30 4.72
C PHE A 396 -32.28 8.67 5.38
N GLY A 397 -31.02 9.07 5.59
CA GLY A 397 -30.63 10.42 6.01
C GLY A 397 -31.23 11.48 5.11
N MET A 398 -31.21 11.24 3.79
CA MET A 398 -31.82 12.13 2.76
C MET A 398 -33.32 12.23 3.00
N VAL A 399 -33.99 11.09 3.23
CA VAL A 399 -35.47 10.99 3.37
C VAL A 399 -35.90 11.69 4.66
N LEU A 400 -35.29 11.33 5.80
CA LEU A 400 -35.58 11.91 7.13
C LEU A 400 -35.33 13.43 7.11
N ALA A 401 -34.32 13.88 6.36
CA ALA A 401 -33.92 15.30 6.24
C ALA A 401 -35.08 16.12 5.67
N ILE A 402 -35.79 15.61 4.67
CA ILE A 402 -36.89 16.33 3.95
C ILE A 402 -37.77 17.06 4.96
N GLY A 403 -38.13 16.39 6.07
CA GLY A 403 -38.92 16.96 7.17
C GLY A 403 -38.28 18.22 7.74
N LEU A 404 -36.96 18.18 7.95
CA LEU A 404 -36.15 19.33 8.47
C LEU A 404 -35.95 20.37 7.37
N LEU A 405 -35.83 19.93 6.11
CA LEU A 405 -35.59 20.81 4.93
C LEU A 405 -36.84 21.63 4.61
N VAL A 406 -38.00 20.97 4.55
CA VAL A 406 -39.30 21.57 4.13
C VAL A 406 -39.78 22.55 5.22
N ASP A 407 -39.46 22.30 6.49
CA ASP A 407 -39.87 23.15 7.63
C ASP A 407 -39.14 24.50 7.54
N ASP A 408 -37.84 24.49 7.24
CA ASP A 408 -37.01 25.71 7.01
C ASP A 408 -37.68 26.58 5.95
N ALA A 409 -38.21 25.97 4.88
CA ALA A 409 -38.92 26.65 3.77
C ALA A 409 -40.31 27.09 4.23
N ILE A 410 -41.12 26.14 4.72
CA ILE A 410 -42.53 26.38 5.19
C ILE A 410 -42.53 27.58 6.14
N VAL A 411 -41.71 27.54 7.19
CA VAL A 411 -41.61 28.60 8.24
C VAL A 411 -41.40 29.96 7.56
N VAL A 412 -40.50 30.03 6.57
CA VAL A 412 -40.17 31.27 5.82
C VAL A 412 -41.38 31.68 4.96
N VAL A 413 -41.87 30.78 4.10
CA VAL A 413 -42.95 31.04 3.11
C VAL A 413 -44.24 31.43 3.87
N GLU A 414 -44.61 30.65 4.90
CA GLU A 414 -45.83 30.87 5.72
C GLU A 414 -45.76 32.24 6.39
N ASN A 415 -44.61 32.58 6.98
CA ASN A 415 -44.40 33.84 7.74
C ASN A 415 -44.57 35.04 6.81
N VAL A 416 -44.15 34.91 5.55
CA VAL A 416 -44.31 35.95 4.48
C VAL A 416 -45.81 36.12 4.19
N GLU A 417 -46.54 35.00 4.06
CA GLU A 417 -48.00 34.97 3.78
C GLU A 417 -48.77 35.57 4.97
N ARG A 418 -48.25 35.39 6.19
CA ARG A 418 -48.87 35.87 7.45
C ARG A 418 -48.75 37.39 7.55
N VAL A 419 -47.58 37.95 7.20
CA VAL A 419 -47.29 39.41 7.21
C VAL A 419 -48.20 40.11 6.20
N MET A 420 -48.35 39.54 4.99
CA MET A 420 -49.23 40.08 3.92
C MET A 420 -50.70 39.98 4.34
N ALA A 421 -51.06 38.96 5.13
CA ALA A 421 -52.43 38.72 5.62
C ALA A 421 -52.78 39.73 6.72
N GLU A 422 -51.85 39.96 7.66
CA GLU A 422 -52.06 40.82 8.86
C GLU A 422 -52.01 42.30 8.46
N GLU A 423 -50.96 42.72 7.73
CA GLU A 423 -50.67 44.14 7.42
C GLU A 423 -51.26 44.52 6.05
N GLY A 424 -51.04 43.70 5.02
CA GLY A 424 -51.51 43.93 3.64
C GLY A 424 -50.46 44.60 2.77
N LEU A 425 -49.19 44.23 2.95
CA LEU A 425 -48.03 44.76 2.16
C LEU A 425 -47.91 43.97 0.86
N PRO A 426 -47.20 44.51 -0.17
CA PRO A 426 -46.90 43.75 -1.38
C PRO A 426 -45.89 42.63 -1.12
N PRO A 427 -45.72 41.67 -2.06
CA PRO A 427 -44.84 40.52 -1.85
C PRO A 427 -43.37 40.88 -1.57
N LYS A 428 -42.83 41.87 -2.28
CA LYS A 428 -41.41 42.32 -2.20
C LYS A 428 -41.10 42.79 -0.77
N GLU A 429 -41.93 43.69 -0.23
CA GLU A 429 -41.71 44.36 1.09
C GLU A 429 -41.99 43.40 2.24
N ALA A 430 -42.98 42.51 2.08
CA ALA A 430 -43.41 41.53 3.10
C ALA A 430 -42.23 40.64 3.52
N THR A 431 -41.47 40.15 2.52
CA THR A 431 -40.31 39.24 2.71
C THR A 431 -39.24 39.93 3.56
N ARG A 432 -38.88 41.18 3.24
CA ARG A 432 -37.87 41.99 3.97
C ARG A 432 -38.14 41.92 5.48
N LYS A 433 -39.38 42.23 5.89
CA LYS A 433 -39.83 42.21 7.31
C LYS A 433 -39.86 40.75 7.79
N SER A 434 -40.51 39.87 7.05
CA SER A 434 -40.67 38.42 7.35
C SER A 434 -39.30 37.81 7.67
N MET A 435 -38.35 37.91 6.74
CA MET A 435 -36.95 37.43 6.91
C MET A 435 -36.32 38.15 8.11
N GLY A 436 -36.55 39.46 8.23
CA GLY A 436 -36.06 40.30 9.34
C GLY A 436 -36.42 39.75 10.71
N GLN A 437 -37.57 39.07 10.83
CA GLN A 437 -38.11 38.53 12.11
C GLN A 437 -37.37 37.23 12.49
N ILE A 438 -37.38 36.23 11.59
CA ILE A 438 -37.06 34.81 11.92
C ILE A 438 -35.66 34.42 11.38
N GLN A 439 -34.92 35.36 10.79
CA GLN A 439 -33.56 35.11 10.22
C GLN A 439 -32.64 34.55 11.31
N GLY A 440 -32.63 35.17 12.48
CA GLY A 440 -31.79 34.80 13.64
C GLY A 440 -32.19 33.45 14.21
N ALA A 441 -33.50 33.19 14.33
CA ALA A 441 -34.08 31.97 14.92
C ALA A 441 -33.68 30.74 14.09
N LEU A 442 -33.82 30.82 12.77
CA LEU A 442 -33.50 29.71 11.81
C LEU A 442 -32.04 29.28 12.00
N VAL A 443 -31.11 30.23 11.98
CA VAL A 443 -29.64 30.01 12.14
C VAL A 443 -29.39 29.38 13.53
N GLY A 444 -30.10 29.88 14.56
CA GLY A 444 -30.00 29.39 15.94
C GLY A 444 -30.50 27.96 16.08
N ILE A 445 -31.71 27.69 15.56
CA ILE A 445 -32.38 26.36 15.61
C ILE A 445 -31.45 25.29 15.02
N ALA A 446 -30.84 25.59 13.87
CA ALA A 446 -29.93 24.67 13.12
C ALA A 446 -28.78 24.21 14.03
N MET A 447 -28.26 25.11 14.88
CA MET A 447 -27.14 24.82 15.83
C MET A 447 -27.68 24.06 17.05
N VAL A 448 -28.94 24.30 17.44
CA VAL A 448 -29.63 23.56 18.53
C VAL A 448 -29.88 22.11 18.07
N LEU A 449 -30.36 21.94 16.84
CA LEU A 449 -30.69 20.62 16.25
C LEU A 449 -29.41 19.84 15.92
N SER A 450 -28.33 20.54 15.55
CA SER A 450 -27.00 19.94 15.26
C SER A 450 -26.48 19.22 16.52
N ALA A 451 -26.77 19.77 17.70
CA ALA A 451 -26.38 19.23 19.03
C ALA A 451 -27.18 17.96 19.36
N VAL A 452 -28.10 17.55 18.48
CA VAL A 452 -28.93 16.32 18.61
C VAL A 452 -28.37 15.21 17.70
N PHE A 453 -27.81 15.59 16.54
CA PHE A 453 -27.36 14.65 15.47
C PHE A 453 -25.82 14.50 15.48
N VAL A 454 -25.07 15.53 15.90
CA VAL A 454 -23.58 15.50 15.95
C VAL A 454 -23.12 14.49 17.00
N PRO A 455 -23.69 14.47 18.23
CA PRO A 455 -23.23 13.54 19.27
C PRO A 455 -23.14 12.06 18.86
N MET A 456 -24.06 11.59 18.00
CA MET A 456 -24.11 10.16 17.57
C MET A 456 -23.13 9.91 16.41
N ALA A 457 -22.38 10.93 15.98
CA ALA A 457 -21.23 10.78 15.05
C ALA A 457 -20.02 10.21 15.81
N PHE A 458 -19.99 10.38 17.14
CA PHE A 458 -18.89 9.97 18.04
C PHE A 458 -19.29 8.73 18.84
N PHE A 459 -19.82 7.70 18.18
CA PHE A 459 -20.05 6.34 18.75
C PHE A 459 -18.83 5.48 18.44
N GLY A 460 -18.56 4.48 19.31
CA GLY A 460 -17.31 3.68 19.28
C GLY A 460 -17.42 2.45 18.40
N GLY A 461 -16.28 2.01 17.87
CA GLY A 461 -16.12 0.74 17.12
C GLY A 461 -16.89 0.73 15.81
N SER A 462 -17.29 -0.46 15.36
CA SER A 462 -18.07 -0.71 14.12
C SER A 462 -19.48 -0.10 14.23
N THR A 463 -20.04 -0.09 15.44
CA THR A 463 -21.38 0.46 15.77
C THR A 463 -21.48 1.92 15.30
N GLY A 464 -20.45 2.72 15.59
CA GLY A 464 -20.41 4.18 15.34
C GLY A 464 -20.37 4.52 13.86
N ALA A 465 -19.72 3.68 13.05
CA ALA A 465 -19.58 3.85 11.58
C ALA A 465 -20.96 3.97 10.93
N ILE A 466 -21.94 3.20 11.40
CA ILE A 466 -23.35 3.19 10.90
C ILE A 466 -24.02 4.51 11.28
N TYR A 467 -23.96 4.90 12.56
CA TYR A 467 -24.63 6.10 13.14
C TYR A 467 -24.04 7.38 12.52
N ARG A 468 -22.75 7.37 12.17
CA ARG A 468 -22.00 8.55 11.63
C ARG A 468 -22.55 8.93 10.24
N GLN A 469 -23.08 7.95 9.49
CA GLN A 469 -23.65 8.17 8.14
C GLN A 469 -24.83 9.15 8.24
N PHE A 470 -25.75 8.90 9.17
CA PHE A 470 -26.94 9.76 9.43
C PHE A 470 -26.51 11.15 9.90
N SER A 471 -25.60 11.21 10.88
CA SER A 471 -25.08 12.46 11.50
C SER A 471 -24.62 13.44 10.43
N ILE A 472 -23.66 13.04 9.61
CA ILE A 472 -22.99 13.90 8.58
C ILE A 472 -23.99 14.25 7.48
N THR A 473 -24.90 13.34 7.14
CA THR A 473 -25.93 13.53 6.09
C THR A 473 -26.97 14.56 6.54
N ILE A 474 -27.54 14.38 7.74
CA ILE A 474 -28.65 15.21 8.29
C ILE A 474 -28.12 16.62 8.60
N VAL A 475 -26.96 16.73 9.26
CA VAL A 475 -26.34 18.02 9.68
C VAL A 475 -25.97 18.83 8.44
N SER A 476 -25.35 18.19 7.45
CA SER A 476 -24.98 18.82 6.14
C SER A 476 -26.23 19.43 5.49
N ALA A 477 -27.32 18.68 5.48
CA ALA A 477 -28.62 19.06 4.87
C ALA A 477 -29.18 20.29 5.60
N MET A 478 -29.22 20.25 6.94
CA MET A 478 -29.72 21.37 7.80
C MET A 478 -28.90 22.63 7.53
N ALA A 479 -27.57 22.51 7.50
CA ALA A 479 -26.61 23.61 7.23
C ALA A 479 -26.93 24.26 5.89
N LEU A 480 -27.12 23.46 4.85
CA LEU A 480 -27.48 23.90 3.47
C LEU A 480 -28.90 24.48 3.46
N SER A 481 -29.83 23.87 4.21
CA SER A 481 -31.26 24.27 4.30
C SER A 481 -31.37 25.73 4.75
N VAL A 482 -30.62 26.11 5.80
CA VAL A 482 -30.54 27.50 6.33
C VAL A 482 -29.94 28.40 5.25
N LEU A 483 -28.84 27.97 4.62
CA LEU A 483 -28.14 28.72 3.54
C LEU A 483 -29.12 28.99 2.39
N VAL A 484 -29.89 27.97 1.98
CA VAL A 484 -30.92 28.05 0.91
C VAL A 484 -32.07 28.95 1.38
N ALA A 485 -32.45 28.87 2.66
CA ALA A 485 -33.57 29.62 3.29
C ALA A 485 -33.22 31.10 3.46
N LEU A 486 -31.94 31.48 3.29
CA LEU A 486 -31.45 32.87 3.41
C LEU A 486 -30.97 33.40 2.05
N ILE A 487 -31.09 32.61 0.98
CA ILE A 487 -30.60 32.96 -0.39
C ILE A 487 -31.75 32.78 -1.40
N LEU A 488 -32.21 31.54 -1.60
CA LEU A 488 -33.18 31.16 -2.66
C LEU A 488 -34.62 31.43 -2.19
N THR A 489 -35.01 30.88 -1.04
CA THR A 489 -36.41 30.92 -0.50
C THR A 489 -36.89 32.37 -0.39
N PRO A 490 -36.08 33.32 0.15
CA PRO A 490 -36.47 34.73 0.20
C PRO A 490 -36.62 35.37 -1.19
N ALA A 491 -35.72 35.01 -2.12
CA ALA A 491 -35.70 35.52 -3.51
C ALA A 491 -36.95 35.07 -4.27
N LEU A 492 -37.37 33.82 -4.08
CA LEU A 492 -38.58 33.22 -4.73
C LEU A 492 -39.85 33.78 -4.08
N CYS A 493 -39.86 33.88 -2.74
CA CYS A 493 -40.96 34.48 -1.93
C CYS A 493 -41.31 35.88 -2.45
N ALA A 494 -40.29 36.68 -2.77
CA ALA A 494 -40.42 38.09 -3.20
C ALA A 494 -41.10 38.18 -4.58
N THR A 495 -40.81 37.24 -5.48
CA THR A 495 -41.22 37.28 -6.92
C THR A 495 -42.50 36.48 -7.16
N MET A 496 -42.59 35.26 -6.60
CA MET A 496 -43.56 34.22 -7.04
C MET A 496 -44.87 34.27 -6.21
N LEU A 497 -44.83 34.76 -4.97
CA LEU A 497 -46.03 34.84 -4.09
C LEU A 497 -46.97 35.95 -4.60
N LYS A 498 -48.28 35.67 -4.60
CA LYS A 498 -49.35 36.63 -4.99
C LYS A 498 -49.52 37.66 -3.88
N PRO A 499 -49.76 38.96 -4.22
CA PRO A 499 -50.09 39.96 -3.20
C PRO A 499 -51.44 39.64 -2.52
N ILE A 500 -51.40 39.40 -1.21
CA ILE A 500 -52.62 39.14 -0.36
C ILE A 500 -53.01 40.46 0.31
N ALA A 501 -54.26 40.89 0.13
CA ALA A 501 -54.87 42.10 0.73
C ALA A 501 -55.06 41.89 2.23
N LYS A 502 -55.08 42.97 3.01
CA LYS A 502 -55.23 42.94 4.49
C LYS A 502 -56.53 42.22 4.87
N GLY A 503 -56.46 41.29 5.84
CA GLY A 503 -57.61 40.54 6.36
C GLY A 503 -58.23 39.61 5.32
N ASP A 504 -57.41 39.10 4.40
CA ASP A 504 -57.82 38.11 3.36
C ASP A 504 -57.13 36.77 3.67
N HIS A 505 -57.87 35.82 4.23
CA HIS A 505 -57.42 34.44 4.56
C HIS A 505 -58.03 33.43 3.58
N GLY A 506 -58.33 33.88 2.35
CA GLY A 506 -58.88 33.06 1.26
C GLY A 506 -60.28 32.54 1.55
N GLU A 507 -61.03 33.23 2.43
CA GLU A 507 -62.38 32.83 2.89
C GLU A 507 -63.41 33.07 1.78
N GLY A 508 -63.21 34.13 0.98
CA GLY A 508 -64.17 34.58 -0.05
C GLY A 508 -64.13 33.74 -1.32
N LYS A 509 -63.20 32.79 -1.42
CA LYS A 509 -63.06 31.87 -2.58
C LYS A 509 -64.20 30.84 -2.56
N LYS A 510 -64.47 30.22 -3.71
CA LYS A 510 -65.47 29.12 -3.89
C LYS A 510 -64.76 27.87 -4.40
N GLY A 511 -65.30 26.69 -4.08
CA GLY A 511 -64.72 25.38 -4.42
C GLY A 511 -64.35 24.60 -3.16
N PHE A 512 -63.22 23.87 -3.21
CA PHE A 512 -62.68 23.07 -2.08
C PHE A 512 -61.91 23.99 -1.12
N PHE A 513 -61.17 24.96 -1.67
CA PHE A 513 -60.36 25.95 -0.90
C PHE A 513 -61.29 26.86 -0.09
N GLY A 514 -62.40 27.29 -0.69
CA GLY A 514 -63.44 28.12 -0.04
C GLY A 514 -63.89 27.51 1.28
N TRP A 515 -64.18 26.21 1.28
CA TRP A 515 -64.64 25.43 2.47
C TRP A 515 -63.48 25.25 3.45
N PHE A 516 -62.31 24.83 2.96
CA PHE A 516 -61.09 24.52 3.77
C PHE A 516 -60.66 25.77 4.56
N ASN A 517 -60.69 26.94 3.92
CA ASN A 517 -60.25 28.24 4.50
C ASN A 517 -61.18 28.61 5.68
N ARG A 518 -62.49 28.40 5.53
CA ARG A 518 -63.50 28.62 6.60
C ARG A 518 -63.27 27.60 7.72
N MET A 519 -63.16 26.31 7.37
CA MET A 519 -62.95 25.17 8.30
C MET A 519 -61.72 25.45 9.18
N PHE A 520 -60.64 25.96 8.60
CA PHE A 520 -59.35 26.20 9.29
C PHE A 520 -59.45 27.42 10.20
N GLU A 521 -60.04 28.52 9.70
CA GLU A 521 -60.22 29.80 10.45
C GLU A 521 -61.06 29.56 11.70
N LYS A 522 -62.10 28.72 11.60
CA LYS A 522 -62.97 28.32 12.73
C LYS A 522 -62.20 27.40 13.68
N SER A 523 -61.39 26.48 13.13
CA SER A 523 -60.54 25.53 13.88
C SER A 523 -59.46 26.28 14.66
N THR A 524 -58.92 27.37 14.09
CA THR A 524 -57.90 28.25 14.70
C THR A 524 -58.51 28.98 15.91
N HIS A 525 -59.79 29.34 15.83
CA HIS A 525 -60.56 30.00 16.93
C HIS A 525 -60.91 28.97 18.01
N HIS A 526 -61.38 27.78 17.62
CA HIS A 526 -61.65 26.62 18.51
C HIS A 526 -60.37 26.23 19.25
N TYR A 527 -59.22 26.33 18.58
CA TYR A 527 -57.87 26.01 19.12
C TYR A 527 -57.49 27.00 20.22
N THR A 528 -57.60 28.31 19.94
CA THR A 528 -57.26 29.42 20.87
C THR A 528 -58.19 29.38 22.10
N ASP A 529 -59.47 29.05 21.89
CA ASP A 529 -60.48 28.87 22.97
C ASP A 529 -60.08 27.70 23.86
N SER A 530 -59.66 26.59 23.25
CA SER A 530 -59.21 25.34 23.93
C SER A 530 -57.95 25.63 24.77
N VAL A 531 -56.93 26.23 24.14
CA VAL A 531 -55.65 26.62 24.81
C VAL A 531 -55.94 27.68 25.87
N GLY A 532 -56.88 28.60 25.59
CA GLY A 532 -57.35 29.63 26.53
C GLY A 532 -57.79 29.02 27.85
N GLY A 533 -58.60 27.97 27.79
CA GLY A 533 -59.13 27.24 28.97
C GLY A 533 -58.05 26.42 29.66
N ILE A 534 -57.13 25.84 28.88
CA ILE A 534 -56.00 25.00 29.38
C ILE A 534 -55.09 25.86 30.27
N LEU A 535 -54.78 27.09 29.85
CA LEU A 535 -53.83 28.01 30.54
C LEU A 535 -54.43 28.54 31.84
N ARG A 536 -55.74 28.37 32.06
CA ARG A 536 -56.47 28.84 33.27
C ARG A 536 -56.60 27.70 34.30
N SER A 537 -56.11 26.49 33.98
CA SER A 537 -56.17 25.29 34.85
C SER A 537 -54.76 24.83 35.25
N THR A 538 -54.02 24.24 34.32
CA THR A 538 -52.58 23.85 34.43
C THR A 538 -52.42 22.49 35.11
N GLY A 539 -52.68 22.42 36.43
CA GLY A 539 -52.32 21.30 37.32
C GLY A 539 -52.51 19.93 36.67
N ARG A 540 -53.75 19.58 36.32
CA ARG A 540 -54.17 18.26 35.77
C ARG A 540 -53.37 17.91 34.50
N TYR A 541 -52.86 18.91 33.76
CA TYR A 541 -52.07 18.71 32.51
C TYR A 541 -50.62 18.35 32.86
N LEU A 542 -50.12 18.81 34.01
CA LEU A 542 -48.80 18.39 34.55
C LEU A 542 -48.90 16.95 35.08
N VAL A 543 -50.08 16.55 35.58
CA VAL A 543 -50.39 15.15 35.99
C VAL A 543 -50.44 14.28 34.73
N LEU A 544 -51.18 14.73 33.71
CA LEU A 544 -51.33 14.05 32.39
C LEU A 544 -49.97 13.94 31.70
N TYR A 545 -49.07 14.90 31.95
CA TYR A 545 -47.68 14.90 31.41
C TYR A 545 -46.89 13.74 32.04
N LEU A 546 -46.94 13.62 33.37
CA LEU A 546 -46.25 12.56 34.15
C LEU A 546 -46.84 11.19 33.81
N ILE A 547 -48.13 11.13 33.43
CA ILE A 547 -48.80 9.90 32.92
C ILE A 547 -48.11 9.47 31.61
N ILE A 548 -47.90 10.41 30.69
CA ILE A 548 -47.24 10.19 29.36
C ILE A 548 -45.80 9.74 29.59
N VAL A 549 -45.09 10.38 30.54
CA VAL A 549 -43.67 10.10 30.87
C VAL A 549 -43.56 8.68 31.43
N VAL A 550 -44.46 8.29 32.34
CA VAL A 550 -44.53 6.92 32.94
C VAL A 550 -44.86 5.92 31.83
N GLY A 551 -45.79 6.28 30.93
CA GLY A 551 -46.15 5.49 29.74
C GLY A 551 -44.97 5.34 28.79
N MET A 552 -44.26 6.44 28.53
CA MET A 552 -43.04 6.51 27.68
C MET A 552 -41.94 5.63 28.30
N ALA A 553 -41.67 5.83 29.59
CA ALA A 553 -40.65 5.09 30.39
C ALA A 553 -40.98 3.58 30.36
N TYR A 554 -42.26 3.23 30.46
CA TYR A 554 -42.76 1.83 30.45
C TYR A 554 -42.47 1.18 29.09
N LEU A 555 -43.03 1.76 28.02
CA LEU A 555 -43.00 1.20 26.64
C LEU A 555 -41.55 1.04 26.14
N PHE A 556 -40.64 1.94 26.56
CA PHE A 556 -39.21 1.94 26.16
C PHE A 556 -38.54 0.65 26.64
N VAL A 557 -38.76 0.27 27.90
CA VAL A 557 -38.10 -0.90 28.57
C VAL A 557 -38.69 -2.20 28.01
N ARG A 558 -40.00 -2.23 27.74
CA ARG A 558 -40.72 -3.40 27.17
C ARG A 558 -40.19 -3.70 25.76
N LEU A 559 -40.13 -2.67 24.91
CA LEU A 559 -39.72 -2.76 23.47
C LEU A 559 -38.30 -3.35 23.38
N PRO A 560 -38.13 -4.57 22.83
CA PRO A 560 -36.80 -5.16 22.65
C PRO A 560 -35.95 -4.36 21.65
N SER A 561 -34.63 -4.40 21.81
CA SER A 561 -33.64 -3.65 20.99
C SER A 561 -32.82 -4.61 20.13
N SER A 562 -32.47 -4.16 18.91
CA SER A 562 -31.54 -4.84 17.97
C SER A 562 -30.65 -3.77 17.31
N PHE A 563 -29.86 -4.16 16.30
CA PHE A 563 -28.97 -3.24 15.53
C PHE A 563 -29.61 -2.94 14.17
N LEU A 564 -29.61 -3.92 13.26
CA LEU A 564 -30.16 -3.80 11.88
C LEU A 564 -31.01 -5.04 11.59
N PRO A 565 -32.21 -4.87 10.98
CA PRO A 565 -33.09 -6.01 10.67
C PRO A 565 -32.52 -6.92 9.57
N ASP A 566 -32.73 -8.23 9.69
CA ASP A 566 -32.33 -9.26 8.69
C ASP A 566 -33.20 -9.11 7.45
N GLU A 567 -32.68 -8.49 6.39
CA GLU A 567 -33.42 -8.18 5.13
C GLU A 567 -33.43 -9.42 4.23
N ASP A 568 -34.49 -9.55 3.42
CA ASP A 568 -34.59 -10.53 2.30
C ASP A 568 -33.74 -9.97 1.14
N GLN A 569 -32.67 -10.69 0.76
CA GLN A 569 -31.68 -10.25 -0.26
C GLN A 569 -31.79 -11.12 -1.51
N GLY A 570 -32.92 -11.82 -1.68
CA GLY A 570 -33.24 -12.61 -2.88
C GLY A 570 -32.44 -13.90 -2.99
N VAL A 571 -31.56 -14.17 -2.01
CA VAL A 571 -30.65 -15.36 -1.99
C VAL A 571 -30.45 -15.83 -0.55
N PHE A 572 -29.98 -17.06 -0.38
CA PHE A 572 -29.55 -17.67 0.91
C PHE A 572 -28.77 -18.96 0.62
N MET A 573 -27.95 -19.39 1.59
CA MET A 573 -27.06 -20.57 1.47
C MET A 573 -27.55 -21.68 2.41
N THR A 574 -27.40 -22.94 1.99
CA THR A 574 -27.69 -24.17 2.78
C THR A 574 -26.39 -24.93 3.00
N MET A 575 -26.02 -25.16 4.26
CA MET A 575 -24.79 -25.90 4.66
C MET A 575 -25.09 -27.39 4.69
N VAL A 576 -24.13 -28.23 4.29
CA VAL A 576 -24.20 -29.72 4.35
C VAL A 576 -22.87 -30.24 4.91
N GLN A 577 -22.91 -30.83 6.11
CA GLN A 577 -21.71 -31.35 6.83
C GLN A 577 -22.02 -32.74 7.38
N LEU A 578 -21.46 -33.78 6.75
CA LEU A 578 -21.53 -35.19 7.22
C LEU A 578 -20.34 -35.45 8.14
N PRO A 579 -20.36 -36.53 8.96
CA PRO A 579 -19.19 -36.91 9.75
C PRO A 579 -17.99 -37.23 8.84
N ALA A 580 -16.78 -36.83 9.26
CA ALA A 580 -15.51 -37.12 8.56
C ALA A 580 -15.37 -38.64 8.38
N GLY A 581 -14.81 -39.07 7.26
CA GLY A 581 -14.74 -40.49 6.86
C GLY A 581 -15.90 -40.90 5.98
N ALA A 582 -16.88 -40.01 5.80
CA ALA A 582 -18.01 -40.17 4.86
C ALA A 582 -17.50 -40.01 3.42
N THR A 583 -18.15 -40.69 2.47
CA THR A 583 -17.73 -40.78 1.05
C THR A 583 -18.38 -39.67 0.22
N GLN A 584 -17.83 -39.39 -0.96
CA GLN A 584 -18.34 -38.38 -1.93
C GLN A 584 -19.76 -38.77 -2.37
N GLU A 585 -20.01 -40.07 -2.53
CA GLU A 585 -21.31 -40.64 -2.99
C GLU A 585 -22.41 -40.32 -1.97
N ARG A 586 -22.12 -40.52 -0.67
CA ARG A 586 -23.12 -40.40 0.43
C ARG A 586 -23.39 -38.92 0.72
N THR A 587 -22.48 -38.02 0.32
CA THR A 587 -22.64 -36.54 0.44
C THR A 587 -23.60 -36.05 -0.66
N GLN A 588 -23.39 -36.50 -1.90
CA GLN A 588 -24.24 -36.15 -3.08
C GLN A 588 -25.69 -36.59 -2.80
N LYS A 589 -25.87 -37.73 -2.14
CA LYS A 589 -27.19 -38.29 -1.73
C LYS A 589 -27.95 -37.26 -0.89
N VAL A 590 -27.25 -36.55 0.01
CA VAL A 590 -27.83 -35.51 0.91
C VAL A 590 -28.10 -34.24 0.07
N LEU A 591 -27.12 -33.81 -0.72
CA LEU A 591 -27.22 -32.62 -1.61
C LEU A 591 -28.37 -32.80 -2.61
N ASN A 592 -28.64 -34.05 -3.02
CA ASN A 592 -29.79 -34.42 -3.88
C ASN A 592 -31.10 -34.12 -3.12
N GLU A 593 -31.20 -34.55 -1.87
CA GLU A 593 -32.39 -34.32 -0.99
C GLU A 593 -32.59 -32.82 -0.78
N VAL A 594 -31.50 -32.07 -0.58
CA VAL A 594 -31.52 -30.58 -0.40
C VAL A 594 -32.04 -29.93 -1.68
N THR A 595 -31.43 -30.27 -2.82
CA THR A 595 -31.80 -29.77 -4.18
C THR A 595 -33.27 -30.14 -4.47
N HIS A 596 -33.70 -31.33 -4.04
CA HIS A 596 -35.07 -31.87 -4.26
C HIS A 596 -36.11 -30.97 -3.58
N TYR A 597 -35.92 -30.67 -2.30
CA TYR A 597 -36.85 -29.87 -1.45
C TYR A 597 -37.16 -28.53 -2.13
N TYR A 598 -36.11 -27.82 -2.57
CA TYR A 598 -36.21 -26.44 -3.12
C TYR A 598 -36.92 -26.44 -4.48
N LEU A 599 -36.79 -27.52 -5.25
CA LEU A 599 -37.34 -27.62 -6.63
C LEU A 599 -38.77 -28.18 -6.61
N THR A 600 -39.16 -28.91 -5.57
CA THR A 600 -40.46 -29.62 -5.46
C THR A 600 -41.40 -28.90 -4.49
N LYS A 601 -40.96 -28.65 -3.25
CA LYS A 601 -41.79 -28.03 -2.18
C LYS A 601 -41.85 -26.51 -2.38
N GLU A 602 -40.70 -25.88 -2.67
CA GLU A 602 -40.56 -24.40 -2.77
C GLU A 602 -40.46 -23.98 -4.25
N LYS A 603 -41.37 -24.46 -5.10
CA LYS A 603 -41.47 -24.10 -6.53
C LYS A 603 -41.73 -22.60 -6.68
N ASN A 604 -42.65 -22.07 -5.86
CA ASN A 604 -43.20 -20.69 -5.97
C ASN A 604 -42.13 -19.65 -5.60
N ASN A 605 -41.20 -20.01 -4.71
CA ASN A 605 -40.21 -19.08 -4.10
C ASN A 605 -38.84 -19.23 -4.78
N VAL A 606 -38.31 -20.46 -4.84
CA VAL A 606 -36.93 -20.75 -5.32
C VAL A 606 -36.88 -20.63 -6.85
N GLU A 607 -35.91 -19.86 -7.35
CA GLU A 607 -35.64 -19.68 -8.80
C GLU A 607 -34.66 -20.77 -9.27
N SER A 608 -33.50 -20.88 -8.60
CA SER A 608 -32.41 -21.82 -8.96
C SER A 608 -31.67 -22.32 -7.71
N VAL A 609 -31.05 -23.49 -7.80
CA VAL A 609 -30.21 -24.13 -6.75
C VAL A 609 -28.88 -24.56 -7.38
N PHE A 610 -27.76 -24.02 -6.90
CA PHE A 610 -26.38 -24.38 -7.33
C PHE A 610 -25.71 -25.18 -6.21
N ALA A 611 -25.91 -26.51 -6.22
CA ALA A 611 -25.35 -27.48 -5.25
C ALA A 611 -23.90 -27.79 -5.62
N VAL A 612 -23.01 -27.84 -4.62
CA VAL A 612 -21.55 -28.11 -4.78
C VAL A 612 -21.14 -29.19 -3.76
N ASN A 613 -20.86 -30.41 -4.25
CA ASN A 613 -20.29 -31.53 -3.45
C ASN A 613 -18.76 -31.37 -3.42
N GLY A 614 -18.17 -31.40 -2.22
CA GLY A 614 -16.71 -31.38 -2.02
C GLY A 614 -16.24 -30.09 -1.35
N PHE A 615 -17.03 -29.02 -1.43
CA PHE A 615 -16.68 -27.67 -0.91
C PHE A 615 -17.62 -27.27 0.24
N GLY A 616 -17.03 -26.75 1.32
CA GLY A 616 -17.74 -26.16 2.47
C GLY A 616 -17.21 -24.77 2.79
N PHE A 617 -17.61 -24.21 3.94
CA PHE A 617 -17.19 -22.86 4.42
C PHE A 617 -15.73 -22.90 4.87
N ALA A 618 -15.38 -23.86 5.73
CA ALA A 618 -14.04 -24.03 6.34
C ALA A 618 -13.02 -24.47 5.28
N GLY A 619 -13.44 -25.29 4.31
CA GLY A 619 -12.59 -25.74 3.19
C GLY A 619 -13.15 -26.95 2.47
N ARG A 620 -12.28 -27.68 1.76
CA ARG A 620 -12.63 -28.86 0.92
C ARG A 620 -12.78 -30.10 1.80
N GLY A 621 -13.19 -31.23 1.19
CA GLY A 621 -13.39 -32.54 1.85
C GLY A 621 -14.57 -33.29 1.26
N GLN A 622 -14.54 -34.62 1.32
CA GLN A 622 -15.61 -35.50 0.78
C GLN A 622 -16.89 -35.36 1.61
N ASN A 623 -16.76 -35.07 2.91
CA ASN A 623 -17.85 -35.12 3.91
C ASN A 623 -18.65 -33.82 3.95
N THR A 624 -18.23 -32.79 3.20
CA THR A 624 -18.81 -31.41 3.25
C THR A 624 -19.42 -31.05 1.89
N GLY A 625 -20.46 -30.21 1.92
CA GLY A 625 -21.16 -29.67 0.73
C GLY A 625 -21.84 -28.35 1.04
N ILE A 626 -22.25 -27.63 -0.01
CA ILE A 626 -22.95 -26.31 0.11
C ILE A 626 -23.88 -26.16 -1.11
N ALA A 627 -25.03 -25.50 -0.91
CA ALA A 627 -26.06 -25.23 -1.95
C ALA A 627 -26.42 -23.75 -1.93
N PHE A 628 -26.07 -23.03 -3.01
CA PHE A 628 -26.40 -21.60 -3.22
C PHE A 628 -27.80 -21.51 -3.84
N VAL A 629 -28.77 -20.98 -3.08
CA VAL A 629 -30.20 -20.84 -3.48
C VAL A 629 -30.47 -19.38 -3.86
N SER A 630 -31.09 -19.17 -5.02
CA SER A 630 -31.61 -17.85 -5.51
C SER A 630 -33.13 -17.92 -5.60
N LEU A 631 -33.83 -16.94 -5.01
CA LEU A 631 -35.31 -16.87 -4.96
C LEU A 631 -35.82 -16.02 -6.14
N LYS A 632 -37.10 -16.15 -6.46
CA LYS A 632 -37.81 -15.32 -7.49
C LYS A 632 -37.90 -13.88 -6.97
N ASP A 633 -38.32 -12.95 -7.83
CA ASP A 633 -38.43 -11.50 -7.51
C ASP A 633 -39.38 -11.32 -6.32
N TRP A 634 -39.12 -10.30 -5.50
CA TRP A 634 -39.84 -9.99 -4.23
C TRP A 634 -41.34 -9.83 -4.51
N ALA A 635 -41.70 -9.17 -5.62
CA ALA A 635 -43.08 -8.88 -6.07
C ALA A 635 -43.87 -10.19 -6.22
N ASP A 636 -43.20 -11.28 -6.60
CA ASP A 636 -43.82 -12.62 -6.82
C ASP A 636 -43.65 -13.49 -5.56
N ARG A 637 -43.40 -12.87 -4.40
CA ARG A 637 -43.26 -13.57 -3.09
C ARG A 637 -43.90 -12.72 -1.99
N PRO A 638 -45.24 -12.57 -1.99
CA PRO A 638 -45.93 -11.79 -0.96
C PRO A 638 -46.12 -12.56 0.36
N GLY A 639 -46.17 -11.84 1.48
CA GLY A 639 -46.39 -12.41 2.82
C GLY A 639 -45.08 -12.79 3.48
N GLU A 640 -45.10 -12.97 4.81
CA GLU A 640 -43.93 -13.33 5.66
C GLU A 640 -43.45 -14.75 5.34
N GLU A 641 -44.40 -15.65 5.03
CA GLU A 641 -44.14 -17.11 4.83
C GLU A 641 -43.29 -17.34 3.57
N ASN A 642 -43.32 -16.41 2.61
CA ASN A 642 -42.62 -16.51 1.30
C ASN A 642 -41.33 -15.67 1.33
N LYS A 643 -40.90 -15.19 2.50
CA LYS A 643 -39.61 -14.47 2.70
C LYS A 643 -38.56 -15.45 3.21
N VAL A 644 -37.28 -15.06 3.17
CA VAL A 644 -36.10 -15.95 3.41
C VAL A 644 -36.19 -16.57 4.81
N GLU A 645 -36.47 -15.76 5.84
CA GLU A 645 -36.47 -16.17 7.27
C GLU A 645 -37.44 -17.34 7.47
N ALA A 646 -38.61 -17.30 6.81
CA ALA A 646 -39.66 -18.35 6.87
C ALA A 646 -39.24 -19.57 6.04
N ILE A 647 -38.74 -19.33 4.82
CA ILE A 647 -38.30 -20.38 3.84
C ILE A 647 -37.17 -21.21 4.49
N THR A 648 -36.18 -20.54 5.07
CA THR A 648 -34.99 -21.16 5.73
C THR A 648 -35.44 -21.92 6.98
N MET A 649 -36.39 -21.36 7.75
CA MET A 649 -36.95 -21.97 8.99
C MET A 649 -37.62 -23.30 8.66
N ARG A 650 -38.48 -23.32 7.64
CA ARG A 650 -39.20 -24.53 7.15
C ARG A 650 -38.18 -25.54 6.62
N ALA A 651 -37.23 -25.08 5.80
CA ALA A 651 -36.17 -25.90 5.16
C ALA A 651 -35.32 -26.60 6.24
N THR A 652 -34.82 -25.85 7.21
CA THR A 652 -33.97 -26.34 8.33
C THR A 652 -34.70 -27.46 9.10
N ARG A 653 -36.00 -27.27 9.35
CA ARG A 653 -36.87 -28.21 10.11
C ARG A 653 -37.08 -29.49 9.29
N ALA A 654 -37.22 -29.36 7.97
CA ALA A 654 -37.43 -30.48 7.02
C ALA A 654 -36.13 -31.32 6.92
N PHE A 655 -34.98 -30.66 6.79
CA PHE A 655 -33.66 -31.30 6.58
C PHE A 655 -33.13 -31.94 7.87
N SER A 656 -33.72 -31.61 9.02
CA SER A 656 -33.34 -32.18 10.35
C SER A 656 -33.68 -33.68 10.40
N GLN A 657 -34.56 -34.15 9.50
CA GLN A 657 -35.00 -35.57 9.39
C GLN A 657 -34.04 -36.36 8.49
N ILE A 658 -32.96 -35.73 7.99
CA ILE A 658 -31.87 -36.42 7.24
C ILE A 658 -30.93 -37.08 8.24
N LYS A 659 -30.43 -38.28 7.92
CA LYS A 659 -29.62 -39.14 8.81
C LYS A 659 -28.13 -38.81 8.67
N ASP A 660 -27.41 -38.77 9.79
CA ASP A 660 -25.92 -38.70 9.86
C ASP A 660 -25.42 -37.55 8.99
N ALA A 661 -25.98 -36.35 9.17
CA ALA A 661 -25.66 -35.13 8.40
C ALA A 661 -26.22 -33.90 9.10
N MET A 662 -25.38 -32.88 9.34
CA MET A 662 -25.80 -31.52 9.78
C MET A 662 -26.14 -30.70 8.53
N VAL A 663 -27.42 -30.34 8.37
CA VAL A 663 -27.95 -29.59 7.19
C VAL A 663 -28.76 -28.40 7.69
N PHE A 664 -28.21 -27.19 7.58
CA PHE A 664 -28.80 -25.91 8.05
C PHE A 664 -28.96 -24.95 6.88
N ALA A 665 -30.16 -24.39 6.70
CA ALA A 665 -30.46 -23.28 5.77
C ALA A 665 -30.64 -22.00 6.60
N PHE A 666 -29.96 -20.91 6.21
CA PHE A 666 -29.87 -19.65 6.99
C PHE A 666 -29.65 -18.45 6.07
N ASN A 667 -30.10 -17.28 6.51
CA ASN A 667 -29.90 -15.96 5.84
C ASN A 667 -28.61 -15.34 6.38
N LEU A 668 -27.68 -14.95 5.49
CA LEU A 668 -26.45 -14.21 5.87
C LEU A 668 -26.84 -12.91 6.56
N PRO A 669 -26.22 -12.57 7.72
CA PRO A 669 -26.69 -11.44 8.53
C PRO A 669 -26.56 -10.08 7.83
N ALA A 670 -27.25 -9.06 8.36
CA ALA A 670 -27.16 -7.64 7.94
C ALA A 670 -25.68 -7.27 7.80
N ILE A 671 -24.87 -7.60 8.82
CA ILE A 671 -23.38 -7.55 8.80
C ILE A 671 -22.87 -8.89 9.35
N VAL A 672 -22.12 -9.64 8.53
CA VAL A 672 -21.67 -11.04 8.81
C VAL A 672 -20.72 -11.04 10.02
N GLU A 673 -19.89 -10.01 10.15
CA GLU A 673 -18.74 -9.96 11.10
C GLU A 673 -19.20 -9.50 12.49
N LEU A 674 -20.42 -8.98 12.62
CA LEU A 674 -21.05 -8.65 13.94
C LEU A 674 -21.63 -9.93 14.56
N GLY A 675 -22.17 -10.83 13.72
CA GLY A 675 -22.62 -12.18 14.12
C GLY A 675 -24.12 -12.25 14.35
N THR A 676 -24.61 -13.39 14.84
CA THR A 676 -26.05 -13.65 15.16
C THR A 676 -26.42 -12.86 16.43
N ALA A 677 -27.71 -12.56 16.59
CA ALA A 677 -28.29 -11.68 17.63
C ALA A 677 -27.50 -11.78 18.94
N THR A 678 -27.52 -12.96 19.58
CA THR A 678 -26.84 -13.25 20.88
C THR A 678 -26.12 -14.59 20.79
N GLY A 679 -25.20 -14.74 19.83
CA GLY A 679 -24.29 -15.89 19.69
C GLY A 679 -22.88 -15.52 20.13
N PHE A 680 -22.09 -16.50 20.57
CA PHE A 680 -20.68 -16.33 21.02
C PHE A 680 -19.78 -17.34 20.32
N ASP A 681 -18.52 -16.94 20.07
CA ASP A 681 -17.48 -17.76 19.39
C ASP A 681 -16.31 -17.96 20.36
N PHE A 682 -16.28 -19.12 21.02
CA PHE A 682 -15.31 -19.49 22.09
C PHE A 682 -14.18 -20.33 21.47
N GLU A 683 -12.94 -20.12 21.95
CA GLU A 683 -11.73 -20.89 21.56
C GLU A 683 -11.17 -21.59 22.80
N LEU A 684 -11.02 -22.92 22.76
CA LEU A 684 -10.40 -23.74 23.83
C LEU A 684 -8.94 -24.01 23.44
N ILE A 685 -7.99 -23.48 24.23
CA ILE A 685 -6.53 -23.41 23.89
C ILE A 685 -5.78 -24.49 24.67
N ASP A 686 -4.80 -25.13 24.02
CA ASP A 686 -3.82 -26.08 24.62
C ASP A 686 -2.57 -25.26 25.02
N GLN A 687 -2.53 -24.77 26.25
CA GLN A 687 -1.58 -23.73 26.73
C GLN A 687 -0.25 -24.35 27.15
N ALA A 688 -0.22 -25.66 27.46
CA ALA A 688 0.95 -26.36 28.05
C ALA A 688 1.34 -27.59 27.22
N GLY A 689 1.00 -27.62 25.93
CA GLY A 689 1.38 -28.68 24.97
C GLY A 689 0.96 -30.06 25.45
N LEU A 690 -0.30 -30.20 25.86
CA LEU A 690 -0.91 -31.47 26.36
C LEU A 690 -0.94 -32.50 25.21
N GLY A 691 -1.49 -32.09 24.06
CA GLY A 691 -1.74 -32.95 22.89
C GLY A 691 -3.17 -32.84 22.41
N HIS A 692 -3.50 -33.49 21.29
CA HIS A 692 -4.85 -33.46 20.67
C HIS A 692 -5.86 -34.20 21.54
N GLU A 693 -5.53 -35.43 21.94
CA GLU A 693 -6.42 -36.35 22.72
C GLU A 693 -6.88 -35.67 24.01
N LYS A 694 -5.94 -35.05 24.75
CA LYS A 694 -6.20 -34.40 26.06
C LYS A 694 -7.03 -33.13 25.87
N LEU A 695 -6.83 -32.41 24.76
CA LEU A 695 -7.63 -31.21 24.40
C LEU A 695 -9.05 -31.63 24.01
N THR A 696 -9.20 -32.78 23.33
CA THR A 696 -10.50 -33.39 22.95
C THR A 696 -11.28 -33.75 24.21
N GLN A 697 -10.64 -34.40 25.18
CA GLN A 697 -11.24 -34.80 26.48
C GLN A 697 -11.66 -33.56 27.28
N ALA A 698 -10.81 -32.53 27.30
CA ALA A 698 -11.07 -31.23 27.95
C ALA A 698 -12.30 -30.57 27.32
N ARG A 699 -12.40 -30.61 25.98
CA ARG A 699 -13.54 -30.06 25.20
C ARG A 699 -14.82 -30.82 25.57
N ASN A 700 -14.75 -32.16 25.59
CA ASN A 700 -15.89 -33.06 25.92
C ASN A 700 -16.41 -32.73 27.33
N GLN A 701 -15.49 -32.48 28.28
CA GLN A 701 -15.81 -32.10 29.68
C GLN A 701 -16.55 -30.75 29.70
N LEU A 702 -16.12 -29.80 28.87
CA LEU A 702 -16.71 -28.44 28.77
C LEU A 702 -18.10 -28.54 28.12
N LEU A 703 -18.23 -29.30 27.04
CA LEU A 703 -19.51 -29.51 26.30
C LEU A 703 -20.51 -30.26 27.18
N ALA A 704 -20.03 -31.17 28.03
CA ALA A 704 -20.83 -31.96 28.99
C ALA A 704 -21.47 -31.04 30.03
N GLU A 705 -20.67 -30.15 30.62
CA GLU A 705 -21.09 -29.19 31.69
C GLU A 705 -21.95 -28.08 31.07
N ALA A 706 -21.65 -27.66 29.84
CA ALA A 706 -22.40 -26.63 29.09
C ALA A 706 -23.82 -27.13 28.77
N ALA A 707 -23.94 -28.44 28.48
CA ALA A 707 -25.20 -29.11 28.07
C ALA A 707 -26.24 -29.04 29.20
N LYS A 708 -25.80 -29.12 30.46
CA LYS A 708 -26.68 -29.19 31.66
C LYS A 708 -26.87 -27.78 32.24
N HIS A 709 -27.00 -26.76 31.38
CA HIS A 709 -27.45 -25.39 31.71
C HIS A 709 -28.32 -24.85 30.57
N PRO A 710 -29.47 -25.50 30.26
CA PRO A 710 -30.37 -25.00 29.21
C PRO A 710 -30.97 -23.62 29.52
N ASP A 711 -31.05 -23.26 30.80
CA ASP A 711 -31.58 -21.95 31.30
C ASP A 711 -30.67 -20.80 30.85
N MET A 712 -29.36 -21.05 30.68
CA MET A 712 -28.34 -20.02 30.36
C MET A 712 -27.81 -20.22 28.93
N LEU A 713 -27.26 -21.40 28.62
CA LEU A 713 -26.60 -21.72 27.33
C LEU A 713 -27.53 -22.56 26.45
N THR A 714 -27.40 -22.43 25.12
CA THR A 714 -28.20 -23.17 24.10
C THR A 714 -27.27 -23.60 22.95
N SER A 715 -27.52 -24.79 22.39
CA SER A 715 -26.84 -25.38 21.21
C SER A 715 -25.34 -25.06 21.23
N VAL A 716 -24.64 -25.47 22.30
CA VAL A 716 -23.15 -25.35 22.43
C VAL A 716 -22.53 -26.60 21.79
N ARG A 717 -21.67 -26.40 20.78
CA ARG A 717 -21.10 -27.49 19.94
C ARG A 717 -19.78 -27.04 19.34
N PRO A 718 -18.89 -27.99 18.94
CA PRO A 718 -17.64 -27.63 18.27
C PRO A 718 -17.86 -27.30 16.78
N ASN A 719 -16.96 -26.50 16.21
CA ASN A 719 -17.00 -26.08 14.78
C ASN A 719 -16.18 -27.05 13.93
N GLY A 720 -15.19 -27.74 14.54
CA GLY A 720 -14.32 -28.72 13.86
C GLY A 720 -14.98 -30.08 13.73
N LEU A 721 -14.26 -31.03 13.12
CA LEU A 721 -14.74 -32.43 12.87
C LEU A 721 -14.17 -33.36 13.95
N GLU A 722 -14.83 -34.49 14.19
CA GLU A 722 -14.42 -35.52 15.18
C GLU A 722 -13.38 -36.44 14.54
N ASP A 723 -12.62 -37.17 15.35
CA ASP A 723 -11.54 -38.09 14.91
C ASP A 723 -12.14 -39.27 14.15
N THR A 724 -11.39 -39.85 13.22
CA THR A 724 -11.82 -40.97 12.34
C THR A 724 -10.74 -42.06 12.34
N PRO A 725 -11.10 -43.32 12.00
CA PRO A 725 -10.10 -44.37 11.77
C PRO A 725 -9.13 -43.98 10.65
N GLN A 726 -7.83 -44.26 10.84
CA GLN A 726 -6.76 -44.00 9.84
C GLN A 726 -5.79 -45.20 9.82
N PHE A 727 -5.29 -45.55 8.64
CA PHE A 727 -4.43 -46.73 8.37
C PHE A 727 -2.97 -46.38 8.65
N LYS A 728 -2.43 -46.88 9.77
CA LYS A 728 -1.03 -46.62 10.23
C LYS A 728 -0.10 -47.69 9.65
N ILE A 729 0.74 -47.33 8.68
CA ILE A 729 1.83 -48.18 8.13
C ILE A 729 3.12 -47.89 8.90
N ASP A 730 3.94 -48.92 9.13
CA ASP A 730 5.27 -48.81 9.79
C ASP A 730 6.32 -49.48 8.89
N ILE A 731 7.19 -48.68 8.27
CA ILE A 731 8.30 -49.15 7.38
C ILE A 731 9.44 -49.62 8.29
N ASP A 732 9.64 -50.95 8.39
CA ASP A 732 10.72 -51.58 9.20
C ASP A 732 12.07 -51.27 8.53
N GLN A 733 12.87 -50.41 9.16
CA GLN A 733 14.12 -49.84 8.59
C GLN A 733 15.16 -50.95 8.39
N GLU A 734 15.31 -51.84 9.38
CA GLU A 734 16.29 -52.96 9.34
C GLU A 734 15.99 -53.88 8.16
N LYS A 735 14.74 -54.32 8.03
CA LYS A 735 14.27 -55.25 6.97
C LYS A 735 14.51 -54.64 5.59
N ALA A 736 14.23 -53.34 5.44
CA ALA A 736 14.42 -52.57 4.20
C ALA A 736 15.90 -52.56 3.80
N GLN A 737 16.79 -52.27 4.76
CA GLN A 737 18.27 -52.22 4.55
C GLN A 737 18.79 -53.63 4.25
N ALA A 738 18.19 -54.66 4.86
CA ALA A 738 18.56 -56.10 4.69
C ALA A 738 18.27 -56.52 3.24
N LEU A 739 17.05 -56.28 2.77
CA LEU A 739 16.60 -56.61 1.38
C LEU A 739 17.26 -55.66 0.38
N GLY A 740 17.70 -54.48 0.85
CA GLY A 740 18.45 -53.49 0.04
C GLY A 740 17.53 -52.61 -0.78
N VAL A 741 16.43 -52.14 -0.17
CA VAL A 741 15.44 -51.20 -0.79
C VAL A 741 15.63 -49.82 -0.15
N SER A 742 15.64 -48.77 -0.99
CA SER A 742 15.76 -47.35 -0.56
C SER A 742 14.46 -46.91 0.12
N ILE A 743 14.56 -46.10 1.19
CA ILE A 743 13.40 -45.55 1.94
C ILE A 743 12.71 -44.50 1.05
N ASN A 744 13.48 -43.81 0.21
CA ASN A 744 12.97 -42.84 -0.81
C ASN A 744 12.06 -43.59 -1.79
N ASP A 745 12.53 -44.71 -2.35
CA ASP A 745 11.79 -45.55 -3.33
C ASP A 745 10.49 -46.04 -2.70
N ILE A 746 10.51 -46.38 -1.41
CA ILE A 746 9.32 -46.87 -0.64
C ILE A 746 8.30 -45.71 -0.52
N ASN A 747 8.69 -44.62 0.13
CA ASN A 747 7.82 -43.46 0.46
C ASN A 747 7.28 -42.82 -0.84
N THR A 748 8.09 -42.81 -1.91
CA THR A 748 7.72 -42.29 -3.25
C THR A 748 6.64 -43.20 -3.87
N THR A 749 6.84 -44.53 -3.79
CA THR A 749 5.91 -45.56 -4.32
C THR A 749 4.57 -45.49 -3.56
N LEU A 750 4.62 -45.39 -2.22
CA LEU A 750 3.43 -45.23 -1.35
C LEU A 750 2.77 -43.88 -1.66
N GLY A 751 3.54 -42.80 -1.59
CA GLY A 751 3.09 -41.41 -1.75
C GLY A 751 2.46 -41.15 -3.10
N ALA A 752 3.17 -41.47 -4.19
CA ALA A 752 2.74 -41.24 -5.59
C ALA A 752 1.44 -42.01 -5.87
N ALA A 753 1.46 -43.33 -5.64
CA ALA A 753 0.36 -44.28 -5.95
C ALA A 753 -0.92 -43.89 -5.20
N TRP A 754 -0.85 -43.85 -3.86
CA TRP A 754 -2.03 -43.71 -2.96
C TRP A 754 -2.43 -42.24 -2.77
N GLY A 755 -1.46 -41.31 -2.85
CA GLY A 755 -1.66 -39.88 -2.60
C GLY A 755 -1.77 -39.07 -3.88
N GLY A 756 -0.81 -39.26 -4.80
CA GLY A 756 -0.66 -38.45 -6.04
C GLY A 756 0.64 -37.68 -6.03
N SER A 757 1.20 -37.43 -7.23
CA SER A 757 2.51 -36.75 -7.41
C SER A 757 2.48 -35.82 -8.63
N TYR A 758 2.51 -34.51 -8.41
CA TYR A 758 2.68 -33.46 -9.44
C TYR A 758 4.12 -33.50 -9.97
N VAL A 759 4.34 -34.21 -11.08
CA VAL A 759 5.69 -34.50 -11.66
C VAL A 759 6.24 -33.22 -12.30
N ASN A 760 5.63 -32.78 -13.40
CA ASN A 760 6.06 -31.59 -14.18
C ASN A 760 4.84 -31.02 -14.92
N ASP A 761 5.05 -30.06 -15.84
CA ASP A 761 3.98 -29.39 -16.63
C ASP A 761 3.93 -29.97 -18.04
N PHE A 762 2.79 -29.79 -18.72
CA PHE A 762 2.57 -30.10 -20.15
C PHE A 762 1.65 -29.02 -20.74
N ILE A 763 1.47 -29.01 -22.06
CA ILE A 763 0.71 -27.94 -22.80
C ILE A 763 -0.54 -28.54 -23.43
N ASP A 764 -1.71 -28.25 -22.84
CA ASP A 764 -3.05 -28.70 -23.31
C ASP A 764 -3.72 -27.56 -24.10
N ARG A 765 -3.73 -27.68 -25.43
CA ARG A 765 -4.26 -26.65 -26.37
C ARG A 765 -3.62 -25.29 -26.04
N GLY A 766 -2.29 -25.24 -26.03
CA GLY A 766 -1.49 -23.99 -25.89
C GLY A 766 -1.65 -23.33 -24.53
N ARG A 767 -1.88 -24.11 -23.46
CA ARG A 767 -1.96 -23.62 -22.06
C ARG A 767 -1.18 -24.58 -21.14
N VAL A 768 -0.36 -24.02 -20.25
CA VAL A 768 0.44 -24.77 -19.23
C VAL A 768 -0.53 -25.39 -18.21
N LYS A 769 -0.55 -26.72 -18.12
CA LYS A 769 -1.34 -27.50 -17.13
C LYS A 769 -0.42 -28.55 -16.49
N LYS A 770 -0.89 -29.21 -15.44
CA LYS A 770 -0.07 -30.10 -14.56
C LYS A 770 -0.08 -31.53 -15.10
N VAL A 771 0.92 -32.33 -14.70
CA VAL A 771 1.03 -33.80 -14.96
C VAL A 771 1.06 -34.52 -13.61
N TYR A 772 0.00 -35.28 -13.31
CA TYR A 772 -0.16 -36.03 -12.04
C TYR A 772 -0.01 -37.54 -12.31
N VAL A 773 0.92 -38.19 -11.60
CA VAL A 773 1.12 -39.66 -11.61
C VAL A 773 0.50 -40.21 -10.31
N MET A 774 -0.46 -41.12 -10.43
CA MET A 774 -1.23 -41.71 -9.30
C MET A 774 -1.75 -43.09 -9.69
N SER A 775 -2.04 -43.94 -8.72
CA SER A 775 -2.64 -45.29 -8.90
C SER A 775 -4.04 -45.16 -9.50
N GLU A 776 -4.41 -46.06 -10.43
CA GLU A 776 -5.80 -46.22 -10.93
C GLU A 776 -6.67 -46.61 -9.74
N ALA A 777 -7.80 -45.92 -9.56
CA ALA A 777 -8.69 -45.98 -8.38
C ALA A 777 -8.72 -47.38 -7.77
N LYS A 778 -8.93 -48.41 -8.59
CA LYS A 778 -9.28 -49.81 -8.17
C LYS A 778 -8.12 -50.48 -7.40
N TYR A 779 -6.90 -49.93 -7.47
CA TYR A 779 -5.70 -50.49 -6.80
C TYR A 779 -5.30 -49.65 -5.58
N ARG A 780 -6.21 -48.80 -5.07
CA ARG A 780 -5.98 -47.97 -3.85
C ARG A 780 -7.30 -47.76 -3.11
N MET A 781 -8.15 -48.80 -3.05
CA MET A 781 -9.46 -48.78 -2.35
C MET A 781 -9.37 -49.57 -1.05
N LEU A 782 -8.86 -50.81 -1.11
CA LEU A 782 -8.86 -51.79 0.01
C LEU A 782 -7.50 -51.79 0.72
N PRO A 783 -7.46 -52.09 2.03
CA PRO A 783 -6.20 -52.27 2.75
C PRO A 783 -5.27 -53.34 2.17
N ASP A 784 -5.82 -54.41 1.59
CA ASP A 784 -5.07 -55.56 1.01
C ASP A 784 -4.30 -55.11 -0.24
N ASP A 785 -4.71 -54.02 -0.88
CA ASP A 785 -4.09 -53.49 -2.13
C ASP A 785 -2.68 -52.95 -1.84
N ILE A 786 -2.36 -52.67 -0.56
CA ILE A 786 -1.02 -52.20 -0.11
C ILE A 786 0.05 -53.22 -0.56
N GLY A 787 -0.23 -54.52 -0.35
CA GLY A 787 0.70 -55.63 -0.63
C GLY A 787 0.92 -55.86 -2.12
N ASP A 788 0.01 -55.36 -2.97
CA ASP A 788 0.05 -55.54 -4.45
C ASP A 788 1.15 -54.67 -5.06
N TRP A 789 1.63 -53.66 -4.33
CA TRP A 789 2.67 -52.69 -4.79
C TRP A 789 4.07 -53.25 -4.52
N TYR A 790 4.94 -53.27 -5.54
CA TYR A 790 6.32 -53.80 -5.50
C TYR A 790 7.32 -52.64 -5.71
N VAL A 791 8.45 -52.71 -5.00
CA VAL A 791 9.59 -51.74 -5.10
C VAL A 791 10.87 -52.53 -5.43
N ARG A 792 11.59 -52.11 -6.47
CA ARG A 792 12.84 -52.75 -6.93
C ARG A 792 13.97 -52.41 -5.95
N ALA A 793 14.70 -53.43 -5.49
CA ALA A 793 15.86 -53.31 -4.58
C ALA A 793 17.13 -53.04 -5.39
N ALA A 794 18.27 -52.85 -4.72
CA ALA A 794 19.60 -52.56 -5.32
C ALA A 794 20.07 -53.74 -6.18
N ASP A 795 19.67 -54.97 -5.82
CA ASP A 795 20.06 -56.22 -6.51
C ASP A 795 19.13 -56.49 -7.70
N GLY A 796 18.11 -55.65 -7.91
CA GLY A 796 17.22 -55.68 -9.08
C GLY A 796 15.99 -56.56 -8.88
N GLN A 797 15.80 -57.08 -7.66
CA GLN A 797 14.64 -57.95 -7.29
C GLN A 797 13.46 -57.09 -6.84
N MET A 798 12.25 -57.42 -7.29
CA MET A 798 10.99 -56.74 -6.91
C MET A 798 10.52 -57.28 -5.55
N VAL A 799 10.26 -56.38 -4.60
CA VAL A 799 9.88 -56.71 -3.19
C VAL A 799 8.53 -56.06 -2.89
N PRO A 800 7.53 -56.83 -2.39
CA PRO A 800 6.24 -56.26 -2.03
C PRO A 800 6.30 -55.52 -0.69
N PHE A 801 5.39 -54.57 -0.46
CA PHE A 801 5.26 -53.77 0.78
C PHE A 801 5.08 -54.71 1.99
N SER A 802 4.35 -55.82 1.79
CA SER A 802 4.05 -56.85 2.81
C SER A 802 5.33 -57.45 3.41
N ALA A 803 6.45 -57.38 2.68
CA ALA A 803 7.76 -57.97 3.06
C ALA A 803 8.45 -57.11 4.14
N PHE A 804 8.35 -55.78 4.05
CA PHE A 804 9.18 -54.82 4.84
C PHE A 804 8.33 -53.78 5.57
N SER A 805 7.05 -54.07 5.84
CA SER A 805 6.14 -53.13 6.56
C SER A 805 5.04 -53.89 7.31
N SER A 806 4.59 -53.33 8.44
CA SER A 806 3.40 -53.75 9.21
C SER A 806 2.33 -52.64 9.13
N SER A 807 1.10 -52.95 9.53
CA SER A 807 -0.05 -52.00 9.51
C SER A 807 -1.04 -52.34 10.64
N ARG A 808 -1.71 -51.31 11.17
CA ARG A 808 -2.74 -51.41 12.24
C ARG A 808 -3.68 -50.20 12.15
N TRP A 809 -4.91 -50.35 12.66
CA TRP A 809 -5.94 -49.28 12.69
C TRP A 809 -5.77 -48.44 13.97
N GLU A 810 -5.86 -47.11 13.83
CA GLU A 810 -5.85 -46.14 14.96
C GLU A 810 -6.77 -44.96 14.61
N TYR A 811 -6.94 -44.02 15.54
CA TYR A 811 -7.80 -42.82 15.41
C TYR A 811 -6.92 -41.56 15.40
N GLY A 812 -7.19 -40.64 14.46
CA GLY A 812 -6.49 -39.35 14.32
C GLY A 812 -7.40 -38.29 13.73
N SER A 813 -7.06 -37.01 13.94
CA SER A 813 -7.89 -35.83 13.59
C SER A 813 -7.88 -35.60 12.08
N PRO A 814 -9.07 -35.44 11.44
CA PRO A 814 -9.14 -35.09 10.02
C PRO A 814 -8.94 -33.58 9.78
N ARG A 815 -9.03 -32.76 10.83
CA ARG A 815 -8.75 -31.30 10.79
C ARG A 815 -8.26 -30.81 12.16
N LEU A 816 -7.01 -30.33 12.22
CA LEU A 816 -6.36 -29.78 13.44
C LEU A 816 -6.47 -28.23 13.42
N GLU A 817 -7.14 -27.67 14.42
CA GLU A 817 -7.34 -26.20 14.60
C GLU A 817 -6.19 -25.65 15.45
N ARG A 818 -5.78 -24.39 15.19
CA ARG A 818 -4.76 -23.64 15.98
C ARG A 818 -5.18 -22.17 16.07
N TYR A 819 -5.14 -21.59 17.27
CA TYR A 819 -5.49 -20.18 17.55
C TYR A 819 -4.32 -19.49 18.25
N ASN A 820 -3.79 -18.41 17.63
CA ASN A 820 -2.61 -17.63 18.10
C ASN A 820 -1.40 -18.57 18.20
N GLY A 821 -1.21 -19.44 17.21
CA GLY A 821 -0.02 -20.31 17.05
C GLY A 821 0.02 -21.47 18.03
N LEU A 822 -1.07 -21.73 18.76
CA LEU A 822 -1.20 -22.85 19.73
C LEU A 822 -2.38 -23.73 19.34
N PRO A 823 -2.35 -25.05 19.64
CA PRO A 823 -3.48 -25.92 19.32
C PRO A 823 -4.78 -25.45 20.01
N SER A 824 -5.85 -25.29 19.23
CA SER A 824 -7.17 -24.76 19.69
C SER A 824 -8.30 -25.69 19.24
N MET A 825 -9.51 -25.42 19.73
CA MET A 825 -10.78 -26.09 19.30
C MET A 825 -11.94 -25.10 19.44
N GLU A 826 -12.43 -24.58 18.32
CA GLU A 826 -13.50 -23.54 18.24
C GLU A 826 -14.83 -24.16 18.69
N ILE A 827 -15.48 -23.53 19.68
CA ILE A 827 -16.83 -23.91 20.20
C ILE A 827 -17.79 -22.73 19.96
N LEU A 828 -18.88 -22.98 19.22
CA LEU A 828 -19.96 -22.00 18.95
C LEU A 828 -21.13 -22.28 19.91
N GLY A 829 -21.86 -21.24 20.31
CA GLY A 829 -22.99 -21.35 21.24
C GLY A 829 -23.82 -20.07 21.28
N GLN A 830 -25.06 -20.17 21.79
CA GLN A 830 -26.05 -19.06 21.85
C GLN A 830 -26.52 -18.88 23.30
N ALA A 831 -26.80 -17.64 23.69
CA ALA A 831 -27.44 -17.28 24.98
C ALA A 831 -28.91 -17.70 24.94
N ALA A 832 -29.37 -18.44 25.95
CA ALA A 832 -30.75 -19.00 26.05
C ALA A 832 -31.77 -17.87 26.04
N PRO A 833 -33.02 -18.13 25.57
CA PRO A 833 -34.02 -17.07 25.43
C PRO A 833 -34.20 -16.22 26.70
N GLY A 834 -34.10 -14.90 26.55
CA GLY A 834 -34.24 -13.93 27.66
C GLY A 834 -32.89 -13.51 28.23
N LYS A 835 -31.91 -14.42 28.22
CA LYS A 835 -30.54 -14.19 28.77
C LYS A 835 -29.69 -13.44 27.74
N SER A 836 -28.90 -12.46 28.19
CA SER A 836 -27.98 -11.64 27.35
C SER A 836 -26.70 -12.44 27.04
N THR A 837 -25.93 -12.00 26.05
CA THR A 837 -24.66 -12.62 25.59
C THR A 837 -23.60 -12.52 26.70
N GLY A 838 -23.52 -11.36 27.36
CA GLY A 838 -22.53 -11.07 28.41
C GLY A 838 -22.55 -12.10 29.53
N GLU A 839 -23.72 -12.33 30.13
CA GLU A 839 -23.91 -13.26 31.28
C GLU A 839 -23.79 -14.72 30.81
N ALA A 840 -24.10 -14.99 29.53
CA ALA A 840 -23.94 -16.32 28.90
C ALA A 840 -22.44 -16.67 28.83
N MET A 841 -21.62 -15.72 28.34
CA MET A 841 -20.14 -15.85 28.22
C MET A 841 -19.52 -16.02 29.61
N GLU A 842 -20.05 -15.33 30.63
CA GLU A 842 -19.56 -15.36 32.03
C GLU A 842 -19.52 -16.81 32.55
N LEU A 843 -20.57 -17.60 32.25
CA LEU A 843 -20.69 -19.01 32.69
C LEU A 843 -19.64 -19.87 31.98
N MET A 844 -19.48 -19.69 30.66
CA MET A 844 -18.48 -20.42 29.83
C MET A 844 -17.08 -20.19 30.38
N GLU A 845 -16.77 -18.96 30.81
CA GLU A 845 -15.48 -18.59 31.45
C GLU A 845 -15.31 -19.35 32.77
N GLN A 846 -16.37 -19.39 33.59
CA GLN A 846 -16.40 -20.09 34.91
C GLN A 846 -16.22 -21.59 34.70
N LEU A 847 -16.96 -22.17 33.74
CA LEU A 847 -16.89 -23.62 33.38
C LEU A 847 -15.49 -23.96 32.85
N ALA A 848 -14.88 -23.04 32.10
CA ALA A 848 -13.54 -23.20 31.47
C ALA A 848 -12.46 -23.29 32.56
N SER A 849 -12.65 -22.61 33.69
CA SER A 849 -11.70 -22.58 34.83
C SER A 849 -11.72 -23.92 35.59
N LYS A 850 -12.81 -24.69 35.43
CA LYS A 850 -13.00 -26.02 36.10
C LYS A 850 -12.15 -27.08 35.37
N LEU A 851 -11.76 -26.82 34.12
CA LEU A 851 -11.14 -27.81 33.20
C LEU A 851 -9.76 -28.21 33.69
N PRO A 852 -9.19 -29.35 33.22
CA PRO A 852 -7.87 -29.81 33.63
C PRO A 852 -6.73 -28.81 33.38
N THR A 853 -5.56 -29.08 33.96
CA THR A 853 -4.34 -28.23 33.91
C THR A 853 -3.82 -28.14 32.47
N GLY A 854 -3.29 -26.97 32.09
CA GLY A 854 -2.69 -26.72 30.76
C GLY A 854 -3.73 -26.31 29.72
N VAL A 855 -5.01 -26.21 30.12
CA VAL A 855 -6.16 -25.89 29.22
C VAL A 855 -6.67 -24.49 29.57
N GLY A 856 -6.43 -23.52 28.68
CA GLY A 856 -6.94 -22.14 28.77
C GLY A 856 -8.04 -21.89 27.74
N TYR A 857 -8.34 -20.62 27.46
CA TYR A 857 -9.39 -20.20 26.49
C TYR A 857 -9.13 -18.77 26.02
N ASP A 858 -9.94 -18.31 25.06
CA ASP A 858 -9.94 -16.92 24.52
C ASP A 858 -11.22 -16.72 23.69
N TRP A 859 -11.59 -15.46 23.44
CA TRP A 859 -12.77 -15.07 22.61
C TRP A 859 -12.29 -14.53 21.27
N THR A 860 -12.95 -14.94 20.17
CA THR A 860 -12.59 -14.60 18.77
C THR A 860 -13.83 -14.10 18.02
N GLY A 861 -13.63 -13.47 16.86
CA GLY A 861 -14.69 -13.02 15.94
C GLY A 861 -15.66 -12.05 16.61
N MET A 862 -16.94 -12.42 16.67
CA MET A 862 -18.04 -11.57 17.21
C MET A 862 -17.88 -11.39 18.73
N SER A 863 -17.34 -12.39 19.42
CA SER A 863 -17.10 -12.39 20.89
C SER A 863 -15.96 -11.43 21.26
N TYR A 864 -14.96 -11.31 20.38
CA TYR A 864 -13.80 -10.39 20.55
C TYR A 864 -14.28 -8.94 20.52
N GLN A 865 -15.19 -8.62 19.60
CA GLN A 865 -15.74 -7.25 19.37
C GLN A 865 -16.59 -6.82 20.58
N GLU A 866 -17.25 -7.78 21.23
CA GLU A 866 -18.24 -7.57 22.33
C GLU A 866 -17.55 -6.96 23.56
N ARG A 867 -16.39 -7.49 23.96
CA ARG A 867 -15.75 -7.26 25.28
C ARG A 867 -15.26 -5.81 25.40
N LEU A 868 -14.20 -5.45 24.67
CA LEU A 868 -13.56 -4.09 24.73
C LEU A 868 -14.51 -3.07 24.09
N SER A 869 -15.01 -2.12 24.91
CA SER A 869 -15.98 -1.05 24.55
C SER A 869 -17.39 -1.64 24.40
N GLY A 870 -18.41 -0.88 24.81
CA GLY A 870 -19.83 -1.28 24.76
C GLY A 870 -20.70 -0.44 25.68
N ASN A 871 -21.91 -0.11 25.24
CA ASN A 871 -22.91 0.71 26.00
C ASN A 871 -22.36 2.14 26.15
N GLN A 872 -22.60 2.99 25.15
CA GLN A 872 -22.10 4.39 25.08
C GLN A 872 -23.26 5.37 24.83
N ALA A 873 -24.52 4.90 24.90
CA ALA A 873 -25.74 5.68 24.61
C ALA A 873 -26.00 6.68 25.74
N PRO A 874 -25.97 6.27 27.03
CA PRO A 874 -26.17 7.22 28.14
C PRO A 874 -25.21 8.42 28.10
N SER A 875 -23.92 8.16 27.83
CA SER A 875 -22.81 9.15 27.85
C SER A 875 -23.03 10.23 26.79
N LEU A 876 -23.32 9.83 25.55
CA LEU A 876 -23.35 10.73 24.36
C LEU A 876 -24.68 11.49 24.29
N TYR A 877 -25.78 10.91 24.79
CA TYR A 877 -27.13 11.54 24.80
C TYR A 877 -27.31 12.38 26.06
N ALA A 878 -26.46 12.19 27.07
CA ALA A 878 -26.42 13.03 28.31
C ALA A 878 -25.90 14.42 27.95
N ILE A 879 -24.76 14.50 27.25
CA ILE A 879 -24.12 15.78 26.83
C ILE A 879 -24.95 16.41 25.72
N SER A 880 -25.63 15.59 24.91
CA SER A 880 -26.54 16.03 23.80
C SER A 880 -27.62 16.97 24.36
N LEU A 881 -28.30 16.54 25.44
CA LEU A 881 -29.37 17.32 26.13
C LEU A 881 -28.75 18.57 26.75
N ILE A 882 -27.57 18.43 27.37
CA ILE A 882 -26.83 19.53 28.06
C ILE A 882 -26.45 20.62 27.04
N VAL A 883 -25.89 20.22 25.89
CA VAL A 883 -25.45 21.17 24.82
C VAL A 883 -26.69 21.83 24.19
N VAL A 884 -27.79 21.07 24.05
CA VAL A 884 -29.10 21.59 23.55
C VAL A 884 -29.63 22.64 24.56
N PHE A 885 -29.61 22.30 25.85
CA PHE A 885 -29.99 23.21 26.97
C PHE A 885 -29.19 24.51 26.87
N LEU A 886 -27.86 24.39 26.72
CA LEU A 886 -26.91 25.52 26.65
C LEU A 886 -27.23 26.40 25.44
N CYS A 887 -27.41 25.80 24.26
CA CYS A 887 -27.72 26.50 22.99
C CYS A 887 -29.06 27.22 23.10
N LEU A 888 -30.05 26.61 23.77
CA LEU A 888 -31.40 27.21 24.01
C LEU A 888 -31.28 28.37 25.02
N ALA A 889 -30.40 28.23 26.01
CA ALA A 889 -30.13 29.26 27.05
C ALA A 889 -29.59 30.53 26.39
N ALA A 890 -28.75 30.38 25.36
CA ALA A 890 -28.14 31.48 24.58
C ALA A 890 -29.22 32.13 23.68
N LEU A 891 -30.07 31.31 23.06
CA LEU A 891 -31.11 31.73 22.08
C LEU A 891 -32.09 32.71 22.74
N TYR A 892 -32.52 32.41 23.97
CA TYR A 892 -33.53 33.18 24.73
C TYR A 892 -32.87 34.12 25.74
N GLU A 893 -31.59 33.92 26.04
CA GLU A 893 -30.82 34.68 27.07
C GLU A 893 -31.52 34.48 28.42
N SER A 894 -31.68 33.23 28.85
CA SER A 894 -32.32 32.81 30.11
C SER A 894 -32.02 31.33 30.38
N TRP A 895 -31.69 30.97 31.63
CA TRP A 895 -31.36 29.59 32.05
C TRP A 895 -32.64 28.76 32.20
N SER A 896 -33.78 29.40 32.45
CA SER A 896 -35.07 28.76 32.83
C SER A 896 -35.94 28.49 31.59
N ILE A 897 -36.00 29.44 30.66
CA ILE A 897 -36.93 29.44 29.48
C ILE A 897 -36.69 28.18 28.63
N PRO A 898 -35.44 27.75 28.37
CA PRO A 898 -35.18 26.54 27.60
C PRO A 898 -36.06 25.33 27.96
N PHE A 899 -36.31 25.10 29.26
CA PHE A 899 -37.09 23.96 29.80
C PHE A 899 -38.45 23.84 29.10
N SER A 900 -39.06 24.98 28.74
CA SER A 900 -40.37 25.05 28.03
C SER A 900 -40.29 24.32 26.69
N VAL A 901 -39.11 24.34 26.04
CA VAL A 901 -38.84 23.65 24.75
C VAL A 901 -38.53 22.17 25.01
N MET A 902 -37.72 21.88 26.04
CA MET A 902 -37.10 20.55 26.29
C MET A 902 -38.14 19.55 26.82
N LEU A 903 -39.33 20.00 27.21
CA LEU A 903 -40.41 19.15 27.79
C LEU A 903 -41.30 18.57 26.68
N VAL A 904 -40.99 18.81 25.40
CA VAL A 904 -41.76 18.28 24.23
C VAL A 904 -41.09 17.02 23.69
N VAL A 905 -39.98 16.59 24.29
CA VAL A 905 -39.22 15.36 23.87
C VAL A 905 -40.10 14.13 24.08
N PRO A 906 -40.71 13.94 25.28
CA PRO A 906 -41.58 12.78 25.52
C PRO A 906 -42.85 12.72 24.67
N LEU A 907 -43.29 13.86 24.11
CA LEU A 907 -44.53 13.98 23.29
C LEU A 907 -44.31 13.29 21.94
N GLY A 908 -43.07 13.26 21.46
CA GLY A 908 -42.67 12.57 20.21
C GLY A 908 -42.32 11.11 20.44
N VAL A 909 -41.70 10.80 21.58
CA VAL A 909 -41.20 9.44 21.92
C VAL A 909 -42.38 8.49 22.16
N ILE A 910 -43.42 8.95 22.85
CA ILE A 910 -44.61 8.15 23.24
C ILE A 910 -45.29 7.60 21.98
N GLY A 911 -45.41 8.41 20.92
CA GLY A 911 -46.04 8.02 19.64
C GLY A 911 -45.22 6.98 18.91
N ALA A 912 -43.89 7.14 18.90
CA ALA A 912 -42.93 6.22 18.25
C ALA A 912 -42.95 4.87 18.96
N LEU A 913 -42.82 4.86 20.29
CA LEU A 913 -42.81 3.64 21.14
C LEU A 913 -44.15 2.89 21.00
N LEU A 914 -45.26 3.62 20.89
CA LEU A 914 -46.62 3.04 20.68
C LEU A 914 -46.66 2.34 19.32
N ALA A 915 -46.36 3.08 18.24
CA ALA A 915 -46.41 2.61 16.83
C ALA A 915 -45.44 1.44 16.62
N ALA A 916 -44.27 1.47 17.27
CA ALA A 916 -43.22 0.42 17.21
C ALA A 916 -43.74 -0.87 17.84
N THR A 917 -44.17 -0.78 19.11
CA THR A 917 -44.71 -1.92 19.92
C THR A 917 -45.98 -2.47 19.26
N PHE A 918 -46.85 -1.58 18.76
CA PHE A 918 -48.16 -1.91 18.14
C PHE A 918 -47.95 -2.74 16.88
N ARG A 919 -46.94 -2.41 16.07
CA ARG A 919 -46.63 -3.08 14.78
C ARG A 919 -45.76 -4.33 15.01
N GLY A 920 -45.12 -4.43 16.18
CA GLY A 920 -44.24 -5.56 16.54
C GLY A 920 -42.82 -5.34 16.04
N LEU A 921 -42.34 -4.09 16.10
CA LEU A 921 -40.98 -3.68 15.67
C LEU A 921 -40.06 -3.62 16.91
N THR A 922 -38.80 -3.20 16.72
CA THR A 922 -37.72 -3.24 17.73
C THR A 922 -37.06 -1.86 17.84
N ASN A 923 -36.37 -1.60 18.96
CA ASN A 923 -35.58 -0.36 19.21
C ASN A 923 -34.22 -0.52 18.51
N ASP A 924 -34.21 -0.30 17.18
CA ASP A 924 -33.03 -0.53 16.30
C ASP A 924 -32.53 0.81 15.76
N VAL A 925 -31.44 0.79 14.97
CA VAL A 925 -30.77 1.98 14.37
C VAL A 925 -31.83 2.85 13.68
N TYR A 926 -32.63 2.25 12.80
CA TYR A 926 -33.63 2.93 11.93
C TYR A 926 -34.70 3.63 12.77
N PHE A 927 -35.06 3.05 13.93
CA PHE A 927 -36.06 3.60 14.88
C PHE A 927 -35.49 4.82 15.60
N GLN A 928 -34.23 4.74 16.05
CA GLN A 928 -33.53 5.78 16.86
C GLN A 928 -33.39 7.07 16.04
N VAL A 929 -32.85 6.98 14.83
CA VAL A 929 -32.62 8.15 13.91
C VAL A 929 -33.97 8.74 13.51
N GLY A 930 -34.99 7.89 13.32
CA GLY A 930 -36.38 8.30 13.04
C GLY A 930 -36.98 9.06 14.22
N LEU A 931 -36.55 8.76 15.44
CA LEU A 931 -37.00 9.41 16.69
C LEU A 931 -36.34 10.78 16.84
N LEU A 932 -35.05 10.88 16.57
CA LEU A 932 -34.25 12.15 16.66
C LEU A 932 -34.81 13.17 15.66
N THR A 933 -35.26 12.71 14.49
CA THR A 933 -35.91 13.54 13.44
C THR A 933 -37.24 14.08 14.00
N THR A 934 -38.00 13.25 14.72
CA THR A 934 -39.29 13.61 15.36
C THR A 934 -39.04 14.58 16.53
N ILE A 935 -38.07 14.28 17.39
CA ILE A 935 -37.64 15.14 18.54
C ILE A 935 -37.18 16.49 17.98
N GLY A 936 -36.46 16.48 16.86
CA GLY A 936 -35.93 17.68 16.19
C GLY A 936 -37.03 18.67 15.83
N LEU A 937 -38.00 18.24 15.01
CA LEU A 937 -39.12 19.08 14.52
C LEU A 937 -40.02 19.49 15.68
N SER A 938 -40.38 18.55 16.57
CA SER A 938 -41.24 18.77 17.76
C SER A 938 -40.61 19.82 18.67
N ALA A 939 -39.27 19.85 18.75
CA ALA A 939 -38.47 20.85 19.49
C ALA A 939 -38.40 22.16 18.70
N LYS A 940 -38.15 22.07 17.38
CA LYS A 940 -38.03 23.23 16.46
C LYS A 940 -39.32 24.05 16.49
N ASN A 941 -40.48 23.39 16.42
CA ASN A 941 -41.82 24.03 16.46
C ASN A 941 -42.06 24.63 17.85
N ALA A 942 -41.58 23.97 18.90
CA ALA A 942 -41.67 24.42 20.31
C ALA A 942 -40.79 25.65 20.54
N ILE A 943 -39.64 25.73 19.84
CA ILE A 943 -38.68 26.86 19.92
C ILE A 943 -39.36 28.13 19.37
N LEU A 944 -40.05 28.02 18.23
CA LEU A 944 -40.67 29.15 17.49
C LEU A 944 -41.89 29.68 18.24
N ILE A 945 -42.65 28.82 18.91
CA ILE A 945 -43.84 29.19 19.73
C ILE A 945 -43.39 30.08 20.90
N VAL A 946 -42.32 29.65 21.60
CA VAL A 946 -41.73 30.37 22.77
C VAL A 946 -41.05 31.66 22.28
N GLU A 947 -40.37 31.60 21.13
CA GLU A 947 -39.65 32.73 20.49
C GLU A 947 -40.62 33.89 20.24
N PHE A 948 -41.76 33.60 19.58
CA PHE A 948 -42.84 34.58 19.27
C PHE A 948 -43.45 35.09 20.58
N ALA A 949 -43.82 34.18 21.48
CA ALA A 949 -44.44 34.47 22.80
C ALA A 949 -43.54 35.44 23.59
N LYS A 950 -42.23 35.15 23.65
CA LYS A 950 -41.21 35.98 24.35
C LYS A 950 -41.06 37.33 23.64
N ASP A 951 -41.05 37.34 22.31
CA ASP A 951 -40.91 38.56 21.48
C ASP A 951 -42.14 39.46 21.68
N LEU A 952 -43.34 38.88 21.69
CA LEU A 952 -44.62 39.62 21.92
C LEU A 952 -44.65 40.18 23.34
N MET A 953 -43.99 39.53 24.29
CA MET A 953 -43.88 40.00 25.71
C MET A 953 -42.83 41.11 25.80
N ASP A 954 -41.70 40.97 25.10
CA ASP A 954 -40.56 41.92 25.13
C ASP A 954 -40.86 43.12 24.23
N LYS A 955 -40.91 42.89 22.90
CA LYS A 955 -40.93 43.95 21.85
C LYS A 955 -42.26 44.71 21.87
N GLU A 956 -43.39 44.01 22.06
CA GLU A 956 -44.76 44.57 21.97
C GLU A 956 -45.24 45.05 23.35
N GLY A 957 -44.97 44.25 24.41
CA GLY A 957 -45.36 44.56 25.79
C GLY A 957 -46.66 43.86 26.20
N LYS A 958 -46.97 42.72 25.57
CA LYS A 958 -48.17 41.89 25.87
C LYS A 958 -47.94 41.12 27.18
N GLY A 959 -49.02 40.62 27.79
CA GLY A 959 -48.97 39.79 29.01
C GLY A 959 -48.47 38.39 28.71
N LEU A 960 -48.56 37.48 29.68
CA LEU A 960 -48.15 36.05 29.53
C LEU A 960 -49.21 35.31 28.70
N ILE A 961 -50.44 35.26 29.20
CA ILE A 961 -51.59 34.52 28.58
C ILE A 961 -51.96 35.19 27.25
N GLU A 962 -51.91 36.53 27.21
CA GLU A 962 -52.26 37.35 26.02
C GLU A 962 -51.30 37.02 24.87
N ALA A 963 -50.00 36.97 25.16
CA ALA A 963 -48.92 36.69 24.17
C ALA A 963 -48.96 35.23 23.74
N THR A 964 -48.95 34.30 24.71
CA THR A 964 -48.94 32.82 24.51
C THR A 964 -50.05 32.43 23.51
N LEU A 965 -51.27 32.91 23.74
CA LEU A 965 -52.47 32.62 22.90
C LEU A 965 -52.30 33.26 21.52
N ASP A 966 -51.76 34.49 21.47
CA ASP A 966 -51.55 35.26 20.21
C ASP A 966 -50.38 34.65 19.43
N ALA A 967 -49.40 34.08 20.13
CA ALA A 967 -48.19 33.46 19.55
C ALA A 967 -48.55 32.09 18.93
N VAL A 968 -49.25 31.25 19.68
CA VAL A 968 -49.50 29.81 19.34
C VAL A 968 -50.48 29.71 18.17
N ARG A 969 -51.34 30.71 17.97
CA ARG A 969 -52.31 30.78 16.84
C ARG A 969 -51.56 31.08 15.54
N MET A 970 -50.53 31.94 15.60
CA MET A 970 -49.71 32.35 14.43
C MET A 970 -48.90 31.15 13.90
N ARG A 971 -48.51 30.24 14.80
CA ARG A 971 -47.62 29.08 14.50
C ARG A 971 -48.44 27.81 14.23
N LEU A 972 -49.73 27.77 14.58
CA LEU A 972 -50.60 26.57 14.42
C LEU A 972 -50.54 26.08 12.97
N ARG A 973 -50.70 27.00 12.01
CA ARG A 973 -50.81 26.70 10.55
C ARG A 973 -49.51 26.07 10.04
N PRO A 974 -48.34 26.73 10.15
CA PRO A 974 -47.09 26.17 9.63
C PRO A 974 -46.65 24.85 10.30
N ILE A 975 -47.07 24.62 11.55
CA ILE A 975 -46.80 23.36 12.31
C ILE A 975 -47.55 22.20 11.64
N LEU A 976 -48.85 22.38 11.36
CA LEU A 976 -49.71 21.38 10.70
C LEU A 976 -49.23 21.16 9.25
N MET A 977 -48.85 22.23 8.56
CA MET A 977 -48.32 22.19 7.16
C MET A 977 -47.13 21.22 7.10
N THR A 978 -46.17 21.36 8.02
CA THR A 978 -44.94 20.52 8.12
C THR A 978 -45.32 19.10 8.57
N SER A 979 -46.19 18.99 9.57
CA SER A 979 -46.62 17.70 10.19
C SER A 979 -47.36 16.84 9.16
N LEU A 980 -48.42 17.37 8.56
CA LEU A 980 -49.32 16.62 7.62
C LEU A 980 -48.60 16.34 6.30
N ALA A 981 -47.54 17.09 5.97
CA ALA A 981 -46.71 16.91 4.75
C ALA A 981 -45.70 15.79 4.96
N PHE A 982 -45.05 15.75 6.13
CA PHE A 982 -43.98 14.78 6.50
C PHE A 982 -44.61 13.43 6.83
N ILE A 983 -45.79 13.42 7.48
CA ILE A 983 -46.58 12.19 7.81
C ILE A 983 -46.97 11.49 6.50
N LEU A 984 -47.37 12.26 5.47
CA LEU A 984 -47.66 11.73 4.11
C LEU A 984 -46.34 11.40 3.39
N GLY A 985 -45.29 12.18 3.63
CA GLY A 985 -43.94 11.97 3.05
C GLY A 985 -43.40 10.59 3.35
N VAL A 986 -43.74 10.03 4.52
CA VAL A 986 -43.24 8.70 5.01
C VAL A 986 -44.34 7.64 4.86
N MET A 987 -45.37 7.91 4.05
CA MET A 987 -46.45 6.94 3.74
C MET A 987 -45.91 5.84 2.83
N PRO A 988 -45.08 6.15 1.81
CA PRO A 988 -44.45 5.12 0.98
C PRO A 988 -43.62 4.10 1.80
N LEU A 989 -42.97 4.56 2.87
CA LEU A 989 -42.04 3.75 3.70
C LEU A 989 -42.82 2.72 4.53
N VAL A 990 -43.88 3.15 5.22
CA VAL A 990 -44.69 2.30 6.14
C VAL A 990 -45.43 1.23 5.32
N ILE A 991 -45.86 1.56 4.09
CA ILE A 991 -46.58 0.64 3.15
C ILE A 991 -45.55 -0.24 2.42
N SER A 992 -44.35 0.29 2.16
CA SER A 992 -43.27 -0.34 1.35
C SER A 992 -43.22 -1.86 1.59
N THR A 993 -43.24 -2.63 0.50
CA THR A 993 -42.97 -4.10 0.48
C THR A 993 -41.92 -4.39 -0.59
N GLY A 994 -41.16 -5.48 -0.42
CA GLY A 994 -40.15 -5.96 -1.39
C GLY A 994 -38.74 -5.59 -0.97
N ALA A 995 -37.91 -5.19 -1.93
CA ALA A 995 -36.45 -4.95 -1.77
C ALA A 995 -36.21 -3.83 -0.75
N GLY A 996 -35.57 -4.17 0.37
CA GLY A 996 -35.18 -3.22 1.44
C GLY A 996 -36.41 -2.56 2.07
N SER A 997 -37.47 -3.34 2.31
CA SER A 997 -38.73 -2.89 2.93
C SER A 997 -38.63 -2.95 4.46
N GLY A 998 -38.00 -4.01 4.98
CA GLY A 998 -37.74 -4.22 6.42
C GLY A 998 -37.17 -2.98 7.07
N ALA A 999 -36.19 -2.35 6.42
CA ALA A 999 -35.54 -1.09 6.85
C ALA A 999 -36.54 0.07 6.72
N GLN A 1000 -37.17 0.21 5.54
CA GLN A 1000 -38.12 1.30 5.22
C GLN A 1000 -39.29 1.29 6.20
N ASN A 1001 -39.82 0.11 6.54
CA ASN A 1001 -40.95 -0.09 7.49
C ASN A 1001 -40.55 0.43 8.87
N ALA A 1002 -39.31 0.18 9.31
CA ALA A 1002 -38.76 0.58 10.62
C ALA A 1002 -38.64 2.10 10.69
N VAL A 1003 -38.12 2.73 9.64
CA VAL A 1003 -37.92 4.21 9.54
C VAL A 1003 -39.30 4.89 9.60
N GLY A 1004 -40.19 4.53 8.68
CA GLY A 1004 -41.52 5.16 8.49
C GLY A 1004 -42.37 5.14 9.76
N THR A 1005 -42.47 3.97 10.41
CA THR A 1005 -43.34 3.73 11.60
C THR A 1005 -42.90 4.63 12.77
N GLY A 1006 -41.62 4.56 13.14
CA GLY A 1006 -41.01 5.34 14.24
C GLY A 1006 -41.20 6.84 14.05
N VAL A 1007 -41.18 7.31 12.79
CA VAL A 1007 -41.38 8.73 12.41
C VAL A 1007 -42.88 9.04 12.47
N MET A 1008 -43.68 8.40 11.62
CA MET A 1008 -45.14 8.66 11.46
C MET A 1008 -45.83 8.59 12.83
N GLY A 1009 -45.67 7.46 13.54
CA GLY A 1009 -46.25 7.24 14.88
C GLY A 1009 -45.90 8.38 15.83
N GLY A 1010 -44.62 8.78 15.84
CA GLY A 1010 -44.09 9.87 16.69
C GLY A 1010 -44.64 11.22 16.28
N MET A 1011 -44.58 11.55 14.98
CA MET A 1011 -45.02 12.84 14.40
C MET A 1011 -46.50 13.10 14.74
N VAL A 1012 -47.35 12.07 14.60
CA VAL A 1012 -48.82 12.15 14.86
C VAL A 1012 -49.05 12.69 16.28
N THR A 1013 -48.50 12.02 17.30
CA THR A 1013 -48.61 12.41 18.73
C THR A 1013 -47.91 13.75 18.95
N ALA A 1014 -46.65 13.87 18.51
CA ALA A 1014 -45.81 15.08 18.63
C ALA A 1014 -46.58 16.31 18.15
N THR A 1015 -47.32 16.19 17.05
CA THR A 1015 -48.12 17.29 16.43
C THR A 1015 -49.29 17.65 17.35
N VAL A 1016 -50.20 16.69 17.60
CA VAL A 1016 -51.51 16.92 18.27
C VAL A 1016 -51.29 17.29 19.74
N LEU A 1017 -50.26 16.74 20.39
CA LEU A 1017 -49.99 16.93 21.84
C LEU A 1017 -49.29 18.27 22.08
N ALA A 1018 -48.21 18.55 21.34
CA ALA A 1018 -47.33 19.73 21.52
C ALA A 1018 -48.14 21.02 21.45
N ILE A 1019 -49.02 21.14 20.46
CA ILE A 1019 -49.85 22.37 20.19
C ILE A 1019 -50.57 22.81 21.46
N PHE A 1020 -50.98 21.86 22.32
CA PHE A 1020 -51.70 22.12 23.60
C PHE A 1020 -50.71 22.24 24.77
N PHE A 1021 -49.65 21.42 24.77
CA PHE A 1021 -48.72 21.24 25.92
C PHE A 1021 -47.62 22.31 25.92
N VAL A 1022 -47.22 22.84 24.75
CA VAL A 1022 -46.14 23.87 24.62
C VAL A 1022 -46.56 25.14 25.35
N PRO A 1023 -47.78 25.69 25.09
CA PRO A 1023 -48.31 26.79 25.90
C PRO A 1023 -48.28 26.51 27.40
N VAL A 1024 -48.59 25.28 27.82
CA VAL A 1024 -48.62 24.83 29.24
C VAL A 1024 -47.20 24.92 29.82
N PHE A 1025 -46.20 24.40 29.09
CA PHE A 1025 -44.78 24.35 29.52
C PHE A 1025 -44.23 25.77 29.70
N PHE A 1026 -44.54 26.67 28.75
CA PHE A 1026 -44.05 28.08 28.73
C PHE A 1026 -44.51 28.80 29.99
N VAL A 1027 -45.83 28.93 30.19
CA VAL A 1027 -46.46 29.74 31.28
C VAL A 1027 -46.02 29.21 32.65
N VAL A 1028 -45.94 27.89 32.82
CA VAL A 1028 -45.50 27.23 34.09
C VAL A 1028 -44.04 27.61 34.36
N VAL A 1029 -43.19 27.55 33.34
CA VAL A 1029 -41.73 27.90 33.40
C VAL A 1029 -41.59 29.42 33.64
N ARG A 1030 -42.50 30.24 33.08
CA ARG A 1030 -42.50 31.71 33.26
C ARG A 1030 -42.88 32.04 34.71
N ARG A 1031 -44.06 31.58 35.16
CA ARG A 1031 -44.57 31.79 36.55
C ARG A 1031 -43.51 31.38 37.57
N ARG A 1032 -42.89 30.22 37.36
CA ARG A 1032 -41.91 29.60 38.30
C ARG A 1032 -40.64 30.46 38.35
N PHE A 1033 -40.07 30.79 37.19
CA PHE A 1033 -38.77 31.51 37.05
C PHE A 1033 -39.00 32.90 36.43
N SER A 1034 -39.33 33.88 37.28
CA SER A 1034 -39.53 35.31 36.90
C SER A 1034 -39.79 36.16 38.16
N ARG A 1035 -39.90 37.48 38.00
CA ARG A 1035 -40.28 38.42 39.09
C ARG A 1035 -40.79 39.76 38.52
N LYS A 1036 -41.29 39.77 37.28
CA LYS A 1036 -41.67 41.00 36.53
C LYS A 1036 -43.16 41.28 36.78
N ASN A 1037 -44.05 40.67 35.99
CA ASN A 1037 -45.53 40.76 36.11
C ASN A 1037 -46.19 39.92 35.01
N GLU A 1038 -47.50 39.70 35.12
CA GLU A 1038 -48.33 38.94 34.15
C GLU A 1038 -49.22 39.90 33.34
N ASP A 1039 -49.22 41.20 33.69
CA ASP A 1039 -50.10 42.24 33.11
C ASP A 1039 -49.44 42.83 31.85
N ILE A 1040 -50.15 43.73 31.16
CA ILE A 1040 -49.64 44.53 30.01
C ILE A 1040 -48.76 45.65 30.57
N GLU A 1041 -47.68 46.00 29.86
CA GLU A 1041 -46.70 47.04 30.28
C GLU A 1041 -45.88 47.51 29.07
N HIS A 1042 -45.07 48.57 29.26
CA HIS A 1042 -44.14 49.13 28.25
C HIS A 1042 -42.87 49.63 28.96
N MET B 1 -13.92 45.27 -0.50
CA MET B 1 -12.58 44.67 -0.22
C MET B 1 -11.47 45.56 -0.80
N PRO B 2 -11.56 46.04 -2.06
CA PRO B 2 -10.66 47.09 -2.55
C PRO B 2 -10.64 48.32 -1.63
N ASN B 3 -11.82 48.74 -1.16
CA ASN B 3 -12.01 49.90 -0.23
C ASN B 3 -11.23 49.65 1.07
N PHE B 4 -11.19 48.40 1.53
CA PHE B 4 -10.48 47.97 2.77
C PHE B 4 -8.98 48.26 2.64
N PHE B 5 -8.38 47.95 1.47
CA PHE B 5 -6.92 48.01 1.21
C PHE B 5 -6.50 49.36 0.63
N ILE B 6 -7.46 50.16 0.14
CA ILE B 6 -7.23 51.57 -0.28
C ILE B 6 -6.92 52.42 0.97
N ASP B 7 -7.58 52.09 2.09
CA ASP B 7 -7.41 52.77 3.40
C ASP B 7 -6.26 52.10 4.19
N ARG B 8 -5.89 50.86 3.82
CA ARG B 8 -4.85 50.06 4.50
C ARG B 8 -3.80 49.60 3.47
N PRO B 9 -2.96 50.53 2.95
CA PRO B 9 -1.94 50.16 1.96
C PRO B 9 -0.81 49.27 2.50
N ILE B 10 -0.54 49.33 3.81
CA ILE B 10 0.54 48.53 4.47
C ILE B 10 0.11 47.07 4.53
N PHE B 11 -1.13 46.78 4.96
CA PHE B 11 -1.73 45.42 4.98
C PHE B 11 -1.52 44.76 3.62
N ALA B 12 -1.81 45.50 2.55
CA ALA B 12 -1.62 45.08 1.14
C ALA B 12 -0.14 44.79 0.87
N TRP B 13 0.75 45.67 1.33
CA TRP B 13 2.23 45.53 1.20
C TRP B 13 2.71 44.33 2.00
N VAL B 14 2.13 44.06 3.17
CA VAL B 14 2.43 42.86 4.01
C VAL B 14 2.07 41.61 3.21
N ILE B 15 0.85 41.55 2.69
CA ILE B 15 0.34 40.43 1.84
C ILE B 15 1.28 40.25 0.65
N ALA B 16 1.65 41.34 -0.02
CA ALA B 16 2.58 41.37 -1.17
C ALA B 16 3.89 40.67 -0.79
N ILE B 17 4.49 41.08 0.33
CA ILE B 17 5.80 40.54 0.84
C ILE B 17 5.63 39.05 1.15
N ILE B 18 4.64 38.69 1.97
CA ILE B 18 4.37 37.27 2.39
C ILE B 18 4.31 36.39 1.14
N ILE B 19 3.57 36.82 0.11
CA ILE B 19 3.42 36.10 -1.19
C ILE B 19 4.80 35.99 -1.86
N MET B 20 5.55 37.09 -1.93
CA MET B 20 6.87 37.18 -2.60
C MET B 20 7.88 36.25 -1.91
N LEU B 21 7.90 36.23 -0.57
CA LEU B 21 8.81 35.38 0.24
C LEU B 21 8.47 33.90 -0.02
N ALA B 22 7.19 33.54 0.11
CA ALA B 22 6.65 32.19 -0.15
C ALA B 22 7.03 31.74 -1.58
N GLY B 23 6.87 32.65 -2.55
CA GLY B 23 7.20 32.42 -3.97
C GLY B 23 8.69 32.28 -4.19
N GLY B 24 9.49 33.20 -3.64
CA GLY B 24 10.96 33.16 -3.66
C GLY B 24 11.48 31.84 -3.10
N LEU B 25 10.97 31.46 -1.92
CA LEU B 25 11.29 30.17 -1.23
C LEU B 25 10.94 28.99 -2.15
N ALA B 26 9.78 29.04 -2.82
CA ALA B 26 9.25 27.99 -3.69
C ALA B 26 10.18 27.77 -4.89
N ILE B 27 10.59 28.86 -5.56
CA ILE B 27 11.46 28.84 -6.78
C ILE B 27 12.77 28.10 -6.47
N LEU B 28 13.32 28.29 -5.26
CA LEU B 28 14.59 27.64 -4.81
C LEU B 28 14.38 26.12 -4.68
N LYS B 29 13.25 25.71 -4.09
CA LYS B 29 12.98 24.31 -3.67
C LYS B 29 12.27 23.52 -4.79
N LEU B 30 11.54 24.19 -5.68
CA LEU B 30 10.73 23.56 -6.76
C LEU B 30 11.62 22.63 -7.59
N PRO B 31 11.19 21.37 -7.85
CA PRO B 31 11.94 20.46 -8.72
C PRO B 31 12.01 20.99 -10.16
N VAL B 32 13.08 20.65 -10.89
CA VAL B 32 13.32 21.02 -12.31
C VAL B 32 13.47 19.73 -13.12
N ALA B 33 12.65 19.56 -14.16
CA ALA B 33 12.68 18.44 -15.13
C ALA B 33 12.25 18.96 -16.51
N GLN B 34 12.46 18.17 -17.56
CA GLN B 34 12.05 18.51 -18.95
C GLN B 34 10.52 18.40 -19.05
N TYR B 35 9.99 17.23 -18.70
CA TYR B 35 8.52 16.93 -18.67
C TYR B 35 8.21 16.16 -17.39
N PRO B 36 6.98 16.30 -16.83
CA PRO B 36 6.58 15.57 -15.63
C PRO B 36 6.13 14.14 -15.96
N THR B 37 5.71 13.38 -14.95
CA THR B 37 5.09 12.03 -15.10
C THR B 37 3.72 12.20 -15.77
N ILE B 38 3.54 11.58 -16.94
CA ILE B 38 2.32 11.74 -17.79
C ILE B 38 1.70 10.36 -18.03
N ALA B 39 2.48 9.42 -18.56
CA ALA B 39 2.06 8.02 -18.86
C ALA B 39 1.60 7.35 -17.56
N PRO B 40 0.63 6.40 -17.63
CA PRO B 40 0.13 5.72 -16.44
C PRO B 40 1.17 4.80 -15.81
N PRO B 41 1.03 4.40 -14.53
CA PRO B 41 1.99 3.51 -13.88
C PRO B 41 2.00 2.13 -14.55
N ALA B 42 3.20 1.64 -14.91
CA ALA B 42 3.44 0.31 -15.51
C ALA B 42 4.57 -0.39 -14.75
N VAL B 43 4.47 -1.72 -14.62
CA VAL B 43 5.48 -2.58 -13.91
C VAL B 43 5.92 -3.68 -14.89
N THR B 44 7.21 -3.67 -15.27
CA THR B 44 7.81 -4.60 -16.26
C THR B 44 8.52 -5.74 -15.52
N ILE B 45 8.00 -6.97 -15.63
CA ILE B 45 8.67 -8.22 -15.16
C ILE B 45 9.57 -8.70 -16.30
N SER B 46 10.88 -8.80 -16.05
CA SER B 46 11.92 -9.21 -17.05
C SER B 46 12.73 -10.39 -16.50
N ALA B 47 13.01 -11.38 -17.34
CA ALA B 47 13.81 -12.59 -17.01
C ALA B 47 14.65 -13.02 -18.21
N SER B 48 15.55 -13.99 -18.00
CA SER B 48 16.49 -14.53 -19.02
C SER B 48 16.66 -16.04 -18.83
N TYR B 49 16.56 -16.81 -19.92
CA TYR B 49 16.81 -18.27 -19.99
C TYR B 49 17.91 -18.53 -21.02
N PRO B 50 19.19 -18.51 -20.61
CA PRO B 50 20.32 -18.71 -21.52
C PRO B 50 20.18 -19.94 -22.45
N GLY B 51 20.10 -19.70 -23.76
CA GLY B 51 20.07 -20.73 -24.81
C GLY B 51 18.66 -21.10 -25.24
N ALA B 52 17.64 -20.65 -24.50
CA ALA B 52 16.22 -21.02 -24.70
C ALA B 52 15.66 -20.28 -25.93
N ASP B 53 14.75 -20.95 -26.66
CA ASP B 53 14.02 -20.38 -27.82
C ASP B 53 12.74 -19.70 -27.31
N ALA B 54 12.02 -19.02 -28.20
CA ALA B 54 10.80 -18.24 -27.92
C ALA B 54 9.77 -19.11 -27.19
N LYS B 55 9.42 -20.26 -27.78
CA LYS B 55 8.37 -21.19 -27.28
C LYS B 55 8.76 -21.70 -25.88
N THR B 56 9.99 -22.20 -25.74
CA THR B 56 10.54 -22.73 -24.46
C THR B 56 10.33 -21.70 -23.35
N VAL B 57 10.78 -20.45 -23.57
CA VAL B 57 10.66 -19.32 -22.61
C VAL B 57 9.18 -19.11 -22.27
N GLN B 58 8.30 -19.10 -23.28
CA GLN B 58 6.86 -18.83 -23.12
C GLN B 58 6.22 -19.90 -22.24
N ASP B 59 6.39 -21.18 -22.61
CA ASP B 59 5.66 -22.34 -22.04
C ASP B 59 6.28 -22.77 -20.69
N THR B 60 7.42 -22.21 -20.30
CA THR B 60 8.11 -22.52 -19.01
C THR B 60 8.08 -21.30 -18.07
N VAL B 61 8.17 -20.08 -18.59
CA VAL B 61 8.33 -18.83 -17.78
C VAL B 61 7.08 -17.94 -17.95
N THR B 62 6.84 -17.44 -19.17
CA THR B 62 5.84 -16.39 -19.48
C THR B 62 4.44 -16.83 -19.01
N GLN B 63 4.00 -18.01 -19.44
CA GLN B 63 2.65 -18.57 -19.13
C GLN B 63 2.51 -18.78 -17.61
N VAL B 64 3.55 -19.29 -16.96
CA VAL B 64 3.56 -19.62 -15.50
C VAL B 64 3.40 -18.32 -14.69
N ILE B 65 4.15 -17.26 -15.04
CA ILE B 65 4.11 -15.94 -14.37
C ILE B 65 2.72 -15.31 -14.62
N GLU B 66 2.30 -15.24 -15.88
CA GLU B 66 0.99 -14.67 -16.32
C GLU B 66 -0.16 -15.30 -15.52
N GLN B 67 -0.10 -16.61 -15.27
CA GLN B 67 -1.15 -17.38 -14.55
C GLN B 67 -1.22 -16.96 -13.08
N ASN B 68 -0.10 -16.47 -12.52
CA ASN B 68 0.03 -16.16 -11.07
C ASN B 68 0.10 -14.64 -10.83
N MET B 69 -0.48 -13.83 -11.73
CA MET B 69 -0.60 -12.36 -11.57
C MET B 69 -2.02 -12.01 -11.09
N ASN B 70 -2.56 -12.82 -10.19
CA ASN B 70 -3.97 -12.74 -9.71
C ASN B 70 -4.03 -11.88 -8.43
N GLY B 71 -5.19 -11.26 -8.18
CA GLY B 71 -5.46 -10.45 -6.97
C GLY B 71 -4.52 -9.28 -6.84
N ILE B 72 -4.36 -8.50 -7.92
CA ILE B 72 -3.56 -7.24 -7.96
C ILE B 72 -4.53 -6.07 -8.22
N ASP B 73 -4.30 -4.93 -7.57
CA ASP B 73 -5.23 -3.78 -7.53
C ASP B 73 -4.99 -2.85 -8.73
N ASN B 74 -6.08 -2.49 -9.43
CA ASN B 74 -6.14 -1.41 -10.44
C ASN B 74 -5.31 -1.78 -11.67
N LEU B 75 -5.37 -3.04 -12.12
CA LEU B 75 -4.70 -3.53 -13.35
C LEU B 75 -5.64 -3.32 -14.54
N MET B 76 -5.16 -2.64 -15.59
CA MET B 76 -5.94 -2.33 -16.82
C MET B 76 -5.77 -3.46 -17.83
N TYR B 77 -4.52 -3.74 -18.23
CA TYR B 77 -4.15 -4.82 -19.19
C TYR B 77 -2.73 -5.33 -18.89
N MET B 78 -2.38 -6.47 -19.49
CA MET B 78 -1.10 -7.19 -19.29
C MET B 78 -0.62 -7.78 -20.62
N SER B 79 0.43 -7.18 -21.22
CA SER B 79 1.09 -7.66 -22.46
C SER B 79 2.40 -8.39 -22.08
N SER B 80 2.89 -9.28 -22.96
CA SER B 80 4.14 -10.05 -22.75
C SER B 80 4.80 -10.41 -24.09
N ASN B 81 6.13 -10.47 -24.11
CA ASN B 81 6.98 -10.93 -25.24
C ASN B 81 7.82 -12.13 -24.78
N SER B 82 8.11 -13.06 -25.68
CA SER B 82 8.96 -14.26 -25.45
C SER B 82 9.78 -14.56 -26.71
N ASP B 83 11.07 -14.22 -26.71
CA ASP B 83 11.92 -14.19 -27.94
C ASP B 83 12.99 -15.30 -27.89
N SER B 84 13.69 -15.50 -29.00
CA SER B 84 14.65 -16.60 -29.25
C SER B 84 16.02 -16.30 -28.63
N THR B 85 16.24 -15.08 -28.14
CA THR B 85 17.45 -14.67 -27.38
C THR B 85 17.42 -15.28 -25.98
N GLY B 86 16.24 -15.77 -25.54
CA GLY B 86 16.02 -16.38 -24.23
C GLY B 86 15.47 -15.40 -23.22
N THR B 87 14.86 -14.30 -23.70
CA THR B 87 14.34 -13.18 -22.86
C THR B 87 12.81 -13.23 -22.82
N VAL B 88 12.22 -12.72 -21.74
CA VAL B 88 10.76 -12.50 -21.58
C VAL B 88 10.55 -11.16 -20.87
N GLN B 89 9.56 -10.38 -21.33
CA GLN B 89 9.13 -9.10 -20.70
C GLN B 89 7.60 -9.12 -20.53
N ILE B 90 7.12 -8.93 -19.30
CA ILE B 90 5.66 -8.84 -18.98
C ILE B 90 5.40 -7.44 -18.41
N THR B 91 4.76 -6.57 -19.21
CA THR B 91 4.44 -5.16 -18.85
C THR B 91 3.00 -5.08 -18.34
N LEU B 92 2.83 -4.89 -17.03
CA LEU B 92 1.51 -4.71 -16.35
C LEU B 92 1.24 -3.21 -16.20
N THR B 93 0.36 -2.65 -17.04
CA THR B 93 -0.04 -1.22 -17.03
C THR B 93 -1.26 -1.05 -16.11
N PHE B 94 -1.22 -0.05 -15.23
CA PHE B 94 -2.22 0.19 -14.14
C PHE B 94 -3.02 1.47 -14.41
N GLU B 95 -4.08 1.69 -13.63
CA GLU B 95 -4.99 2.85 -13.72
C GLU B 95 -4.22 4.14 -13.40
N SER B 96 -4.50 5.23 -14.12
CA SER B 96 -3.93 6.58 -13.88
C SER B 96 -4.35 7.07 -12.50
N GLY B 97 -3.43 7.03 -11.53
CA GLY B 97 -3.68 7.41 -10.11
C GLY B 97 -3.19 6.35 -9.14
N THR B 98 -2.93 5.13 -9.62
CA THR B 98 -2.42 3.99 -8.81
C THR B 98 -1.03 4.32 -8.26
N ASP B 99 -0.76 3.96 -7.00
CA ASP B 99 0.57 4.10 -6.35
C ASP B 99 1.54 3.10 -7.01
N ALA B 100 2.48 3.61 -7.80
CA ALA B 100 3.45 2.82 -8.59
C ALA B 100 4.25 1.87 -7.69
N ASP B 101 4.47 2.27 -6.43
CA ASP B 101 5.18 1.45 -5.41
C ASP B 101 4.32 0.24 -5.04
N ILE B 102 3.07 0.47 -4.64
CA ILE B 102 2.08 -0.58 -4.25
C ILE B 102 1.87 -1.52 -5.44
N ALA B 103 1.76 -0.96 -6.65
CA ALA B 103 1.58 -1.70 -7.93
C ALA B 103 2.78 -2.63 -8.16
N GLN B 104 3.99 -2.16 -7.86
CA GLN B 104 5.26 -2.91 -8.08
C GLN B 104 5.35 -4.07 -7.06
N VAL B 105 5.17 -3.78 -5.77
CA VAL B 105 5.32 -4.76 -4.66
C VAL B 105 4.24 -5.85 -4.80
N GLN B 106 3.03 -5.48 -5.20
CA GLN B 106 1.89 -6.42 -5.41
C GLN B 106 2.25 -7.39 -6.55
N VAL B 107 2.89 -6.90 -7.61
CA VAL B 107 3.39 -7.72 -8.75
C VAL B 107 4.58 -8.57 -8.27
N GLN B 108 5.53 -7.93 -7.59
CA GLN B 108 6.79 -8.56 -7.11
C GLN B 108 6.47 -9.67 -6.11
N ASN B 109 5.46 -9.48 -5.25
CA ASN B 109 5.03 -10.45 -4.21
C ASN B 109 4.43 -11.70 -4.86
N LYS B 110 3.49 -11.51 -5.81
CA LYS B 110 2.76 -12.61 -6.49
C LYS B 110 3.72 -13.41 -7.38
N LEU B 111 4.81 -12.79 -7.85
CA LEU B 111 5.88 -13.46 -8.62
C LEU B 111 6.69 -14.37 -7.69
N GLN B 112 7.10 -13.85 -6.52
CA GLN B 112 7.90 -14.59 -5.49
C GLN B 112 7.28 -15.97 -5.23
N LEU B 113 5.94 -16.04 -5.17
CA LEU B 113 5.19 -17.29 -4.86
C LEU B 113 5.13 -18.20 -6.10
N ALA B 114 5.41 -17.65 -7.29
CA ALA B 114 5.44 -18.38 -8.58
C ALA B 114 6.86 -18.76 -8.97
N MET B 115 7.88 -18.30 -8.22
CA MET B 115 9.32 -18.57 -8.49
C MET B 115 9.60 -20.08 -8.38
N PRO B 116 9.03 -20.81 -7.39
CA PRO B 116 9.24 -22.26 -7.30
C PRO B 116 8.73 -23.07 -8.51
N LEU B 117 7.85 -22.49 -9.33
CA LEU B 117 7.21 -23.17 -10.49
C LEU B 117 8.07 -23.00 -11.75
N LEU B 118 8.99 -22.04 -11.77
CA LEU B 118 9.86 -21.73 -12.93
C LEU B 118 11.02 -22.72 -12.99
N PRO B 119 11.71 -22.86 -14.15
CA PRO B 119 12.88 -23.73 -14.26
C PRO B 119 14.03 -23.30 -13.34
N GLN B 120 14.92 -24.25 -13.00
CA GLN B 120 16.10 -24.03 -12.13
C GLN B 120 16.97 -22.91 -12.71
N GLU B 121 17.19 -22.92 -14.03
CA GLU B 121 18.11 -22.00 -14.75
C GLU B 121 17.53 -20.57 -14.73
N VAL B 122 16.20 -20.44 -14.70
CA VAL B 122 15.47 -19.14 -14.72
C VAL B 122 15.44 -18.57 -13.29
N GLN B 123 15.22 -19.42 -12.28
CA GLN B 123 15.32 -19.08 -10.84
C GLN B 123 16.74 -18.58 -10.54
N GLN B 124 17.75 -19.23 -11.13
CA GLN B 124 19.20 -18.94 -10.94
C GLN B 124 19.51 -17.55 -11.49
N GLN B 125 19.16 -17.29 -12.75
CA GLN B 125 19.37 -15.98 -13.44
C GLN B 125 18.61 -14.88 -12.70
N GLY B 126 17.38 -15.18 -12.26
CA GLY B 126 16.53 -14.24 -11.50
C GLY B 126 15.51 -13.56 -12.40
N VAL B 127 14.44 -13.03 -11.79
CA VAL B 127 13.34 -12.30 -12.49
C VAL B 127 13.25 -10.89 -11.88
N SER B 128 13.42 -9.86 -12.71
CA SER B 128 13.50 -8.43 -12.31
C SER B 128 12.13 -7.75 -12.46
N VAL B 129 11.59 -7.21 -11.37
CA VAL B 129 10.30 -6.45 -11.33
C VAL B 129 10.62 -4.96 -11.13
N GLU B 130 10.52 -4.18 -12.21
CA GLU B 130 10.94 -2.75 -12.26
C GLU B 130 9.75 -1.88 -12.71
N LYS B 131 9.74 -0.61 -12.30
CA LYS B 131 8.76 0.41 -12.76
C LYS B 131 9.24 0.99 -14.10
N SER B 132 8.36 1.01 -15.10
CA SER B 132 8.66 1.44 -16.50
C SER B 132 9.00 2.94 -16.52
N SER B 133 10.09 3.30 -17.22
CA SER B 133 10.57 4.69 -17.41
C SER B 133 11.62 4.72 -18.53
N SER B 134 11.26 5.26 -19.70
CA SER B 134 12.13 5.43 -20.89
C SER B 134 12.86 6.79 -20.81
N SER B 135 12.28 7.76 -20.10
CA SER B 135 12.81 9.15 -19.93
C SER B 135 14.13 9.11 -19.15
N PHE B 136 15.25 9.11 -19.87
CA PHE B 136 16.63 9.26 -19.32
C PHE B 136 16.94 10.75 -19.17
N LEU B 137 17.58 11.13 -18.06
CA LEU B 137 18.11 12.51 -17.83
C LEU B 137 19.26 12.75 -18.80
N MET B 138 20.13 11.75 -18.98
CA MET B 138 21.31 11.79 -19.89
C MET B 138 21.93 10.39 -19.99
N VAL B 139 22.57 10.10 -21.13
CA VAL B 139 23.37 8.86 -21.36
C VAL B 139 24.85 9.25 -21.42
N VAL B 140 25.65 8.77 -20.46
CA VAL B 140 27.13 8.99 -20.41
C VAL B 140 27.80 7.81 -21.13
N GLY B 141 28.37 8.06 -22.31
CA GLY B 141 29.13 7.07 -23.09
C GLY B 141 30.56 6.95 -22.61
N VAL B 142 31.06 5.71 -22.50
CA VAL B 142 32.47 5.40 -22.11
C VAL B 142 33.12 4.64 -23.26
N ILE B 143 34.23 5.16 -23.79
CA ILE B 143 34.88 4.69 -25.05
C ILE B 143 36.38 4.51 -24.82
N ASN B 144 37.03 3.64 -25.60
CA ASN B 144 38.50 3.43 -25.62
C ASN B 144 39.04 3.85 -26.98
N THR B 145 39.98 4.80 -27.00
CA THR B 145 40.46 5.51 -28.23
C THR B 145 41.74 4.87 -28.77
N ASP B 146 42.59 4.29 -27.91
CA ASP B 146 43.91 3.72 -28.28
C ASP B 146 43.79 2.22 -28.59
N GLY B 147 42.57 1.66 -28.52
CA GLY B 147 42.26 0.28 -28.92
C GLY B 147 42.99 -0.76 -28.08
N THR B 148 43.19 -0.47 -26.79
CA THR B 148 43.78 -1.40 -25.78
C THR B 148 42.67 -2.22 -25.12
N MET B 149 41.43 -1.71 -25.12
CA MET B 149 40.26 -2.30 -24.41
C MET B 149 39.18 -2.68 -25.42
N THR B 150 38.56 -3.85 -25.23
CA THR B 150 37.32 -4.29 -25.94
C THR B 150 36.11 -3.68 -25.21
N GLN B 151 34.91 -3.85 -25.77
CA GLN B 151 33.65 -3.30 -25.19
C GLN B 151 33.36 -3.95 -23.83
N GLU B 152 33.74 -5.22 -23.67
CA GLU B 152 33.55 -6.01 -22.42
C GLU B 152 34.52 -5.50 -21.35
N ASP B 153 35.73 -5.11 -21.75
CA ASP B 153 36.78 -4.58 -20.85
C ASP B 153 36.33 -3.21 -20.28
N ILE B 154 35.73 -2.37 -21.12
CA ILE B 154 35.20 -1.03 -20.74
C ILE B 154 34.03 -1.22 -19.77
N SER B 155 33.02 -2.00 -20.17
CA SER B 155 31.79 -2.30 -19.41
C SER B 155 32.12 -2.69 -17.96
N ASP B 156 33.15 -3.52 -17.77
CA ASP B 156 33.60 -4.02 -16.44
C ASP B 156 34.08 -2.84 -15.59
N TYR B 157 34.96 -2.01 -16.13
CA TYR B 157 35.55 -0.82 -15.43
C TYR B 157 34.41 0.09 -14.96
N VAL B 158 33.43 0.34 -15.84
CA VAL B 158 32.24 1.20 -15.58
C VAL B 158 31.43 0.58 -14.42
N ALA B 159 31.19 -0.73 -14.47
CA ALA B 159 30.40 -1.49 -13.47
C ALA B 159 31.09 -1.43 -12.10
N ALA B 160 32.42 -1.56 -12.07
CA ALA B 160 33.24 -1.67 -10.85
C ALA B 160 33.48 -0.28 -10.24
N ASN B 161 34.03 0.65 -11.03
CA ASN B 161 34.73 1.87 -10.54
C ASN B 161 33.86 3.13 -10.69
N MET B 162 32.85 3.11 -11.57
CA MET B 162 32.04 4.32 -11.93
C MET B 162 30.59 4.16 -11.45
N LYS B 163 29.89 3.13 -11.94
CA LYS B 163 28.42 2.93 -11.78
C LYS B 163 27.98 3.21 -10.33
N ASP B 164 28.65 2.59 -9.36
CA ASP B 164 28.29 2.65 -7.91
C ASP B 164 28.36 4.10 -7.41
N ALA B 165 29.35 4.87 -7.88
CA ALA B 165 29.59 6.29 -7.51
C ALA B 165 28.54 7.19 -8.16
N ILE B 166 28.19 6.92 -9.43
CA ILE B 166 27.15 7.67 -10.20
C ILE B 166 25.77 7.41 -9.57
N SER B 167 25.55 6.20 -9.08
CA SER B 167 24.32 5.76 -8.36
C SER B 167 24.15 6.58 -7.07
N ARG B 168 25.25 6.79 -6.34
CA ARG B 168 25.26 7.47 -5.01
C ARG B 168 25.29 9.00 -5.18
N THR B 169 25.43 9.51 -6.42
CA THR B 169 25.42 10.96 -6.75
C THR B 169 24.03 11.54 -6.42
N SER B 170 24.00 12.78 -5.91
CA SER B 170 22.80 13.48 -5.40
C SER B 170 21.83 13.78 -6.55
N GLY B 171 20.61 13.25 -6.47
CA GLY B 171 19.50 13.53 -7.41
C GLY B 171 19.36 12.48 -8.49
N VAL B 172 20.11 11.37 -8.40
CA VAL B 172 20.05 10.23 -9.37
C VAL B 172 19.09 9.17 -8.83
N GLY B 173 18.06 8.83 -9.61
CA GLY B 173 16.99 7.89 -9.23
C GLY B 173 17.34 6.46 -9.58
N ASP B 174 17.96 6.25 -10.75
CA ASP B 174 18.30 4.91 -11.30
C ASP B 174 19.45 5.05 -12.30
N VAL B 175 20.31 4.03 -12.40
CA VAL B 175 21.44 3.95 -13.37
C VAL B 175 21.39 2.58 -14.05
N GLN B 176 21.61 2.55 -15.37
CA GLN B 176 21.54 1.33 -16.22
C GLN B 176 22.83 1.20 -17.03
N LEU B 177 23.59 0.13 -16.81
CA LEU B 177 24.86 -0.17 -17.54
C LEU B 177 24.53 -0.72 -18.93
N PHE B 178 25.11 -0.13 -19.98
CA PHE B 178 25.01 -0.59 -21.39
C PHE B 178 26.14 -1.58 -21.66
N GLY B 179 25.88 -2.86 -21.40
CA GLY B 179 26.87 -3.95 -21.33
C GLY B 179 26.84 -4.61 -19.96
N SER B 180 27.58 -5.71 -19.79
CA SER B 180 27.67 -6.48 -18.52
C SER B 180 29.10 -6.39 -17.97
N GLN B 181 29.25 -6.52 -16.64
CA GLN B 181 30.57 -6.69 -15.97
C GLN B 181 31.14 -8.05 -16.37
N TYR B 182 32.43 -8.28 -16.11
CA TYR B 182 33.16 -9.50 -16.53
C TYR B 182 32.42 -10.76 -16.06
N ALA B 183 32.62 -11.86 -16.78
CA ALA B 183 32.18 -13.22 -16.41
C ALA B 183 33.31 -14.21 -16.77
N MET B 184 33.53 -15.22 -15.94
CA MET B 184 34.55 -16.27 -16.18
C MET B 184 34.05 -17.19 -17.30
N ARG B 185 34.57 -16.98 -18.51
CA ARG B 185 34.14 -17.72 -19.74
C ARG B 185 35.04 -18.94 -19.95
N ILE B 186 34.44 -20.13 -19.91
CA ILE B 186 35.11 -21.44 -20.24
C ILE B 186 34.65 -21.84 -21.65
N TRP B 187 35.49 -21.59 -22.66
CA TRP B 187 35.22 -21.89 -24.09
C TRP B 187 35.66 -23.32 -24.40
N MET B 188 34.74 -24.28 -24.26
CA MET B 188 35.00 -25.74 -24.29
C MET B 188 35.42 -26.17 -25.70
N ASN B 189 36.32 -27.17 -25.78
CA ASN B 189 36.82 -27.79 -27.03
C ASN B 189 36.30 -29.23 -27.07
N PRO B 190 35.40 -29.58 -28.02
CA PRO B 190 34.77 -30.90 -28.04
C PRO B 190 35.72 -32.03 -28.47
N ASN B 191 36.73 -31.71 -29.27
CA ASN B 191 37.78 -32.67 -29.75
C ASN B 191 38.66 -33.08 -28.57
N GLU B 192 38.96 -32.12 -27.68
CA GLU B 192 39.82 -32.33 -26.48
C GLU B 192 39.03 -33.12 -25.42
N LEU B 193 37.76 -32.74 -25.19
CA LEU B 193 36.85 -33.41 -24.22
C LEU B 193 36.70 -34.90 -24.58
N ASN B 194 36.53 -35.19 -25.88
CA ASN B 194 36.37 -36.56 -26.42
C ASN B 194 37.68 -37.34 -26.27
N LYS B 195 38.83 -36.66 -26.39
CA LYS B 195 40.18 -37.25 -26.32
C LYS B 195 40.43 -37.85 -24.92
N PHE B 196 40.02 -37.13 -23.86
CA PHE B 196 40.23 -37.52 -22.44
C PHE B 196 38.97 -38.20 -21.87
N GLN B 197 37.96 -38.45 -22.73
CA GLN B 197 36.66 -39.08 -22.37
C GLN B 197 35.97 -38.23 -21.28
N LEU B 198 35.60 -37.00 -21.63
CA LEU B 198 34.90 -36.03 -20.73
C LEU B 198 33.76 -35.34 -21.50
N THR B 199 32.90 -34.64 -20.77
CA THR B 199 31.70 -33.92 -21.30
C THR B 199 31.55 -32.58 -20.58
N PRO B 200 30.72 -31.65 -21.10
CA PRO B 200 30.35 -30.44 -20.37
C PRO B 200 29.78 -30.72 -18.97
N VAL B 201 29.13 -31.88 -18.78
CA VAL B 201 28.58 -32.35 -17.48
C VAL B 201 29.72 -32.41 -16.45
N ASP B 202 30.86 -32.99 -16.84
CA ASP B 202 32.06 -33.16 -15.98
C ASP B 202 32.66 -31.78 -15.68
N VAL B 203 32.71 -30.90 -16.68
CA VAL B 203 33.23 -29.50 -16.56
C VAL B 203 32.36 -28.75 -15.55
N ILE B 204 31.04 -28.86 -15.66
CA ILE B 204 30.04 -28.22 -14.75
C ILE B 204 30.20 -28.80 -13.35
N THR B 205 30.31 -30.12 -13.23
CA THR B 205 30.48 -30.87 -11.96
C THR B 205 31.77 -30.40 -11.25
N ALA B 206 32.86 -30.28 -12.01
CA ALA B 206 34.21 -29.91 -11.53
C ALA B 206 34.23 -28.46 -11.02
N ILE B 207 33.62 -27.54 -11.78
CA ILE B 207 33.57 -26.08 -11.46
C ILE B 207 32.76 -25.90 -10.16
N LYS B 208 31.61 -26.58 -10.03
CA LYS B 208 30.71 -26.48 -8.86
C LYS B 208 31.41 -27.00 -7.60
N ALA B 209 32.30 -27.99 -7.74
CA ALA B 209 33.04 -28.64 -6.64
C ALA B 209 34.21 -27.76 -6.18
N GLN B 210 35.00 -27.23 -7.13
CA GLN B 210 36.32 -26.58 -6.88
C GLN B 210 36.20 -25.05 -6.86
N ASN B 211 35.06 -24.49 -7.30
CA ASN B 211 34.73 -23.05 -7.17
C ASN B 211 33.44 -22.92 -6.34
N ALA B 212 33.57 -22.90 -5.01
CA ALA B 212 32.43 -22.86 -4.07
C ALA B 212 32.90 -22.42 -2.67
N GLN B 213 31.99 -21.81 -1.90
CA GLN B 213 32.18 -21.41 -0.49
C GLN B 213 31.76 -22.58 0.40
N VAL B 214 32.70 -23.16 1.14
CA VAL B 214 32.48 -24.33 2.05
C VAL B 214 32.42 -23.82 3.49
N ALA B 215 31.38 -24.21 4.25
CA ALA B 215 31.22 -23.92 5.68
C ALA B 215 32.04 -24.94 6.50
N ALA B 216 32.68 -24.51 7.58
CA ALA B 216 33.54 -25.33 8.46
C ALA B 216 33.05 -25.24 9.90
N GLY B 217 33.25 -24.09 10.56
CA GLY B 217 32.87 -23.86 11.97
C GLY B 217 33.91 -23.05 12.71
N GLN B 218 34.15 -23.37 13.99
CA GLN B 218 35.05 -22.62 14.90
C GLN B 218 35.88 -23.59 15.76
N LEU B 219 37.10 -23.18 16.13
CA LEU B 219 37.87 -23.75 17.26
C LEU B 219 37.24 -23.23 18.56
N GLY B 220 36.91 -24.11 19.49
CA GLY B 220 36.31 -23.75 20.79
C GLY B 220 34.96 -23.08 20.63
N GLY B 221 34.14 -23.57 19.68
CA GLY B 221 32.75 -23.12 19.49
C GLY B 221 31.87 -23.57 20.64
N THR B 222 30.80 -22.82 20.95
CA THR B 222 29.86 -23.13 22.05
C THR B 222 28.97 -24.30 21.64
N PRO B 223 28.68 -25.29 22.52
CA PRO B 223 29.20 -25.32 23.89
C PRO B 223 30.64 -25.83 23.96
N PRO B 224 31.57 -25.10 24.63
CA PRO B 224 32.98 -25.50 24.66
C PRO B 224 33.33 -26.36 25.89
N VAL B 225 34.57 -26.86 25.94
CA VAL B 225 35.17 -27.52 27.14
C VAL B 225 35.65 -26.41 28.08
N LYS B 226 35.09 -26.31 29.27
CA LYS B 226 35.49 -25.32 30.31
C LYS B 226 37.00 -25.39 30.50
N GLY B 227 37.68 -24.25 30.36
CA GLY B 227 39.15 -24.14 30.40
C GLY B 227 39.75 -23.87 29.03
N GLN B 228 38.90 -23.69 28.01
CA GLN B 228 39.31 -23.31 26.63
C GLN B 228 39.93 -21.91 26.66
N GLN B 229 41.03 -21.72 25.92
CA GLN B 229 41.82 -20.46 25.89
C GLN B 229 41.50 -19.66 24.62
N LEU B 230 41.31 -20.35 23.49
CA LEU B 230 41.21 -19.74 22.13
C LEU B 230 39.85 -20.06 21.50
N ASN B 231 39.21 -19.06 20.89
CA ASN B 231 38.01 -19.21 20.03
C ASN B 231 38.25 -18.46 18.72
N ALA B 232 38.45 -19.20 17.63
CA ALA B 232 38.77 -18.66 16.28
C ALA B 232 37.88 -19.33 15.22
N SER B 233 37.47 -18.57 14.20
CA SER B 233 36.68 -19.06 13.04
C SER B 233 37.57 -19.90 12.12
N ILE B 234 37.12 -21.09 11.76
CA ILE B 234 37.79 -22.00 10.77
C ILE B 234 37.32 -21.59 9.37
N ILE B 235 38.25 -21.15 8.51
CA ILE B 235 38.00 -20.80 7.08
C ILE B 235 38.43 -21.99 6.22
N ALA B 236 37.50 -22.57 5.46
CA ALA B 236 37.73 -23.70 4.53
C ALA B 236 37.86 -23.14 3.10
N GLN B 237 37.55 -23.98 2.09
CA GLN B 237 37.55 -23.59 0.65
C GLN B 237 36.62 -22.38 0.44
N THR B 238 37.08 -21.41 -0.36
CA THR B 238 36.29 -20.22 -0.79
C THR B 238 36.25 -20.17 -2.33
N ARG B 239 35.51 -19.22 -2.89
CA ARG B 239 35.36 -19.04 -4.36
C ARG B 239 36.71 -18.63 -4.97
N LEU B 240 36.95 -19.02 -6.23
CA LEU B 240 38.18 -18.69 -6.98
C LEU B 240 38.09 -17.25 -7.48
N THR B 241 39.23 -16.62 -7.77
CA THR B 241 39.37 -15.16 -8.00
C THR B 241 39.98 -14.84 -9.38
N SER B 242 40.72 -15.78 -9.98
CA SER B 242 41.53 -15.55 -11.21
C SER B 242 41.26 -16.63 -12.26
N THR B 243 41.54 -16.31 -13.53
CA THR B 243 41.44 -17.24 -14.69
C THR B 243 42.42 -18.41 -14.52
N GLU B 244 43.59 -18.14 -13.95
CA GLU B 244 44.67 -19.14 -13.70
C GLU B 244 44.15 -20.24 -12.78
N GLU B 245 43.40 -19.86 -11.72
CA GLU B 245 42.83 -20.79 -10.71
C GLU B 245 41.79 -21.70 -11.36
N PHE B 246 40.96 -21.16 -12.25
CA PHE B 246 39.95 -21.92 -13.03
C PHE B 246 40.65 -22.86 -14.02
N GLY B 247 41.80 -22.45 -14.55
CA GLY B 247 42.64 -23.25 -15.45
C GLY B 247 43.17 -24.50 -14.75
N LYS B 248 43.44 -24.41 -13.45
CA LYS B 248 44.06 -25.50 -12.64
C LYS B 248 42.97 -26.33 -11.94
N ILE B 249 41.72 -26.25 -12.41
CA ILE B 249 40.60 -27.13 -11.94
C ILE B 249 40.85 -28.54 -12.48
N LEU B 250 40.96 -29.52 -11.57
CA LEU B 250 41.24 -30.94 -11.90
C LEU B 250 39.95 -31.63 -12.36
N LEU B 251 39.93 -32.12 -13.60
CA LEU B 251 38.77 -32.85 -14.20
C LEU B 251 38.96 -34.35 -14.01
N LYS B 252 40.11 -34.88 -14.43
CA LYS B 252 40.40 -36.35 -14.49
C LYS B 252 41.89 -36.60 -14.24
N VAL B 253 42.22 -37.75 -13.64
CA VAL B 253 43.61 -38.27 -13.46
C VAL B 253 43.70 -39.62 -14.18
N ASN B 254 44.60 -39.72 -15.16
CA ASN B 254 44.81 -40.94 -16.00
C ASN B 254 45.63 -41.97 -15.20
N GLN B 255 45.73 -43.20 -15.72
CA GLN B 255 46.49 -44.32 -15.10
C GLN B 255 47.99 -44.00 -15.11
N ASP B 256 48.51 -43.52 -16.24
CA ASP B 256 49.94 -43.19 -16.46
C ASP B 256 50.42 -42.20 -15.39
N GLY B 257 49.57 -41.26 -14.98
CA GLY B 257 49.86 -40.29 -13.90
C GLY B 257 49.48 -38.87 -14.29
N SER B 258 49.71 -38.49 -15.55
CA SER B 258 49.44 -37.14 -16.11
C SER B 258 47.99 -36.75 -15.84
N ARG B 259 47.76 -35.48 -15.49
CA ARG B 259 46.46 -34.95 -15.00
C ARG B 259 45.77 -34.14 -16.10
N VAL B 260 44.45 -34.27 -16.23
CA VAL B 260 43.60 -33.52 -17.19
C VAL B 260 42.97 -32.34 -16.44
N LEU B 261 43.31 -31.10 -16.84
CA LEU B 261 42.79 -29.85 -16.23
C LEU B 261 41.85 -29.15 -17.22
N LEU B 262 41.13 -28.13 -16.75
CA LEU B 262 40.07 -27.42 -17.52
C LEU B 262 40.69 -26.59 -18.65
N ARG B 263 41.95 -26.15 -18.49
CA ARG B 263 42.69 -25.35 -19.49
C ARG B 263 43.11 -26.25 -20.67
N ASP B 264 43.14 -27.58 -20.47
CA ASP B 264 43.55 -28.58 -21.48
C ASP B 264 42.40 -28.88 -22.44
N VAL B 265 41.15 -28.57 -22.05
CA VAL B 265 39.92 -28.90 -22.82
C VAL B 265 39.09 -27.64 -23.11
N ALA B 266 39.62 -26.44 -22.83
CA ALA B 266 38.90 -25.16 -22.98
C ALA B 266 39.85 -23.97 -22.87
N LYS B 267 39.56 -22.90 -23.62
CA LYS B 267 40.17 -21.55 -23.45
C LYS B 267 39.45 -20.83 -22.30
N ILE B 268 40.18 -20.05 -21.50
CA ILE B 268 39.65 -19.31 -20.32
C ILE B 268 40.01 -17.83 -20.46
N GLU B 269 39.04 -16.94 -20.22
CA GLU B 269 39.22 -15.47 -20.25
C GLU B 269 38.08 -14.78 -19.51
N LEU B 270 38.32 -13.54 -19.05
CA LEU B 270 37.30 -12.65 -18.43
C LEU B 270 36.52 -11.96 -19.56
N GLY B 271 35.40 -12.57 -19.97
CA GLY B 271 34.54 -12.08 -21.07
C GLY B 271 33.25 -11.44 -20.54
N GLY B 272 32.31 -11.15 -21.44
CA GLY B 272 30.98 -10.61 -21.11
C GLY B 272 29.99 -11.72 -20.80
N GLU B 273 28.87 -11.37 -20.16
CA GLU B 273 27.79 -12.33 -19.76
C GLU B 273 27.07 -12.83 -21.01
N ASN B 274 26.87 -11.96 -22.01
CA ASN B 274 26.31 -12.30 -23.35
C ASN B 274 26.98 -11.42 -24.40
N TYR B 275 26.94 -11.85 -25.67
CA TYR B 275 27.60 -11.19 -26.83
C TYR B 275 26.56 -10.82 -27.89
N ASP B 276 25.31 -10.60 -27.47
CA ASP B 276 24.16 -10.25 -28.35
C ASP B 276 24.38 -8.84 -28.94
N ILE B 277 24.87 -7.91 -28.12
CA ILE B 277 25.09 -6.48 -28.51
C ILE B 277 26.56 -6.25 -28.85
N ILE B 278 26.83 -5.46 -29.89
CA ILE B 278 28.18 -4.89 -30.19
C ILE B 278 28.02 -3.36 -30.25
N ALA B 279 28.34 -2.68 -29.15
CA ALA B 279 28.24 -1.21 -28.98
C ALA B 279 29.52 -0.55 -29.50
N GLU B 280 29.37 0.49 -30.34
CA GLU B 280 30.50 1.25 -30.95
C GLU B 280 30.12 2.74 -31.03
N PHE B 281 31.10 3.61 -30.81
CA PHE B 281 30.98 5.10 -30.83
C PHE B 281 31.99 5.66 -31.84
N ASN B 282 31.54 5.88 -33.08
CA ASN B 282 32.38 6.29 -34.23
C ASN B 282 33.45 5.22 -34.48
N GLY B 283 33.04 3.94 -34.52
CA GLY B 283 33.90 2.79 -34.85
C GLY B 283 34.60 2.20 -33.62
N GLN B 284 34.93 3.04 -32.63
CA GLN B 284 35.70 2.66 -31.42
C GLN B 284 34.81 1.86 -30.48
N PRO B 285 35.34 0.82 -29.78
CA PRO B 285 34.57 0.09 -28.77
C PRO B 285 34.00 1.02 -27.69
N ALA B 286 32.80 0.73 -27.20
CA ALA B 286 32.02 1.63 -26.30
C ALA B 286 31.16 0.85 -25.31
N SER B 287 30.94 1.44 -24.13
CA SER B 287 29.87 1.09 -23.15
C SER B 287 29.15 2.39 -22.76
N GLY B 288 28.43 2.41 -21.63
CA GLY B 288 27.81 3.65 -21.11
C GLY B 288 26.93 3.43 -19.90
N LEU B 289 26.37 4.53 -19.38
CA LEU B 289 25.43 4.56 -18.21
C LEU B 289 24.16 5.31 -18.61
N GLY B 290 23.01 4.63 -18.52
CA GLY B 290 21.67 5.23 -18.69
C GLY B 290 21.17 5.81 -17.39
N ILE B 291 21.37 7.12 -17.18
CA ILE B 291 21.07 7.84 -15.91
C ILE B 291 19.65 8.41 -15.99
N LYS B 292 18.83 8.17 -14.96
CA LYS B 292 17.44 8.67 -14.82
C LYS B 292 17.35 9.60 -13.61
N LEU B 293 16.37 10.50 -13.60
CA LEU B 293 16.19 11.56 -12.57
C LEU B 293 15.31 11.03 -11.43
N ALA B 294 15.75 11.22 -10.19
CA ALA B 294 15.04 10.83 -8.94
C ALA B 294 13.77 11.68 -8.79
N THR B 295 12.79 11.17 -8.04
CA THR B 295 11.49 11.84 -7.75
C THR B 295 11.76 13.16 -7.02
N GLY B 296 11.21 14.27 -7.53
CA GLY B 296 11.27 15.61 -6.92
C GLY B 296 12.69 16.18 -6.88
N ALA B 297 13.56 15.73 -7.77
CA ALA B 297 14.97 16.16 -7.88
C ALA B 297 15.12 17.24 -8.97
N ASN B 298 16.26 17.92 -8.99
CA ASN B 298 16.58 19.04 -9.93
C ASN B 298 17.50 18.51 -11.03
N ALA B 299 17.01 18.49 -12.28
CA ALA B 299 17.72 17.98 -13.48
C ALA B 299 19.05 18.71 -13.65
N LEU B 300 19.06 20.03 -13.48
CA LEU B 300 20.26 20.91 -13.68
C LEU B 300 21.32 20.59 -12.63
N ASP B 301 20.91 20.48 -11.36
CA ASP B 301 21.80 20.19 -10.21
C ASP B 301 22.30 18.75 -10.30
N THR B 302 21.41 17.81 -10.63
CA THR B 302 21.72 16.36 -10.81
C THR B 302 22.80 16.21 -11.89
N ALA B 303 22.65 16.90 -13.02
CA ALA B 303 23.58 16.89 -14.17
C ALA B 303 24.96 17.42 -13.73
N ALA B 304 24.99 18.59 -13.11
CA ALA B 304 26.21 19.26 -12.59
C ALA B 304 26.95 18.33 -11.63
N ALA B 305 26.22 17.60 -10.78
CA ALA B 305 26.75 16.66 -9.77
C ALA B 305 27.38 15.45 -10.45
N ILE B 306 26.69 14.86 -11.44
CA ILE B 306 27.15 13.70 -12.24
C ILE B 306 28.50 14.06 -12.90
N ARG B 307 28.56 15.23 -13.55
CA ARG B 307 29.77 15.75 -14.25
C ARG B 307 30.91 15.95 -13.24
N ALA B 308 30.60 16.54 -12.08
CA ALA B 308 31.55 16.82 -10.98
C ALA B 308 32.12 15.50 -10.43
N GLU B 309 31.31 14.44 -10.40
CA GLU B 309 31.71 13.08 -9.94
C GLU B 309 32.56 12.41 -11.01
N LEU B 310 32.11 12.43 -12.28
CA LEU B 310 32.84 11.86 -13.45
C LEU B 310 34.22 12.52 -13.57
N ALA B 311 34.31 13.82 -13.25
CA ALA B 311 35.54 14.65 -13.36
C ALA B 311 36.65 14.07 -12.47
N LYS B 312 36.33 13.72 -11.22
CA LYS B 312 37.30 13.26 -10.20
C LYS B 312 37.54 11.74 -10.33
N MET B 313 36.86 11.07 -11.26
CA MET B 313 37.11 9.65 -11.64
C MET B 313 38.18 9.58 -12.74
N GLU B 314 38.37 10.68 -13.49
CA GLU B 314 39.21 10.72 -14.72
C GLU B 314 40.66 10.39 -14.40
N PRO B 315 41.25 10.91 -13.30
CA PRO B 315 42.64 10.59 -12.94
C PRO B 315 42.96 9.10 -12.80
N PHE B 316 41.94 8.27 -12.50
CA PHE B 316 42.09 6.80 -12.23
C PHE B 316 41.81 5.98 -13.49
N PHE B 317 41.25 6.59 -14.55
CA PHE B 317 40.91 5.92 -15.84
C PHE B 317 42.17 5.34 -16.48
N PRO B 318 42.11 4.14 -17.10
CA PRO B 318 43.24 3.62 -17.88
C PRO B 318 43.49 4.47 -19.14
N SER B 319 44.70 4.37 -19.70
CA SER B 319 45.13 5.09 -20.93
C SER B 319 44.23 4.69 -22.11
N GLY B 320 43.50 5.65 -22.69
CA GLY B 320 42.63 5.44 -23.85
C GLY B 320 41.16 5.74 -23.53
N LEU B 321 40.75 5.54 -22.27
CA LEU B 321 39.34 5.70 -21.83
C LEU B 321 38.98 7.19 -21.79
N LYS B 322 37.85 7.55 -22.41
CA LYS B 322 37.32 8.94 -22.47
C LYS B 322 35.82 8.94 -22.19
N ILE B 323 35.30 10.03 -21.62
CA ILE B 323 33.84 10.26 -21.37
C ILE B 323 33.28 11.07 -22.54
N VAL B 324 32.08 10.70 -23.02
CA VAL B 324 31.33 11.41 -24.09
C VAL B 324 29.86 11.50 -23.66
N TYR B 325 29.15 12.53 -24.13
CA TYR B 325 27.74 12.84 -23.77
C TYR B 325 26.89 12.88 -25.04
N PRO B 326 26.57 11.71 -25.64
CA PRO B 326 25.77 11.65 -26.86
C PRO B 326 24.33 12.18 -26.67
N TYR B 327 23.70 11.85 -25.53
CA TYR B 327 22.32 12.27 -25.16
C TYR B 327 22.35 13.01 -23.82
N ASP B 328 21.83 14.24 -23.79
CA ASP B 328 21.75 15.10 -22.58
C ASP B 328 20.61 16.10 -22.76
N THR B 329 19.64 16.10 -21.85
CA THR B 329 18.38 16.91 -21.91
C THR B 329 18.57 18.26 -21.21
N THR B 330 19.56 18.37 -20.31
CA THR B 330 19.77 19.56 -19.43
C THR B 330 20.23 20.77 -20.25
N PRO B 331 21.03 20.61 -21.34
CA PRO B 331 21.26 21.71 -22.28
C PRO B 331 19.95 22.33 -22.79
N PHE B 332 18.97 21.49 -23.15
CA PHE B 332 17.62 21.89 -23.64
C PHE B 332 16.85 22.60 -22.53
N VAL B 333 16.87 22.04 -21.31
CA VAL B 333 16.10 22.54 -20.13
C VAL B 333 16.68 23.89 -19.67
N LYS B 334 18.00 24.07 -19.78
CA LYS B 334 18.69 25.36 -19.49
C LYS B 334 18.07 26.48 -20.33
N ILE B 335 17.94 26.23 -21.64
CA ILE B 335 17.41 27.21 -22.64
C ILE B 335 15.92 27.43 -22.36
N SER B 336 15.16 26.34 -22.17
CA SER B 336 13.71 26.37 -21.84
C SER B 336 13.44 27.37 -20.72
N ILE B 337 14.20 27.30 -19.62
CA ILE B 337 14.07 28.17 -18.42
C ILE B 337 14.47 29.60 -18.79
N HIS B 338 15.67 29.78 -19.35
CA HIS B 338 16.26 31.10 -19.70
C HIS B 338 15.32 31.86 -20.65
N GLU B 339 14.84 31.20 -21.70
CA GLU B 339 13.97 31.78 -22.75
C GLU B 339 12.62 32.22 -22.15
N VAL B 340 12.11 31.48 -21.15
CA VAL B 340 10.82 31.76 -20.47
C VAL B 340 11.00 32.97 -19.53
N VAL B 341 12.07 32.98 -18.73
CA VAL B 341 12.41 34.10 -17.80
C VAL B 341 12.69 35.36 -18.63
N LYS B 342 13.32 35.21 -19.80
CA LYS B 342 13.62 36.31 -20.75
C LYS B 342 12.31 36.90 -21.28
N THR B 343 11.32 36.04 -21.57
CA THR B 343 9.97 36.42 -22.09
C THR B 343 9.18 37.15 -21.00
N LEU B 344 9.18 36.62 -19.77
CA LEU B 344 8.41 37.15 -18.61
C LEU B 344 8.94 38.53 -18.20
N VAL B 345 10.26 38.75 -18.32
CA VAL B 345 10.93 40.05 -18.00
C VAL B 345 10.62 41.05 -19.12
N GLU B 346 10.86 40.65 -20.38
CA GLU B 346 10.60 41.47 -21.59
C GLU B 346 9.12 41.89 -21.62
N ALA B 347 8.22 41.01 -21.16
CA ALA B 347 6.76 41.26 -21.05
C ALA B 347 6.51 42.48 -20.15
N ILE B 348 7.12 42.49 -18.96
CA ILE B 348 6.97 43.56 -17.94
C ILE B 348 7.66 44.84 -18.44
N ILE B 349 8.78 44.70 -19.16
CA ILE B 349 9.53 45.83 -19.79
C ILE B 349 8.62 46.51 -20.82
N LEU B 350 7.90 45.72 -21.63
CA LEU B 350 7.02 46.24 -22.72
C LEU B 350 5.79 46.91 -22.09
N VAL B 351 5.24 46.34 -21.00
CA VAL B 351 4.12 46.95 -20.21
C VAL B 351 4.54 48.35 -19.77
N PHE B 352 5.75 48.49 -19.20
CA PHE B 352 6.36 49.77 -18.79
C PHE B 352 6.35 50.75 -19.97
N LEU B 353 6.88 50.31 -21.11
CA LEU B 353 6.97 51.11 -22.37
C LEU B 353 5.57 51.54 -22.81
N VAL B 354 4.61 50.60 -22.84
CA VAL B 354 3.21 50.84 -23.29
C VAL B 354 2.49 51.73 -22.27
N MET B 355 2.64 51.43 -20.97
CA MET B 355 2.01 52.21 -19.87
C MET B 355 2.45 53.67 -19.96
N TYR B 356 3.74 53.92 -20.16
CA TYR B 356 4.35 55.27 -20.23
C TYR B 356 3.96 55.97 -21.54
N LEU B 357 3.78 55.21 -22.62
CA LEU B 357 3.42 55.75 -23.97
C LEU B 357 2.06 56.45 -23.90
N PHE B 358 1.10 55.90 -23.15
CA PHE B 358 -0.32 56.37 -23.10
C PHE B 358 -0.52 57.27 -21.86
N LEU B 359 -0.16 56.79 -20.67
CA LEU B 359 -0.43 57.48 -19.37
C LEU B 359 0.59 58.58 -19.12
N GLN B 360 1.87 58.33 -19.44
CA GLN B 360 2.96 59.35 -19.50
C GLN B 360 3.27 59.88 -18.09
N ASN B 361 3.57 58.97 -17.16
CA ASN B 361 4.15 59.29 -15.82
C ASN B 361 4.72 58.00 -15.22
N PHE B 362 5.78 58.12 -14.41
CA PHE B 362 6.60 56.99 -13.90
C PHE B 362 5.97 56.37 -12.65
N ARG B 363 4.98 57.03 -12.03
CA ARG B 363 4.27 56.52 -10.83
C ARG B 363 3.18 55.53 -11.27
N ALA B 364 2.67 55.66 -12.50
CA ALA B 364 1.68 54.74 -13.11
C ALA B 364 2.40 53.49 -13.62
N THR B 365 3.56 53.66 -14.25
CA THR B 365 4.33 52.59 -14.97
C THR B 365 4.89 51.56 -13.96
N LEU B 366 5.06 51.96 -12.69
CA LEU B 366 5.66 51.10 -11.62
C LEU B 366 4.64 50.06 -11.14
N ILE B 367 3.36 50.40 -11.06
CA ILE B 367 2.30 49.58 -10.39
C ILE B 367 2.22 48.21 -11.06
N PRO B 368 2.14 48.10 -12.40
CA PRO B 368 2.23 46.80 -13.08
C PRO B 368 3.59 46.10 -12.90
N THR B 369 4.68 46.87 -12.85
CA THR B 369 6.07 46.38 -12.65
C THR B 369 6.21 45.77 -11.25
N ILE B 370 5.38 46.20 -10.29
CA ILE B 370 5.31 45.66 -8.90
C ILE B 370 4.34 44.47 -8.86
N ALA B 371 3.10 44.68 -9.35
CA ALA B 371 1.95 43.76 -9.21
C ALA B 371 2.21 42.42 -9.92
N VAL B 372 2.85 42.44 -11.09
CA VAL B 372 3.01 41.24 -11.96
C VAL B 372 4.00 40.26 -11.32
N PRO B 373 5.25 40.66 -10.97
CA PRO B 373 6.16 39.78 -10.24
C PRO B 373 5.58 39.16 -8.96
N VAL B 374 4.78 39.93 -8.21
CA VAL B 374 4.10 39.48 -6.95
C VAL B 374 3.20 38.27 -7.28
N VAL B 375 2.46 38.34 -8.39
CA VAL B 375 1.55 37.26 -8.87
C VAL B 375 2.40 36.07 -9.34
N LEU B 376 3.40 36.34 -10.21
CA LEU B 376 4.32 35.32 -10.79
C LEU B 376 4.94 34.48 -9.68
N LEU B 377 5.51 35.13 -8.66
CA LEU B 377 6.14 34.45 -7.48
C LEU B 377 5.06 33.66 -6.73
N GLY B 378 3.93 34.31 -6.42
CA GLY B 378 2.77 33.69 -5.76
C GLY B 378 2.34 32.40 -6.45
N THR B 379 2.31 32.41 -7.78
CA THR B 379 1.93 31.25 -8.64
C THR B 379 2.84 30.06 -8.32
N ALA B 380 4.16 30.29 -8.27
CA ALA B 380 5.20 29.27 -7.96
C ALA B 380 4.91 28.63 -6.60
N ALA B 381 4.52 29.44 -5.61
CA ALA B 381 4.19 29.02 -4.22
C ALA B 381 2.98 28.09 -4.24
N VAL B 382 1.96 28.42 -5.03
CA VAL B 382 0.70 27.62 -5.16
C VAL B 382 0.99 26.30 -5.88
N LEU B 383 1.82 26.34 -6.93
CA LEU B 383 2.23 25.15 -7.73
C LEU B 383 3.17 24.26 -6.91
N ALA B 384 4.03 24.86 -6.09
CA ALA B 384 4.92 24.17 -5.13
C ALA B 384 4.07 23.44 -4.09
N ALA B 385 3.00 24.08 -3.62
CA ALA B 385 2.04 23.53 -2.63
C ALA B 385 1.25 22.37 -3.26
N PHE B 386 0.84 22.53 -4.53
CA PHE B 386 0.11 21.51 -5.33
C PHE B 386 1.05 20.37 -5.72
N GLY B 387 2.36 20.54 -5.54
CA GLY B 387 3.38 19.49 -5.75
C GLY B 387 3.82 19.40 -7.21
N PHE B 388 3.61 20.47 -7.99
CA PHE B 388 4.03 20.58 -9.40
C PHE B 388 5.53 20.88 -9.45
N SER B 389 6.15 20.65 -10.61
CA SER B 389 7.60 20.85 -10.87
C SER B 389 7.78 21.85 -12.02
N ILE B 390 8.92 22.55 -12.05
CA ILE B 390 9.33 23.45 -13.16
C ILE B 390 9.66 22.56 -14.37
N ASN B 391 8.75 22.49 -15.34
CA ASN B 391 8.90 21.67 -16.58
C ASN B 391 8.37 22.47 -17.78
N THR B 392 8.64 21.97 -19.00
CA THR B 392 8.28 22.63 -20.28
C THR B 392 6.80 23.01 -20.30
N LEU B 393 5.92 22.14 -19.79
CA LEU B 393 4.44 22.30 -19.84
C LEU B 393 4.00 23.40 -18.87
N THR B 394 4.53 23.41 -17.65
CA THR B 394 4.19 24.40 -16.59
C THR B 394 4.87 25.75 -16.89
N MET B 395 6.04 25.73 -17.54
CA MET B 395 6.82 26.94 -17.91
C MET B 395 6.07 27.72 -18.99
N PHE B 396 5.75 27.07 -20.11
CA PHE B 396 5.01 27.66 -21.27
C PHE B 396 3.56 27.95 -20.85
N GLY B 397 3.03 27.19 -19.88
CA GLY B 397 1.71 27.42 -19.27
C GLY B 397 1.58 28.82 -18.69
N MET B 398 2.68 29.35 -18.15
CA MET B 398 2.75 30.71 -17.52
C MET B 398 2.97 31.78 -18.59
N VAL B 399 3.78 31.48 -19.61
CA VAL B 399 3.99 32.36 -20.81
C VAL B 399 2.63 32.66 -21.44
N LEU B 400 1.77 31.65 -21.55
CA LEU B 400 0.40 31.74 -22.10
C LEU B 400 -0.48 32.64 -21.20
N ALA B 401 -0.23 32.61 -19.88
CA ALA B 401 -1.00 33.35 -18.86
C ALA B 401 -0.65 34.85 -18.88
N ILE B 402 0.55 35.21 -19.35
CA ILE B 402 1.07 36.61 -19.38
C ILE B 402 -0.06 37.56 -19.77
N GLY B 403 -0.80 37.23 -20.84
CA GLY B 403 -1.92 38.03 -21.36
C GLY B 403 -2.91 38.40 -20.27
N LEU B 404 -3.32 37.42 -19.46
CA LEU B 404 -4.30 37.59 -18.35
C LEU B 404 -3.66 38.38 -17.20
N LEU B 405 -2.39 38.11 -16.90
CA LEU B 405 -1.64 38.71 -15.76
C LEU B 405 -1.40 40.20 -16.01
N VAL B 406 -0.98 40.55 -17.22
CA VAL B 406 -0.65 41.95 -17.65
C VAL B 406 -1.94 42.79 -17.64
N ASP B 407 -3.06 42.21 -18.10
CA ASP B 407 -4.37 42.91 -18.25
C ASP B 407 -4.84 43.40 -16.88
N ASP B 408 -4.96 42.50 -15.90
CA ASP B 408 -5.46 42.78 -14.53
C ASP B 408 -4.72 43.98 -13.94
N ALA B 409 -3.42 44.11 -14.21
CA ALA B 409 -2.56 45.23 -13.75
C ALA B 409 -2.97 46.52 -14.49
N ILE B 410 -3.02 46.47 -15.82
CA ILE B 410 -3.32 47.65 -16.71
C ILE B 410 -4.74 48.15 -16.44
N VAL B 411 -5.73 47.25 -16.50
CA VAL B 411 -7.19 47.57 -16.38
C VAL B 411 -7.43 48.48 -15.16
N VAL B 412 -6.87 48.11 -14.00
CA VAL B 412 -7.09 48.80 -12.69
C VAL B 412 -6.52 50.21 -12.77
N VAL B 413 -5.26 50.36 -13.22
CA VAL B 413 -4.51 51.66 -13.22
C VAL B 413 -5.15 52.61 -14.24
N GLU B 414 -5.35 52.14 -15.48
CA GLU B 414 -5.96 52.92 -16.60
C GLU B 414 -7.28 53.53 -16.14
N ASN B 415 -8.14 52.73 -15.50
CA ASN B 415 -9.51 53.12 -15.07
C ASN B 415 -9.41 54.25 -14.03
N VAL B 416 -8.41 54.20 -13.14
CA VAL B 416 -8.15 55.26 -12.12
C VAL B 416 -7.69 56.53 -12.86
N GLU B 417 -6.74 56.39 -13.79
CA GLU B 417 -6.18 57.50 -14.59
C GLU B 417 -7.30 58.17 -15.41
N ARG B 418 -8.27 57.38 -15.88
CA ARG B 418 -9.43 57.84 -16.68
C ARG B 418 -10.40 58.64 -15.79
N VAL B 419 -10.80 58.07 -14.65
CA VAL B 419 -11.77 58.68 -13.70
C VAL B 419 -11.23 60.04 -13.22
N MET B 420 -9.92 60.10 -12.91
CA MET B 420 -9.23 61.34 -12.47
C MET B 420 -9.26 62.39 -13.59
N ALA B 421 -9.06 61.96 -14.84
CA ALA B 421 -8.99 62.84 -16.04
C ALA B 421 -10.37 63.44 -16.35
N GLU B 422 -11.43 62.66 -16.16
CA GLU B 422 -12.81 63.00 -16.60
C GLU B 422 -13.56 63.77 -15.50
N GLU B 423 -13.27 63.49 -14.23
CA GLU B 423 -14.04 64.03 -13.06
C GLU B 423 -13.15 64.91 -12.16
N GLY B 424 -11.83 64.89 -12.34
CA GLY B 424 -10.87 65.72 -11.57
C GLY B 424 -10.86 65.36 -10.09
N LEU B 425 -11.03 64.07 -9.76
CA LEU B 425 -11.06 63.55 -8.37
C LEU B 425 -9.63 63.29 -7.90
N PRO B 426 -9.36 63.37 -6.57
CA PRO B 426 -8.04 63.03 -6.04
C PRO B 426 -7.75 61.53 -6.15
N PRO B 427 -6.45 61.12 -6.20
CA PRO B 427 -6.07 59.72 -6.41
C PRO B 427 -6.80 58.69 -5.53
N LYS B 428 -7.02 58.99 -4.25
CA LYS B 428 -7.60 58.05 -3.25
C LYS B 428 -9.08 57.82 -3.54
N GLU B 429 -9.85 58.89 -3.74
CA GLU B 429 -11.33 58.85 -3.99
C GLU B 429 -11.59 58.40 -5.43
N ALA B 430 -10.68 58.71 -6.35
CA ALA B 430 -10.72 58.30 -7.77
C ALA B 430 -10.58 56.77 -7.88
N THR B 431 -9.73 56.18 -7.04
CA THR B 431 -9.48 54.71 -6.97
C THR B 431 -10.71 54.00 -6.39
N ARG B 432 -11.35 54.59 -5.37
CA ARG B 432 -12.58 54.06 -4.72
C ARG B 432 -13.70 53.92 -5.77
N LYS B 433 -13.87 54.93 -6.62
CA LYS B 433 -14.87 54.93 -7.73
C LYS B 433 -14.43 53.95 -8.81
N SER B 434 -13.17 54.05 -9.25
CA SER B 434 -12.54 53.20 -10.30
C SER B 434 -12.78 51.72 -9.97
N MET B 435 -12.34 51.27 -8.80
CA MET B 435 -12.49 49.87 -8.31
C MET B 435 -13.99 49.53 -8.17
N GLY B 436 -14.80 50.51 -7.74
CA GLY B 436 -16.26 50.39 -7.62
C GLY B 436 -16.90 49.95 -8.94
N GLN B 437 -16.34 50.37 -10.07
CA GLN B 437 -16.89 50.13 -11.43
C GLN B 437 -16.48 48.74 -11.94
N ILE B 438 -15.34 48.19 -11.50
CA ILE B 438 -14.72 46.96 -12.09
C ILE B 438 -14.74 45.79 -11.11
N GLN B 439 -14.72 46.03 -9.79
CA GLN B 439 -14.58 44.97 -8.75
C GLN B 439 -15.58 43.84 -9.00
N GLY B 440 -16.83 44.19 -9.35
CA GLY B 440 -17.92 43.23 -9.63
C GLY B 440 -17.58 42.33 -10.81
N ALA B 441 -17.01 42.91 -11.88
CA ALA B 441 -16.64 42.22 -13.14
C ALA B 441 -15.44 41.29 -12.90
N LEU B 442 -14.42 41.77 -12.19
CA LEU B 442 -13.15 41.03 -11.92
C LEU B 442 -13.44 39.74 -11.16
N VAL B 443 -14.36 39.78 -10.19
CA VAL B 443 -14.84 38.60 -9.42
C VAL B 443 -15.62 37.67 -10.36
N GLY B 444 -16.41 38.25 -11.27
CA GLY B 444 -17.12 37.52 -12.34
C GLY B 444 -16.15 36.86 -13.29
N ILE B 445 -15.15 37.62 -13.78
CA ILE B 445 -14.09 37.16 -14.72
C ILE B 445 -13.38 35.93 -14.13
N ALA B 446 -13.03 35.99 -12.84
CA ALA B 446 -12.35 34.91 -12.09
C ALA B 446 -13.12 33.59 -12.25
N MET B 447 -14.43 33.62 -12.01
CA MET B 447 -15.33 32.44 -12.07
C MET B 447 -15.50 31.98 -13.51
N VAL B 448 -15.54 32.93 -14.47
CA VAL B 448 -15.70 32.65 -15.93
C VAL B 448 -14.45 31.94 -16.44
N LEU B 449 -13.27 32.54 -16.22
CA LEU B 449 -11.95 31.99 -16.67
C LEU B 449 -11.70 30.65 -15.98
N SER B 450 -12.07 30.52 -14.70
CA SER B 450 -12.06 29.24 -13.93
C SER B 450 -12.87 28.18 -14.70
N ALA B 451 -14.09 28.54 -15.12
CA ALA B 451 -15.04 27.65 -15.84
C ALA B 451 -14.46 27.23 -17.20
N VAL B 452 -13.54 28.02 -17.77
CA VAL B 452 -12.86 27.71 -19.07
C VAL B 452 -11.73 26.70 -18.82
N PHE B 453 -10.87 26.96 -17.83
CA PHE B 453 -9.56 26.27 -17.66
C PHE B 453 -9.69 25.04 -16.76
N VAL B 454 -10.49 25.10 -15.69
CA VAL B 454 -10.62 24.01 -14.66
C VAL B 454 -11.02 22.70 -15.34
N PRO B 455 -12.07 22.68 -16.20
CA PRO B 455 -12.52 21.42 -16.82
C PRO B 455 -11.46 20.72 -17.69
N MET B 456 -10.46 21.48 -18.17
CA MET B 456 -9.34 20.98 -19.01
C MET B 456 -8.52 19.93 -18.24
N ALA B 457 -8.47 20.03 -16.91
CA ALA B 457 -7.69 19.15 -16.01
C ALA B 457 -8.38 17.78 -15.85
N PHE B 458 -9.70 17.72 -16.05
CA PHE B 458 -10.55 16.53 -15.75
C PHE B 458 -10.49 15.51 -16.89
N PHE B 459 -9.75 15.78 -17.98
CA PHE B 459 -9.45 14.81 -19.06
C PHE B 459 -8.63 13.65 -18.46
N GLY B 460 -8.89 12.43 -18.93
CA GLY B 460 -8.21 11.19 -18.48
C GLY B 460 -7.07 10.80 -19.41
N GLY B 461 -6.32 9.77 -19.04
CA GLY B 461 -5.22 9.19 -19.84
C GLY B 461 -4.00 10.12 -19.91
N SER B 462 -3.07 9.81 -20.81
CA SER B 462 -1.78 10.52 -20.99
C SER B 462 -2.02 11.97 -21.45
N THR B 463 -2.88 12.15 -22.45
CA THR B 463 -3.26 13.48 -23.00
C THR B 463 -3.85 14.34 -21.89
N GLY B 464 -4.70 13.76 -21.04
CA GLY B 464 -5.39 14.44 -19.93
C GLY B 464 -4.42 14.93 -18.86
N ALA B 465 -3.32 14.22 -18.64
CA ALA B 465 -2.25 14.56 -17.68
C ALA B 465 -1.50 15.81 -18.15
N ILE B 466 -1.26 15.93 -19.46
CA ILE B 466 -0.57 17.09 -20.09
C ILE B 466 -1.45 18.35 -19.94
N TYR B 467 -2.74 18.21 -20.22
CA TYR B 467 -3.75 19.31 -20.11
C TYR B 467 -3.85 19.80 -18.67
N ARG B 468 -3.73 18.89 -17.70
CA ARG B 468 -3.81 19.18 -16.24
C ARG B 468 -2.66 20.11 -15.83
N GLN B 469 -1.48 19.94 -16.44
CA GLN B 469 -0.27 20.76 -16.14
C GLN B 469 -0.53 22.22 -16.54
N PHE B 470 -1.09 22.45 -17.73
CA PHE B 470 -1.45 23.79 -18.27
C PHE B 470 -2.61 24.38 -17.45
N SER B 471 -3.61 23.55 -17.12
CA SER B 471 -4.87 23.95 -16.43
C SER B 471 -4.56 24.60 -15.07
N ILE B 472 -3.98 23.83 -14.14
CA ILE B 472 -3.70 24.26 -12.73
C ILE B 472 -2.72 25.46 -12.76
N THR B 473 -1.78 25.47 -13.70
CA THR B 473 -0.77 26.55 -13.89
C THR B 473 -1.49 27.88 -14.19
N ILE B 474 -2.37 27.88 -15.19
CA ILE B 474 -3.10 29.10 -15.67
C ILE B 474 -4.12 29.54 -14.60
N VAL B 475 -4.90 28.61 -14.06
CA VAL B 475 -5.95 28.88 -13.04
C VAL B 475 -5.31 29.52 -11.80
N SER B 476 -4.19 28.96 -11.33
CA SER B 476 -3.42 29.46 -10.16
C SER B 476 -2.92 30.88 -10.42
N ALA B 477 -2.26 31.09 -11.57
CA ALA B 477 -1.71 32.38 -12.03
C ALA B 477 -2.83 33.43 -12.10
N MET B 478 -3.92 33.08 -12.78
CA MET B 478 -5.10 33.95 -13.02
C MET B 478 -5.79 34.27 -11.69
N ALA B 479 -5.92 33.29 -10.79
CA ALA B 479 -6.62 33.39 -9.49
C ALA B 479 -5.96 34.48 -8.63
N LEU B 480 -4.63 34.42 -8.48
CA LEU B 480 -3.84 35.39 -7.67
C LEU B 480 -3.86 36.77 -8.32
N SER B 481 -3.83 36.84 -9.66
CA SER B 481 -3.86 38.08 -10.46
C SER B 481 -5.12 38.89 -10.13
N VAL B 482 -6.27 38.20 -10.00
CA VAL B 482 -7.58 38.80 -9.58
C VAL B 482 -7.49 39.21 -8.11
N LEU B 483 -6.89 38.36 -7.27
CA LEU B 483 -6.72 38.59 -5.81
C LEU B 483 -5.82 39.82 -5.60
N VAL B 484 -4.70 39.89 -6.32
CA VAL B 484 -3.71 41.00 -6.30
C VAL B 484 -4.38 42.29 -6.79
N ALA B 485 -5.28 42.17 -7.78
CA ALA B 485 -6.00 43.30 -8.42
C ALA B 485 -7.03 43.90 -7.45
N LEU B 486 -7.46 43.15 -6.43
CA LEU B 486 -8.49 43.57 -5.44
C LEU B 486 -7.85 43.96 -4.11
N ILE B 487 -6.54 43.74 -3.93
CA ILE B 487 -5.80 43.96 -2.65
C ILE B 487 -4.66 44.96 -2.87
N LEU B 488 -3.69 44.63 -3.73
CA LEU B 488 -2.40 45.35 -3.87
C LEU B 488 -2.58 46.61 -4.75
N THR B 489 -2.96 46.42 -6.02
CA THR B 489 -2.97 47.48 -7.07
C THR B 489 -3.92 48.62 -6.68
N PRO B 490 -5.09 48.37 -6.03
CA PRO B 490 -5.93 49.46 -5.53
C PRO B 490 -5.17 50.37 -4.55
N ALA B 491 -4.48 49.76 -3.58
CA ALA B 491 -3.65 50.45 -2.57
C ALA B 491 -2.57 51.29 -3.26
N LEU B 492 -1.84 50.67 -4.20
CA LEU B 492 -0.74 51.32 -4.97
C LEU B 492 -1.28 52.52 -5.76
N CYS B 493 -2.43 52.34 -6.44
CA CYS B 493 -3.11 53.38 -7.24
C CYS B 493 -3.53 54.56 -6.35
N ALA B 494 -4.00 54.27 -5.13
CA ALA B 494 -4.50 55.27 -4.15
C ALA B 494 -3.35 56.13 -3.62
N THR B 495 -2.16 55.54 -3.46
CA THR B 495 -0.96 56.18 -2.83
C THR B 495 -0.08 56.83 -3.90
N MET B 496 0.32 56.07 -4.93
CA MET B 496 1.43 56.41 -5.86
C MET B 496 0.97 57.43 -6.91
N LEU B 497 -0.17 57.20 -7.58
CA LEU B 497 -0.67 58.04 -8.70
C LEU B 497 -0.89 59.47 -8.19
N LYS B 498 -0.44 60.46 -8.98
CA LYS B 498 -0.64 61.91 -8.70
C LYS B 498 -1.97 62.35 -9.31
N PRO B 499 -2.58 63.48 -8.83
CA PRO B 499 -3.87 63.93 -9.35
C PRO B 499 -3.79 64.41 -10.80
N ILE B 500 -4.93 64.35 -11.52
CA ILE B 500 -5.09 64.89 -12.90
C ILE B 500 -6.29 65.84 -12.89
N ALA B 501 -6.14 67.01 -13.54
CA ALA B 501 -7.17 68.06 -13.65
C ALA B 501 -8.32 67.57 -14.54
N LYS B 502 -9.56 67.98 -14.22
CA LYS B 502 -10.79 67.61 -14.99
C LYS B 502 -10.67 68.15 -16.42
N GLY B 503 -10.73 67.26 -17.41
CA GLY B 503 -10.69 67.61 -18.85
C GLY B 503 -9.30 67.49 -19.45
N ASP B 504 -8.26 67.47 -18.61
CA ASP B 504 -6.84 67.38 -19.04
C ASP B 504 -6.57 65.95 -19.53
N HIS B 505 -6.59 65.74 -20.85
CA HIS B 505 -6.23 64.48 -21.53
C HIS B 505 -4.85 64.60 -22.17
N GLY B 506 -4.05 65.58 -21.70
CA GLY B 506 -2.65 65.82 -22.12
C GLY B 506 -2.55 66.24 -23.58
N GLU B 507 -3.58 66.90 -24.11
CA GLU B 507 -3.60 67.45 -25.49
C GLU B 507 -2.78 68.76 -25.54
N GLY B 508 -2.65 69.43 -24.39
CA GLY B 508 -1.93 70.72 -24.24
C GLY B 508 -0.45 70.55 -23.91
N LYS B 509 0.11 69.36 -24.17
CA LYS B 509 1.57 69.06 -24.03
C LYS B 509 2.26 69.32 -25.37
N LYS B 510 3.60 69.31 -25.38
CA LYS B 510 4.44 69.51 -26.58
C LYS B 510 5.17 68.20 -26.94
N GLY B 511 5.93 68.20 -28.04
CA GLY B 511 6.82 67.11 -28.45
C GLY B 511 6.05 65.91 -28.98
N PHE B 512 6.61 64.70 -28.76
CA PHE B 512 6.07 63.40 -29.24
C PHE B 512 4.79 63.06 -28.48
N PHE B 513 4.82 63.17 -27.15
CA PHE B 513 3.71 62.79 -26.22
C PHE B 513 2.56 63.79 -26.33
N GLY B 514 2.85 65.03 -26.73
CA GLY B 514 1.83 66.05 -27.06
C GLY B 514 1.06 65.69 -28.33
N TRP B 515 1.79 65.29 -29.37
CA TRP B 515 1.24 64.85 -30.69
C TRP B 515 0.38 63.59 -30.51
N PHE B 516 0.89 62.61 -29.75
CA PHE B 516 0.28 61.27 -29.55
C PHE B 516 -1.11 61.40 -28.91
N ASN B 517 -1.26 62.34 -27.96
CA ASN B 517 -2.50 62.54 -27.17
C ASN B 517 -3.62 63.09 -28.08
N ARG B 518 -3.30 64.11 -28.90
CA ARG B 518 -4.23 64.69 -29.90
C ARG B 518 -4.52 63.66 -30.98
N MET B 519 -3.50 62.88 -31.38
CA MET B 519 -3.61 61.80 -32.40
C MET B 519 -4.61 60.74 -31.90
N PHE B 520 -4.46 60.29 -30.65
CA PHE B 520 -5.27 59.21 -30.05
C PHE B 520 -6.69 59.71 -29.74
N GLU B 521 -6.81 60.94 -29.22
CA GLU B 521 -8.10 61.56 -28.82
C GLU B 521 -9.03 61.68 -30.04
N LYS B 522 -8.47 62.03 -31.21
CA LYS B 522 -9.23 62.17 -32.49
C LYS B 522 -9.45 60.79 -33.10
N SER B 523 -8.53 59.84 -32.87
CA SER B 523 -8.65 58.42 -33.29
C SER B 523 -9.76 57.74 -32.47
N THR B 524 -9.94 58.14 -31.20
CA THR B 524 -11.02 57.67 -30.30
C THR B 524 -12.37 58.14 -30.84
N HIS B 525 -12.43 59.39 -31.35
CA HIS B 525 -13.65 60.01 -31.92
C HIS B 525 -13.99 59.35 -33.26
N HIS B 526 -12.98 59.04 -34.09
CA HIS B 526 -13.12 58.27 -35.35
C HIS B 526 -13.74 56.90 -35.04
N TYR B 527 -13.25 56.24 -33.98
CA TYR B 527 -13.67 54.89 -33.53
C TYR B 527 -15.14 54.91 -33.08
N THR B 528 -15.54 55.90 -32.28
CA THR B 528 -16.91 56.03 -31.72
C THR B 528 -17.89 56.40 -32.85
N ASP B 529 -17.50 57.32 -33.74
CA ASP B 529 -18.26 57.69 -34.97
C ASP B 529 -18.43 56.44 -35.84
N SER B 530 -17.39 55.61 -35.93
CA SER B 530 -17.34 54.35 -36.72
C SER B 530 -18.34 53.33 -36.15
N VAL B 531 -18.27 53.06 -34.84
CA VAL B 531 -19.17 52.11 -34.12
C VAL B 531 -20.61 52.65 -34.23
N GLY B 532 -20.78 53.98 -34.15
CA GLY B 532 -22.08 54.66 -34.35
C GLY B 532 -22.76 54.20 -35.62
N GLY B 533 -22.02 54.20 -36.74
CA GLY B 533 -22.50 53.77 -38.07
C GLY B 533 -22.72 52.26 -38.15
N ILE B 534 -21.87 51.48 -37.48
CA ILE B 534 -21.99 50.00 -37.37
C ILE B 534 -23.31 49.65 -36.66
N LEU B 535 -23.68 50.43 -35.64
CA LEU B 535 -24.86 50.15 -34.77
C LEU B 535 -26.16 50.67 -35.40
N ARG B 536 -26.09 51.29 -36.59
CA ARG B 536 -27.27 51.66 -37.41
C ARG B 536 -27.63 50.50 -38.34
N SER B 537 -26.62 49.80 -38.87
CA SER B 537 -26.76 48.63 -39.77
C SER B 537 -26.09 47.41 -39.13
N THR B 538 -26.69 46.87 -38.06
CA THR B 538 -26.21 45.69 -37.30
C THR B 538 -26.41 44.41 -38.13
N GLY B 539 -27.43 44.40 -38.99
CA GLY B 539 -27.85 43.23 -39.79
C GLY B 539 -26.70 42.59 -40.56
N ARG B 540 -25.87 43.41 -41.23
CA ARG B 540 -24.79 42.94 -42.15
C ARG B 540 -23.65 42.30 -41.35
N TYR B 541 -23.46 42.71 -40.08
CA TYR B 541 -22.36 42.25 -39.21
C TYR B 541 -22.72 40.89 -38.59
N LEU B 542 -24.01 40.61 -38.40
CA LEU B 542 -24.52 39.27 -38.02
C LEU B 542 -24.28 38.29 -39.18
N VAL B 543 -24.33 38.79 -40.43
CA VAL B 543 -23.98 38.03 -41.65
C VAL B 543 -22.46 37.82 -41.69
N LEU B 544 -21.68 38.86 -41.41
CA LEU B 544 -20.19 38.83 -41.39
C LEU B 544 -19.70 37.92 -40.25
N TYR B 545 -20.49 37.80 -39.17
CA TYR B 545 -20.21 36.91 -38.02
C TYR B 545 -20.31 35.44 -38.47
N LEU B 546 -21.37 35.11 -39.22
CA LEU B 546 -21.61 33.74 -39.76
C LEU B 546 -20.55 33.37 -40.79
N ILE B 547 -19.99 34.35 -41.50
CA ILE B 547 -18.86 34.18 -42.46
C ILE B 547 -17.60 33.79 -41.67
N ILE B 548 -17.40 34.39 -40.49
CA ILE B 548 -16.26 34.10 -39.57
C ILE B 548 -16.47 32.70 -38.96
N VAL B 549 -17.70 32.40 -38.50
CA VAL B 549 -18.06 31.09 -37.87
C VAL B 549 -17.83 29.96 -38.88
N VAL B 550 -18.24 30.15 -40.14
CA VAL B 550 -18.01 29.18 -41.25
C VAL B 550 -16.51 29.17 -41.59
N GLY B 551 -15.87 30.35 -41.59
CA GLY B 551 -14.41 30.51 -41.77
C GLY B 551 -13.64 29.71 -40.73
N MET B 552 -14.06 29.80 -39.47
CA MET B 552 -13.45 29.09 -38.31
C MET B 552 -13.60 27.58 -38.49
N ALA B 553 -14.86 27.10 -38.56
CA ALA B 553 -15.23 25.67 -38.65
C ALA B 553 -14.48 25.00 -39.81
N TYR B 554 -14.37 25.70 -40.96
CA TYR B 554 -13.65 25.25 -42.18
C TYR B 554 -12.19 24.97 -41.84
N LEU B 555 -11.48 25.98 -41.33
CA LEU B 555 -10.03 25.93 -41.00
C LEU B 555 -9.76 24.90 -39.90
N PHE B 556 -10.68 24.76 -38.94
CA PHE B 556 -10.56 23.84 -37.77
C PHE B 556 -10.44 22.40 -38.26
N VAL B 557 -11.34 22.00 -39.17
CA VAL B 557 -11.45 20.62 -39.73
C VAL B 557 -10.24 20.36 -40.65
N ARG B 558 -9.79 21.36 -41.40
CA ARG B 558 -8.71 21.25 -42.41
C ARG B 558 -7.37 21.76 -41.84
N LEU B 559 -7.15 21.59 -40.54
CA LEU B 559 -5.84 21.81 -39.87
C LEU B 559 -5.38 20.49 -39.26
N PRO B 560 -4.19 19.95 -39.63
CA PRO B 560 -3.74 18.66 -39.11
C PRO B 560 -3.50 18.71 -37.59
N SER B 561 -4.08 17.76 -36.84
CA SER B 561 -4.02 17.68 -35.36
C SER B 561 -2.86 16.81 -34.92
N SER B 562 -2.16 17.21 -33.85
CA SER B 562 -1.05 16.47 -33.20
C SER B 562 -1.15 16.63 -31.67
N PHE B 563 -0.27 15.96 -30.92
CA PHE B 563 -0.19 16.03 -29.44
C PHE B 563 0.87 17.06 -29.04
N LEU B 564 2.09 16.92 -29.56
CA LEU B 564 3.22 17.86 -29.35
C LEU B 564 4.00 18.03 -30.65
N PRO B 565 4.53 19.24 -30.95
CA PRO B 565 5.36 19.45 -32.14
C PRO B 565 6.79 18.89 -31.94
N ASP B 566 7.31 18.20 -32.97
CA ASP B 566 8.69 17.62 -32.96
C ASP B 566 9.71 18.75 -32.82
N GLU B 567 10.70 18.57 -31.95
CA GLU B 567 11.77 19.55 -31.64
C GLU B 567 13.12 19.04 -32.16
N ASP B 568 14.03 19.97 -32.49
CA ASP B 568 15.48 19.67 -32.69
C ASP B 568 16.09 19.49 -31.29
N GLN B 569 16.25 18.25 -30.85
CA GLN B 569 16.80 17.88 -29.51
C GLN B 569 18.32 17.75 -29.57
N GLY B 570 18.90 17.82 -30.78
CA GLY B 570 20.35 17.70 -31.02
C GLY B 570 20.77 16.27 -31.28
N VAL B 571 19.80 15.34 -31.32
CA VAL B 571 20.03 13.89 -31.59
C VAL B 571 18.84 13.36 -32.41
N PHE B 572 19.00 12.20 -33.04
CA PHE B 572 17.92 11.46 -33.75
C PHE B 572 18.34 10.00 -33.94
N MET B 573 17.36 9.14 -34.23
CA MET B 573 17.51 7.66 -34.34
C MET B 573 17.59 7.28 -35.83
N THR B 574 18.29 6.17 -36.13
CA THR B 574 18.41 5.58 -37.50
C THR B 574 18.33 4.05 -37.39
N MET B 575 17.16 3.48 -37.70
CA MET B 575 16.87 2.02 -37.61
C MET B 575 17.62 1.28 -38.74
N VAL B 576 18.06 0.05 -38.48
CA VAL B 576 18.71 -0.86 -39.45
C VAL B 576 18.12 -2.27 -39.28
N GLN B 577 17.25 -2.68 -40.21
CA GLN B 577 16.54 -3.99 -40.20
C GLN B 577 16.95 -4.79 -41.45
N LEU B 578 17.67 -5.90 -41.25
CA LEU B 578 18.12 -6.82 -42.33
C LEU B 578 17.12 -7.96 -42.47
N PRO B 579 17.14 -8.71 -43.59
CA PRO B 579 16.29 -9.90 -43.75
C PRO B 579 16.48 -10.91 -42.62
N ALA B 580 15.40 -11.53 -42.16
CA ALA B 580 15.34 -12.49 -41.03
C ALA B 580 16.23 -13.70 -41.33
N GLY B 581 17.08 -14.09 -40.37
CA GLY B 581 18.05 -15.20 -40.50
C GLY B 581 19.45 -14.70 -40.78
N ALA B 582 19.64 -13.37 -40.88
CA ALA B 582 20.94 -12.71 -41.12
C ALA B 582 21.76 -12.75 -39.83
N THR B 583 23.09 -12.72 -39.96
CA THR B 583 24.08 -12.86 -38.84
C THR B 583 24.45 -11.48 -38.30
N GLN B 584 25.20 -11.46 -37.18
CA GLN B 584 25.65 -10.25 -36.45
C GLN B 584 26.62 -9.45 -37.33
N GLU B 585 27.49 -10.16 -38.06
CA GLU B 585 28.53 -9.57 -38.95
C GLU B 585 27.87 -8.77 -40.07
N ARG B 586 26.84 -9.33 -40.71
CA ARG B 586 26.06 -8.69 -41.81
C ARG B 586 25.53 -7.33 -41.34
N THR B 587 24.93 -7.28 -40.15
CA THR B 587 24.31 -6.06 -39.54
C THR B 587 25.39 -5.02 -39.27
N GLN B 588 26.58 -5.45 -38.85
CA GLN B 588 27.73 -4.57 -38.51
C GLN B 588 28.21 -3.83 -39.77
N LYS B 589 28.30 -4.54 -40.90
CA LYS B 589 28.73 -3.99 -42.22
C LYS B 589 27.82 -2.80 -42.61
N VAL B 590 26.51 -2.93 -42.36
CA VAL B 590 25.49 -1.89 -42.68
C VAL B 590 25.67 -0.71 -41.72
N LEU B 591 25.75 -0.98 -40.42
CA LEU B 591 25.96 0.05 -39.35
C LEU B 591 27.28 0.79 -39.60
N ASN B 592 28.31 0.10 -40.10
CA ASN B 592 29.62 0.69 -40.50
C ASN B 592 29.40 1.68 -41.64
N GLU B 593 28.58 1.31 -42.64
CA GLU B 593 28.22 2.15 -43.81
C GLU B 593 27.35 3.34 -43.34
N VAL B 594 26.42 3.09 -42.41
CA VAL B 594 25.53 4.13 -41.81
C VAL B 594 26.40 5.13 -41.04
N THR B 595 27.29 4.62 -40.18
CA THR B 595 28.24 5.42 -39.36
C THR B 595 29.14 6.24 -40.29
N HIS B 596 29.59 5.65 -41.42
CA HIS B 596 30.49 6.27 -42.41
C HIS B 596 29.80 7.49 -43.05
N TYR B 597 28.57 7.33 -43.55
CA TYR B 597 27.77 8.38 -44.22
C TYR B 597 27.74 9.65 -43.36
N TYR B 598 27.35 9.50 -42.09
CA TYR B 598 27.12 10.61 -41.13
C TYR B 598 28.43 11.36 -40.85
N LEU B 599 29.52 10.62 -40.60
CA LEU B 599 30.85 11.20 -40.25
C LEU B 599 31.54 11.76 -41.50
N THR B 600 31.11 11.35 -42.70
CA THR B 600 31.67 11.79 -44.00
C THR B 600 30.88 13.01 -44.53
N LYS B 601 29.63 12.80 -44.94
CA LYS B 601 28.81 13.77 -45.73
C LYS B 601 28.09 14.75 -44.80
N GLU B 602 27.78 14.34 -43.56
CA GLU B 602 27.13 15.19 -42.53
C GLU B 602 28.15 15.53 -41.43
N LYS B 603 29.43 15.68 -41.80
CA LYS B 603 30.56 15.93 -40.86
C LYS B 603 30.40 17.30 -40.18
N ASN B 604 29.82 18.28 -40.89
CA ASN B 604 29.57 19.65 -40.37
C ASN B 604 28.50 19.61 -39.27
N ASN B 605 27.49 18.75 -39.43
CA ASN B 605 26.31 18.65 -38.53
C ASN B 605 26.59 17.65 -37.40
N VAL B 606 26.90 16.40 -37.76
CA VAL B 606 26.99 15.24 -36.82
C VAL B 606 28.25 15.38 -35.95
N GLU B 607 28.12 15.07 -34.66
CA GLU B 607 29.22 15.03 -33.67
C GLU B 607 29.70 13.56 -33.55
N SER B 608 28.78 12.64 -33.27
CA SER B 608 29.07 11.20 -33.04
C SER B 608 27.89 10.32 -33.48
N VAL B 609 28.14 9.04 -33.71
CA VAL B 609 27.14 7.99 -34.08
C VAL B 609 27.36 6.76 -33.20
N PHE B 610 26.45 6.51 -32.25
CA PHE B 610 26.49 5.36 -31.31
C PHE B 610 25.86 4.14 -32.01
N ALA B 611 26.69 3.33 -32.68
CA ALA B 611 26.28 2.17 -33.50
C ALA B 611 26.03 0.96 -32.58
N VAL B 612 24.77 0.73 -32.21
CA VAL B 612 24.32 -0.41 -31.35
C VAL B 612 23.83 -1.55 -32.26
N ASN B 613 24.65 -2.57 -32.45
CA ASN B 613 24.33 -3.80 -33.25
C ASN B 613 23.65 -4.82 -32.32
N GLY B 614 22.51 -5.37 -32.74
CA GLY B 614 21.78 -6.43 -32.03
C GLY B 614 20.49 -5.94 -31.39
N PHE B 615 20.36 -4.62 -31.20
CA PHE B 615 19.21 -3.98 -30.49
C PHE B 615 18.15 -3.51 -31.51
N GLY B 616 16.88 -3.76 -31.19
CA GLY B 616 15.71 -3.30 -31.97
C GLY B 616 14.50 -3.14 -31.06
N PHE B 617 13.84 -1.98 -31.12
CA PHE B 617 12.68 -1.61 -30.25
C PHE B 617 11.57 -2.66 -30.40
N ALA B 618 11.30 -3.09 -31.64
CA ALA B 618 10.23 -4.05 -32.00
C ALA B 618 10.83 -5.44 -32.22
N GLY B 619 11.66 -5.91 -31.29
CA GLY B 619 12.27 -7.26 -31.29
C GLY B 619 13.79 -7.21 -31.35
N ARG B 620 14.44 -8.12 -30.62
CA ARG B 620 15.92 -8.29 -30.59
C ARG B 620 16.35 -9.27 -31.71
N GLY B 621 17.65 -9.57 -31.79
CA GLY B 621 18.21 -10.55 -32.73
C GLY B 621 19.49 -10.03 -33.38
N GLN B 622 20.23 -10.90 -34.09
CA GLN B 622 21.49 -10.58 -34.79
C GLN B 622 21.20 -9.68 -36.01
N ASN B 623 19.99 -9.76 -36.58
CA ASN B 623 19.62 -9.15 -37.87
C ASN B 623 18.94 -7.79 -37.67
N THR B 624 19.21 -7.11 -36.56
CA THR B 624 18.66 -5.76 -36.24
C THR B 624 19.72 -4.93 -35.50
N GLY B 625 19.66 -3.60 -35.65
CA GLY B 625 20.57 -2.64 -35.00
C GLY B 625 20.01 -1.23 -35.05
N ILE B 626 20.58 -0.32 -34.25
CA ILE B 626 20.22 1.13 -34.21
C ILE B 626 21.50 1.96 -34.17
N ALA B 627 21.52 3.09 -34.88
CA ALA B 627 22.59 4.11 -34.87
C ALA B 627 22.06 5.39 -34.22
N PHE B 628 22.51 5.69 -33.00
CA PHE B 628 22.11 6.89 -32.21
C PHE B 628 23.01 8.06 -32.62
N VAL B 629 22.54 8.89 -33.55
CA VAL B 629 23.29 10.03 -34.14
C VAL B 629 23.17 11.23 -33.18
N SER B 630 24.32 11.73 -32.70
CA SER B 630 24.44 12.95 -31.85
C SER B 630 25.01 14.09 -32.71
N LEU B 631 24.33 15.24 -32.73
CA LEU B 631 24.72 16.43 -33.54
C LEU B 631 25.56 17.40 -32.69
N LYS B 632 26.13 18.42 -33.34
CA LYS B 632 26.93 19.51 -32.69
C LYS B 632 25.97 20.59 -32.17
N ASP B 633 26.52 21.65 -31.57
CA ASP B 633 25.76 22.78 -30.97
C ASP B 633 24.76 23.34 -31.97
N TRP B 634 23.64 23.88 -31.45
CA TRP B 634 22.54 24.51 -32.24
C TRP B 634 23.08 25.69 -33.06
N ALA B 635 24.05 26.43 -32.50
CA ALA B 635 24.69 27.62 -33.12
C ALA B 635 25.60 27.19 -34.28
N ASP B 636 26.24 26.02 -34.17
CA ASP B 636 27.22 25.49 -35.15
C ASP B 636 26.50 24.96 -36.40
N ARG B 637 25.18 24.74 -36.33
CA ARG B 637 24.33 24.22 -37.44
C ARG B 637 23.34 25.30 -37.86
N PRO B 638 23.76 26.30 -38.68
CA PRO B 638 22.87 27.40 -39.08
C PRO B 638 21.89 27.02 -40.19
N GLY B 639 20.68 27.60 -40.16
CA GLY B 639 19.63 27.42 -41.18
C GLY B 639 18.80 26.17 -40.92
N GLU B 640 17.62 26.10 -41.55
CA GLU B 640 16.68 24.95 -41.48
C GLU B 640 17.31 23.72 -42.14
N GLU B 641 18.14 23.93 -43.16
CA GLU B 641 18.82 22.88 -43.96
C GLU B 641 19.73 22.01 -43.07
N ASN B 642 20.24 22.56 -41.96
CA ASN B 642 21.20 21.87 -41.06
C ASN B 642 20.51 21.47 -39.74
N LYS B 643 19.18 21.45 -39.70
CA LYS B 643 18.38 20.99 -38.53
C LYS B 643 18.02 19.51 -38.72
N VAL B 644 17.54 18.86 -37.65
CA VAL B 644 17.35 17.38 -37.56
C VAL B 644 16.48 16.88 -38.72
N GLU B 645 15.32 17.51 -38.95
CA GLU B 645 14.31 17.07 -39.96
C GLU B 645 14.94 17.07 -41.36
N ALA B 646 15.74 18.08 -41.68
CA ALA B 646 16.45 18.24 -42.98
C ALA B 646 17.50 17.14 -43.14
N ILE B 647 18.26 16.86 -42.07
CA ILE B 647 19.32 15.80 -42.03
C ILE B 647 18.65 14.43 -42.09
N THR B 648 17.56 14.25 -41.34
CA THR B 648 16.73 13.01 -41.26
C THR B 648 16.32 12.56 -42.67
N MET B 649 15.70 13.45 -43.44
CA MET B 649 15.09 13.15 -44.76
C MET B 649 16.17 12.99 -45.84
N ARG B 650 17.31 13.69 -45.70
CA ARG B 650 18.50 13.52 -46.58
C ARG B 650 19.10 12.12 -46.37
N ALA B 651 19.24 11.71 -45.11
CA ALA B 651 19.84 10.42 -44.69
C ALA B 651 18.97 9.24 -45.18
N THR B 652 17.64 9.36 -45.01
CA THR B 652 16.64 8.34 -45.42
C THR B 652 16.74 8.09 -46.94
N ARG B 653 16.86 9.17 -47.72
CA ARG B 653 16.98 9.14 -49.20
C ARG B 653 18.29 8.46 -49.60
N ALA B 654 19.37 8.71 -48.84
CA ALA B 654 20.73 8.17 -49.09
C ALA B 654 20.75 6.66 -48.82
N PHE B 655 20.19 6.23 -47.68
CA PHE B 655 20.26 4.83 -47.18
C PHE B 655 19.25 3.93 -47.88
N SER B 656 18.34 4.49 -48.69
CA SER B 656 17.39 3.74 -49.55
C SER B 656 18.16 2.96 -50.63
N GLN B 657 19.39 3.39 -50.94
CA GLN B 657 20.30 2.73 -51.92
C GLN B 657 20.78 1.39 -51.37
N ILE B 658 21.05 1.31 -50.06
CA ILE B 658 21.63 0.11 -49.38
C ILE B 658 20.86 -1.14 -49.84
N LYS B 659 21.59 -2.22 -50.13
CA LYS B 659 21.10 -3.40 -50.90
C LYS B 659 20.06 -4.17 -50.09
N ASP B 660 20.48 -4.93 -49.07
CA ASP B 660 19.61 -5.81 -48.25
C ASP B 660 19.56 -5.29 -46.81
N ALA B 661 18.81 -4.20 -46.58
CA ALA B 661 18.59 -3.58 -45.26
C ALA B 661 17.51 -2.49 -45.37
N MET B 662 16.51 -2.54 -44.49
CA MET B 662 15.48 -1.49 -44.32
C MET B 662 16.03 -0.39 -43.40
N VAL B 663 16.78 0.56 -43.96
CA VAL B 663 17.50 1.64 -43.23
C VAL B 663 16.77 2.97 -43.46
N PHE B 664 16.56 3.74 -42.38
CA PHE B 664 15.86 5.06 -42.40
C PHE B 664 16.10 5.78 -41.08
N ALA B 665 16.17 7.12 -41.14
CA ALA B 665 16.33 8.02 -39.96
C ALA B 665 14.97 8.60 -39.59
N PHE B 666 14.79 8.96 -38.31
CA PHE B 666 13.57 9.63 -37.78
C PHE B 666 13.93 10.42 -36.51
N ASN B 667 13.37 11.63 -36.38
CA ASN B 667 13.55 12.54 -35.21
C ASN B 667 12.84 11.93 -34.00
N LEU B 668 13.36 12.19 -32.79
CA LEU B 668 12.76 11.71 -31.51
C LEU B 668 11.55 12.57 -31.17
N PRO B 669 10.44 11.97 -30.68
CA PRO B 669 9.28 12.75 -30.23
C PRO B 669 9.55 13.42 -28.88
N ALA B 670 8.89 14.56 -28.63
CA ALA B 670 8.98 15.34 -27.38
C ALA B 670 8.80 14.41 -26.17
N ILE B 671 7.76 13.58 -26.21
CA ILE B 671 7.42 12.55 -25.17
C ILE B 671 7.11 11.24 -25.90
N VAL B 672 7.78 10.15 -25.51
CA VAL B 672 7.82 8.85 -26.26
C VAL B 672 6.56 8.02 -25.97
N GLU B 673 5.86 8.27 -24.86
CA GLU B 673 4.79 7.40 -24.32
C GLU B 673 3.46 7.66 -25.06
N LEU B 674 3.30 8.81 -25.71
CA LEU B 674 2.05 9.19 -26.44
C LEU B 674 1.97 8.43 -27.77
N GLY B 675 3.07 8.41 -28.54
CA GLY B 675 3.15 7.81 -29.88
C GLY B 675 2.87 8.84 -30.96
N THR B 676 1.72 8.72 -31.64
CA THR B 676 1.28 9.63 -32.74
C THR B 676 -0.25 9.76 -32.71
N ALA B 677 -0.76 10.99 -32.89
CA ALA B 677 -2.19 11.29 -33.14
C ALA B 677 -2.53 10.85 -34.58
N THR B 678 -3.73 10.27 -34.77
CA THR B 678 -4.19 9.57 -36.00
C THR B 678 -3.79 8.08 -35.93
N GLY B 679 -2.65 7.76 -35.30
CA GLY B 679 -2.14 6.39 -35.10
C GLY B 679 -2.93 5.62 -34.06
N PHE B 680 -3.07 4.30 -34.25
CA PHE B 680 -3.80 3.39 -33.34
C PHE B 680 -2.93 2.17 -33.01
N ASP B 681 -3.35 1.39 -32.00
CA ASP B 681 -2.62 0.21 -31.45
C ASP B 681 -3.64 -0.92 -31.20
N PHE B 682 -3.65 -1.93 -32.08
CA PHE B 682 -4.67 -3.01 -32.16
C PHE B 682 -4.02 -4.35 -31.79
N GLU B 683 -4.64 -5.12 -30.89
CA GLU B 683 -4.18 -6.46 -30.44
C GLU B 683 -5.15 -7.52 -30.96
N LEU B 684 -4.66 -8.48 -31.74
CA LEU B 684 -5.44 -9.62 -32.30
C LEU B 684 -5.20 -10.86 -31.43
N ILE B 685 -6.23 -11.32 -30.71
CA ILE B 685 -6.14 -12.31 -29.60
C ILE B 685 -6.60 -13.69 -30.10
N ASP B 686 -6.03 -14.75 -29.53
CA ASP B 686 -6.42 -16.18 -29.72
C ASP B 686 -7.31 -16.60 -28.54
N GLN B 687 -8.62 -16.67 -28.76
CA GLN B 687 -9.66 -16.77 -27.69
C GLN B 687 -10.14 -18.22 -27.54
N ALA B 688 -9.53 -19.19 -28.23
CA ALA B 688 -9.93 -20.62 -28.19
C ALA B 688 -8.78 -21.52 -28.65
N GLY B 689 -7.58 -21.31 -28.10
CA GLY B 689 -6.38 -22.16 -28.28
C GLY B 689 -6.22 -22.67 -29.70
N LEU B 690 -6.34 -21.78 -30.68
CA LEU B 690 -6.19 -22.08 -32.14
C LEU B 690 -4.73 -22.43 -32.45
N GLY B 691 -3.78 -21.84 -31.70
CA GLY B 691 -2.33 -22.02 -31.89
C GLY B 691 -1.72 -20.82 -32.58
N HIS B 692 -0.45 -20.93 -33.01
CA HIS B 692 0.34 -19.83 -33.62
C HIS B 692 -0.06 -19.64 -35.08
N GLU B 693 0.11 -20.68 -35.91
CA GLU B 693 -0.12 -20.65 -37.38
C GLU B 693 -1.53 -20.11 -37.69
N LYS B 694 -2.53 -20.56 -36.93
CA LYS B 694 -3.96 -20.19 -37.15
C LYS B 694 -4.18 -18.71 -36.84
N LEU B 695 -3.39 -18.14 -35.92
CA LEU B 695 -3.43 -16.70 -35.55
C LEU B 695 -2.62 -15.89 -36.57
N THR B 696 -1.53 -16.48 -37.11
CA THR B 696 -0.68 -15.90 -38.17
C THR B 696 -1.51 -15.70 -39.44
N GLN B 697 -2.31 -16.71 -39.82
CA GLN B 697 -3.21 -16.68 -41.01
C GLN B 697 -4.30 -15.62 -40.82
N ALA B 698 -4.93 -15.59 -39.62
CA ALA B 698 -6.00 -14.65 -39.24
C ALA B 698 -5.47 -13.20 -39.30
N ARG B 699 -4.22 -13.00 -38.90
CA ARG B 699 -3.50 -11.70 -38.97
C ARG B 699 -3.31 -11.30 -40.43
N ASN B 700 -2.79 -12.23 -41.25
CA ASN B 700 -2.55 -12.04 -42.70
C ASN B 700 -3.87 -11.70 -43.41
N GLN B 701 -4.97 -12.31 -42.96
CA GLN B 701 -6.35 -12.10 -43.50
C GLN B 701 -6.81 -10.66 -43.20
N LEU B 702 -6.49 -10.15 -42.01
CA LEU B 702 -6.86 -8.77 -41.54
C LEU B 702 -5.97 -7.73 -42.23
N LEU B 703 -4.67 -8.02 -42.35
CA LEU B 703 -3.67 -7.12 -42.99
C LEU B 703 -3.98 -6.98 -44.49
N ALA B 704 -4.45 -8.06 -45.13
CA ALA B 704 -4.88 -8.09 -46.54
C ALA B 704 -6.17 -7.25 -46.71
N GLU B 705 -7.10 -7.37 -45.76
CA GLU B 705 -8.41 -6.66 -45.75
C GLU B 705 -8.20 -5.17 -45.49
N ALA B 706 -7.28 -4.82 -44.57
CA ALA B 706 -6.95 -3.44 -44.17
C ALA B 706 -6.29 -2.71 -45.36
N ALA B 707 -5.49 -3.42 -46.16
CA ALA B 707 -4.76 -2.91 -47.35
C ALA B 707 -5.75 -2.49 -48.45
N LYS B 708 -6.96 -3.08 -48.46
CA LYS B 708 -8.02 -2.84 -49.46
C LYS B 708 -8.89 -1.64 -49.05
N HIS B 709 -8.41 -0.80 -48.12
CA HIS B 709 -9.04 0.48 -47.72
C HIS B 709 -7.97 1.54 -47.50
N PRO B 710 -7.21 1.95 -48.55
CA PRO B 710 -6.19 3.00 -48.40
C PRO B 710 -6.78 4.37 -48.07
N ASP B 711 -8.06 4.59 -48.41
CA ASP B 711 -8.82 5.84 -48.18
C ASP B 711 -9.03 6.06 -46.67
N MET B 712 -9.08 4.99 -45.87
CA MET B 712 -9.39 5.04 -44.41
C MET B 712 -8.13 4.69 -43.60
N LEU B 713 -7.49 3.56 -43.91
CA LEU B 713 -6.34 3.01 -43.14
C LEU B 713 -5.06 3.06 -44.00
N THR B 714 -3.94 3.48 -43.41
CA THR B 714 -2.60 3.56 -44.04
C THR B 714 -1.54 3.05 -43.07
N SER B 715 -0.47 2.45 -43.59
CA SER B 715 0.70 1.93 -42.83
C SER B 715 0.26 0.86 -41.82
N VAL B 716 -0.77 0.07 -42.15
CA VAL B 716 -1.29 -1.04 -41.30
C VAL B 716 -0.30 -2.21 -41.39
N ARG B 717 0.38 -2.51 -40.28
CA ARG B 717 1.54 -3.46 -40.23
C ARG B 717 1.56 -4.19 -38.90
N PRO B 718 2.15 -5.41 -38.83
CA PRO B 718 2.38 -6.10 -37.56
C PRO B 718 3.61 -5.54 -36.83
N ASN B 719 3.51 -5.37 -35.51
CA ASN B 719 4.61 -4.81 -34.67
C ASN B 719 5.67 -5.90 -34.41
N GLY B 720 5.28 -7.17 -34.47
CA GLY B 720 6.13 -8.33 -34.12
C GLY B 720 7.03 -8.76 -35.26
N LEU B 721 7.77 -9.86 -35.05
CA LEU B 721 8.70 -10.48 -36.04
C LEU B 721 7.98 -11.66 -36.72
N GLU B 722 8.40 -12.02 -37.94
CA GLU B 722 7.83 -13.12 -38.73
C GLU B 722 8.52 -14.44 -38.33
N ASP B 723 7.87 -15.58 -38.61
CA ASP B 723 8.43 -16.93 -38.38
C ASP B 723 9.72 -17.09 -39.18
N THR B 724 10.73 -17.76 -38.61
CA THR B 724 12.09 -17.93 -39.19
C THR B 724 12.46 -19.40 -39.20
N PRO B 725 13.44 -19.83 -40.05
CA PRO B 725 13.91 -21.21 -40.05
C PRO B 725 14.62 -21.55 -38.72
N GLN B 726 14.38 -22.76 -38.19
CA GLN B 726 14.98 -23.27 -36.93
C GLN B 726 15.32 -24.75 -37.10
N PHE B 727 16.35 -25.21 -36.38
CA PHE B 727 16.97 -26.55 -36.49
C PHE B 727 16.36 -27.49 -35.45
N LYS B 728 15.32 -28.25 -35.84
CA LYS B 728 14.65 -29.26 -35.00
C LYS B 728 15.53 -30.52 -34.93
N ILE B 729 15.85 -30.98 -33.72
CA ILE B 729 16.75 -32.15 -33.47
C ILE B 729 16.09 -33.10 -32.47
N ASP B 730 15.44 -34.15 -32.97
CA ASP B 730 14.74 -35.18 -32.16
C ASP B 730 15.78 -36.16 -31.58
N ILE B 731 15.82 -36.28 -30.25
CA ILE B 731 16.69 -37.22 -29.50
C ILE B 731 15.98 -38.58 -29.45
N ASP B 732 16.51 -39.59 -30.14
CA ASP B 732 15.92 -40.97 -30.16
C ASP B 732 16.12 -41.61 -28.78
N GLN B 733 15.02 -41.89 -28.07
CA GLN B 733 15.03 -42.37 -26.66
C GLN B 733 15.52 -43.81 -26.60
N GLU B 734 15.06 -44.66 -27.54
CA GLU B 734 15.41 -46.11 -27.59
C GLU B 734 16.91 -46.27 -27.86
N LYS B 735 17.45 -45.55 -28.85
CA LYS B 735 18.87 -45.61 -29.26
C LYS B 735 19.75 -45.13 -28.09
N ALA B 736 19.29 -44.13 -27.34
CA ALA B 736 20.00 -43.53 -26.18
C ALA B 736 20.05 -44.53 -25.02
N GLN B 737 18.93 -45.19 -24.72
CA GLN B 737 18.81 -46.21 -23.65
C GLN B 737 19.59 -47.47 -24.03
N ALA B 738 19.62 -47.80 -25.33
CA ALA B 738 20.30 -48.99 -25.90
C ALA B 738 21.83 -48.87 -25.71
N LEU B 739 22.39 -47.70 -26.03
CA LEU B 739 23.85 -47.42 -25.93
C LEU B 739 24.23 -47.07 -24.48
N GLY B 740 23.24 -46.76 -23.63
CA GLY B 740 23.42 -46.47 -22.20
C GLY B 740 23.80 -45.02 -21.96
N VAL B 741 23.22 -44.10 -22.73
CA VAL B 741 23.42 -42.63 -22.61
C VAL B 741 22.16 -42.03 -21.98
N SER B 742 22.31 -41.39 -20.81
CA SER B 742 21.20 -40.73 -20.07
C SER B 742 20.79 -39.45 -20.81
N ILE B 743 19.50 -39.09 -20.72
CA ILE B 743 18.91 -37.92 -21.45
C ILE B 743 19.41 -36.62 -20.81
N ASN B 744 19.68 -36.64 -19.50
CA ASN B 744 20.25 -35.50 -18.73
C ASN B 744 21.60 -35.11 -19.35
N ASP B 745 22.49 -36.09 -19.55
CA ASP B 745 23.85 -35.88 -20.11
C ASP B 745 23.74 -35.33 -21.54
N ILE B 746 22.79 -35.84 -22.32
CA ILE B 746 22.55 -35.42 -23.74
C ILE B 746 22.07 -33.96 -23.76
N ASN B 747 20.97 -33.67 -23.06
CA ASN B 747 20.29 -32.34 -23.05
C ASN B 747 21.19 -31.28 -22.39
N THR B 748 22.04 -31.69 -21.44
CA THR B 748 23.03 -30.80 -20.76
C THR B 748 24.16 -30.46 -21.75
N THR B 749 24.75 -31.48 -22.37
CA THR B 749 25.87 -31.37 -23.35
C THR B 749 25.46 -30.42 -24.48
N LEU B 750 24.24 -30.59 -25.01
CA LEU B 750 23.68 -29.73 -26.09
C LEU B 750 23.44 -28.31 -25.56
N GLY B 751 22.76 -28.19 -24.42
CA GLY B 751 22.37 -26.92 -23.80
C GLY B 751 23.56 -26.10 -23.36
N ALA B 752 24.49 -26.73 -22.63
CA ALA B 752 25.71 -26.09 -22.09
C ALA B 752 26.60 -25.58 -23.23
N ALA B 753 26.86 -26.43 -24.23
CA ALA B 753 27.77 -26.16 -25.36
C ALA B 753 27.19 -25.04 -26.24
N TRP B 754 26.05 -25.29 -26.88
CA TRP B 754 25.47 -24.44 -27.96
C TRP B 754 24.80 -23.19 -27.37
N GLY B 755 24.11 -23.33 -26.23
CA GLY B 755 23.30 -22.26 -25.61
C GLY B 755 24.04 -21.51 -24.50
N GLY B 756 25.01 -22.16 -23.86
CA GLY B 756 25.68 -21.67 -22.64
C GLY B 756 24.93 -22.14 -21.39
N SER B 757 25.61 -22.14 -20.24
CA SER B 757 25.05 -22.58 -18.95
C SER B 757 25.72 -21.82 -17.79
N TYR B 758 24.94 -21.01 -17.07
CA TYR B 758 25.37 -20.27 -15.86
C TYR B 758 25.56 -21.27 -14.71
N VAL B 759 26.82 -21.58 -14.38
CA VAL B 759 27.22 -22.65 -13.41
C VAL B 759 27.05 -22.10 -11.98
N ASN B 760 27.87 -21.13 -11.60
CA ASN B 760 27.88 -20.52 -10.24
C ASN B 760 28.66 -19.19 -10.28
N ASP B 761 28.89 -18.57 -9.11
CA ASP B 761 29.55 -17.24 -8.98
C ASP B 761 31.03 -17.44 -8.64
N PHE B 762 31.84 -16.40 -8.91
CA PHE B 762 33.27 -16.25 -8.50
C PHE B 762 33.51 -14.77 -8.15
N ILE B 763 34.64 -14.47 -7.50
CA ILE B 763 34.95 -13.12 -6.95
C ILE B 763 36.19 -12.55 -7.66
N ASP B 764 35.98 -11.72 -8.68
CA ASP B 764 37.05 -11.01 -9.45
C ASP B 764 37.32 -9.65 -8.80
N ARG B 765 38.44 -9.52 -8.10
CA ARG B 765 38.92 -8.27 -7.45
C ARG B 765 37.83 -7.74 -6.49
N GLY B 766 37.34 -8.59 -5.60
CA GLY B 766 36.38 -8.25 -4.54
C GLY B 766 35.02 -7.85 -5.08
N ARG B 767 34.57 -8.50 -6.17
CA ARG B 767 33.24 -8.30 -6.79
C ARG B 767 32.70 -9.66 -7.25
N VAL B 768 31.54 -10.07 -6.74
CA VAL B 768 30.85 -11.33 -7.16
C VAL B 768 30.42 -11.19 -8.62
N LYS B 769 30.79 -12.18 -9.46
CA LYS B 769 30.51 -12.19 -10.93
C LYS B 769 30.19 -13.62 -11.38
N LYS B 770 29.57 -13.77 -12.55
CA LYS B 770 29.00 -15.05 -13.05
C LYS B 770 30.09 -15.89 -13.75
N VAL B 771 29.85 -17.21 -13.83
CA VAL B 771 30.72 -18.20 -14.53
C VAL B 771 29.88 -18.96 -15.55
N TYR B 772 30.17 -18.78 -16.84
CA TYR B 772 29.45 -19.40 -17.99
C TYR B 772 30.37 -20.40 -18.71
N VAL B 773 29.93 -21.65 -18.83
CA VAL B 773 30.55 -22.69 -19.71
C VAL B 773 29.78 -22.68 -21.05
N MET B 774 30.51 -22.65 -22.17
CA MET B 774 29.94 -22.61 -23.53
C MET B 774 30.96 -23.20 -24.54
N SER B 775 30.48 -23.60 -25.71
CA SER B 775 31.32 -24.08 -26.85
C SER B 775 32.11 -22.91 -27.42
N GLU B 776 33.39 -23.14 -27.76
CA GLU B 776 34.22 -22.17 -28.53
C GLU B 776 33.56 -21.97 -29.89
N ALA B 777 33.50 -20.72 -30.35
CA ALA B 777 32.74 -20.25 -31.54
C ALA B 777 32.65 -21.35 -32.61
N LYS B 778 33.80 -21.89 -33.04
CA LYS B 778 33.95 -22.67 -34.30
C LYS B 778 33.32 -24.07 -34.19
N TYR B 779 32.85 -24.49 -33.00
CA TYR B 779 32.27 -25.83 -32.76
C TYR B 779 30.75 -25.76 -32.55
N ARG B 780 30.14 -24.57 -32.69
CA ARG B 780 28.68 -24.37 -32.49
C ARG B 780 28.14 -23.41 -33.56
N MET B 781 28.56 -23.57 -34.81
CA MET B 781 28.20 -22.67 -35.95
C MET B 781 27.18 -23.36 -36.86
N LEU B 782 27.54 -24.51 -37.44
CA LEU B 782 26.77 -25.18 -38.52
C LEU B 782 26.26 -26.55 -38.05
N PRO B 783 25.22 -27.11 -38.70
CA PRO B 783 24.67 -28.42 -38.33
C PRO B 783 25.69 -29.58 -38.33
N ASP B 784 26.76 -29.48 -39.12
CA ASP B 784 27.84 -30.50 -39.23
C ASP B 784 28.56 -30.65 -37.88
N ASP B 785 28.60 -29.58 -37.08
CA ASP B 785 29.32 -29.51 -35.78
C ASP B 785 28.59 -30.33 -34.71
N ILE B 786 27.30 -30.63 -34.91
CA ILE B 786 26.46 -31.43 -33.97
C ILE B 786 27.14 -32.78 -33.71
N GLY B 787 27.63 -33.44 -34.77
CA GLY B 787 28.21 -34.80 -34.73
C GLY B 787 29.56 -34.86 -34.03
N ASP B 788 30.22 -33.71 -33.82
CA ASP B 788 31.57 -33.60 -33.21
C ASP B 788 31.47 -33.59 -31.68
N TRP B 789 30.26 -33.53 -31.12
CA TRP B 789 29.99 -33.53 -29.65
C TRP B 789 29.71 -34.96 -29.18
N TYR B 790 30.54 -35.47 -28.26
CA TYR B 790 30.48 -36.86 -27.72
C TYR B 790 30.00 -36.83 -26.27
N VAL B 791 29.05 -37.71 -25.94
CA VAL B 791 28.51 -37.94 -24.57
C VAL B 791 28.98 -39.33 -24.10
N ARG B 792 29.37 -39.44 -22.81
CA ARG B 792 29.84 -40.72 -22.22
C ARG B 792 28.63 -41.56 -21.79
N ALA B 793 28.61 -42.83 -22.20
CA ALA B 793 27.58 -43.83 -21.83
C ALA B 793 27.94 -44.45 -20.48
N ALA B 794 27.00 -45.20 -19.89
CA ALA B 794 27.14 -45.89 -18.58
C ALA B 794 28.29 -46.90 -18.64
N ASP B 795 28.45 -47.59 -19.78
CA ASP B 795 29.47 -48.66 -19.98
C ASP B 795 30.87 -48.02 -20.03
N GLY B 796 30.96 -46.75 -20.44
CA GLY B 796 32.22 -45.96 -20.41
C GLY B 796 32.56 -45.39 -21.78
N GLN B 797 32.18 -46.07 -22.86
CA GLN B 797 32.49 -45.68 -24.27
C GLN B 797 31.85 -44.31 -24.57
N MET B 798 32.53 -43.49 -25.38
CA MET B 798 32.05 -42.17 -25.84
C MET B 798 31.17 -42.36 -27.08
N VAL B 799 29.97 -41.79 -27.09
CA VAL B 799 28.96 -41.90 -28.18
C VAL B 799 28.80 -40.53 -28.83
N PRO B 800 28.96 -40.41 -30.17
CA PRO B 800 28.71 -39.14 -30.86
C PRO B 800 27.21 -38.80 -30.90
N PHE B 801 26.88 -37.52 -31.08
CA PHE B 801 25.50 -36.99 -31.04
C PHE B 801 24.70 -37.54 -32.23
N SER B 802 25.38 -37.73 -33.37
CA SER B 802 24.80 -38.27 -34.64
C SER B 802 24.18 -39.66 -34.40
N ALA B 803 24.79 -40.47 -33.52
CA ALA B 803 24.47 -41.89 -33.28
C ALA B 803 23.04 -42.07 -32.73
N PHE B 804 22.52 -41.08 -32.00
CA PHE B 804 21.22 -41.18 -31.27
C PHE B 804 20.35 -39.94 -31.53
N SER B 805 20.58 -39.20 -32.62
CA SER B 805 19.83 -37.98 -32.97
C SER B 805 19.51 -37.96 -34.48
N SER B 806 18.41 -37.29 -34.83
CA SER B 806 17.99 -36.96 -36.22
C SER B 806 17.53 -35.49 -36.26
N SER B 807 17.81 -34.78 -37.36
CA SER B 807 17.56 -33.32 -37.50
C SER B 807 16.85 -33.00 -38.82
N ARG B 808 16.14 -31.87 -38.85
CA ARG B 808 15.39 -31.36 -40.02
C ARG B 808 15.15 -29.85 -39.83
N TRP B 809 14.77 -29.14 -40.90
CA TRP B 809 14.42 -27.69 -40.85
C TRP B 809 12.91 -27.52 -40.72
N GLU B 810 12.46 -26.64 -39.84
CA GLU B 810 11.05 -26.18 -39.72
C GLU B 810 11.04 -24.68 -39.45
N TYR B 811 9.85 -24.07 -39.42
CA TYR B 811 9.63 -22.62 -39.16
C TYR B 811 8.92 -22.45 -37.81
N GLY B 812 9.46 -21.57 -36.96
CA GLY B 812 8.91 -21.22 -35.64
C GLY B 812 9.17 -19.77 -35.30
N SER B 813 8.32 -19.18 -34.43
CA SER B 813 8.36 -17.75 -34.04
C SER B 813 9.63 -17.45 -33.26
N PRO B 814 10.39 -16.40 -33.64
CA PRO B 814 11.51 -15.92 -32.82
C PRO B 814 11.10 -14.89 -31.77
N ARG B 815 9.79 -14.61 -31.65
CA ARG B 815 9.21 -13.64 -30.67
C ARG B 815 7.70 -13.84 -30.59
N LEU B 816 7.23 -14.55 -29.55
CA LEU B 816 5.80 -14.90 -29.33
C LEU B 816 5.16 -13.86 -28.40
N GLU B 817 4.15 -13.14 -28.89
CA GLU B 817 3.41 -12.08 -28.15
C GLU B 817 2.22 -12.71 -27.42
N ARG B 818 1.80 -12.10 -26.30
CA ARG B 818 0.58 -12.46 -25.55
C ARG B 818 -0.03 -11.17 -24.96
N TYR B 819 -1.36 -11.14 -24.80
CA TYR B 819 -2.12 -9.98 -24.25
C TYR B 819 -3.26 -10.50 -23.36
N ASN B 820 -3.24 -10.11 -22.08
CA ASN B 820 -4.20 -10.55 -21.03
C ASN B 820 -4.22 -12.08 -20.96
N GLY B 821 -3.02 -12.68 -20.86
CA GLY B 821 -2.81 -14.12 -20.62
C GLY B 821 -3.33 -15.00 -21.76
N LEU B 822 -3.38 -14.47 -22.98
CA LEU B 822 -3.83 -15.18 -24.21
C LEU B 822 -2.89 -14.83 -25.36
N PRO B 823 -2.56 -15.79 -26.25
CA PRO B 823 -1.71 -15.49 -27.42
C PRO B 823 -2.31 -14.35 -28.24
N SER B 824 -1.50 -13.32 -28.52
CA SER B 824 -1.90 -12.07 -29.23
C SER B 824 -0.91 -11.79 -30.37
N MET B 825 -1.27 -10.84 -31.24
CA MET B 825 -0.39 -10.29 -32.31
C MET B 825 -0.73 -8.81 -32.51
N GLU B 826 0.15 -7.93 -32.01
CA GLU B 826 -0.03 -6.45 -32.04
C GLU B 826 0.05 -5.98 -33.51
N ILE B 827 -0.95 -5.20 -33.94
CA ILE B 827 -1.02 -4.57 -35.30
C ILE B 827 -1.10 -3.06 -35.12
N LEU B 828 -0.10 -2.32 -35.62
CA LEU B 828 -0.06 -0.84 -35.63
C LEU B 828 -0.59 -0.33 -36.98
N GLY B 829 -0.88 0.97 -37.04
CA GLY B 829 -1.48 1.64 -38.22
C GLY B 829 -2.04 3.00 -37.85
N GLN B 830 -2.41 3.81 -38.85
CA GLN B 830 -2.88 5.20 -38.65
C GLN B 830 -4.02 5.51 -39.64
N ALA B 831 -4.88 6.47 -39.28
CA ALA B 831 -5.99 6.98 -40.12
C ALA B 831 -5.41 7.78 -41.29
N ALA B 832 -5.94 7.56 -42.50
CA ALA B 832 -5.51 8.21 -43.76
C ALA B 832 -5.71 9.72 -43.66
N PRO B 833 -4.97 10.54 -44.45
CA PRO B 833 -5.08 12.00 -44.37
C PRO B 833 -6.54 12.49 -44.44
N GLY B 834 -6.96 13.28 -43.45
CA GLY B 834 -8.33 13.83 -43.33
C GLY B 834 -9.18 13.06 -42.33
N LYS B 835 -8.97 11.74 -42.25
CA LYS B 835 -9.75 10.82 -41.38
C LYS B 835 -9.25 10.93 -39.93
N SER B 836 -10.17 10.82 -38.97
CA SER B 836 -9.88 10.74 -37.50
C SER B 836 -9.61 9.29 -37.12
N THR B 837 -8.99 9.09 -35.95
CA THR B 837 -8.70 7.75 -35.36
C THR B 837 -10.02 6.98 -35.18
N GLY B 838 -11.04 7.64 -34.63
CA GLY B 838 -12.38 7.09 -34.38
C GLY B 838 -12.94 6.34 -35.59
N GLU B 839 -12.76 6.89 -36.79
CA GLU B 839 -13.19 6.28 -38.08
C GLU B 839 -12.34 5.04 -38.36
N ALA B 840 -11.01 5.17 -38.26
CA ALA B 840 -10.01 4.11 -38.54
C ALA B 840 -10.27 2.90 -37.63
N MET B 841 -10.47 3.13 -36.32
CA MET B 841 -10.74 2.07 -35.32
C MET B 841 -12.03 1.34 -35.66
N GLU B 842 -13.09 2.09 -36.01
CA GLU B 842 -14.46 1.57 -36.28
C GLU B 842 -14.42 0.60 -37.47
N LEU B 843 -13.56 0.87 -38.46
CA LEU B 843 -13.35 0.00 -39.65
C LEU B 843 -12.58 -1.25 -39.24
N MET B 844 -11.49 -1.09 -38.47
CA MET B 844 -10.63 -2.20 -37.97
C MET B 844 -11.48 -3.18 -37.17
N GLU B 845 -12.49 -2.69 -36.44
CA GLU B 845 -13.45 -3.50 -35.64
C GLU B 845 -14.37 -4.29 -36.59
N GLN B 846 -14.81 -3.67 -37.68
CA GLN B 846 -15.69 -4.30 -38.71
C GLN B 846 -14.94 -5.42 -39.44
N LEU B 847 -13.70 -5.15 -39.86
CA LEU B 847 -12.81 -6.12 -40.57
C LEU B 847 -12.52 -7.29 -39.64
N ALA B 848 -12.31 -7.02 -38.34
CA ALA B 848 -11.96 -8.01 -37.30
C ALA B 848 -13.12 -9.00 -37.08
N SER B 849 -14.37 -8.52 -37.20
CA SER B 849 -15.60 -9.31 -36.95
C SER B 849 -15.78 -10.39 -38.02
N LYS B 850 -15.14 -10.23 -39.19
CA LYS B 850 -15.17 -11.20 -40.31
C LYS B 850 -13.81 -11.92 -40.41
N LEU B 851 -13.26 -12.34 -39.27
CA LEU B 851 -12.09 -13.25 -39.17
C LEU B 851 -12.57 -14.62 -38.70
N PRO B 852 -11.77 -15.70 -38.87
CA PRO B 852 -12.22 -17.06 -38.50
C PRO B 852 -12.65 -17.18 -37.04
N THR B 853 -13.55 -18.13 -36.74
CA THR B 853 -14.10 -18.40 -35.39
C THR B 853 -12.96 -18.70 -34.42
N GLY B 854 -12.98 -18.07 -33.23
CA GLY B 854 -11.99 -18.26 -32.16
C GLY B 854 -10.98 -17.12 -32.09
N VAL B 855 -10.96 -16.25 -33.10
CA VAL B 855 -10.03 -15.07 -33.18
C VAL B 855 -10.79 -13.82 -32.69
N GLY B 856 -10.38 -13.27 -31.55
CA GLY B 856 -10.91 -12.02 -30.99
C GLY B 856 -9.93 -10.87 -31.16
N TYR B 857 -10.29 -9.69 -30.65
CA TYR B 857 -9.48 -8.45 -30.74
C TYR B 857 -9.68 -7.61 -29.48
N ASP B 858 -8.79 -6.63 -29.27
CA ASP B 858 -8.86 -5.63 -28.17
C ASP B 858 -7.93 -4.45 -28.49
N TRP B 859 -8.21 -3.28 -27.90
CA TRP B 859 -7.42 -2.04 -28.06
C TRP B 859 -6.53 -1.83 -26.84
N THR B 860 -5.27 -1.44 -27.05
CA THR B 860 -4.23 -1.27 -25.99
C THR B 860 -3.54 0.09 -26.18
N GLY B 861 -2.73 0.50 -25.19
CA GLY B 861 -1.89 1.71 -25.22
C GLY B 861 -2.72 2.98 -25.42
N MET B 862 -2.34 3.79 -26.41
CA MET B 862 -2.99 5.10 -26.73
C MET B 862 -4.46 4.87 -27.16
N SER B 863 -4.73 3.78 -27.90
CA SER B 863 -6.07 3.44 -28.44
C SER B 863 -7.04 3.09 -27.29
N TYR B 864 -6.56 2.41 -26.26
CA TYR B 864 -7.33 2.01 -25.05
C TYR B 864 -7.83 3.28 -24.32
N GLN B 865 -6.95 4.27 -24.16
CA GLN B 865 -7.23 5.55 -23.46
C GLN B 865 -8.13 6.43 -24.31
N GLU B 866 -7.90 6.46 -25.64
CA GLU B 866 -8.68 7.25 -26.62
C GLU B 866 -10.12 6.74 -26.68
N ARG B 867 -10.31 5.42 -26.54
CA ARG B 867 -11.64 4.74 -26.56
C ARG B 867 -12.47 5.18 -25.34
N LEU B 868 -11.83 5.31 -24.18
CA LEU B 868 -12.51 5.62 -22.88
C LEU B 868 -12.48 7.14 -22.63
N SER B 869 -11.29 7.71 -22.40
CA SER B 869 -11.07 9.09 -21.91
C SER B 869 -11.43 10.13 -22.98
N GLY B 870 -11.39 9.75 -24.27
CA GLY B 870 -11.71 10.64 -25.41
C GLY B 870 -13.17 11.04 -25.45
N ASN B 871 -14.06 10.24 -24.86
CA ASN B 871 -15.54 10.42 -24.89
C ASN B 871 -15.96 11.54 -23.92
N GLN B 872 -15.05 12.00 -23.05
CA GLN B 872 -15.32 13.01 -21.99
C GLN B 872 -15.33 14.43 -22.59
N ALA B 873 -14.70 14.62 -23.76
CA ALA B 873 -14.47 15.94 -24.41
C ALA B 873 -15.74 16.79 -24.41
N PRO B 874 -16.89 16.30 -24.95
CA PRO B 874 -18.11 17.10 -25.02
C PRO B 874 -18.78 17.36 -23.66
N SER B 875 -18.76 16.38 -22.76
CA SER B 875 -19.43 16.42 -21.43
C SER B 875 -18.80 17.50 -20.54
N LEU B 876 -17.50 17.76 -20.70
CA LEU B 876 -16.76 18.83 -19.98
C LEU B 876 -17.08 20.19 -20.62
N TYR B 877 -17.01 20.25 -21.96
CA TYR B 877 -17.39 21.42 -22.79
C TYR B 877 -18.80 21.91 -22.39
N ALA B 878 -19.72 20.96 -22.19
CA ALA B 878 -21.13 21.20 -21.77
C ALA B 878 -21.15 21.89 -20.40
N ILE B 879 -20.51 21.28 -19.40
CA ILE B 879 -20.46 21.75 -17.99
C ILE B 879 -19.85 23.16 -17.96
N SER B 880 -18.74 23.37 -18.66
CA SER B 880 -18.05 24.67 -18.82
C SER B 880 -19.07 25.74 -19.24
N LEU B 881 -19.81 25.47 -20.34
CA LEU B 881 -20.82 26.39 -20.93
C LEU B 881 -21.81 26.80 -19.84
N ILE B 882 -22.43 25.81 -19.18
CA ILE B 882 -23.52 26.02 -18.17
C ILE B 882 -22.99 26.95 -17.08
N VAL B 883 -21.79 26.67 -16.55
CA VAL B 883 -21.16 27.42 -15.42
C VAL B 883 -20.86 28.86 -15.87
N VAL B 884 -20.30 29.05 -17.07
CA VAL B 884 -19.93 30.39 -17.63
C VAL B 884 -21.20 31.24 -17.72
N PHE B 885 -22.25 30.70 -18.35
CA PHE B 885 -23.59 31.35 -18.50
C PHE B 885 -24.12 31.75 -17.12
N LEU B 886 -24.12 30.79 -16.17
CA LEU B 886 -24.61 30.98 -14.78
C LEU B 886 -23.85 32.14 -14.13
N CYS B 887 -22.52 32.17 -14.28
CA CYS B 887 -21.60 33.18 -13.67
C CYS B 887 -21.92 34.58 -14.22
N LEU B 888 -22.09 34.71 -15.55
CA LEU B 888 -22.43 35.99 -16.22
C LEU B 888 -23.85 36.40 -15.85
N ALA B 889 -24.77 35.44 -15.75
CA ALA B 889 -26.19 35.65 -15.37
C ALA B 889 -26.27 36.30 -13.99
N ALA B 890 -25.43 35.86 -13.05
CA ALA B 890 -25.33 36.38 -11.67
C ALA B 890 -24.72 37.80 -11.70
N LEU B 891 -23.67 38.00 -12.49
CA LEU B 891 -22.94 39.29 -12.63
C LEU B 891 -23.89 40.39 -13.11
N TYR B 892 -24.59 40.15 -14.23
CA TYR B 892 -25.42 41.15 -14.95
C TYR B 892 -26.85 41.16 -14.41
N GLU B 893 -27.27 40.10 -13.70
CA GLU B 893 -28.66 39.93 -13.20
C GLU B 893 -29.60 39.92 -14.42
N SER B 894 -29.34 39.03 -15.37
CA SER B 894 -30.05 38.91 -16.67
C SER B 894 -29.69 37.58 -17.35
N TRP B 895 -30.69 36.83 -17.83
CA TRP B 895 -30.51 35.54 -18.55
C TRP B 895 -30.09 35.81 -20.01
N SER B 896 -30.40 37.00 -20.54
CA SER B 896 -30.26 37.38 -21.96
C SER B 896 -28.87 37.95 -22.26
N ILE B 897 -28.42 38.89 -21.43
CA ILE B 897 -27.18 39.71 -21.65
C ILE B 897 -25.96 38.80 -21.76
N PRO B 898 -25.81 37.75 -20.91
CA PRO B 898 -24.69 36.81 -21.04
C PRO B 898 -24.33 36.39 -22.47
N PHE B 899 -25.35 36.21 -23.33
CA PHE B 899 -25.19 35.80 -24.76
C PHE B 899 -24.24 36.77 -25.49
N SER B 900 -24.40 38.08 -25.24
CA SER B 900 -23.60 39.18 -25.86
C SER B 900 -22.11 38.93 -25.67
N VAL B 901 -21.72 38.47 -24.47
CA VAL B 901 -20.31 38.16 -24.10
C VAL B 901 -19.87 36.87 -24.81
N MET B 902 -20.72 35.83 -24.76
CA MET B 902 -20.39 34.46 -25.22
C MET B 902 -20.24 34.41 -26.76
N LEU B 903 -20.67 35.45 -27.48
CA LEU B 903 -20.61 35.55 -28.96
C LEU B 903 -19.20 35.97 -29.41
N VAL B 904 -18.28 36.26 -28.49
CA VAL B 904 -16.93 36.84 -28.79
C VAL B 904 -15.93 35.72 -29.14
N VAL B 905 -16.27 34.46 -28.84
CA VAL B 905 -15.34 33.30 -28.89
C VAL B 905 -14.68 33.21 -30.27
N PRO B 906 -15.45 33.20 -31.39
CA PRO B 906 -14.86 33.00 -32.72
C PRO B 906 -13.86 34.09 -33.15
N LEU B 907 -14.03 35.31 -32.64
CA LEU B 907 -13.23 36.51 -33.03
C LEU B 907 -11.75 36.28 -32.70
N GLY B 908 -11.46 35.63 -31.57
CA GLY B 908 -10.10 35.25 -31.14
C GLY B 908 -9.61 34.00 -31.85
N VAL B 909 -10.50 33.02 -32.07
CA VAL B 909 -10.14 31.67 -32.61
C VAL B 909 -9.75 31.80 -34.09
N ILE B 910 -10.50 32.58 -34.87
CA ILE B 910 -10.31 32.72 -36.35
C ILE B 910 -8.86 33.14 -36.64
N GLY B 911 -8.35 34.14 -35.91
CA GLY B 911 -6.99 34.69 -36.09
C GLY B 911 -5.91 33.65 -35.84
N ALA B 912 -6.07 32.86 -34.78
CA ALA B 912 -5.15 31.76 -34.39
C ALA B 912 -5.07 30.73 -35.52
N LEU B 913 -6.22 30.33 -36.07
CA LEU B 913 -6.34 29.32 -37.16
C LEU B 913 -5.69 29.85 -38.44
N LEU B 914 -5.82 31.14 -38.73
CA LEU B 914 -5.20 31.80 -39.92
C LEU B 914 -3.67 31.71 -39.79
N ALA B 915 -3.12 32.22 -38.69
CA ALA B 915 -1.66 32.27 -38.40
C ALA B 915 -1.05 30.86 -38.46
N ALA B 916 -1.73 29.88 -37.86
CA ALA B 916 -1.31 28.45 -37.81
C ALA B 916 -1.32 27.87 -39.23
N THR B 917 -2.48 27.88 -39.89
CA THR B 917 -2.71 27.33 -41.25
C THR B 917 -1.73 27.99 -42.23
N PHE B 918 -1.53 29.31 -42.12
CA PHE B 918 -0.59 30.12 -42.94
C PHE B 918 0.83 29.58 -42.76
N ARG B 919 1.33 29.54 -41.52
CA ARG B 919 2.71 29.11 -41.17
C ARG B 919 2.90 27.62 -41.49
N GLY B 920 1.85 26.82 -41.35
CA GLY B 920 1.88 25.36 -41.55
C GLY B 920 2.23 24.64 -40.25
N LEU B 921 1.51 24.96 -39.18
CA LEU B 921 1.62 24.32 -37.84
C LEU B 921 0.42 23.37 -37.65
N THR B 922 0.34 22.72 -36.48
CA THR B 922 -0.68 21.69 -36.16
C THR B 922 -1.62 22.20 -35.05
N ASN B 923 -2.75 21.50 -34.85
CA ASN B 923 -3.70 21.72 -33.73
C ASN B 923 -3.17 20.97 -32.50
N ASP B 924 -2.08 21.48 -31.91
CA ASP B 924 -1.36 20.85 -30.77
C ASP B 924 -1.85 21.48 -29.46
N VAL B 925 -1.36 20.98 -28.32
CA VAL B 925 -1.76 21.42 -26.95
C VAL B 925 -1.39 22.89 -26.75
N TYR B 926 -0.19 23.30 -27.20
CA TYR B 926 0.34 24.68 -27.09
C TYR B 926 -0.59 25.66 -27.82
N PHE B 927 -1.14 25.22 -28.96
CA PHE B 927 -2.11 25.99 -29.78
C PHE B 927 -3.49 25.97 -29.13
N GLN B 928 -3.93 24.79 -28.68
CA GLN B 928 -5.29 24.54 -28.11
C GLN B 928 -5.46 25.32 -26.80
N VAL B 929 -4.45 25.32 -25.93
CA VAL B 929 -4.41 26.17 -24.71
C VAL B 929 -4.23 27.62 -25.15
N GLY B 930 -3.45 27.84 -26.22
CA GLY B 930 -3.24 29.16 -26.87
C GLY B 930 -4.56 29.82 -27.26
N LEU B 931 -5.55 29.03 -27.67
CA LEU B 931 -6.92 29.52 -28.01
C LEU B 931 -7.62 29.99 -26.72
N LEU B 932 -7.62 29.16 -25.68
CA LEU B 932 -8.38 29.37 -24.42
C LEU B 932 -7.92 30.67 -23.73
N THR B 933 -6.63 31.02 -23.85
CA THR B 933 -6.05 32.28 -23.29
C THR B 933 -6.47 33.48 -24.15
N THR B 934 -6.54 33.28 -25.48
CA THR B 934 -7.00 34.30 -26.46
C THR B 934 -8.51 34.50 -26.30
N ILE B 935 -9.26 33.40 -26.15
CA ILE B 935 -10.74 33.40 -25.88
C ILE B 935 -10.99 34.08 -24.53
N GLY B 936 -10.22 33.71 -23.50
CA GLY B 936 -10.36 34.24 -22.13
C GLY B 936 -10.23 35.74 -22.07
N LEU B 937 -9.23 36.30 -22.75
CA LEU B 937 -8.89 37.76 -22.72
C LEU B 937 -9.93 38.55 -23.52
N SER B 938 -10.32 38.05 -24.70
CA SER B 938 -11.38 38.65 -25.57
C SER B 938 -12.71 38.68 -24.81
N ALA B 939 -13.02 37.62 -24.05
CA ALA B 939 -14.20 37.51 -23.16
C ALA B 939 -14.09 38.54 -22.03
N LYS B 940 -12.92 38.63 -21.41
CA LYS B 940 -12.61 39.57 -20.30
C LYS B 940 -12.88 41.01 -20.76
N ASN B 941 -12.35 41.37 -21.93
CA ASN B 941 -12.52 42.71 -22.56
C ASN B 941 -14.02 43.01 -22.73
N ALA B 942 -14.75 42.08 -23.33
CA ALA B 942 -16.21 42.19 -23.62
C ALA B 942 -16.99 42.32 -22.31
N ILE B 943 -16.65 41.52 -21.29
CA ILE B 943 -17.34 41.48 -19.97
C ILE B 943 -17.33 42.89 -19.35
N LEU B 944 -16.21 43.61 -19.47
CA LEU B 944 -16.06 45.00 -18.95
C LEU B 944 -16.90 45.97 -19.79
N ILE B 945 -16.82 45.88 -21.13
CA ILE B 945 -17.57 46.74 -22.08
C ILE B 945 -19.07 46.60 -21.79
N VAL B 946 -19.55 45.36 -21.63
CA VAL B 946 -20.98 45.02 -21.36
C VAL B 946 -21.36 45.54 -19.97
N GLU B 947 -20.48 45.37 -18.98
CA GLU B 947 -20.71 45.81 -17.57
C GLU B 947 -20.83 47.33 -17.52
N PHE B 948 -19.88 48.05 -18.14
CA PHE B 948 -19.85 49.54 -18.23
C PHE B 948 -21.13 50.02 -18.92
N ALA B 949 -21.41 49.50 -20.13
CA ALA B 949 -22.60 49.82 -20.94
C ALA B 949 -23.88 49.60 -20.12
N LYS B 950 -23.97 48.45 -19.44
CA LYS B 950 -25.15 48.07 -18.61
C LYS B 950 -25.31 49.05 -17.44
N ASP B 951 -24.21 49.35 -16.74
CA ASP B 951 -24.21 50.17 -15.50
C ASP B 951 -24.67 51.60 -15.85
N LEU B 952 -24.32 52.10 -17.05
CA LEU B 952 -24.73 53.43 -17.56
C LEU B 952 -26.25 53.48 -17.77
N MET B 953 -26.82 52.41 -18.34
CA MET B 953 -28.28 52.27 -18.60
C MET B 953 -29.04 52.16 -17.28
N ASP B 954 -28.47 51.46 -16.28
CA ASP B 954 -29.10 51.18 -14.97
C ASP B 954 -29.02 52.44 -14.08
N LYS B 955 -27.81 52.92 -13.81
CA LYS B 955 -27.53 54.00 -12.81
C LYS B 955 -27.87 55.37 -13.41
N GLU B 956 -27.25 55.73 -14.53
CA GLU B 956 -27.33 57.09 -15.15
C GLU B 956 -28.49 57.18 -16.14
N GLY B 957 -29.30 56.11 -16.25
CA GLY B 957 -30.55 56.09 -17.04
C GLY B 957 -30.35 56.54 -18.49
N LYS B 958 -29.24 56.15 -19.11
CA LYS B 958 -28.90 56.50 -20.51
C LYS B 958 -29.62 55.52 -21.46
N GLY B 959 -29.59 55.82 -22.77
CA GLY B 959 -30.14 54.96 -23.83
C GLY B 959 -29.17 53.84 -24.17
N LEU B 960 -29.65 52.81 -24.89
CA LEU B 960 -28.84 51.63 -25.30
C LEU B 960 -27.65 52.08 -26.15
N ILE B 961 -27.92 52.78 -27.26
CA ILE B 961 -26.89 53.21 -28.25
C ILE B 961 -25.94 54.21 -27.56
N GLU B 962 -26.49 55.11 -26.73
CA GLU B 962 -25.73 56.13 -25.96
C GLU B 962 -24.73 55.44 -25.04
N ALA B 963 -25.20 54.51 -24.21
CA ALA B 963 -24.42 53.77 -23.18
C ALA B 963 -23.34 52.92 -23.85
N THR B 964 -23.68 52.23 -24.94
CA THR B 964 -22.78 51.32 -25.70
C THR B 964 -21.58 52.11 -26.25
N LEU B 965 -21.83 53.25 -26.91
CA LEU B 965 -20.80 54.12 -27.53
C LEU B 965 -19.90 54.72 -26.44
N ASP B 966 -20.49 55.08 -25.29
CA ASP B 966 -19.77 55.66 -24.13
C ASP B 966 -18.84 54.59 -23.53
N ALA B 967 -19.35 53.36 -23.37
CA ALA B 967 -18.63 52.20 -22.78
C ALA B 967 -17.38 51.88 -23.62
N VAL B 968 -17.56 51.70 -24.94
CA VAL B 968 -16.50 51.24 -25.88
C VAL B 968 -15.40 52.31 -25.98
N ARG B 969 -15.76 53.59 -25.84
CA ARG B 969 -14.81 54.73 -25.81
C ARG B 969 -13.87 54.57 -24.61
N MET B 970 -14.44 54.36 -23.42
CA MET B 970 -13.71 54.28 -22.13
C MET B 970 -12.80 53.05 -22.11
N ARG B 971 -13.23 51.94 -22.73
CA ARG B 971 -12.50 50.64 -22.71
C ARG B 971 -11.59 50.50 -23.94
N LEU B 972 -11.58 51.48 -24.85
CA LEU B 972 -10.76 51.45 -26.09
C LEU B 972 -9.26 51.38 -25.73
N ARG B 973 -8.78 52.33 -24.92
CA ARG B 973 -7.35 52.51 -24.57
C ARG B 973 -6.82 51.25 -23.86
N PRO B 974 -7.40 50.80 -22.73
CA PRO B 974 -6.84 49.68 -21.97
C PRO B 974 -6.77 48.37 -22.77
N ILE B 975 -7.71 48.17 -23.70
CA ILE B 975 -7.74 46.99 -24.62
C ILE B 975 -6.56 47.07 -25.58
N LEU B 976 -6.26 48.26 -26.11
CA LEU B 976 -5.13 48.49 -27.07
C LEU B 976 -3.79 48.34 -26.34
N MET B 977 -3.68 48.84 -25.11
CA MET B 977 -2.45 48.79 -24.28
C MET B 977 -2.11 47.31 -23.99
N THR B 978 -3.08 46.53 -23.52
CA THR B 978 -2.95 45.09 -23.22
C THR B 978 -2.47 44.35 -24.49
N SER B 979 -3.15 44.58 -25.62
CA SER B 979 -2.87 43.95 -26.93
C SER B 979 -1.47 44.31 -27.43
N LEU B 980 -1.18 45.62 -27.53
CA LEU B 980 0.12 46.17 -27.99
C LEU B 980 1.25 45.51 -27.19
N ALA B 981 1.13 45.51 -25.86
CA ALA B 981 2.12 44.95 -24.91
C ALA B 981 2.28 43.44 -25.14
N PHE B 982 1.17 42.71 -25.17
CA PHE B 982 1.12 41.23 -25.23
C PHE B 982 1.62 40.74 -26.60
N ILE B 983 1.14 41.34 -27.68
CA ILE B 983 1.51 40.98 -29.08
C ILE B 983 3.02 41.16 -29.28
N LEU B 984 3.58 42.28 -28.80
CA LEU B 984 5.04 42.54 -28.81
C LEU B 984 5.76 41.54 -27.90
N GLY B 985 5.16 41.22 -26.74
CA GLY B 985 5.71 40.30 -25.73
C GLY B 985 5.87 38.88 -26.23
N VAL B 986 4.94 38.42 -27.08
CA VAL B 986 4.90 37.02 -27.62
C VAL B 986 5.60 36.97 -28.99
N MET B 987 6.05 38.12 -29.51
CA MET B 987 6.63 38.25 -30.89
C MET B 987 7.93 37.44 -31.01
N PRO B 988 8.85 37.49 -30.02
CA PRO B 988 10.08 36.70 -30.09
C PRO B 988 9.86 35.19 -30.26
N LEU B 989 8.81 34.66 -29.63
CA LEU B 989 8.47 33.20 -29.64
C LEU B 989 8.07 32.77 -31.06
N VAL B 990 7.39 33.65 -31.80
CA VAL B 990 6.88 33.40 -33.19
C VAL B 990 8.07 33.25 -34.13
N ILE B 991 9.02 34.19 -34.07
CA ILE B 991 10.18 34.31 -35.02
C ILE B 991 11.33 33.39 -34.57
N SER B 992 11.23 32.79 -33.38
CA SER B 992 12.27 31.90 -32.79
C SER B 992 12.59 30.75 -33.74
N THR B 993 13.89 30.49 -33.96
CA THR B 993 14.43 29.47 -34.90
C THR B 993 15.25 28.41 -34.18
N GLY B 994 15.90 28.75 -33.06
CA GLY B 994 16.90 27.90 -32.37
C GLY B 994 16.28 26.72 -31.65
N ALA B 995 16.89 26.31 -30.53
CA ALA B 995 16.48 25.14 -29.72
C ALA B 995 15.13 25.42 -29.05
N GLY B 996 14.27 24.39 -28.99
CA GLY B 996 12.92 24.46 -28.38
C GLY B 996 12.03 25.50 -29.05
N SER B 997 12.22 25.72 -30.36
CA SER B 997 11.49 26.72 -31.17
C SER B 997 10.11 26.17 -31.56
N GLY B 998 10.03 24.88 -31.87
CA GLY B 998 8.78 24.17 -32.25
C GLY B 998 7.64 24.47 -31.29
N ALA B 999 7.93 24.44 -29.98
CA ALA B 999 6.96 24.74 -28.88
C ALA B 999 6.67 26.25 -28.85
N GLN B 1000 7.73 27.07 -28.86
CA GLN B 1000 7.65 28.56 -28.87
C GLN B 1000 6.79 29.01 -30.06
N ASN B 1001 7.01 28.41 -31.24
CA ASN B 1001 6.26 28.68 -32.49
C ASN B 1001 4.78 28.34 -32.27
N ALA B 1002 4.50 27.16 -31.70
CA ALA B 1002 3.14 26.64 -31.42
C ALA B 1002 2.44 27.55 -30.40
N VAL B 1003 3.14 27.94 -29.33
CA VAL B 1003 2.62 28.84 -28.25
C VAL B 1003 2.38 30.24 -28.86
N GLY B 1004 3.41 30.80 -29.51
CA GLY B 1004 3.44 32.20 -29.98
C GLY B 1004 2.43 32.47 -31.09
N THR B 1005 2.51 31.71 -32.19
CA THR B 1005 1.72 31.91 -33.43
C THR B 1005 0.22 31.88 -33.10
N GLY B 1006 -0.23 30.85 -32.37
CA GLY B 1006 -1.65 30.64 -32.00
C GLY B 1006 -2.20 31.73 -31.10
N VAL B 1007 -1.31 32.55 -30.50
CA VAL B 1007 -1.68 33.69 -29.61
C VAL B 1007 -1.62 34.99 -30.41
N MET B 1008 -0.46 35.30 -31.02
CA MET B 1008 -0.22 36.55 -31.79
C MET B 1008 -1.33 36.73 -32.84
N GLY B 1009 -1.45 35.76 -33.76
CA GLY B 1009 -2.46 35.76 -34.84
C GLY B 1009 -3.87 35.93 -34.29
N GLY B 1010 -4.19 35.19 -33.22
CA GLY B 1010 -5.51 35.23 -32.54
C GLY B 1010 -5.77 36.58 -31.89
N MET B 1011 -4.76 37.16 -31.23
CA MET B 1011 -4.85 38.47 -30.53
C MET B 1011 -5.11 39.59 -31.55
N VAL B 1012 -4.48 39.53 -32.72
CA VAL B 1012 -4.63 40.55 -33.81
C VAL B 1012 -6.11 40.66 -34.19
N THR B 1013 -6.79 39.53 -34.41
CA THR B 1013 -8.24 39.47 -34.75
C THR B 1013 -9.07 39.82 -33.50
N ALA B 1014 -8.78 39.18 -32.36
CA ALA B 1014 -9.47 39.38 -31.06
C ALA B 1014 -9.58 40.88 -30.76
N THR B 1015 -8.48 41.62 -30.93
CA THR B 1015 -8.39 43.09 -30.69
C THR B 1015 -9.20 43.83 -31.77
N VAL B 1016 -8.81 43.66 -33.04
CA VAL B 1016 -9.37 44.41 -34.21
C VAL B 1016 -10.89 44.19 -34.29
N LEU B 1017 -11.37 42.96 -34.11
CA LEU B 1017 -12.79 42.59 -34.31
C LEU B 1017 -13.64 42.99 -33.09
N ALA B 1018 -13.26 42.54 -31.89
CA ALA B 1018 -14.06 42.65 -30.65
C ALA B 1018 -14.47 44.11 -30.38
N ILE B 1019 -13.58 45.08 -30.66
CA ILE B 1019 -13.82 46.53 -30.41
C ILE B 1019 -15.02 47.01 -31.24
N PHE B 1020 -15.23 46.41 -32.42
CA PHE B 1020 -16.35 46.75 -33.35
C PHE B 1020 -17.56 45.83 -33.12
N PHE B 1021 -17.31 44.57 -32.74
CA PHE B 1021 -18.32 43.47 -32.73
C PHE B 1021 -19.08 43.40 -31.39
N VAL B 1022 -18.37 43.54 -30.26
CA VAL B 1022 -18.97 43.46 -28.90
C VAL B 1022 -20.06 44.52 -28.75
N PRO B 1023 -19.84 45.77 -29.22
CA PRO B 1023 -20.92 46.76 -29.30
C PRO B 1023 -22.16 46.20 -30.01
N VAL B 1024 -21.97 45.55 -31.17
CA VAL B 1024 -23.05 44.94 -32.00
C VAL B 1024 -23.73 43.84 -31.18
N PHE B 1025 -22.94 42.93 -30.60
CA PHE B 1025 -23.43 41.75 -29.83
C PHE B 1025 -24.36 42.22 -28.70
N PHE B 1026 -23.98 43.29 -27.98
CA PHE B 1026 -24.72 43.84 -26.82
C PHE B 1026 -26.06 44.43 -27.29
N VAL B 1027 -26.04 45.22 -28.36
CA VAL B 1027 -27.24 45.93 -28.92
C VAL B 1027 -28.25 44.90 -29.41
N VAL B 1028 -27.83 43.95 -30.25
CA VAL B 1028 -28.69 42.91 -30.89
C VAL B 1028 -29.36 42.07 -29.79
N VAL B 1029 -28.60 41.70 -28.76
CA VAL B 1029 -29.08 40.85 -27.61
C VAL B 1029 -30.07 41.67 -26.77
N ARG B 1030 -29.70 42.91 -26.40
CA ARG B 1030 -30.53 43.83 -25.58
C ARG B 1030 -31.85 44.14 -26.30
N ARG B 1031 -31.82 44.23 -27.64
CA ARG B 1031 -33.01 44.50 -28.48
C ARG B 1031 -33.92 43.26 -28.52
N ARG B 1032 -33.35 42.10 -28.85
CA ARG B 1032 -34.06 40.80 -29.02
C ARG B 1032 -34.91 40.50 -27.79
N PHE B 1033 -34.33 40.60 -26.59
CA PHE B 1033 -34.90 40.11 -25.31
C PHE B 1033 -35.52 41.26 -24.50
N SER B 1034 -35.31 42.52 -24.92
CA SER B 1034 -35.98 43.72 -24.36
C SER B 1034 -36.34 44.69 -25.48
N MET C 1 -18.24 43.05 19.01
CA MET C 1 -18.42 41.72 19.66
C MET C 1 -18.50 41.87 21.18
N PRO C 2 -17.59 42.63 21.85
CA PRO C 2 -17.66 42.78 23.30
C PRO C 2 -19.00 43.34 23.81
N ASN C 3 -19.50 44.39 23.15
CA ASN C 3 -20.80 45.05 23.48
C ASN C 3 -21.94 44.02 23.42
N PHE C 4 -21.89 43.11 22.43
CA PHE C 4 -22.90 42.05 22.19
C PHE C 4 -23.03 41.16 23.44
N PHE C 5 -21.90 40.73 24.02
CA PHE C 5 -21.83 39.74 25.12
C PHE C 5 -21.88 40.43 26.49
N ILE C 6 -21.72 41.76 26.54
CA ILE C 6 -21.87 42.58 27.79
C ILE C 6 -23.34 42.57 28.22
N ASP C 7 -24.26 42.68 27.26
CA ASP C 7 -25.73 42.64 27.48
C ASP C 7 -26.19 41.18 27.65
N ARG C 8 -25.45 40.23 27.08
CA ARG C 8 -25.83 38.80 26.97
C ARG C 8 -24.79 37.95 27.69
N PRO C 9 -24.71 38.00 29.04
CA PRO C 9 -23.69 37.26 29.79
C PRO C 9 -23.91 35.74 29.81
N ILE C 10 -25.12 35.27 29.53
CA ILE C 10 -25.46 33.81 29.46
C ILE C 10 -24.84 33.25 28.18
N PHE C 11 -25.08 33.90 27.04
CA PHE C 11 -24.49 33.57 25.71
C PHE C 11 -22.98 33.40 25.86
N ALA C 12 -22.33 34.35 26.54
CA ALA C 12 -20.88 34.35 26.84
C ALA C 12 -20.51 33.09 27.65
N TRP C 13 -21.28 32.78 28.69
CA TRP C 13 -21.08 31.61 29.58
C TRP C 13 -21.30 30.31 28.79
N VAL C 14 -22.31 30.28 27.91
CA VAL C 14 -22.67 29.10 27.05
C VAL C 14 -21.44 28.71 26.22
N ILE C 15 -20.85 29.67 25.50
CA ILE C 15 -19.66 29.45 24.62
C ILE C 15 -18.55 28.80 25.45
N ALA C 16 -18.25 29.37 26.63
CA ALA C 16 -17.20 28.91 27.57
C ALA C 16 -17.47 27.46 28.00
N ILE C 17 -18.71 27.16 28.42
CA ILE C 17 -19.12 25.83 28.94
C ILE C 17 -18.96 24.77 27.84
N ILE C 18 -19.42 25.07 26.62
CA ILE C 18 -19.33 24.18 25.43
C ILE C 18 -17.85 23.87 25.15
N ILE C 19 -17.00 24.89 25.18
CA ILE C 19 -15.52 24.79 24.93
C ILE C 19 -14.90 23.90 26.03
N MET C 20 -15.37 24.05 27.28
CA MET C 20 -14.79 23.36 28.47
C MET C 20 -15.12 21.85 28.41
N LEU C 21 -16.41 21.50 28.30
CA LEU C 21 -16.88 20.08 28.33
C LEU C 21 -16.39 19.36 27.06
N ALA C 22 -16.19 20.09 25.96
CA ALA C 22 -15.55 19.59 24.72
C ALA C 22 -14.13 19.11 25.04
N GLY C 23 -13.36 19.94 25.75
CA GLY C 23 -12.02 19.60 26.28
C GLY C 23 -12.08 18.45 27.26
N GLY C 24 -13.10 18.44 28.13
CA GLY C 24 -13.36 17.36 29.11
C GLY C 24 -13.48 16.01 28.42
N LEU C 25 -14.25 15.94 27.33
CA LEU C 25 -14.45 14.73 26.50
C LEU C 25 -13.15 14.39 25.75
N ALA C 26 -12.43 15.42 25.27
CA ALA C 26 -11.15 15.27 24.53
C ALA C 26 -10.10 14.60 25.40
N ILE C 27 -9.89 15.10 26.62
CA ILE C 27 -8.89 14.61 27.61
C ILE C 27 -9.06 13.09 27.80
N LEU C 28 -10.30 12.64 28.00
CA LEU C 28 -10.64 11.21 28.26
C LEU C 28 -10.18 10.32 27.09
N LYS C 29 -10.30 10.82 25.85
CA LYS C 29 -9.97 10.07 24.61
C LYS C 29 -8.48 10.23 24.27
N LEU C 30 -7.91 11.41 24.49
CA LEU C 30 -6.52 11.79 24.10
C LEU C 30 -5.53 10.72 24.57
N PRO C 31 -4.61 10.25 23.69
CA PRO C 31 -3.54 9.35 24.11
C PRO C 31 -2.55 10.01 25.08
N VAL C 32 -1.66 9.21 25.66
CA VAL C 32 -0.58 9.67 26.60
C VAL C 32 0.73 8.96 26.21
N ALA C 33 1.84 9.72 26.21
CA ALA C 33 3.22 9.21 25.98
C ALA C 33 4.21 10.27 26.47
N GLN C 34 5.50 9.93 26.52
CA GLN C 34 6.57 10.87 26.96
C GLN C 34 6.77 11.93 25.87
N TYR C 35 6.97 11.48 24.63
CA TYR C 35 7.12 12.33 23.42
C TYR C 35 6.20 11.82 22.32
N PRO C 36 5.99 12.61 21.24
CA PRO C 36 5.46 12.05 19.99
C PRO C 36 6.57 11.31 19.23
N THR C 37 6.28 10.79 18.04
CA THR C 37 7.26 10.12 17.15
C THR C 37 8.21 11.20 16.59
N ILE C 38 9.25 11.55 17.35
CA ILE C 38 10.28 12.57 16.99
C ILE C 38 11.45 11.87 16.29
N ALA C 39 11.79 10.65 16.74
CA ALA C 39 12.83 9.79 16.11
C ALA C 39 12.37 9.41 14.70
N PRO C 40 13.24 9.56 13.67
CA PRO C 40 12.84 9.29 12.29
C PRO C 40 12.74 7.81 11.98
N PRO C 41 11.89 7.40 11.01
CA PRO C 41 11.69 5.98 10.71
C PRO C 41 12.88 5.37 9.97
N ALA C 42 13.17 4.10 10.25
CA ALA C 42 14.31 3.33 9.67
C ALA C 42 13.83 1.93 9.27
N VAL C 43 14.41 1.39 8.19
CA VAL C 43 14.13 0.02 7.65
C VAL C 43 15.44 -0.77 7.66
N THR C 44 15.41 -2.00 8.19
CA THR C 44 16.57 -2.93 8.26
C THR C 44 16.37 -4.09 7.28
N ILE C 45 17.46 -4.48 6.60
CA ILE C 45 17.51 -5.67 5.70
C ILE C 45 18.43 -6.71 6.36
N SER C 46 17.85 -7.75 6.99
CA SER C 46 18.57 -8.83 7.70
C SER C 46 18.69 -10.07 6.81
N ALA C 47 19.86 -10.27 6.19
CA ALA C 47 20.23 -11.47 5.40
C ALA C 47 21.21 -12.32 6.23
N SER C 48 21.49 -13.55 5.77
CA SER C 48 22.37 -14.53 6.46
C SER C 48 23.04 -15.46 5.44
N TYR C 49 24.36 -15.68 5.59
CA TYR C 49 25.19 -16.59 4.76
C TYR C 49 25.83 -17.63 5.68
N PRO C 50 25.15 -18.77 5.96
CA PRO C 50 25.66 -19.78 6.86
C PRO C 50 27.12 -20.19 6.60
N GLY C 51 28.00 -19.98 7.60
CA GLY C 51 29.41 -20.42 7.59
C GLY C 51 30.27 -19.58 6.65
N ALA C 52 30.00 -18.28 6.56
CA ALA C 52 30.75 -17.30 5.73
C ALA C 52 31.38 -16.24 6.66
N ASP C 53 32.57 -15.76 6.30
CA ASP C 53 33.31 -14.70 7.04
C ASP C 53 32.85 -13.33 6.55
N ALA C 54 33.02 -12.29 7.38
CA ALA C 54 32.61 -10.89 7.13
C ALA C 54 33.05 -10.44 5.73
N LYS C 55 34.34 -10.63 5.41
CA LYS C 55 34.97 -10.26 4.12
C LYS C 55 34.15 -10.83 2.96
N THR C 56 33.91 -12.14 2.97
CA THR C 56 33.18 -12.91 1.91
C THR C 56 31.73 -12.43 1.84
N VAL C 57 31.07 -12.28 2.99
CA VAL C 57 29.64 -11.87 3.12
C VAL C 57 29.46 -10.46 2.53
N GLN C 58 30.36 -9.53 2.87
CA GLN C 58 30.32 -8.11 2.44
C GLN C 58 30.37 -8.03 0.91
N ASP C 59 31.26 -8.81 0.27
CA ASP C 59 31.52 -8.80 -1.19
C ASP C 59 30.30 -9.38 -1.94
N THR C 60 29.73 -10.49 -1.43
CA THR C 60 28.72 -11.32 -2.14
C THR C 60 27.29 -10.86 -1.81
N VAL C 61 27.05 -10.24 -0.65
CA VAL C 61 25.69 -9.89 -0.15
C VAL C 61 25.58 -8.38 0.05
N THR C 62 26.31 -7.83 1.03
CA THR C 62 26.15 -6.44 1.54
C THR C 62 26.27 -5.43 0.39
N GLN C 63 27.39 -5.46 -0.33
CA GLN C 63 27.69 -4.51 -1.45
C GLN C 63 26.65 -4.70 -2.57
N VAL C 64 26.25 -5.94 -2.85
CA VAL C 64 25.27 -6.30 -3.92
C VAL C 64 23.93 -5.64 -3.60
N ILE C 65 23.49 -5.74 -2.34
CA ILE C 65 22.21 -5.13 -1.85
C ILE C 65 22.36 -3.60 -1.84
N GLU C 66 23.46 -3.10 -1.25
CA GLU C 66 23.70 -1.65 -0.99
C GLU C 66 23.68 -0.86 -2.31
N GLN C 67 24.29 -1.41 -3.37
CA GLN C 67 24.43 -0.71 -4.68
C GLN C 67 23.11 -0.78 -5.47
N ASN C 68 22.10 -1.52 -4.96
CA ASN C 68 20.72 -1.54 -5.49
C ASN C 68 19.80 -0.65 -4.63
N MET C 69 20.32 -0.08 -3.54
CA MET C 69 19.57 0.81 -2.61
C MET C 69 19.88 2.28 -2.93
N ASN C 70 20.05 2.60 -4.22
CA ASN C 70 20.27 3.98 -4.72
C ASN C 70 18.91 4.56 -5.13
N GLY C 71 18.71 5.87 -4.90
CA GLY C 71 17.50 6.62 -5.30
C GLY C 71 16.24 6.02 -4.70
N ILE C 72 16.06 6.17 -3.39
CA ILE C 72 14.81 5.84 -2.64
C ILE C 72 14.30 7.12 -1.97
N ASP C 73 13.00 7.37 -2.03
CA ASP C 73 12.36 8.64 -1.58
C ASP C 73 12.62 8.86 -0.09
N ASN C 74 13.20 10.03 0.25
CA ASN C 74 13.38 10.53 1.64
C ASN C 74 14.35 9.64 2.42
N LEU C 75 15.52 9.34 1.83
CA LEU C 75 16.62 8.58 2.49
C LEU C 75 17.65 9.59 3.04
N MET C 76 17.89 9.55 4.35
CA MET C 76 18.87 10.44 5.04
C MET C 76 20.27 9.81 4.97
N TYR C 77 20.42 8.58 5.47
CA TYR C 77 21.69 7.81 5.46
C TYR C 77 21.40 6.31 5.56
N MET C 78 22.41 5.49 5.26
CA MET C 78 22.35 4.01 5.24
C MET C 78 23.61 3.43 5.90
N SER C 79 23.48 2.96 7.14
CA SER C 79 24.52 2.20 7.89
C SER C 79 24.30 0.70 7.68
N SER C 80 25.36 -0.10 7.69
CA SER C 80 25.33 -1.57 7.51
C SER C 80 26.58 -2.22 8.13
N ASN C 81 26.49 -3.50 8.46
CA ASN C 81 27.59 -4.30 9.07
C ASN C 81 27.47 -5.76 8.61
N SER C 82 28.62 -6.42 8.43
CA SER C 82 28.77 -7.84 8.04
C SER C 82 29.77 -8.53 8.98
N ASP C 83 29.36 -9.59 9.68
CA ASP C 83 30.16 -10.23 10.76
C ASP C 83 30.62 -11.63 10.32
N SER C 84 31.40 -12.31 11.17
CA SER C 84 32.06 -13.60 10.90
C SER C 84 31.09 -14.77 11.02
N THR C 85 29.93 -14.57 11.66
CA THR C 85 28.85 -15.58 11.80
C THR C 85 28.11 -15.74 10.46
N GLY C 86 28.13 -14.70 9.63
CA GLY C 86 27.53 -14.70 8.27
C GLY C 86 26.37 -13.73 8.13
N THR C 87 26.04 -12.99 9.19
CA THR C 87 24.87 -12.07 9.25
C THR C 87 25.18 -10.77 8.50
N VAL C 88 24.16 -10.20 7.84
CA VAL C 88 24.16 -8.82 7.26
C VAL C 88 22.99 -8.06 7.87
N GLN C 89 23.16 -6.77 8.14
CA GLN C 89 22.10 -5.87 8.66
C GLN C 89 22.30 -4.47 8.08
N ILE C 90 21.63 -4.18 6.95
CA ILE C 90 21.67 -2.88 6.23
C ILE C 90 20.46 -2.05 6.67
N THR C 91 20.67 -1.06 7.55
CA THR C 91 19.62 -0.19 8.13
C THR C 91 19.57 1.14 7.37
N LEU C 92 18.46 1.40 6.67
CA LEU C 92 18.20 2.66 5.93
C LEU C 92 17.32 3.57 6.81
N THR C 93 17.90 4.67 7.31
CA THR C 93 17.18 5.72 8.09
C THR C 93 16.61 6.75 7.11
N PHE C 94 15.33 7.10 7.28
CA PHE C 94 14.56 7.99 6.37
C PHE C 94 14.30 9.34 7.04
N GLU C 95 13.92 10.34 6.24
CA GLU C 95 13.65 11.74 6.68
C GLU C 95 12.46 11.73 7.67
N SER C 96 12.46 12.66 8.61
CA SER C 96 11.40 12.81 9.65
C SER C 96 10.07 13.16 8.97
N GLY C 97 9.02 12.37 9.22
CA GLY C 97 7.67 12.56 8.66
C GLY C 97 7.39 11.67 7.47
N THR C 98 8.36 10.85 7.06
CA THR C 98 8.25 9.88 5.93
C THR C 98 7.31 8.74 6.32
N ASP C 99 6.43 8.34 5.40
CA ASP C 99 5.52 7.17 5.57
C ASP C 99 6.38 5.90 5.64
N ALA C 100 6.55 5.35 6.85
CA ALA C 100 7.44 4.20 7.16
C ALA C 100 7.03 2.96 6.35
N ASP C 101 5.72 2.76 6.16
CA ASP C 101 5.16 1.58 5.42
C ASP C 101 5.51 1.70 3.93
N ILE C 102 5.43 2.91 3.37
CA ILE C 102 5.80 3.20 1.95
C ILE C 102 7.33 3.03 1.79
N ALA C 103 8.11 3.50 2.76
CA ALA C 103 9.58 3.36 2.81
C ALA C 103 9.94 1.87 2.72
N GLN C 104 9.31 1.04 3.58
CA GLN C 104 9.49 -0.43 3.65
C GLN C 104 9.24 -1.04 2.26
N VAL C 105 8.14 -0.65 1.61
CA VAL C 105 7.71 -1.15 0.26
C VAL C 105 8.79 -0.79 -0.77
N GLN C 106 9.25 0.47 -0.78
CA GLN C 106 10.27 1.00 -1.72
C GLN C 106 11.58 0.20 -1.57
N VAL C 107 11.95 -0.12 -0.33
CA VAL C 107 13.18 -0.91 0.00
C VAL C 107 12.99 -2.35 -0.49
N GLN C 108 11.88 -2.99 -0.12
CA GLN C 108 11.53 -4.38 -0.50
C GLN C 108 11.66 -4.52 -2.03
N ASN C 109 11.04 -3.60 -2.79
CA ASN C 109 11.05 -3.58 -4.28
C ASN C 109 12.49 -3.56 -4.80
N LYS C 110 13.33 -2.68 -4.24
CA LYS C 110 14.74 -2.47 -4.68
C LYS C 110 15.61 -3.65 -4.28
N LEU C 111 15.27 -4.35 -3.18
CA LEU C 111 16.05 -5.50 -2.66
C LEU C 111 15.90 -6.71 -3.61
N GLN C 112 14.72 -6.87 -4.22
CA GLN C 112 14.36 -8.10 -5.01
C GLN C 112 15.06 -8.09 -6.36
N LEU C 113 15.64 -6.96 -6.78
CA LEU C 113 16.56 -6.86 -7.94
C LEU C 113 17.93 -7.45 -7.54
N ALA C 114 18.33 -7.27 -6.28
CA ALA C 114 19.59 -7.78 -5.69
C ALA C 114 19.45 -9.26 -5.35
N MET C 115 18.25 -9.70 -4.93
CA MET C 115 17.95 -11.08 -4.44
C MET C 115 18.62 -12.14 -5.32
N PRO C 116 18.38 -12.16 -6.66
CA PRO C 116 18.95 -13.20 -7.51
C PRO C 116 20.48 -13.11 -7.69
N LEU C 117 21.05 -11.92 -7.57
CA LEU C 117 22.53 -11.68 -7.66
C LEU C 117 23.22 -12.25 -6.41
N LEU C 118 22.49 -12.43 -5.31
CA LEU C 118 23.02 -13.01 -4.03
C LEU C 118 23.38 -14.47 -4.25
N PRO C 119 24.18 -15.09 -3.34
CA PRO C 119 24.42 -16.52 -3.38
C PRO C 119 23.14 -17.35 -3.17
N GLN C 120 23.14 -18.60 -3.64
CA GLN C 120 21.99 -19.54 -3.57
C GLN C 120 21.65 -19.82 -2.10
N GLU C 121 22.65 -20.04 -1.25
CA GLU C 121 22.49 -20.39 0.19
C GLU C 121 21.77 -19.25 0.93
N VAL C 122 22.11 -18.00 0.62
CA VAL C 122 21.59 -16.78 1.30
C VAL C 122 20.09 -16.64 1.02
N GLN C 123 19.66 -16.95 -0.21
CA GLN C 123 18.25 -16.87 -0.66
C GLN C 123 17.41 -17.94 0.05
N GLN C 124 17.96 -19.15 0.20
CA GLN C 124 17.29 -20.30 0.87
C GLN C 124 17.14 -20.01 2.36
N GLN C 125 18.09 -19.28 2.96
CA GLN C 125 18.06 -18.88 4.39
C GLN C 125 16.98 -17.81 4.58
N GLY C 126 16.81 -16.92 3.61
CA GLY C 126 15.77 -15.87 3.58
C GLY C 126 16.33 -14.49 3.90
N VAL C 127 15.64 -13.45 3.43
CA VAL C 127 16.00 -12.01 3.67
C VAL C 127 14.73 -11.26 4.06
N SER C 128 14.76 -10.52 5.17
CA SER C 128 13.62 -9.74 5.74
C SER C 128 13.80 -8.25 5.42
N VAL C 129 12.68 -7.52 5.34
CA VAL C 129 12.63 -6.03 5.13
C VAL C 129 11.57 -5.47 6.09
N GLU C 130 12.01 -5.01 7.26
CA GLU C 130 11.13 -4.62 8.40
C GLU C 130 11.51 -3.23 8.92
N LYS C 131 10.56 -2.54 9.55
CA LYS C 131 10.77 -1.26 10.29
C LYS C 131 11.45 -1.59 11.62
N SER C 132 12.55 -0.91 11.95
CA SER C 132 13.50 -1.29 13.02
C SER C 132 13.84 -0.10 13.93
N SER C 133 13.69 -0.29 15.24
CA SER C 133 14.24 0.58 16.31
C SER C 133 15.44 -0.12 16.97
N SER C 134 16.44 0.63 17.41
CA SER C 134 17.77 0.11 17.85
C SER C 134 17.75 -0.25 19.35
N SER C 135 16.99 0.49 20.16
CA SER C 135 16.95 0.36 21.65
C SER C 135 15.72 -0.43 22.08
N PHE C 136 15.81 -1.08 23.25
CA PHE C 136 14.74 -1.94 23.84
C PHE C 136 13.80 -1.07 24.68
N LEU C 137 12.49 -1.27 24.53
CA LEU C 137 11.43 -0.66 25.39
C LEU C 137 11.59 -1.19 26.82
N MET C 138 11.77 -2.51 26.96
CA MET C 138 12.02 -3.19 28.25
C MET C 138 12.73 -4.53 27.98
N VAL C 139 13.26 -5.15 29.05
CA VAL C 139 13.73 -6.56 29.06
C VAL C 139 12.88 -7.32 30.09
N VAL C 140 12.16 -8.36 29.64
CA VAL C 140 11.27 -9.21 30.49
C VAL C 140 12.05 -10.49 30.85
N GLY C 141 12.72 -10.49 32.00
CA GLY C 141 13.52 -11.63 32.50
C GLY C 141 12.62 -12.73 33.04
N VAL C 142 13.13 -13.97 33.02
CA VAL C 142 12.45 -15.19 33.57
C VAL C 142 13.48 -15.98 34.38
N ILE C 143 13.15 -16.28 35.65
CA ILE C 143 14.00 -17.05 36.60
C ILE C 143 13.19 -18.23 37.13
N ASN C 144 13.88 -19.20 37.77
CA ASN C 144 13.28 -20.39 38.41
C ASN C 144 13.69 -20.41 39.89
N THR C 145 12.72 -20.27 40.80
CA THR C 145 12.94 -20.07 42.26
C THR C 145 13.18 -21.42 42.96
N ASP C 146 12.46 -22.47 42.58
CA ASP C 146 12.50 -23.82 43.22
C ASP C 146 13.66 -24.63 42.64
N GLY C 147 14.39 -24.10 41.66
CA GLY C 147 15.65 -24.66 41.13
C GLY C 147 15.48 -26.04 40.54
N THR C 148 14.33 -26.32 39.93
CA THR C 148 14.01 -27.58 39.20
C THR C 148 14.46 -27.45 37.75
N MET C 149 14.20 -26.29 37.13
CA MET C 149 14.59 -25.95 35.74
C MET C 149 15.93 -25.20 35.75
N THR C 150 16.85 -25.58 34.85
CA THR C 150 18.18 -24.95 34.65
C THR C 150 18.03 -23.71 33.77
N GLN C 151 19.15 -23.09 33.38
CA GLN C 151 19.19 -21.89 32.50
C GLN C 151 18.66 -22.26 31.10
N GLU C 152 19.13 -23.38 30.55
CA GLU C 152 18.74 -23.87 29.20
C GLU C 152 17.24 -24.23 29.18
N ASP C 153 16.73 -24.75 30.30
CA ASP C 153 15.30 -25.14 30.46
C ASP C 153 14.41 -23.90 30.41
N ILE C 154 14.80 -22.82 31.11
CA ILE C 154 14.06 -21.53 31.15
C ILE C 154 14.05 -20.95 29.73
N SER C 155 15.22 -20.80 29.12
CA SER C 155 15.42 -20.27 27.74
C SER C 155 14.52 -21.01 26.75
N ASP C 156 14.36 -22.32 26.91
CA ASP C 156 13.52 -23.18 26.02
C ASP C 156 12.05 -22.84 26.21
N TYR C 157 11.58 -22.81 27.46
CA TYR C 157 10.16 -22.55 27.82
C TYR C 157 9.75 -21.16 27.31
N VAL C 158 10.62 -20.16 27.50
CA VAL C 158 10.41 -18.74 27.06
C VAL C 158 10.27 -18.73 25.53
N ALA C 159 11.13 -19.44 24.82
CA ALA C 159 11.17 -19.52 23.34
C ALA C 159 9.91 -20.21 22.82
N ALA C 160 9.57 -21.38 23.39
CA ALA C 160 8.49 -22.28 22.92
C ALA C 160 7.12 -21.61 23.14
N ASN C 161 6.84 -21.17 24.37
CA ASN C 161 5.48 -20.76 24.83
C ASN C 161 5.31 -19.24 24.74
N MET C 162 6.29 -18.47 25.23
CA MET C 162 6.15 -17.02 25.55
C MET C 162 6.53 -16.15 24.34
N LYS C 163 7.69 -16.41 23.73
CA LYS C 163 8.34 -15.51 22.72
C LYS C 163 7.35 -15.16 21.59
N ASP C 164 6.74 -16.18 20.97
CA ASP C 164 5.83 -16.03 19.79
C ASP C 164 4.62 -15.18 20.17
N ALA C 165 4.03 -15.44 21.34
CA ALA C 165 2.84 -14.73 21.88
C ALA C 165 3.16 -13.25 22.08
N ILE C 166 4.35 -12.94 22.59
CA ILE C 166 4.82 -11.54 22.88
C ILE C 166 5.09 -10.81 21.56
N SER C 167 5.69 -11.49 20.58
CA SER C 167 6.14 -10.91 19.29
C SER C 167 4.94 -10.46 18.43
N ARG C 168 3.75 -11.02 18.69
CA ARG C 168 2.49 -10.71 17.96
C ARG C 168 1.61 -9.73 18.77
N THR C 169 2.05 -9.36 19.98
CA THR C 169 1.30 -8.45 20.90
C THR C 169 1.31 -7.03 20.32
N SER C 170 0.32 -6.21 20.68
CA SER C 170 0.06 -4.85 20.14
C SER C 170 1.23 -3.91 20.47
N GLY C 171 1.92 -3.41 19.44
CA GLY C 171 2.95 -2.36 19.56
C GLY C 171 4.37 -2.92 19.61
N VAL C 172 4.51 -4.24 19.76
CA VAL C 172 5.83 -4.95 19.86
C VAL C 172 6.46 -5.02 18.46
N GLY C 173 7.59 -4.35 18.27
CA GLY C 173 8.34 -4.32 16.99
C GLY C 173 9.13 -5.59 16.76
N ASP C 174 10.12 -5.86 17.62
CA ASP C 174 11.05 -7.01 17.52
C ASP C 174 11.24 -7.63 18.91
N VAL C 175 11.49 -8.95 18.95
CA VAL C 175 11.69 -9.73 20.21
C VAL C 175 13.04 -10.45 20.13
N GLN C 176 13.99 -10.06 20.99
CA GLN C 176 15.35 -10.63 21.11
C GLN C 176 15.40 -11.57 22.32
N LEU C 177 15.46 -12.88 22.08
CA LEU C 177 15.55 -13.91 23.16
C LEU C 177 16.99 -13.95 23.68
N PHE C 178 17.17 -13.76 24.99
CA PHE C 178 18.47 -13.88 25.70
C PHE C 178 18.64 -15.35 26.12
N GLY C 179 19.10 -16.17 25.17
CA GLY C 179 19.18 -17.64 25.26
C GLY C 179 18.89 -18.28 23.92
N SER C 180 18.44 -19.54 23.92
CA SER C 180 18.10 -20.32 22.69
C SER C 180 17.07 -21.41 23.01
N GLN C 181 16.15 -21.66 22.08
CA GLN C 181 15.16 -22.77 22.13
C GLN C 181 15.91 -24.10 22.02
N TYR C 182 15.40 -25.15 22.68
CA TYR C 182 15.95 -26.53 22.59
C TYR C 182 15.83 -27.03 21.15
N ALA C 183 16.86 -27.76 20.70
CA ALA C 183 16.88 -28.59 19.48
C ALA C 183 17.35 -29.99 19.87
N MET C 184 17.16 -30.98 19.00
CA MET C 184 17.67 -32.36 19.20
C MET C 184 19.17 -32.37 18.86
N ARG C 185 20.02 -32.28 19.88
CA ARG C 185 21.50 -32.20 19.73
C ARG C 185 22.08 -33.62 19.66
N ILE C 186 22.61 -33.99 18.49
CA ILE C 186 23.31 -35.28 18.22
C ILE C 186 24.81 -35.03 18.34
N TRP C 187 25.36 -35.15 19.56
CA TRP C 187 26.79 -34.91 19.88
C TRP C 187 27.63 -36.10 19.42
N MET C 188 28.18 -36.03 18.21
CA MET C 188 28.89 -37.14 17.52
C MET C 188 30.24 -37.41 18.20
N ASN C 189 30.77 -38.62 18.03
CA ASN C 189 32.06 -39.10 18.59
C ASN C 189 32.90 -39.68 17.45
N PRO C 190 34.01 -39.02 17.04
CA PRO C 190 34.78 -39.46 15.88
C PRO C 190 35.45 -40.83 16.05
N ASN C 191 35.77 -41.21 17.28
CA ASN C 191 36.38 -42.52 17.64
C ASN C 191 35.37 -43.64 17.34
N GLU C 192 34.13 -43.50 17.82
CA GLU C 192 33.05 -44.52 17.68
C GLU C 192 32.55 -44.57 16.23
N LEU C 193 32.64 -43.47 15.48
CA LEU C 193 32.34 -43.42 14.03
C LEU C 193 33.40 -44.23 13.27
N ASN C 194 34.69 -43.99 13.57
CA ASN C 194 35.86 -44.66 12.95
C ASN C 194 35.82 -46.16 13.26
N LYS C 195 35.34 -46.54 14.45
CA LYS C 195 35.28 -47.95 14.94
C LYS C 195 34.34 -48.77 14.03
N PHE C 196 33.12 -48.27 13.82
CA PHE C 196 32.06 -48.93 13.00
C PHE C 196 32.17 -48.50 11.54
N GLN C 197 33.16 -47.68 11.20
CA GLN C 197 33.45 -47.19 9.82
C GLN C 197 32.24 -46.39 9.31
N LEU C 198 32.01 -45.21 9.90
CA LEU C 198 30.89 -44.28 9.58
C LEU C 198 31.41 -42.84 9.55
N THR C 199 30.57 -41.91 9.09
CA THR C 199 30.86 -40.45 8.99
C THR C 199 29.61 -39.66 9.39
N PRO C 200 29.74 -38.34 9.67
CA PRO C 200 28.58 -37.47 9.85
C PRO C 200 27.57 -37.52 8.68
N VAL C 201 28.04 -37.84 7.48
CA VAL C 201 27.21 -38.01 6.24
C VAL C 201 26.18 -39.10 6.49
N ASP C 202 26.63 -40.26 6.99
CA ASP C 202 25.78 -41.45 7.29
C ASP C 202 24.74 -41.11 8.36
N VAL C 203 25.15 -40.35 9.38
CA VAL C 203 24.30 -39.90 10.52
C VAL C 203 23.18 -38.99 9.96
N ILE C 204 23.53 -38.08 9.06
CA ILE C 204 22.57 -37.14 8.40
C ILE C 204 21.59 -37.95 7.54
N THR C 205 22.12 -38.76 6.62
CA THR C 205 21.35 -39.64 5.70
C THR C 205 20.35 -40.48 6.50
N ALA C 206 20.79 -41.07 7.61
CA ALA C 206 19.99 -41.92 8.51
C ALA C 206 18.90 -41.10 9.19
N ILE C 207 19.24 -39.95 9.78
CA ILE C 207 18.31 -39.06 10.53
C ILE C 207 17.20 -38.58 9.58
N LYS C 208 17.57 -38.14 8.37
CA LYS C 208 16.62 -37.65 7.33
C LYS C 208 15.66 -38.78 6.91
N ALA C 209 16.13 -40.03 6.95
CA ALA C 209 15.38 -41.24 6.51
C ALA C 209 14.38 -41.66 7.60
N GLN C 210 14.78 -41.63 8.87
CA GLN C 210 14.04 -42.24 10.01
C GLN C 210 13.26 -41.16 10.79
N ASN C 211 13.77 -39.92 10.83
CA ASN C 211 13.02 -38.73 11.32
C ASN C 211 12.44 -38.00 10.10
N ALA C 212 11.32 -38.49 9.57
CA ALA C 212 10.64 -37.95 8.36
C ALA C 212 9.12 -37.97 8.57
N GLN C 213 8.44 -36.94 8.06
CA GLN C 213 6.95 -36.82 8.06
C GLN C 213 6.46 -37.03 6.62
N VAL C 214 6.06 -38.26 6.30
CA VAL C 214 5.73 -38.71 4.90
C VAL C 214 4.25 -38.46 4.63
N ALA C 215 3.93 -38.01 3.42
CA ALA C 215 2.57 -37.93 2.85
C ALA C 215 2.28 -39.21 2.06
N ALA C 216 1.58 -40.16 2.67
CA ALA C 216 1.32 -41.52 2.14
C ALA C 216 0.13 -41.51 1.17
N GLY C 217 -0.96 -40.81 1.54
CA GLY C 217 -2.17 -40.68 0.71
C GLY C 217 -3.42 -41.04 1.47
N GLN C 218 -4.38 -41.70 0.80
CA GLN C 218 -5.70 -42.08 1.38
C GLN C 218 -6.17 -43.43 0.81
N LEU C 219 -6.90 -44.20 1.63
CA LEU C 219 -7.73 -45.35 1.21
C LEU C 219 -9.12 -44.82 0.82
N GLY C 220 -9.59 -45.13 -0.38
CA GLY C 220 -10.90 -44.70 -0.90
C GLY C 220 -10.94 -43.21 -1.21
N GLY C 221 -9.77 -42.61 -1.52
CA GLY C 221 -9.64 -41.19 -1.88
C GLY C 221 -10.12 -40.92 -3.29
N THR C 222 -10.40 -39.66 -3.63
CA THR C 222 -10.93 -39.24 -4.95
C THR C 222 -9.80 -39.29 -5.99
N PRO C 223 -10.07 -39.69 -7.25
CA PRO C 223 -11.38 -40.23 -7.66
C PRO C 223 -11.60 -41.66 -7.19
N PRO C 224 -12.73 -41.98 -6.54
CA PRO C 224 -12.97 -43.32 -5.99
C PRO C 224 -13.60 -44.27 -7.01
N VAL C 225 -13.62 -45.57 -6.69
CA VAL C 225 -14.45 -46.60 -7.39
C VAL C 225 -15.86 -46.50 -6.80
N LYS C 226 -16.85 -46.11 -7.62
CA LYS C 226 -18.26 -45.91 -7.21
C LYS C 226 -18.72 -47.09 -6.35
N GLY C 227 -19.20 -46.82 -5.13
CA GLY C 227 -19.65 -47.84 -4.16
C GLY C 227 -18.62 -48.12 -3.09
N GLN C 228 -17.67 -47.20 -2.89
CA GLN C 228 -16.67 -47.24 -1.78
C GLN C 228 -17.39 -46.87 -0.48
N GLN C 229 -16.97 -47.47 0.64
CA GLN C 229 -17.54 -47.23 2.00
C GLN C 229 -16.45 -46.64 2.90
N LEU C 230 -15.24 -47.21 2.86
CA LEU C 230 -14.06 -46.77 3.66
C LEU C 230 -13.41 -45.55 2.99
N ASN C 231 -13.23 -44.46 3.75
CA ASN C 231 -12.44 -43.27 3.35
C ASN C 231 -11.49 -42.90 4.50
N ALA C 232 -10.33 -43.56 4.56
CA ALA C 232 -9.35 -43.46 5.66
C ALA C 232 -8.02 -42.90 5.14
N SER C 233 -7.41 -41.97 5.87
CA SER C 233 -6.07 -41.40 5.60
C SER C 233 -5.00 -42.44 5.95
N ILE C 234 -3.98 -42.60 5.10
CA ILE C 234 -2.81 -43.49 5.35
C ILE C 234 -1.75 -42.67 6.09
N ILE C 235 -1.25 -43.18 7.22
CA ILE C 235 -0.15 -42.58 8.03
C ILE C 235 1.07 -43.49 7.90
N ALA C 236 2.16 -42.99 7.32
CA ALA C 236 3.47 -43.68 7.22
C ALA C 236 4.36 -43.21 8.37
N GLN C 237 5.61 -42.84 8.09
CA GLN C 237 6.57 -42.32 9.10
C GLN C 237 6.10 -40.94 9.57
N THR C 238 6.35 -40.60 10.83
CA THR C 238 6.12 -39.26 11.44
C THR C 238 7.40 -38.79 12.13
N ARG C 239 7.46 -37.51 12.50
CA ARG C 239 8.61 -36.87 13.18
C ARG C 239 8.83 -37.55 14.54
N LEU C 240 10.10 -37.83 14.90
CA LEU C 240 10.49 -38.40 16.21
C LEU C 240 10.27 -37.33 17.28
N THR C 241 9.89 -37.74 18.50
CA THR C 241 9.37 -36.83 19.56
C THR C 241 10.13 -36.98 20.88
N SER C 242 11.29 -37.65 20.89
CA SER C 242 12.07 -37.92 22.13
C SER C 242 13.51 -38.34 21.79
N THR C 243 14.41 -38.22 22.78
CA THR C 243 15.84 -38.62 22.71
C THR C 243 15.95 -40.15 22.56
N GLU C 244 14.99 -40.89 23.13
CA GLU C 244 14.90 -42.37 23.02
C GLU C 244 14.84 -42.77 21.55
N GLU C 245 13.88 -42.18 20.81
CA GLU C 245 13.55 -42.52 19.39
C GLU C 245 14.74 -42.16 18.48
N PHE C 246 15.38 -41.01 18.73
CA PHE C 246 16.58 -40.55 17.98
C PHE C 246 17.76 -41.48 18.29
N GLY C 247 17.88 -41.90 19.56
CA GLY C 247 18.94 -42.81 20.04
C GLY C 247 18.93 -44.14 19.30
N LYS C 248 17.74 -44.70 19.06
CA LYS C 248 17.55 -46.06 18.48
C LYS C 248 17.46 -45.97 16.94
N ILE C 249 17.86 -44.85 16.34
CA ILE C 249 18.00 -44.70 14.85
C ILE C 249 19.07 -45.69 14.39
N LEU C 250 18.71 -46.59 13.47
CA LEU C 250 19.61 -47.64 12.92
C LEU C 250 20.48 -47.04 11.81
N LEU C 251 21.78 -46.92 12.06
CA LEU C 251 22.77 -46.42 11.06
C LEU C 251 23.12 -47.53 10.07
N LYS C 252 23.35 -48.74 10.56
CA LYS C 252 23.59 -49.96 9.73
C LYS C 252 23.48 -51.22 10.59
N VAL C 253 23.57 -52.39 9.95
CA VAL C 253 23.63 -53.74 10.60
C VAL C 253 24.88 -54.46 10.07
N ASN C 254 25.66 -55.07 10.97
CA ASN C 254 26.94 -55.75 10.66
C ASN C 254 26.66 -57.11 10.02
N GLN C 255 27.71 -57.78 9.52
CA GLN C 255 27.65 -59.10 8.85
C GLN C 255 27.22 -60.20 9.83
N ASP C 256 27.44 -59.99 11.13
CA ASP C 256 27.10 -60.95 12.22
C ASP C 256 25.75 -60.60 12.85
N GLY C 257 24.92 -59.82 12.14
CA GLY C 257 23.57 -59.40 12.59
C GLY C 257 23.63 -58.47 13.80
N SER C 258 24.74 -57.76 13.98
CA SER C 258 24.99 -56.80 15.09
C SER C 258 24.60 -55.40 14.62
N ARG C 259 23.65 -54.75 15.31
CA ARG C 259 23.10 -53.42 14.94
C ARG C 259 24.01 -52.30 15.49
N VAL C 260 24.23 -51.25 14.69
CA VAL C 260 24.93 -49.99 15.09
C VAL C 260 23.89 -48.87 15.11
N LEU C 261 23.47 -48.45 16.31
CA LEU C 261 22.47 -47.37 16.52
C LEU C 261 23.17 -46.01 16.61
N LEU C 262 22.41 -44.92 16.60
CA LEU C 262 22.93 -43.53 16.66
C LEU C 262 23.49 -43.24 18.06
N ARG C 263 22.92 -43.86 19.10
CA ARG C 263 23.35 -43.70 20.52
C ARG C 263 24.66 -44.44 20.78
N ASP C 264 25.10 -45.29 19.84
CA ASP C 264 26.36 -46.07 19.93
C ASP C 264 27.54 -45.27 19.35
N VAL C 265 27.27 -44.12 18.72
CA VAL C 265 28.32 -43.24 18.10
C VAL C 265 28.14 -41.77 18.53
N ALA C 266 27.15 -41.45 19.38
CA ALA C 266 26.81 -40.07 19.78
C ALA C 266 26.00 -40.05 21.07
N LYS C 267 25.99 -38.90 21.76
CA LYS C 267 25.10 -38.61 22.91
C LYS C 267 23.86 -37.88 22.40
N ILE C 268 22.68 -38.27 22.90
CA ILE C 268 21.35 -37.73 22.48
C ILE C 268 20.74 -36.96 23.65
N GLU C 269 20.41 -35.67 23.45
CA GLU C 269 19.83 -34.80 24.51
C GLU C 269 19.21 -33.55 23.86
N LEU C 270 18.19 -32.98 24.51
CA LEU C 270 17.64 -31.64 24.17
C LEU C 270 18.68 -30.58 24.53
N GLY C 271 19.01 -29.70 23.59
CA GLY C 271 20.03 -28.65 23.76
C GLY C 271 19.77 -27.46 22.85
N GLY C 272 20.23 -26.26 23.25
CA GLY C 272 20.01 -25.00 22.51
C GLY C 272 20.46 -25.08 21.07
N GLU C 273 19.78 -24.36 20.17
CA GLU C 273 20.16 -24.21 18.74
C GLU C 273 21.56 -23.58 18.67
N ASN C 274 21.84 -22.62 19.56
CA ASN C 274 23.19 -22.03 19.77
C ASN C 274 23.39 -21.78 21.26
N TYR C 275 24.63 -21.97 21.74
CA TYR C 275 25.04 -21.81 23.17
C TYR C 275 25.84 -20.52 23.35
N ASP C 276 25.68 -19.55 22.44
CA ASP C 276 26.47 -18.30 22.38
C ASP C 276 26.00 -17.35 23.48
N ILE C 277 24.68 -17.21 23.68
CA ILE C 277 24.04 -16.28 24.63
C ILE C 277 23.79 -16.99 25.97
N ILE C 278 24.28 -16.40 27.08
CA ILE C 278 24.08 -16.87 28.48
C ILE C 278 23.74 -15.64 29.34
N ALA C 279 22.53 -15.60 29.92
CA ALA C 279 21.99 -14.46 30.69
C ALA C 279 21.95 -14.81 32.18
N GLU C 280 22.09 -13.81 33.05
CA GLU C 280 22.04 -13.95 34.54
C GLU C 280 21.41 -12.70 35.16
N PHE C 281 20.38 -12.90 35.99
CA PHE C 281 19.65 -11.84 36.75
C PHE C 281 20.16 -11.81 38.19
N ASN C 282 20.99 -10.82 38.53
CA ASN C 282 21.65 -10.67 39.85
C ASN C 282 22.52 -11.91 40.13
N GLY C 283 23.19 -12.43 39.09
CA GLY C 283 24.12 -13.57 39.18
C GLY C 283 23.41 -14.93 39.19
N GLN C 284 22.09 -14.92 39.10
CA GLN C 284 21.22 -16.14 39.16
C GLN C 284 20.88 -16.59 37.75
N PRO C 285 21.04 -17.90 37.40
CA PRO C 285 20.69 -18.40 36.07
C PRO C 285 19.30 -17.93 35.63
N ALA C 286 19.19 -17.40 34.40
CA ALA C 286 17.96 -16.75 33.86
C ALA C 286 17.97 -16.72 32.33
N SER C 287 16.79 -16.49 31.74
CA SER C 287 16.59 -16.07 30.33
C SER C 287 15.72 -14.81 30.33
N GLY C 288 15.50 -14.21 29.15
CA GLY C 288 14.69 -12.97 29.02
C GLY C 288 14.34 -12.66 27.57
N LEU C 289 13.39 -11.74 27.38
CA LEU C 289 12.95 -11.23 26.06
C LEU C 289 13.29 -9.74 25.96
N GLY C 290 14.22 -9.39 25.08
CA GLY C 290 14.55 -7.99 24.73
C GLY C 290 13.50 -7.40 23.79
N ILE C 291 12.43 -6.83 24.36
CA ILE C 291 11.24 -6.32 23.60
C ILE C 291 11.57 -4.90 23.10
N LYS C 292 11.40 -4.66 21.80
CA LYS C 292 11.58 -3.35 21.13
C LYS C 292 10.20 -2.81 20.73
N LEU C 293 10.02 -1.48 20.81
CA LEU C 293 8.77 -0.78 20.45
C LEU C 293 8.71 -0.58 18.94
N ALA C 294 7.58 -0.94 18.32
CA ALA C 294 7.32 -0.79 16.86
C ALA C 294 7.24 0.71 16.51
N THR C 295 7.60 1.06 15.27
CA THR C 295 7.64 2.45 14.75
C THR C 295 6.27 3.10 14.91
N GLY C 296 6.18 4.16 15.73
CA GLY C 296 4.96 4.97 15.90
C GLY C 296 3.97 4.38 16.91
N ALA C 297 4.37 3.32 17.62
CA ALA C 297 3.55 2.63 18.65
C ALA C 297 3.60 3.44 19.95
N ASN C 298 2.54 3.36 20.77
CA ASN C 298 2.41 4.04 22.07
C ASN C 298 3.14 3.21 23.14
N ALA C 299 4.13 3.82 23.82
CA ALA C 299 5.03 3.17 24.80
C ALA C 299 4.21 2.57 25.96
N LEU C 300 3.30 3.36 26.54
CA LEU C 300 2.51 3.00 27.75
C LEU C 300 1.51 1.88 27.41
N ASP C 301 0.83 1.98 26.27
CA ASP C 301 -0.20 1.01 25.82
C ASP C 301 0.47 -0.34 25.51
N THR C 302 1.62 -0.31 24.83
CA THR C 302 2.44 -1.51 24.47
C THR C 302 2.87 -2.24 25.74
N ALA C 303 3.38 -1.49 26.73
CA ALA C 303 3.83 -2.01 28.05
C ALA C 303 2.66 -2.69 28.77
N ALA C 304 1.46 -2.09 28.70
CA ALA C 304 0.22 -2.62 29.30
C ALA C 304 -0.22 -3.90 28.57
N ALA C 305 -0.03 -3.94 27.24
CA ALA C 305 -0.38 -5.08 26.36
C ALA C 305 0.56 -6.26 26.64
N ILE C 306 1.85 -5.99 26.82
CA ILE C 306 2.89 -7.02 27.15
C ILE C 306 2.54 -7.65 28.52
N ARG C 307 2.25 -6.82 29.51
CA ARG C 307 1.88 -7.25 30.90
C ARG C 307 0.57 -8.04 30.85
N ALA C 308 -0.41 -7.58 30.05
CA ALA C 308 -1.72 -8.22 29.84
C ALA C 308 -1.53 -9.62 29.24
N GLU C 309 -0.59 -9.78 28.32
CA GLU C 309 -0.30 -11.05 27.61
C GLU C 309 0.43 -12.02 28.54
N LEU C 310 1.37 -11.52 29.34
CA LEU C 310 2.14 -12.32 30.34
C LEU C 310 1.20 -12.82 31.45
N ALA C 311 0.19 -12.03 31.81
CA ALA C 311 -0.83 -12.34 32.84
C ALA C 311 -1.63 -13.60 32.43
N LYS C 312 -1.83 -13.81 31.13
CA LYS C 312 -2.54 -15.00 30.58
C LYS C 312 -1.65 -16.24 30.70
N MET C 313 -0.34 -16.09 30.52
CA MET C 313 0.65 -17.20 30.47
C MET C 313 0.98 -17.70 31.88
N GLU C 314 1.07 -16.79 32.86
CA GLU C 314 1.57 -17.06 34.23
C GLU C 314 0.84 -18.25 34.86
N PRO C 315 -0.51 -18.29 34.86
CA PRO C 315 -1.25 -19.43 35.42
C PRO C 315 -0.83 -20.82 34.92
N PHE C 316 -0.32 -20.93 33.69
CA PHE C 316 0.02 -22.21 33.01
C PHE C 316 1.52 -22.50 33.10
N PHE C 317 2.29 -21.69 33.83
CA PHE C 317 3.75 -21.87 34.04
C PHE C 317 4.01 -23.10 34.89
N PRO C 318 5.18 -23.77 34.73
CA PRO C 318 5.59 -24.86 35.63
C PRO C 318 5.99 -24.35 37.01
N SER C 319 6.32 -25.27 37.92
CA SER C 319 6.69 -25.00 39.33
C SER C 319 7.96 -24.13 39.39
N GLY C 320 7.85 -22.91 39.91
CA GLY C 320 8.99 -22.04 40.28
C GLY C 320 9.26 -20.94 39.28
N LEU C 321 8.89 -21.13 38.01
CA LEU C 321 9.14 -20.16 36.91
C LEU C 321 8.39 -18.85 37.21
N LYS C 322 9.14 -17.78 37.52
CA LYS C 322 8.58 -16.45 37.90
C LYS C 322 9.09 -15.38 36.93
N ILE C 323 8.26 -14.37 36.65
CA ILE C 323 8.59 -13.19 35.79
C ILE C 323 9.34 -12.17 36.66
N VAL C 324 10.34 -11.51 36.08
CA VAL C 324 11.11 -10.39 36.70
C VAL C 324 11.26 -9.28 35.65
N TYR C 325 11.40 -8.02 36.10
CA TYR C 325 11.45 -6.82 35.24
C TYR C 325 12.73 -6.04 35.53
N PRO C 326 13.92 -6.54 35.09
CA PRO C 326 15.20 -5.92 35.41
C PRO C 326 15.60 -4.71 34.54
N TYR C 327 14.75 -4.28 33.61
CA TYR C 327 14.99 -3.12 32.72
C TYR C 327 13.67 -2.72 32.04
N ASP C 328 13.20 -1.50 32.33
CA ASP C 328 11.94 -0.93 31.79
C ASP C 328 12.07 0.59 31.74
N THR C 329 11.73 1.20 30.59
CA THR C 329 11.82 2.66 30.35
C THR C 329 10.50 3.35 30.75
N THR C 330 9.40 2.60 30.82
CA THR C 330 8.03 3.13 31.05
C THR C 330 7.86 3.63 32.49
N PRO C 331 8.48 3.01 33.52
CA PRO C 331 8.48 3.58 34.87
C PRO C 331 8.86 5.07 34.90
N PHE C 332 9.84 5.47 34.08
CA PHE C 332 10.31 6.87 33.91
C PHE C 332 9.23 7.68 33.17
N VAL C 333 8.66 7.13 32.10
CA VAL C 333 7.63 7.78 31.24
C VAL C 333 6.42 8.16 32.12
N LYS C 334 6.06 7.30 33.07
CA LYS C 334 4.90 7.51 34.00
C LYS C 334 5.22 8.67 34.95
N ILE C 335 6.32 8.59 35.69
CA ILE C 335 6.71 9.56 36.75
C ILE C 335 7.06 10.91 36.11
N SER C 336 7.69 10.91 34.93
CA SER C 336 8.10 12.14 34.20
C SER C 336 6.88 13.01 33.92
N ILE C 337 5.80 12.42 33.40
CA ILE C 337 4.52 13.11 33.07
C ILE C 337 3.88 13.62 34.37
N HIS C 338 3.84 12.79 35.41
CA HIS C 338 3.29 13.12 36.76
C HIS C 338 3.95 14.38 37.30
N GLU C 339 5.27 14.53 37.10
CA GLU C 339 6.07 15.68 37.59
C GLU C 339 5.77 16.93 36.77
N VAL C 340 5.30 16.78 35.52
CA VAL C 340 4.90 17.90 34.62
C VAL C 340 3.46 18.32 34.93
N VAL C 341 2.60 17.35 35.29
CA VAL C 341 1.22 17.59 35.80
C VAL C 341 1.32 18.37 37.11
N LYS C 342 2.22 17.93 38.00
CA LYS C 342 2.57 18.61 39.28
C LYS C 342 2.98 20.06 38.97
N THR C 343 3.90 20.24 38.01
CA THR C 343 4.40 21.55 37.53
C THR C 343 3.24 22.41 37.04
N LEU C 344 2.30 21.81 36.29
CA LEU C 344 1.16 22.51 35.63
C LEU C 344 0.15 22.98 36.69
N VAL C 345 -0.17 22.13 37.66
CA VAL C 345 -1.09 22.47 38.81
C VAL C 345 -0.44 23.58 39.64
N GLU C 346 0.88 23.48 39.89
CA GLU C 346 1.66 24.47 40.67
C GLU C 346 1.63 25.84 39.96
N ALA C 347 1.82 25.84 38.64
CA ALA C 347 1.81 27.06 37.78
C ALA C 347 0.48 27.81 37.95
N ILE C 348 -0.64 27.06 37.91
CA ILE C 348 -2.03 27.60 38.02
C ILE C 348 -2.23 28.23 39.39
N ILE C 349 -1.74 27.58 40.46
CA ILE C 349 -1.85 28.04 41.88
C ILE C 349 -1.08 29.35 42.03
N LEU C 350 0.16 29.41 41.51
CA LEU C 350 1.05 30.59 41.64
C LEU C 350 0.47 31.76 40.83
N VAL C 351 0.10 31.53 39.57
CA VAL C 351 -0.51 32.56 38.66
C VAL C 351 -1.75 33.15 39.33
N PHE C 352 -2.59 32.30 39.95
CA PHE C 352 -3.80 32.71 40.69
C PHE C 352 -3.43 33.69 41.81
N LEU C 353 -2.41 33.34 42.61
CA LEU C 353 -1.93 34.15 43.76
C LEU C 353 -1.32 35.47 43.25
N VAL C 354 -0.61 35.45 42.13
CA VAL C 354 0.01 36.66 41.48
C VAL C 354 -1.11 37.66 41.15
N MET C 355 -2.21 37.17 40.56
CA MET C 355 -3.39 38.00 40.19
C MET C 355 -4.11 38.46 41.47
N TYR C 356 -4.25 37.56 42.45
CA TYR C 356 -4.90 37.82 43.77
C TYR C 356 -4.14 38.95 44.50
N LEU C 357 -2.81 39.01 44.36
CA LEU C 357 -1.94 40.04 44.97
C LEU C 357 -2.36 41.43 44.45
N PHE C 358 -2.59 41.56 43.15
CA PHE C 358 -2.86 42.85 42.44
C PHE C 358 -4.36 43.19 42.50
N LEU C 359 -5.23 42.22 42.21
CA LEU C 359 -6.70 42.41 42.09
C LEU C 359 -7.35 42.39 43.48
N GLN C 360 -6.81 41.59 44.41
CA GLN C 360 -7.09 41.65 45.88
C GLN C 360 -8.51 41.17 46.18
N ASN C 361 -9.53 41.82 45.63
CA ASN C 361 -10.96 41.40 45.71
C ASN C 361 -11.12 40.06 44.99
N PHE C 362 -11.75 39.07 45.65
CA PHE C 362 -11.85 37.66 45.20
C PHE C 362 -12.72 37.56 43.94
N ARG C 363 -13.75 38.41 43.83
CA ARG C 363 -14.70 38.44 42.67
C ARG C 363 -13.93 38.88 41.41
N ALA C 364 -13.13 39.94 41.52
CA ALA C 364 -12.29 40.50 40.43
C ALA C 364 -11.22 39.49 40.04
N THR C 365 -10.64 38.78 41.02
CA THR C 365 -9.54 37.79 40.85
C THR C 365 -10.05 36.56 40.09
N LEU C 366 -11.31 36.17 40.30
CA LEU C 366 -11.91 34.93 39.72
C LEU C 366 -12.10 35.10 38.20
N ILE C 367 -12.37 36.32 37.73
CA ILE C 367 -12.73 36.62 36.31
C ILE C 367 -11.64 36.10 35.36
N PRO C 368 -10.36 36.51 35.51
CA PRO C 368 -9.29 36.00 34.64
C PRO C 368 -8.88 34.56 34.96
N THR C 369 -9.19 34.07 36.17
CA THR C 369 -8.91 32.68 36.63
C THR C 369 -9.80 31.70 35.84
N ILE C 370 -11.03 32.11 35.49
CA ILE C 370 -12.03 31.30 34.72
C ILE C 370 -11.47 31.02 33.32
N ALA C 371 -10.58 31.88 32.80
CA ALA C 371 -9.93 31.74 31.49
C ALA C 371 -9.08 30.46 31.44
N VAL C 372 -8.46 30.08 32.57
CA VAL C 372 -7.50 28.93 32.65
C VAL C 372 -8.21 27.64 32.25
N PRO C 373 -9.32 27.23 32.92
CA PRO C 373 -10.10 26.07 32.48
C PRO C 373 -10.53 26.14 31.01
N VAL C 374 -11.14 27.26 30.60
CA VAL C 374 -11.77 27.46 29.25
C VAL C 374 -10.69 27.29 28.16
N VAL C 375 -9.52 27.91 28.36
CA VAL C 375 -8.41 27.95 27.35
C VAL C 375 -7.75 26.57 27.28
N LEU C 376 -7.36 25.99 28.44
CA LEU C 376 -6.62 24.70 28.52
C LEU C 376 -7.49 23.57 27.96
N LEU C 377 -8.74 23.47 28.40
CA LEU C 377 -9.72 22.46 27.90
C LEU C 377 -9.99 22.72 26.41
N GLY C 378 -10.22 23.98 26.04
CA GLY C 378 -10.33 24.42 24.64
C GLY C 378 -9.15 23.98 23.81
N THR C 379 -7.93 24.14 24.34
CA THR C 379 -6.64 23.74 23.70
C THR C 379 -6.62 22.21 23.53
N ALA C 380 -6.94 21.47 24.60
CA ALA C 380 -6.98 19.99 24.65
C ALA C 380 -7.95 19.45 23.58
N ALA C 381 -9.04 20.18 23.32
CA ALA C 381 -10.02 19.86 22.26
C ALA C 381 -9.37 20.02 20.88
N VAL C 382 -8.57 21.08 20.69
CA VAL C 382 -7.85 21.37 19.41
C VAL C 382 -6.75 20.32 19.21
N LEU C 383 -6.05 19.93 20.27
CA LEU C 383 -5.02 18.85 20.23
C LEU C 383 -5.65 17.56 19.69
N ALA C 384 -6.80 17.16 20.25
CA ALA C 384 -7.57 15.96 19.86
C ALA C 384 -8.03 16.07 18.40
N ALA C 385 -8.42 17.28 17.97
CA ALA C 385 -8.94 17.58 16.61
C ALA C 385 -7.83 17.32 15.57
N PHE C 386 -6.67 17.95 15.74
CA PHE C 386 -5.51 17.86 14.80
C PHE C 386 -4.70 16.59 15.05
N GLY C 387 -5.06 15.81 16.08
CA GLY C 387 -4.59 14.43 16.30
C GLY C 387 -3.25 14.37 17.03
N PHE C 388 -3.09 15.19 18.07
CA PHE C 388 -1.92 15.18 18.99
C PHE C 388 -2.28 14.38 20.24
N SER C 389 -1.31 14.19 21.14
CA SER C 389 -1.45 13.45 22.42
C SER C 389 -1.03 14.34 23.60
N ILE C 390 -1.43 13.97 24.81
CA ILE C 390 -1.00 14.62 26.08
C ILE C 390 0.39 14.07 26.44
N ASN C 391 1.45 14.75 25.98
CA ASN C 391 2.87 14.37 26.18
C ASN C 391 3.63 15.55 26.79
N THR C 392 4.84 15.29 27.31
CA THR C 392 5.67 16.27 28.08
C THR C 392 5.78 17.59 27.30
N LEU C 393 5.95 17.53 25.97
CA LEU C 393 6.19 18.72 25.10
C LEU C 393 4.90 19.57 25.02
N THR C 394 3.74 18.94 24.78
CA THR C 394 2.42 19.61 24.71
C THR C 394 2.04 20.16 26.08
N MET C 395 2.51 19.54 27.16
CA MET C 395 2.26 19.97 28.56
C MET C 395 3.10 21.20 28.87
N PHE C 396 4.39 21.17 28.54
CA PHE C 396 5.31 22.35 28.65
C PHE C 396 4.70 23.54 27.91
N GLY C 397 4.06 23.27 26.76
CA GLY C 397 3.28 24.25 25.99
C GLY C 397 2.21 24.90 26.85
N MET C 398 1.42 24.10 27.57
CA MET C 398 0.32 24.56 28.46
C MET C 398 0.90 25.32 29.65
N VAL C 399 1.99 24.81 30.26
CA VAL C 399 2.66 25.41 31.45
C VAL C 399 3.10 26.84 31.11
N LEU C 400 3.75 27.02 29.95
CA LEU C 400 4.18 28.35 29.42
C LEU C 400 2.96 29.25 29.23
N ALA C 401 1.86 28.68 28.70
CA ALA C 401 0.63 29.40 28.31
C ALA C 401 -0.12 29.94 29.54
N ILE C 402 -0.02 29.27 30.69
CA ILE C 402 -0.79 29.60 31.93
C ILE C 402 -0.63 31.10 32.23
N GLY C 403 0.59 31.61 32.14
CA GLY C 403 0.93 33.02 32.44
C GLY C 403 0.83 33.92 31.21
N LEU C 404 0.20 33.45 30.13
CA LEU C 404 0.03 34.20 28.85
C LEU C 404 -1.45 34.28 28.48
N LEU C 405 -2.23 33.22 28.71
CA LEU C 405 -3.69 33.16 28.39
C LEU C 405 -4.46 34.12 29.31
N VAL C 406 -3.99 34.32 30.55
CA VAL C 406 -4.61 35.22 31.55
C VAL C 406 -4.35 36.69 31.15
N ASP C 407 -3.28 36.96 30.39
CA ASP C 407 -2.81 38.33 30.04
C ASP C 407 -3.97 39.16 29.51
N ASP C 408 -4.56 38.77 28.37
CA ASP C 408 -5.68 39.51 27.72
C ASP C 408 -6.83 39.70 28.70
N ALA C 409 -7.15 38.67 29.49
CA ALA C 409 -8.24 38.68 30.50
C ALA C 409 -7.92 39.70 31.60
N ILE C 410 -6.67 39.72 32.09
CA ILE C 410 -6.18 40.65 33.14
C ILE C 410 -6.30 42.09 32.63
N VAL C 411 -5.79 42.36 31.42
CA VAL C 411 -5.77 43.73 30.80
C VAL C 411 -7.18 44.32 30.84
N VAL C 412 -8.20 43.51 30.53
CA VAL C 412 -9.64 43.92 30.51
C VAL C 412 -10.05 44.30 31.95
N VAL C 413 -9.87 43.39 32.90
CA VAL C 413 -10.27 43.55 34.33
C VAL C 413 -9.56 44.78 34.91
N GLU C 414 -8.26 44.93 34.63
CA GLU C 414 -7.40 46.04 35.14
C GLU C 414 -7.93 47.37 34.58
N ASN C 415 -8.15 47.45 33.27
CA ASN C 415 -8.59 48.67 32.55
C ASN C 415 -9.97 49.11 33.05
N VAL C 416 -10.83 48.16 33.43
CA VAL C 416 -12.18 48.42 34.02
C VAL C 416 -11.98 49.00 35.43
N GLU C 417 -11.21 48.33 36.27
CA GLU C 417 -10.90 48.74 37.67
C GLU C 417 -10.28 50.15 37.65
N ARG C 418 -9.45 50.46 36.64
CA ARG C 418 -8.73 51.75 36.50
C ARG C 418 -9.71 52.86 36.12
N VAL C 419 -10.57 52.63 35.12
CA VAL C 419 -11.55 53.61 34.59
C VAL C 419 -12.58 53.93 35.70
N MET C 420 -12.98 52.93 36.48
CA MET C 420 -13.92 53.08 37.63
C MET C 420 -13.27 53.97 38.70
N ALA C 421 -11.98 53.76 38.97
CA ALA C 421 -11.20 54.52 39.99
C ALA C 421 -11.08 55.98 39.55
N GLU C 422 -10.85 56.23 38.26
CA GLU C 422 -10.60 57.58 37.68
C GLU C 422 -11.91 58.39 37.66
N GLU C 423 -12.95 57.85 37.02
CA GLU C 423 -14.21 58.58 36.69
C GLU C 423 -15.32 58.28 37.73
N GLY C 424 -15.40 57.03 38.22
CA GLY C 424 -16.42 56.60 39.20
C GLY C 424 -17.69 56.12 38.51
N LEU C 425 -17.54 55.38 37.40
CA LEU C 425 -18.67 54.86 36.57
C LEU C 425 -19.18 53.56 37.17
N PRO C 426 -20.40 53.10 36.80
CA PRO C 426 -20.85 51.74 37.10
C PRO C 426 -20.02 50.69 36.35
N PRO C 427 -19.95 49.43 36.85
CA PRO C 427 -19.19 48.39 36.17
C PRO C 427 -19.57 48.19 34.69
N LYS C 428 -20.86 48.29 34.37
CA LYS C 428 -21.43 48.02 33.02
C LYS C 428 -20.95 49.11 32.04
N GLU C 429 -21.07 50.38 32.43
CA GLU C 429 -20.66 51.56 31.62
C GLU C 429 -19.14 51.58 31.46
N ALA C 430 -18.41 51.30 32.55
CA ALA C 430 -16.93 51.27 32.61
C ALA C 430 -16.39 50.30 31.55
N THR C 431 -16.94 49.08 31.50
CA THR C 431 -16.52 47.98 30.59
C THR C 431 -16.64 48.43 29.13
N ARG C 432 -17.78 49.03 28.76
CA ARG C 432 -18.04 49.53 27.38
C ARG C 432 -16.87 50.43 26.94
N LYS C 433 -16.54 51.44 27.75
CA LYS C 433 -15.42 52.39 27.49
C LYS C 433 -14.10 51.63 27.47
N SER C 434 -13.91 50.70 28.42
CA SER C 434 -12.67 49.89 28.60
C SER C 434 -12.34 49.12 27.32
N MET C 435 -13.28 48.32 26.82
CA MET C 435 -13.11 47.43 25.63
C MET C 435 -12.78 48.27 24.39
N GLY C 436 -13.31 49.49 24.30
CA GLY C 436 -13.08 50.43 23.19
C GLY C 436 -11.64 50.92 23.13
N GLN C 437 -10.94 50.93 24.27
CA GLN C 437 -9.56 51.47 24.42
C GLN C 437 -8.51 50.38 24.20
N ILE C 438 -8.83 49.12 24.55
CA ILE C 438 -7.83 48.03 24.76
C ILE C 438 -7.86 47.01 23.61
N GLN C 439 -8.96 46.90 22.86
CA GLN C 439 -9.13 45.92 21.75
C GLN C 439 -7.82 45.80 20.96
N GLY C 440 -7.21 46.93 20.60
CA GLY C 440 -5.94 47.00 19.84
C GLY C 440 -4.83 46.21 20.50
N ALA C 441 -4.69 46.34 21.83
CA ALA C 441 -3.66 45.66 22.65
C ALA C 441 -4.00 44.16 22.76
N LEU C 442 -5.26 43.84 23.10
CA LEU C 442 -5.74 42.44 23.30
C LEU C 442 -5.36 41.58 22.09
N VAL C 443 -5.60 42.11 20.88
CA VAL C 443 -5.33 41.40 19.59
C VAL C 443 -3.81 41.33 19.37
N GLY C 444 -3.09 42.45 19.58
CA GLY C 444 -1.63 42.54 19.43
C GLY C 444 -0.90 41.50 20.25
N ILE C 445 -1.28 41.34 21.52
CA ILE C 445 -0.68 40.37 22.48
C ILE C 445 -0.84 38.95 21.92
N ALA C 446 -2.08 38.56 21.63
CA ALA C 446 -2.47 37.22 21.11
C ALA C 446 -1.77 36.95 19.77
N MET C 447 -1.61 37.98 18.94
CA MET C 447 -0.99 37.87 17.58
C MET C 447 0.48 37.45 17.71
N VAL C 448 1.32 38.28 18.35
CA VAL C 448 2.80 38.11 18.40
C VAL C 448 3.15 36.83 19.17
N LEU C 449 2.38 36.47 20.20
CA LEU C 449 2.60 35.26 21.03
C LEU C 449 2.02 34.01 20.35
N SER C 450 1.39 34.18 19.18
CA SER C 450 0.95 33.08 18.27
C SER C 450 1.85 33.05 17.04
N ALA C 451 1.95 34.20 16.34
CA ALA C 451 2.65 34.38 15.05
C ALA C 451 4.11 33.92 15.16
N VAL C 452 4.75 34.09 16.32
CA VAL C 452 6.18 33.76 16.55
C VAL C 452 6.38 32.23 16.55
N PHE C 453 5.33 31.47 16.87
CA PHE C 453 5.35 29.99 16.94
C PHE C 453 4.81 29.35 15.65
N VAL C 454 4.47 30.16 14.64
CA VAL C 454 3.89 29.67 13.35
C VAL C 454 5.01 29.11 12.46
N PRO C 455 6.10 29.85 12.18
CA PRO C 455 7.16 29.37 11.29
C PRO C 455 7.84 28.07 11.74
N MET C 456 8.01 27.87 13.05
CA MET C 456 8.76 26.74 13.65
C MET C 456 8.11 25.41 13.27
N ALA C 457 6.78 25.39 13.11
CA ALA C 457 5.97 24.19 12.77
C ALA C 457 6.41 23.61 11.42
N PHE C 458 6.80 24.47 10.48
CA PHE C 458 7.12 24.11 9.08
C PHE C 458 8.51 23.49 8.95
N PHE C 459 9.36 23.63 9.97
CA PHE C 459 10.75 23.06 10.00
C PHE C 459 10.68 21.55 10.19
N GLY C 460 11.68 20.83 9.67
CA GLY C 460 11.73 19.35 9.63
C GLY C 460 12.73 18.79 10.63
N GLY C 461 13.00 17.47 10.53
CA GLY C 461 13.87 16.72 11.46
C GLY C 461 13.16 16.41 12.76
N SER C 462 13.86 15.75 13.69
CA SER C 462 13.38 15.47 15.07
C SER C 462 13.13 16.79 15.80
N THR C 463 13.94 17.81 15.50
CA THR C 463 13.82 19.21 15.98
C THR C 463 12.43 19.74 15.63
N GLY C 464 12.03 19.59 14.37
CA GLY C 464 10.71 20.02 13.84
C GLY C 464 9.55 19.37 14.57
N ALA C 465 9.65 18.05 14.82
CA ALA C 465 8.63 17.24 15.52
C ALA C 465 8.40 17.81 16.94
N ILE C 466 9.49 18.21 17.61
CA ILE C 466 9.45 18.81 18.98
C ILE C 466 8.78 20.19 18.89
N TYR C 467 9.23 21.04 17.96
CA TYR C 467 8.73 22.42 17.74
C TYR C 467 7.19 22.42 17.65
N ARG C 468 6.64 21.52 16.83
CA ARG C 468 5.19 21.49 16.46
C ARG C 468 4.32 21.24 17.70
N GLN C 469 4.85 20.58 18.73
CA GLN C 469 4.11 20.29 19.99
C GLN C 469 3.85 21.59 20.76
N PHE C 470 4.87 22.45 20.85
CA PHE C 470 4.78 23.81 21.47
C PHE C 470 3.88 24.70 20.60
N SER C 471 4.11 24.68 19.28
CA SER C 471 3.39 25.50 18.27
C SER C 471 1.88 25.37 18.44
N ILE C 472 1.33 24.16 18.27
CA ILE C 472 -0.13 23.87 18.30
C ILE C 472 -0.71 24.30 19.65
N THR C 473 -0.01 24.01 20.75
CA THR C 473 -0.49 24.21 22.15
C THR C 473 -0.63 25.69 22.46
N ILE C 474 0.41 26.49 22.17
CA ILE C 474 0.49 27.94 22.52
C ILE C 474 -0.41 28.74 21.56
N VAL C 475 -0.29 28.51 20.25
CA VAL C 475 -1.09 29.21 19.20
C VAL C 475 -2.58 29.02 19.49
N SER C 476 -2.98 27.79 19.88
CA SER C 476 -4.36 27.42 20.27
C SER C 476 -4.77 28.18 21.54
N ALA C 477 -3.91 28.13 22.57
CA ALA C 477 -4.14 28.75 23.90
C ALA C 477 -4.30 30.26 23.76
N MET C 478 -3.42 30.90 22.99
CA MET C 478 -3.41 32.38 22.76
C MET C 478 -4.61 32.79 21.90
N ALA C 479 -4.96 31.98 20.90
CA ALA C 479 -6.11 32.19 20.00
C ALA C 479 -7.41 32.18 20.81
N LEU C 480 -7.54 31.24 21.75
CA LEU C 480 -8.73 31.10 22.63
C LEU C 480 -8.73 32.20 23.70
N SER C 481 -7.54 32.58 24.19
CA SER C 481 -7.35 33.58 25.28
C SER C 481 -8.01 34.91 24.89
N VAL C 482 -7.81 35.36 23.65
CA VAL C 482 -8.32 36.67 23.14
C VAL C 482 -9.85 36.57 22.95
N LEU C 483 -10.36 35.42 22.51
CA LEU C 483 -11.82 35.18 22.34
C LEU C 483 -12.52 35.28 23.71
N VAL C 484 -11.94 34.66 24.75
CA VAL C 484 -12.43 34.73 26.16
C VAL C 484 -12.43 36.19 26.62
N ALA C 485 -11.37 36.94 26.28
CA ALA C 485 -11.15 38.35 26.68
C ALA C 485 -12.10 39.28 25.92
N LEU C 486 -12.65 38.84 24.79
CA LEU C 486 -13.61 39.62 23.95
C LEU C 486 -15.06 39.17 24.23
N ILE C 487 -15.26 37.91 24.61
CA ILE C 487 -16.63 37.30 24.80
C ILE C 487 -16.96 37.26 26.30
N LEU C 488 -16.27 36.41 27.07
CA LEU C 488 -16.63 36.05 28.47
C LEU C 488 -16.22 37.18 29.43
N THR C 489 -14.93 37.50 29.50
CA THR C 489 -14.32 38.42 30.50
C THR C 489 -15.10 39.73 30.56
N PRO C 490 -15.42 40.39 29.42
CA PRO C 490 -16.22 41.62 29.45
C PRO C 490 -17.59 41.45 30.11
N ALA C 491 -18.29 40.34 29.81
CA ALA C 491 -19.62 39.99 30.35
C ALA C 491 -19.54 39.87 31.88
N LEU C 492 -18.47 39.28 32.39
CA LEU C 492 -18.24 39.07 33.85
C LEU C 492 -17.91 40.41 34.51
N CYS C 493 -17.01 41.20 33.89
CA CYS C 493 -16.63 42.57 34.33
C CYS C 493 -17.87 43.46 34.42
N ALA C 494 -18.83 43.28 33.51
CA ALA C 494 -20.06 44.09 33.38
C ALA C 494 -21.07 43.73 34.47
N THR C 495 -20.99 42.50 35.03
CA THR C 495 -21.99 41.94 35.97
C THR C 495 -21.37 41.75 37.37
N MET C 496 -20.41 40.82 37.51
CA MET C 496 -19.94 40.31 38.82
C MET C 496 -18.64 41.01 39.25
N LEU C 497 -18.55 42.34 39.05
CA LEU C 497 -17.42 43.18 39.53
C LEU C 497 -17.99 44.34 40.36
N LYS C 498 -17.61 44.42 41.64
CA LYS C 498 -18.14 45.40 42.62
C LYS C 498 -17.76 46.81 42.16
N PRO C 499 -18.67 47.81 42.28
CA PRO C 499 -18.37 49.17 41.83
C PRO C 499 -17.30 49.87 42.69
N ILE C 500 -16.25 50.39 42.04
CA ILE C 500 -15.16 51.21 42.67
C ILE C 500 -15.55 52.69 42.54
N ALA C 501 -15.57 53.42 43.66
CA ALA C 501 -15.93 54.85 43.74
C ALA C 501 -14.77 55.70 43.19
N LYS C 502 -15.07 56.93 42.74
CA LYS C 502 -14.09 57.89 42.15
C LYS C 502 -13.05 58.25 43.21
N GLY C 503 -11.76 58.09 42.86
CA GLY C 503 -10.61 58.45 43.71
C GLY C 503 -10.00 57.25 44.42
N ASP C 504 -10.81 56.22 44.70
CA ASP C 504 -10.40 54.99 45.44
C ASP C 504 -9.48 54.15 44.54
N HIS C 505 -8.19 54.07 44.88
CA HIS C 505 -7.15 53.24 44.21
C HIS C 505 -6.72 52.08 45.13
N GLY C 506 -7.48 51.83 46.20
CA GLY C 506 -7.23 50.74 47.16
C GLY C 506 -6.24 51.14 48.25
N GLU C 507 -5.92 52.43 48.36
CA GLU C 507 -4.98 52.98 49.37
C GLU C 507 -5.65 52.99 50.75
N GLY C 508 -6.97 53.22 50.78
CA GLY C 508 -7.79 53.29 52.02
C GLY C 508 -7.98 51.93 52.68
N LYS C 509 -7.69 50.84 51.96
CA LYS C 509 -7.88 49.44 52.45
C LYS C 509 -6.94 49.17 53.63
N LYS C 510 -7.38 48.30 54.54
CA LYS C 510 -6.67 47.94 55.81
C LYS C 510 -5.95 46.61 55.61
N GLY C 511 -4.76 46.46 56.21
CA GLY C 511 -3.95 45.23 56.18
C GLY C 511 -2.84 45.29 55.14
N PHE C 512 -2.41 44.13 54.65
CA PHE C 512 -1.27 43.96 53.70
C PHE C 512 -1.59 44.65 52.37
N PHE C 513 -2.79 44.42 51.83
CA PHE C 513 -3.25 44.96 50.52
C PHE C 513 -3.13 46.49 50.53
N GLY C 514 -3.46 47.13 51.65
CA GLY C 514 -3.29 48.59 51.86
C GLY C 514 -1.85 49.03 51.61
N TRP C 515 -0.89 48.32 52.20
CA TRP C 515 0.57 48.61 52.10
C TRP C 515 1.04 48.47 50.65
N PHE C 516 0.63 47.39 49.97
CA PHE C 516 1.02 47.06 48.58
C PHE C 516 0.50 48.14 47.62
N ASN C 517 -0.74 48.60 47.83
CA ASN C 517 -1.42 49.61 46.98
C ASN C 517 -0.71 50.96 47.12
N ARG C 518 -0.45 51.42 48.35
CA ARG C 518 0.25 52.69 48.65
C ARG C 518 1.68 52.63 48.11
N MET C 519 2.36 51.50 48.29
CA MET C 519 3.75 51.25 47.81
C MET C 519 3.79 51.29 46.28
N PHE C 520 2.85 50.62 45.62
CA PHE C 520 2.78 50.49 44.14
C PHE C 520 2.36 51.84 43.52
N GLU C 521 1.39 52.54 44.14
CA GLU C 521 0.93 53.88 43.72
C GLU C 521 2.09 54.88 43.80
N LYS C 522 2.99 54.71 44.77
CA LYS C 522 4.23 55.52 44.91
C LYS C 522 5.26 55.06 43.88
N SER C 523 5.42 53.75 43.70
CA SER C 523 6.34 53.12 42.71
C SER C 523 5.95 53.54 41.29
N THR C 524 4.65 53.76 41.04
CA THR C 524 4.09 54.27 39.76
C THR C 524 4.61 55.70 39.53
N HIS C 525 4.49 56.56 40.54
CA HIS C 525 4.93 57.98 40.51
C HIS C 525 6.44 58.06 40.22
N HIS C 526 7.24 57.17 40.82
CA HIS C 526 8.70 57.04 40.57
C HIS C 526 8.93 56.78 39.08
N TYR C 527 8.29 55.74 38.54
CA TYR C 527 8.45 55.22 37.17
C TYR C 527 8.10 56.31 36.14
N THR C 528 6.96 56.99 36.33
CA THR C 528 6.43 58.04 35.41
C THR C 528 7.44 59.20 35.34
N ASP C 529 7.91 59.67 36.50
CA ASP C 529 8.91 60.77 36.62
C ASP C 529 10.25 60.28 36.07
N SER C 530 10.60 59.01 36.34
CA SER C 530 11.83 58.34 35.85
C SER C 530 11.87 58.36 34.33
N VAL C 531 10.80 57.88 33.67
CA VAL C 531 10.65 57.87 32.18
C VAL C 531 10.72 59.32 31.69
N GLY C 532 10.04 60.25 32.38
CA GLY C 532 10.05 61.69 32.09
C GLY C 532 11.46 62.20 31.87
N GLY C 533 12.39 61.84 32.75
CA GLY C 533 13.83 62.20 32.67
C GLY C 533 14.51 61.50 31.51
N ILE C 534 14.18 60.22 31.27
CA ILE C 534 14.78 59.37 30.19
C ILE C 534 14.48 60.00 28.83
N LEU C 535 13.26 60.52 28.63
CA LEU C 535 12.77 61.05 27.32
C LEU C 535 13.39 62.42 27.02
N ARG C 536 14.02 63.07 28.01
CA ARG C 536 14.70 64.39 27.85
C ARG C 536 16.21 64.18 27.64
N SER C 537 16.67 62.93 27.54
CA SER C 537 18.10 62.56 27.29
C SER C 537 18.16 61.17 26.66
N THR C 538 17.45 60.96 25.55
CA THR C 538 17.30 59.66 24.85
C THR C 538 18.63 59.24 24.22
N GLY C 539 19.45 60.21 23.78
CA GLY C 539 20.78 59.97 23.18
C GLY C 539 21.64 59.02 23.99
N ARG C 540 21.57 59.12 25.33
CA ARG C 540 22.31 58.27 26.29
C ARG C 540 21.90 56.80 26.12
N TYR C 541 20.59 56.53 26.04
CA TYR C 541 19.98 55.17 26.12
C TYR C 541 20.13 54.44 24.79
N LEU C 542 20.35 55.15 23.68
CA LEU C 542 20.66 54.55 22.35
C LEU C 542 22.04 53.89 22.40
N VAL C 543 22.94 54.41 23.25
CA VAL C 543 24.31 53.84 23.48
C VAL C 543 24.18 52.61 24.39
N LEU C 544 23.41 52.73 25.48
CA LEU C 544 23.14 51.61 26.44
C LEU C 544 22.50 50.44 25.69
N TYR C 545 21.53 50.74 24.80
CA TYR C 545 20.83 49.73 23.97
C TYR C 545 21.84 49.00 23.09
N LEU C 546 22.77 49.74 22.48
CA LEU C 546 23.81 49.18 21.57
C LEU C 546 24.79 48.31 22.38
N ILE C 547 25.09 48.71 23.62
CA ILE C 547 25.94 47.92 24.57
C ILE C 547 25.24 46.59 24.88
N ILE C 548 23.94 46.64 25.19
CA ILE C 548 23.10 45.44 25.48
C ILE C 548 23.13 44.49 24.28
N VAL C 549 23.01 45.04 23.06
CA VAL C 549 23.03 44.26 21.78
C VAL C 549 24.41 43.61 21.61
N VAL C 550 25.49 44.34 21.90
CA VAL C 550 26.90 43.82 21.86
C VAL C 550 27.04 42.73 22.92
N GLY C 551 26.53 42.99 24.14
CA GLY C 551 26.51 42.02 25.25
C GLY C 551 25.71 40.77 24.90
N MET C 552 24.52 40.96 24.32
CA MET C 552 23.62 39.87 23.83
C MET C 552 24.38 39.01 22.82
N ALA C 553 25.02 39.64 21.84
CA ALA C 553 25.78 38.98 20.74
C ALA C 553 26.88 38.09 21.32
N TYR C 554 27.63 38.60 22.30
CA TYR C 554 28.79 37.91 22.93
C TYR C 554 28.30 36.67 23.69
N LEU C 555 27.25 36.83 24.51
CA LEU C 555 26.67 35.74 25.35
C LEU C 555 26.13 34.61 24.47
N PHE C 556 25.61 34.95 23.27
CA PHE C 556 25.01 33.98 22.31
C PHE C 556 26.10 33.08 21.73
N VAL C 557 27.17 33.67 21.20
CA VAL C 557 28.26 32.96 20.44
C VAL C 557 29.07 32.09 21.40
N ARG C 558 29.22 32.49 22.67
CA ARG C 558 30.10 31.80 23.66
C ARG C 558 29.33 30.64 24.30
N LEU C 559 28.04 30.83 24.63
CA LEU C 559 27.17 29.80 25.24
C LEU C 559 27.15 28.56 24.35
N PRO C 560 27.70 27.41 24.80
CA PRO C 560 27.82 26.23 23.95
C PRO C 560 26.46 25.54 23.71
N SER C 561 26.36 24.77 22.63
CA SER C 561 25.11 24.15 22.12
C SER C 561 25.06 22.65 22.47
N SER C 562 23.84 22.12 22.61
CA SER C 562 23.53 20.67 22.72
C SER C 562 22.21 20.39 21.99
N PHE C 563 21.73 19.14 22.03
CA PHE C 563 20.43 18.74 21.42
C PHE C 563 19.34 18.76 22.50
N LEU C 564 19.37 17.79 23.42
CA LEU C 564 18.41 17.67 24.55
C LEU C 564 19.16 17.27 25.82
N PRO C 565 18.71 17.74 27.01
CA PRO C 565 19.33 17.32 28.27
C PRO C 565 19.08 15.84 28.57
N ASP C 566 20.14 15.10 28.92
CA ASP C 566 20.07 13.71 29.43
C ASP C 566 19.30 13.72 30.75
N GLU C 567 18.58 12.62 31.06
CA GLU C 567 17.76 12.48 32.27
C GLU C 567 18.19 11.22 33.04
N ASP C 568 17.83 11.15 34.32
CA ASP C 568 17.84 9.90 35.13
C ASP C 568 16.54 9.14 34.81
N GLN C 569 16.66 8.01 34.09
CA GLN C 569 15.50 7.21 33.63
C GLN C 569 15.35 5.95 34.51
N GLY C 570 16.02 5.92 35.66
CA GLY C 570 15.99 4.80 36.63
C GLY C 570 16.70 3.57 36.11
N VAL C 571 17.34 3.65 34.94
CA VAL C 571 18.02 2.53 34.24
C VAL C 571 19.21 3.08 33.44
N PHE C 572 20.18 2.21 33.16
CA PHE C 572 21.33 2.47 32.25
C PHE C 572 22.00 1.14 31.93
N MET C 573 22.82 1.10 30.88
CA MET C 573 23.45 -0.14 30.34
C MET C 573 24.97 -0.03 30.42
N THR C 574 25.65 -1.18 30.46
CA THR C 574 27.13 -1.31 30.53
C THR C 574 27.58 -2.31 29.45
N MET C 575 28.21 -1.83 28.39
CA MET C 575 28.77 -2.68 27.29
C MET C 575 30.11 -3.26 27.77
N VAL C 576 30.39 -4.52 27.39
CA VAL C 576 31.61 -5.28 27.78
C VAL C 576 32.20 -5.92 26.52
N GLN C 577 33.39 -5.46 26.11
CA GLN C 577 34.09 -5.93 24.88
C GLN C 577 35.48 -6.43 25.27
N LEU C 578 35.76 -7.72 25.03
CA LEU C 578 37.07 -8.37 25.34
C LEU C 578 37.90 -8.45 24.06
N PRO C 579 39.23 -8.74 24.17
CA PRO C 579 40.10 -8.76 23.00
C PRO C 579 39.72 -9.82 21.95
N ALA C 580 40.40 -9.78 20.80
CA ALA C 580 40.20 -10.69 19.66
C ALA C 580 40.47 -12.14 20.10
N GLY C 581 39.51 -13.03 19.84
CA GLY C 581 39.63 -14.49 20.07
C GLY C 581 39.51 -14.86 21.54
N ALA C 582 38.83 -14.03 22.34
CA ALA C 582 38.54 -14.29 23.78
C ALA C 582 37.34 -15.24 23.88
N THR C 583 37.38 -16.16 24.86
CA THR C 583 36.37 -17.23 25.06
C THR C 583 35.20 -16.70 25.90
N GLN C 584 34.13 -17.50 25.99
CA GLN C 584 32.90 -17.19 26.77
C GLN C 584 33.24 -17.14 28.27
N GLU C 585 34.22 -17.95 28.70
CA GLU C 585 34.66 -18.08 30.11
C GLU C 585 35.28 -16.76 30.58
N ARG C 586 36.14 -16.14 29.77
CA ARG C 586 36.87 -14.89 30.09
C ARG C 586 35.89 -13.71 30.16
N THR C 587 34.89 -13.68 29.27
CA THR C 587 33.82 -12.64 29.21
C THR C 587 32.97 -12.71 30.48
N GLN C 588 32.61 -13.93 30.92
CA GLN C 588 31.79 -14.17 32.13
C GLN C 588 32.53 -13.66 33.36
N LYS C 589 33.86 -13.81 33.41
CA LYS C 589 34.74 -13.36 34.51
C LYS C 589 34.67 -11.83 34.63
N VAL C 590 34.63 -11.12 33.49
CA VAL C 590 34.54 -9.63 33.42
C VAL C 590 33.13 -9.20 33.84
N LEU C 591 32.09 -9.89 33.34
CA LEU C 591 30.66 -9.62 33.64
C LEU C 591 30.40 -9.78 35.14
N ASN C 592 31.05 -10.77 35.76
CA ASN C 592 31.00 -11.01 37.24
C ASN C 592 31.49 -9.75 37.96
N GLU C 593 32.65 -9.21 37.56
CA GLU C 593 33.27 -7.99 38.13
C GLU C 593 32.33 -6.78 37.94
N VAL C 594 31.68 -6.69 36.78
CA VAL C 594 30.70 -5.61 36.44
C VAL C 594 29.47 -5.78 37.33
N THR C 595 28.88 -6.98 37.34
CA THR C 595 27.70 -7.36 38.17
C THR C 595 28.03 -7.12 39.65
N HIS C 596 29.24 -7.50 40.09
CA HIS C 596 29.73 -7.34 41.48
C HIS C 596 29.62 -5.87 41.91
N TYR C 597 30.33 -4.98 41.20
CA TYR C 597 30.42 -3.52 41.50
C TYR C 597 29.04 -2.95 41.82
N TYR C 598 28.03 -3.31 41.01
CA TYR C 598 26.65 -2.78 41.11
C TYR C 598 25.93 -3.36 42.33
N LEU C 599 26.24 -4.61 42.71
CA LEU C 599 25.58 -5.33 43.83
C LEU C 599 26.37 -5.15 45.14
N THR C 600 27.52 -4.47 45.11
CA THR C 600 28.40 -4.25 46.29
C THR C 600 28.58 -2.75 46.56
N LYS C 601 29.30 -2.04 45.68
CA LYS C 601 29.61 -0.58 45.83
C LYS C 601 28.32 0.23 45.70
N GLU C 602 27.53 -0.01 44.65
CA GLU C 602 26.31 0.76 44.30
C GLU C 602 25.06 -0.03 44.70
N LYS C 603 25.12 -0.79 45.80
CA LYS C 603 24.02 -1.68 46.27
C LYS C 603 22.85 -0.82 46.79
N ASN C 604 23.12 0.41 47.23
CA ASN C 604 22.10 1.36 47.73
C ASN C 604 21.28 1.92 46.56
N ASN C 605 21.93 2.12 45.41
CA ASN C 605 21.32 2.77 44.20
C ASN C 605 20.74 1.71 43.26
N VAL C 606 21.48 0.63 43.00
CA VAL C 606 21.11 -0.44 42.03
C VAL C 606 20.08 -1.37 42.66
N GLU C 607 19.02 -1.70 41.91
CA GLU C 607 17.93 -2.62 42.34
C GLU C 607 18.18 -4.01 41.76
N SER C 608 18.42 -4.10 40.45
CA SER C 608 18.61 -5.37 39.70
C SER C 608 19.59 -5.19 38.53
N VAL C 609 20.33 -6.26 38.20
CA VAL C 609 21.35 -6.32 37.12
C VAL C 609 21.08 -7.57 36.27
N PHE C 610 20.73 -7.39 34.99
CA PHE C 610 20.51 -8.49 34.01
C PHE C 610 21.68 -8.52 33.02
N ALA C 611 22.72 -9.27 33.37
CA ALA C 611 23.97 -9.44 32.58
C ALA C 611 23.76 -10.52 31.51
N VAL C 612 24.23 -10.28 30.29
CA VAL C 612 24.12 -11.21 29.13
C VAL C 612 25.52 -11.43 28.54
N ASN C 613 26.01 -12.67 28.57
CA ASN C 613 27.29 -13.09 27.96
C ASN C 613 27.01 -13.65 26.56
N GLY C 614 27.57 -13.02 25.52
CA GLY C 614 27.43 -13.45 24.11
C GLY C 614 26.82 -12.37 23.23
N PHE C 615 25.86 -11.61 23.77
CA PHE C 615 25.12 -10.53 23.06
C PHE C 615 25.74 -9.17 23.39
N GLY C 616 25.60 -8.21 22.46
CA GLY C 616 26.07 -6.82 22.60
C GLY C 616 25.63 -5.96 21.43
N PHE C 617 25.85 -4.64 21.53
CA PHE C 617 25.49 -3.64 20.48
C PHE C 617 26.61 -3.55 19.45
N ALA C 618 27.87 -3.74 19.87
CA ALA C 618 29.07 -3.77 19.00
C ALA C 618 29.31 -5.22 18.53
N GLY C 619 28.41 -5.74 17.69
CA GLY C 619 28.47 -7.10 17.13
C GLY C 619 28.14 -8.17 18.18
N ARG C 620 28.23 -9.44 17.79
CA ARG C 620 27.97 -10.63 18.64
C ARG C 620 29.19 -11.56 18.60
N GLY C 621 29.23 -12.53 19.52
CA GLY C 621 30.34 -13.49 19.69
C GLY C 621 30.65 -13.75 21.15
N GLN C 622 31.54 -14.71 21.42
CA GLN C 622 31.93 -15.14 22.80
C GLN C 622 32.59 -13.98 23.55
N ASN C 623 33.33 -13.12 22.84
CA ASN C 623 34.16 -12.03 23.43
C ASN C 623 33.35 -10.75 23.61
N THR C 624 32.01 -10.85 23.69
CA THR C 624 31.08 -9.70 23.81
C THR C 624 30.07 -9.97 24.93
N GLY C 625 29.70 -8.93 25.68
CA GLY C 625 28.69 -8.98 26.76
C GLY C 625 28.04 -7.62 26.97
N ILE C 626 26.93 -7.59 27.72
CA ILE C 626 26.17 -6.35 28.06
C ILE C 626 25.40 -6.59 29.36
N ALA C 627 25.28 -5.55 30.20
CA ALA C 627 24.61 -5.58 31.52
C ALA C 627 23.53 -4.50 31.57
N PHE C 628 22.27 -4.91 31.68
CA PHE C 628 21.08 -4.02 31.87
C PHE C 628 20.91 -3.76 33.38
N VAL C 629 21.25 -2.55 33.81
CA VAL C 629 21.19 -2.11 35.24
C VAL C 629 19.91 -1.28 35.45
N SER C 630 19.10 -1.64 36.44
CA SER C 630 17.88 -0.90 36.88
C SER C 630 18.08 -0.42 38.31
N LEU C 631 17.91 0.89 38.55
CA LEU C 631 18.12 1.56 39.86
C LEU C 631 16.84 1.48 40.69
N LYS C 632 16.95 1.75 42.00
CA LYS C 632 15.81 1.83 42.95
C LYS C 632 15.02 3.11 42.66
N ASP C 633 13.86 3.28 43.30
CA ASP C 633 12.95 4.45 43.09
C ASP C 633 13.74 5.75 43.30
N TRP C 634 13.37 6.80 42.57
CA TRP C 634 14.04 8.13 42.57
C TRP C 634 14.03 8.73 43.99
N ALA C 635 12.94 8.54 44.72
CA ALA C 635 12.72 9.05 46.10
C ALA C 635 13.75 8.45 47.06
N ASP C 636 14.21 7.23 46.80
CA ASP C 636 15.16 6.47 47.66
C ASP C 636 16.61 6.76 47.23
N ARG C 637 16.81 7.61 46.22
CA ARG C 637 18.14 8.02 45.71
C ARG C 637 18.25 9.54 45.72
N PRO C 638 18.32 10.19 46.90
CA PRO C 638 18.51 11.63 46.98
C PRO C 638 19.96 12.06 46.71
N GLY C 639 20.16 13.30 46.28
CA GLY C 639 21.49 13.88 45.98
C GLY C 639 21.92 13.57 44.56
N GLU C 640 22.80 14.42 43.99
CA GLU C 640 23.31 14.32 42.60
C GLU C 640 24.21 13.09 42.43
N GLU C 641 24.90 12.68 43.51
CA GLU C 641 25.88 11.56 43.50
C GLU C 641 25.17 10.21 43.36
N ASN C 642 23.86 10.16 43.63
CA ASN C 642 23.02 8.93 43.54
C ASN C 642 22.15 8.95 42.27
N LYS C 643 22.50 9.81 41.30
CA LYS C 643 21.81 9.89 39.98
C LYS C 643 22.69 9.21 38.92
N VAL C 644 22.07 8.79 37.80
CA VAL C 644 22.68 7.92 36.76
C VAL C 644 24.00 8.54 36.28
N GLU C 645 23.99 9.84 35.97
CA GLU C 645 25.18 10.59 35.47
C GLU C 645 26.39 10.29 36.36
N ALA C 646 26.23 10.44 37.68
CA ALA C 646 27.28 10.27 38.71
C ALA C 646 27.65 8.79 38.85
N ILE C 647 26.65 7.90 38.86
CA ILE C 647 26.82 6.43 39.05
C ILE C 647 27.62 5.86 37.88
N THR C 648 27.23 6.20 36.64
CA THR C 648 27.88 5.75 35.38
C THR C 648 29.31 6.28 35.30
N MET C 649 29.53 7.52 35.73
CA MET C 649 30.87 8.18 35.74
C MET C 649 31.81 7.43 36.69
N ARG C 650 31.33 7.10 37.90
CA ARG C 650 32.07 6.32 38.92
C ARG C 650 32.31 4.88 38.42
N ALA C 651 31.27 4.27 37.83
CA ALA C 651 31.28 2.89 37.30
C ALA C 651 32.36 2.75 36.23
N THR C 652 32.39 3.67 35.25
CA THR C 652 33.32 3.67 34.09
C THR C 652 34.76 3.88 34.57
N ARG C 653 34.97 4.77 35.54
CA ARG C 653 36.30 5.06 36.16
C ARG C 653 36.78 3.81 36.91
N ALA C 654 35.86 3.09 37.56
CA ALA C 654 36.12 1.88 38.36
C ALA C 654 36.47 0.70 37.45
N PHE C 655 35.74 0.54 36.35
CA PHE C 655 35.88 -0.59 35.38
C PHE C 655 37.11 -0.38 34.47
N SER C 656 37.70 0.82 34.48
CA SER C 656 38.96 1.14 33.75
C SER C 656 40.10 0.29 34.29
N GLN C 657 40.00 -0.16 35.55
CA GLN C 657 41.02 -1.01 36.24
C GLN C 657 41.01 -2.44 35.66
N ILE C 658 39.85 -2.92 35.19
CA ILE C 658 39.65 -4.31 34.68
C ILE C 658 40.71 -4.59 33.60
N LYS C 659 41.33 -5.78 33.67
CA LYS C 659 42.44 -6.21 32.77
C LYS C 659 41.86 -6.74 31.45
N ASP C 660 42.44 -6.31 30.32
CA ASP C 660 42.12 -6.80 28.95
C ASP C 660 40.61 -6.84 28.73
N ALA C 661 39.97 -5.67 28.64
CA ALA C 661 38.53 -5.50 28.36
C ALA C 661 38.20 -4.01 28.24
N MET C 662 37.25 -3.67 27.36
CA MET C 662 36.68 -2.31 27.20
C MET C 662 35.29 -2.29 27.86
N VAL C 663 35.22 -1.87 29.13
CA VAL C 663 33.96 -1.79 29.92
C VAL C 663 33.60 -0.31 30.11
N PHE C 664 32.41 0.09 29.63
CA PHE C 664 31.88 1.48 29.70
C PHE C 664 30.41 1.43 30.14
N ALA C 665 30.08 2.11 31.24
CA ALA C 665 28.70 2.35 31.72
C ALA C 665 28.23 3.73 31.24
N PHE C 666 27.12 3.78 30.51
CA PHE C 666 26.61 5.01 29.84
C PHE C 666 25.10 5.16 30.10
N ASN C 667 24.65 6.41 30.25
CA ASN C 667 23.22 6.79 30.40
C ASN C 667 22.54 6.68 29.02
N LEU C 668 21.20 6.61 29.02
CA LEU C 668 20.38 6.63 27.77
C LEU C 668 20.25 8.07 27.30
N PRO C 669 20.20 8.33 25.97
CA PRO C 669 19.88 9.66 25.47
C PRO C 669 18.39 9.94 25.71
N ALA C 670 18.02 11.21 25.89
CA ALA C 670 16.62 11.66 26.11
C ALA C 670 15.69 10.95 25.12
N ILE C 671 16.13 10.83 23.86
CA ILE C 671 15.41 10.15 22.75
C ILE C 671 16.18 8.89 22.35
N VAL C 672 15.58 7.71 22.54
CA VAL C 672 16.29 6.40 22.68
C VAL C 672 16.37 5.65 21.33
N GLU C 673 15.47 5.92 20.38
CA GLU C 673 15.28 5.09 19.15
C GLU C 673 16.55 5.12 18.28
N LEU C 674 17.17 6.29 18.10
CA LEU C 674 18.38 6.46 17.25
C LEU C 674 19.63 6.03 18.03
N GLY C 675 19.89 6.69 19.16
CA GLY C 675 21.07 6.45 20.01
C GLY C 675 20.78 5.45 21.12
N THR C 676 21.62 4.42 21.26
CA THR C 676 21.57 3.42 22.37
C THR C 676 22.27 4.00 23.61
N ALA C 677 23.32 4.80 23.39
CA ALA C 677 24.16 5.43 24.44
C ALA C 677 24.08 6.96 24.35
N THR C 678 24.51 7.65 25.40
CA THR C 678 24.57 9.14 25.50
C THR C 678 25.83 9.64 24.78
N GLY C 679 25.94 10.97 24.60
CA GLY C 679 27.09 11.63 23.96
C GLY C 679 26.87 11.82 22.47
N PHE C 680 27.94 11.67 21.68
CA PHE C 680 27.94 11.84 20.20
C PHE C 680 28.10 10.48 19.51
N ASP C 681 27.80 10.45 18.21
CA ASP C 681 27.89 9.24 17.34
C ASP C 681 28.63 9.62 16.04
N PHE C 682 29.94 9.34 16.01
CA PHE C 682 30.87 9.68 14.90
C PHE C 682 31.01 8.48 13.97
N GLU C 683 31.15 8.74 12.66
CA GLU C 683 31.33 7.71 11.59
C GLU C 683 32.54 8.07 10.74
N LEU C 684 33.65 7.34 10.90
CA LEU C 684 34.91 7.53 10.12
C LEU C 684 34.81 6.70 8.83
N ILE C 685 34.83 7.37 7.66
CA ILE C 685 34.51 6.77 6.34
C ILE C 685 35.79 6.69 5.47
N ASP C 686 35.90 5.65 4.65
CA ASP C 686 36.97 5.45 3.64
C ASP C 686 36.45 5.97 2.29
N GLN C 687 36.77 7.23 1.96
CA GLN C 687 36.21 7.98 0.81
C GLN C 687 37.25 8.08 -0.32
N ALA C 688 38.16 7.10 -0.44
CA ALA C 688 39.17 7.02 -1.52
C ALA C 688 39.76 5.61 -1.63
N GLY C 689 38.94 4.56 -1.41
CA GLY C 689 39.32 3.14 -1.50
C GLY C 689 40.73 2.88 -0.97
N LEU C 690 41.02 3.33 0.25
CA LEU C 690 42.31 3.08 0.95
C LEU C 690 42.39 1.60 1.35
N GLY C 691 41.36 1.09 2.03
CA GLY C 691 41.27 -0.29 2.53
C GLY C 691 40.96 -0.35 4.01
N HIS C 692 40.75 -1.55 4.56
CA HIS C 692 40.38 -1.81 5.97
C HIS C 692 41.57 -1.50 6.89
N GLU C 693 42.77 -1.97 6.52
CA GLU C 693 44.02 -1.81 7.31
C GLU C 693 44.33 -0.32 7.49
N LYS C 694 44.16 0.47 6.43
CA LYS C 694 44.50 1.92 6.40
C LYS C 694 43.44 2.72 7.18
N LEU C 695 42.21 2.20 7.25
CA LEU C 695 41.09 2.81 8.03
C LEU C 695 41.27 2.52 9.52
N THR C 696 41.79 1.33 9.86
CA THR C 696 42.13 0.89 11.24
C THR C 696 43.20 1.82 11.82
N GLN C 697 44.23 2.15 11.01
CA GLN C 697 45.36 3.03 11.40
C GLN C 697 44.86 4.47 11.58
N ALA C 698 44.02 4.95 10.66
CA ALA C 698 43.41 6.30 10.68
C ALA C 698 42.50 6.45 11.91
N ARG C 699 41.79 5.38 12.27
CA ARG C 699 40.92 5.31 13.49
C ARG C 699 41.81 5.43 14.73
N ASN C 700 42.86 4.61 14.81
CA ASN C 700 43.84 4.59 15.93
C ASN C 700 44.47 5.98 16.11
N GLN C 701 44.74 6.66 14.99
CA GLN C 701 45.34 8.03 14.95
C GLN C 701 44.39 9.03 15.62
N LEU C 702 43.09 8.95 15.30
CA LEU C 702 42.04 9.86 15.85
C LEU C 702 41.82 9.56 17.34
N LEU C 703 41.67 8.28 17.70
CA LEU C 703 41.43 7.81 19.09
C LEU C 703 42.62 8.19 19.99
N ALA C 704 43.85 8.10 19.46
CA ALA C 704 45.10 8.47 20.15
C ALA C 704 45.11 9.98 20.44
N GLU C 705 44.74 10.79 19.45
CA GLU C 705 44.64 12.28 19.54
C GLU C 705 43.45 12.66 20.45
N ALA C 706 42.37 11.89 20.40
CA ALA C 706 41.13 12.11 21.21
C ALA C 706 41.43 11.90 22.69
N ALA C 707 42.35 10.98 23.01
CA ALA C 707 42.78 10.63 24.39
C ALA C 707 43.59 11.77 25.01
N LYS C 708 44.29 12.57 24.17
CA LYS C 708 45.18 13.69 24.60
C LYS C 708 44.35 14.90 25.03
N HIS C 709 43.02 14.88 24.83
CA HIS C 709 42.07 15.91 25.28
C HIS C 709 41.06 15.32 26.26
N PRO C 710 41.49 14.90 27.48
CA PRO C 710 40.57 14.38 28.49
C PRO C 710 39.68 15.47 29.10
N ASP C 711 40.07 16.74 28.94
CA ASP C 711 39.33 17.93 29.42
C ASP C 711 38.05 18.15 28.60
N MET C 712 38.00 17.60 27.38
CA MET C 712 36.87 17.79 26.42
C MET C 712 36.13 16.46 26.20
N LEU C 713 36.85 15.38 25.87
CA LEU C 713 36.28 14.06 25.51
C LEU C 713 36.59 13.02 26.58
N THR C 714 35.64 12.14 26.89
CA THR C 714 35.79 10.96 27.78
C THR C 714 34.98 9.78 27.22
N SER C 715 35.41 8.55 27.52
CA SER C 715 34.75 7.28 27.09
C SER C 715 34.64 7.23 25.57
N VAL C 716 35.73 7.57 24.86
CA VAL C 716 35.80 7.57 23.37
C VAL C 716 36.17 6.14 22.91
N ARG C 717 35.19 5.41 22.38
CA ARG C 717 35.30 3.95 22.07
C ARG C 717 34.88 3.70 20.62
N PRO C 718 35.49 2.71 19.92
CA PRO C 718 34.93 2.19 18.68
C PRO C 718 33.67 1.35 19.00
N ASN C 719 32.67 1.38 18.11
CA ASN C 719 31.43 0.57 18.21
C ASN C 719 31.55 -0.62 17.26
N GLY C 720 32.70 -1.32 17.30
CA GLY C 720 33.02 -2.47 16.42
C GLY C 720 33.98 -3.43 17.09
N LEU C 721 34.44 -4.44 16.34
CA LEU C 721 35.35 -5.50 16.83
C LEU C 721 36.73 -5.32 16.19
N GLU C 722 37.79 -5.79 16.87
CA GLU C 722 39.19 -5.78 16.37
C GLU C 722 39.42 -7.03 15.52
N ASP C 723 40.38 -6.96 14.58
CA ASP C 723 40.73 -8.06 13.65
C ASP C 723 41.14 -9.29 14.47
N THR C 724 40.53 -10.44 14.16
CA THR C 724 40.72 -11.74 14.88
C THR C 724 41.59 -12.68 14.05
N PRO C 725 42.27 -13.65 14.68
CA PRO C 725 42.98 -14.70 13.94
C PRO C 725 41.99 -15.71 13.35
N GLN C 726 42.30 -16.23 12.15
CA GLN C 726 41.49 -17.24 11.42
C GLN C 726 42.35 -18.49 11.18
N PHE C 727 41.79 -19.67 11.45
CA PHE C 727 42.42 -21.00 11.22
C PHE C 727 42.08 -21.46 9.80
N LYS C 728 42.97 -21.18 8.84
CA LYS C 728 42.78 -21.46 7.39
C LYS C 728 43.18 -22.91 7.09
N ILE C 729 42.21 -23.82 7.07
CA ILE C 729 42.41 -25.24 6.64
C ILE C 729 42.31 -25.30 5.11
N ASP C 730 43.23 -26.05 4.48
CA ASP C 730 43.34 -26.18 2.99
C ASP C 730 43.19 -27.66 2.61
N ILE C 731 42.07 -28.00 1.94
CA ILE C 731 41.75 -29.38 1.48
C ILE C 731 42.49 -29.62 0.15
N ASP C 732 43.26 -30.71 0.07
CA ASP C 732 43.99 -31.14 -1.15
C ASP C 732 43.10 -32.13 -1.91
N GLN C 733 42.38 -31.65 -2.93
CA GLN C 733 41.33 -32.40 -3.66
C GLN C 733 41.98 -33.46 -4.57
N GLU C 734 43.15 -33.15 -5.14
CA GLU C 734 43.95 -34.08 -6.00
C GLU C 734 44.42 -35.27 -5.14
N LYS C 735 44.92 -35.00 -3.94
CA LYS C 735 45.45 -36.01 -2.98
C LYS C 735 44.29 -36.82 -2.40
N ALA C 736 43.13 -36.19 -2.20
CA ALA C 736 41.87 -36.83 -1.72
C ALA C 736 41.37 -37.84 -2.77
N GLN C 737 41.35 -37.43 -4.04
CA GLN C 737 40.93 -38.26 -5.21
C GLN C 737 41.83 -39.51 -5.29
N ALA C 738 43.12 -39.36 -5.01
CA ALA C 738 44.14 -40.44 -5.03
C ALA C 738 43.80 -41.50 -3.97
N LEU C 739 43.35 -41.07 -2.78
CA LEU C 739 42.95 -41.95 -1.65
C LEU C 739 41.54 -42.51 -1.90
N GLY C 740 40.75 -41.85 -2.75
CA GLY C 740 39.44 -42.32 -3.22
C GLY C 740 38.30 -41.84 -2.33
N VAL C 741 38.41 -40.61 -1.80
CA VAL C 741 37.37 -39.95 -0.96
C VAL C 741 36.79 -38.77 -1.74
N SER C 742 35.47 -38.59 -1.69
CA SER C 742 34.75 -37.45 -2.31
C SER C 742 34.90 -36.21 -1.42
N ILE C 743 35.07 -35.04 -2.02
CA ILE C 743 35.28 -33.75 -1.29
C ILE C 743 33.94 -33.29 -0.69
N ASN C 744 32.81 -33.84 -1.17
CA ASN C 744 31.46 -33.65 -0.59
C ASN C 744 31.45 -34.21 0.84
N ASP C 745 31.93 -35.45 1.01
CA ASP C 745 32.01 -36.15 2.32
C ASP C 745 32.97 -35.39 3.25
N ILE C 746 34.09 -34.89 2.71
CA ILE C 746 35.09 -34.08 3.46
C ILE C 746 34.39 -32.82 3.99
N ASN C 747 33.79 -32.04 3.09
CA ASN C 747 33.12 -30.74 3.40
C ASN C 747 32.03 -30.95 4.46
N THR C 748 31.23 -32.02 4.34
CA THR C 748 30.12 -32.36 5.25
C THR C 748 30.68 -32.80 6.62
N THR C 749 31.73 -33.64 6.61
CA THR C 749 32.38 -34.18 7.85
C THR C 749 32.97 -33.01 8.67
N LEU C 750 33.70 -32.11 8.01
CA LEU C 750 34.29 -30.90 8.64
C LEU C 750 33.16 -29.95 9.09
N GLY C 751 32.28 -29.57 8.15
CA GLY C 751 31.18 -28.63 8.36
C GLY C 751 30.26 -29.05 9.50
N ALA C 752 29.80 -30.30 9.48
CA ALA C 752 28.84 -30.86 10.46
C ALA C 752 29.51 -30.93 11.85
N ALA C 753 30.71 -31.49 11.93
CA ALA C 753 31.46 -31.73 13.19
C ALA C 753 31.75 -30.41 13.90
N TRP C 754 32.47 -29.50 13.23
CA TRP C 754 33.08 -28.28 13.82
C TRP C 754 32.08 -27.13 13.89
N GLY C 755 31.24 -26.97 12.86
CA GLY C 755 30.29 -25.86 12.72
C GLY C 755 28.89 -26.21 13.21
N GLY C 756 28.49 -27.48 13.08
CA GLY C 756 27.11 -27.95 13.32
C GLY C 756 26.29 -27.87 12.04
N SER C 757 25.38 -28.83 11.84
CA SER C 757 24.54 -28.95 10.62
C SER C 757 23.06 -29.10 11.01
N TYR C 758 22.19 -28.30 10.39
CA TYR C 758 20.71 -28.34 10.54
C TYR C 758 20.17 -29.38 9.56
N VAL C 759 19.90 -30.60 10.05
CA VAL C 759 19.49 -31.78 9.24
C VAL C 759 18.03 -31.61 8.82
N ASN C 760 17.12 -31.50 9.80
CA ASN C 760 15.66 -31.39 9.58
C ASN C 760 15.00 -30.97 10.90
N ASP C 761 13.65 -30.99 10.96
CA ASP C 761 12.86 -30.60 12.15
C ASP C 761 12.39 -31.85 12.89
N PHE C 762 11.83 -31.66 14.10
CA PHE C 762 11.19 -32.71 14.93
C PHE C 762 10.15 -32.04 15.84
N ILE C 763 9.35 -32.84 16.56
CA ILE C 763 8.21 -32.36 17.38
C ILE C 763 8.52 -32.59 18.87
N ASP C 764 8.85 -31.51 19.59
CA ASP C 764 9.07 -31.51 21.06
C ASP C 764 7.80 -30.96 21.73
N ARG C 765 6.95 -31.87 22.23
CA ARG C 765 5.69 -31.55 22.97
C ARG C 765 4.82 -30.62 22.12
N GLY C 766 4.46 -31.07 20.91
CA GLY C 766 3.45 -30.43 20.04
C GLY C 766 3.95 -29.15 19.39
N ARG C 767 5.28 -28.93 19.34
CA ARG C 767 5.90 -27.75 18.69
C ARG C 767 7.06 -28.23 17.79
N VAL C 768 7.20 -27.60 16.61
CA VAL C 768 8.28 -27.89 15.64
C VAL C 768 9.58 -27.24 16.16
N LYS C 769 10.66 -28.02 16.21
CA LYS C 769 12.02 -27.54 16.59
C LYS C 769 13.05 -28.24 15.69
N LYS C 770 14.27 -27.70 15.62
CA LYS C 770 15.33 -28.13 14.67
C LYS C 770 16.02 -29.39 15.21
N VAL C 771 16.75 -30.09 14.33
CA VAL C 771 17.62 -31.26 14.66
C VAL C 771 19.05 -30.91 14.21
N TYR C 772 19.99 -30.83 15.16
CA TYR C 772 21.40 -30.45 14.92
C TYR C 772 22.33 -31.62 15.23
N VAL C 773 23.15 -32.02 14.25
CA VAL C 773 24.32 -32.94 14.44
C VAL C 773 25.57 -32.08 14.55
N MET C 774 26.45 -32.40 15.50
CA MET C 774 27.70 -31.64 15.77
C MET C 774 28.63 -32.50 16.63
N SER C 775 29.94 -32.22 16.58
CA SER C 775 31.00 -32.88 17.39
C SER C 775 30.72 -32.65 18.88
N GLU C 776 30.96 -33.67 19.71
CA GLU C 776 30.98 -33.54 21.19
C GLU C 776 32.13 -32.60 21.55
N ALA C 777 31.84 -31.56 22.35
CA ALA C 777 32.74 -30.44 22.70
C ALA C 777 34.21 -30.79 22.48
N LYS C 778 34.71 -31.81 23.19
CA LYS C 778 36.16 -32.06 23.41
C LYS C 778 36.89 -32.46 22.12
N TYR C 779 36.18 -32.88 21.08
CA TYR C 779 36.77 -33.36 19.80
C TYR C 779 36.87 -32.23 18.77
N ARG C 780 36.43 -31.00 19.12
CA ARG C 780 36.43 -29.83 18.20
C ARG C 780 36.93 -28.58 18.94
N MET C 781 37.93 -28.73 19.80
CA MET C 781 38.51 -27.62 20.62
C MET C 781 39.82 -27.15 19.97
N LEU C 782 40.81 -28.04 19.88
CA LEU C 782 42.22 -27.71 19.51
C LEU C 782 42.43 -27.94 18.01
N PRO C 783 43.41 -27.25 17.38
CA PRO C 783 43.75 -27.46 15.98
C PRO C 783 44.15 -28.91 15.62
N ASP C 784 44.79 -29.62 16.56
CA ASP C 784 45.32 -30.99 16.35
C ASP C 784 44.18 -32.02 16.33
N ASP C 785 42.97 -31.63 16.75
CA ASP C 785 41.76 -32.49 16.78
C ASP C 785 41.16 -32.65 15.38
N ILE C 786 41.66 -31.89 14.39
CA ILE C 786 41.27 -31.97 12.96
C ILE C 786 41.58 -33.38 12.42
N GLY C 787 42.76 -33.92 12.76
CA GLY C 787 43.27 -35.21 12.28
C GLY C 787 42.52 -36.40 12.87
N ASP C 788 41.78 -36.20 13.97
CA ASP C 788 41.01 -37.25 14.69
C ASP C 788 39.82 -37.71 13.84
N TRP C 789 39.33 -36.87 12.92
CA TRP C 789 38.13 -37.13 12.09
C TRP C 789 38.50 -37.96 10.86
N TYR C 790 37.73 -39.05 10.62
CA TYR C 790 37.95 -40.03 9.53
C TYR C 790 36.79 -39.98 8.54
N VAL C 791 37.10 -39.99 7.24
CA VAL C 791 36.13 -40.07 6.10
C VAL C 791 36.29 -41.44 5.43
N ARG C 792 35.18 -42.08 5.06
CA ARG C 792 35.17 -43.42 4.42
C ARG C 792 35.48 -43.27 2.92
N ALA C 793 36.49 -43.98 2.44
CA ALA C 793 36.89 -44.04 1.01
C ALA C 793 35.92 -44.95 0.26
N ALA C 794 35.80 -44.75 -1.07
CA ALA C 794 34.90 -45.50 -1.97
C ALA C 794 35.17 -47.01 -1.84
N ASP C 795 36.44 -47.40 -1.66
CA ASP C 795 36.88 -48.82 -1.54
C ASP C 795 36.33 -49.42 -0.24
N GLY C 796 36.40 -48.69 0.88
CA GLY C 796 35.87 -49.11 2.19
C GLY C 796 36.70 -48.64 3.38
N GLN C 797 38.03 -48.49 3.19
CA GLN C 797 38.99 -48.11 4.25
C GLN C 797 38.71 -46.66 4.71
N MET C 798 38.94 -46.39 6.00
CA MET C 798 38.80 -45.05 6.63
C MET C 798 40.17 -44.34 6.59
N VAL C 799 40.21 -43.10 6.10
CA VAL C 799 41.45 -42.27 6.01
C VAL C 799 41.26 -41.01 6.87
N PRO C 800 42.29 -40.58 7.62
CA PRO C 800 42.19 -39.38 8.46
C PRO C 800 42.28 -38.08 7.64
N PHE C 801 41.79 -36.97 8.19
CA PHE C 801 41.85 -35.62 7.60
C PHE C 801 43.31 -35.22 7.35
N SER C 802 44.21 -35.61 8.24
CA SER C 802 45.67 -35.32 8.20
C SER C 802 46.31 -35.86 6.92
N ALA C 803 45.67 -36.83 6.26
CA ALA C 803 46.14 -37.47 5.01
C ALA C 803 46.00 -36.52 3.82
N PHE C 804 44.98 -35.65 3.81
CA PHE C 804 44.60 -34.80 2.65
C PHE C 804 44.39 -33.33 3.05
N SER C 805 44.87 -32.90 4.22
CA SER C 805 44.65 -31.54 4.76
C SER C 805 45.96 -30.93 5.30
N SER C 806 46.05 -29.60 5.28
CA SER C 806 47.14 -28.78 5.88
C SER C 806 46.56 -27.42 6.27
N SER C 807 46.98 -26.87 7.42
CA SER C 807 46.42 -25.66 8.04
C SER C 807 47.50 -24.57 8.21
N ARG C 808 47.06 -23.32 8.41
CA ARG C 808 47.91 -22.16 8.75
C ARG C 808 47.02 -21.06 9.34
N TRP C 809 47.62 -19.96 9.83
CA TRP C 809 46.93 -18.87 10.55
C TRP C 809 46.90 -17.59 9.70
N GLU C 810 45.71 -17.24 9.20
CA GLU C 810 45.41 -15.96 8.50
C GLU C 810 44.86 -14.96 9.53
N TYR C 811 44.59 -13.73 9.11
CA TYR C 811 44.00 -12.64 9.93
C TYR C 811 42.94 -11.90 9.10
N GLY C 812 41.79 -11.59 9.71
CA GLY C 812 40.66 -10.90 9.07
C GLY C 812 39.71 -10.30 10.08
N SER C 813 38.93 -9.29 9.67
CA SER C 813 37.95 -8.57 10.52
C SER C 813 36.74 -9.46 10.77
N PRO C 814 36.28 -9.59 12.04
CA PRO C 814 35.05 -10.32 12.34
C PRO C 814 33.77 -9.46 12.29
N ARG C 815 33.89 -8.20 11.85
CA ARG C 815 32.76 -7.24 11.71
C ARG C 815 33.22 -6.06 10.85
N LEU C 816 32.77 -6.00 9.59
CA LEU C 816 33.07 -4.92 8.61
C LEU C 816 31.86 -4.00 8.49
N GLU C 817 32.00 -2.74 8.89
CA GLU C 817 30.94 -1.69 8.88
C GLU C 817 31.01 -0.91 7.56
N ARG C 818 29.86 -0.39 7.10
CA ARG C 818 29.75 0.51 5.91
C ARG C 818 28.68 1.58 6.20
N TYR C 819 29.01 2.85 5.91
CA TYR C 819 28.10 4.03 6.08
C TYR C 819 27.99 4.76 4.74
N ASN C 820 26.76 4.90 4.23
CA ASN C 820 26.44 5.50 2.91
C ASN C 820 27.24 4.77 1.81
N GLY C 821 27.22 3.44 1.84
CA GLY C 821 27.75 2.56 0.79
C GLY C 821 29.27 2.59 0.68
N LEU C 822 29.97 3.07 1.72
CA LEU C 822 31.45 3.17 1.77
C LEU C 822 31.95 2.52 3.06
N PRO C 823 33.14 1.86 3.06
CA PRO C 823 33.69 1.29 4.28
C PRO C 823 33.82 2.35 5.39
N SER C 824 33.20 2.10 6.54
CA SER C 824 33.13 3.04 7.69
C SER C 824 33.61 2.36 8.98
N MET C 825 33.76 3.15 10.04
CA MET C 825 34.09 2.69 11.43
C MET C 825 33.43 3.64 12.42
N GLU C 826 32.34 3.18 13.06
CA GLU C 826 31.54 3.96 14.04
C GLU C 826 32.37 4.16 15.32
N ILE C 827 32.61 5.42 15.70
CA ILE C 827 33.32 5.82 16.95
C ILE C 827 32.30 6.51 17.87
N LEU C 828 32.03 5.92 19.03
CA LEU C 828 31.16 6.51 20.09
C LEU C 828 32.04 7.26 21.09
N GLY C 829 31.47 8.26 21.77
CA GLY C 829 32.17 9.09 22.78
C GLY C 829 31.24 10.04 23.49
N GLN C 830 31.70 10.64 24.59
CA GLN C 830 30.93 11.57 25.45
C GLN C 830 31.72 12.86 25.66
N ALA C 831 31.03 13.96 25.92
CA ALA C 831 31.61 15.26 26.35
C ALA C 831 32.02 15.14 27.82
N ALA C 832 33.24 15.59 28.16
CA ALA C 832 33.83 15.51 29.51
C ALA C 832 32.98 16.32 30.49
N PRO C 833 32.95 15.96 31.79
CA PRO C 833 32.13 16.69 32.76
C PRO C 833 32.32 18.21 32.67
N GLY C 834 31.21 18.95 32.50
CA GLY C 834 31.19 20.41 32.37
C GLY C 834 30.98 20.86 30.93
N LYS C 835 31.55 20.13 29.97
CA LYS C 835 31.48 20.44 28.52
C LYS C 835 30.14 19.96 27.95
N SER C 836 29.70 20.57 26.83
CA SER C 836 28.47 20.21 26.08
C SER C 836 28.82 19.21 24.98
N THR C 837 27.80 18.52 24.44
CA THR C 837 27.91 17.57 23.30
C THR C 837 28.39 18.34 22.06
N GLY C 838 27.94 19.59 21.90
CA GLY C 838 28.30 20.47 20.77
C GLY C 838 29.78 20.82 20.76
N GLU C 839 30.35 21.10 21.95
CA GLU C 839 31.79 21.41 22.15
C GLU C 839 32.62 20.17 21.78
N ALA C 840 32.16 18.98 22.18
CA ALA C 840 32.81 17.67 21.92
C ALA C 840 32.85 17.42 20.40
N MET C 841 31.73 17.67 19.70
CA MET C 841 31.60 17.51 18.23
C MET C 841 32.57 18.47 17.53
N GLU C 842 32.71 19.70 18.04
CA GLU C 842 33.58 20.77 17.47
C GLU C 842 35.03 20.27 17.41
N LEU C 843 35.53 19.70 18.51
CA LEU C 843 36.92 19.19 18.63
C LEU C 843 37.10 17.95 17.74
N MET C 844 36.13 17.03 17.76
CA MET C 844 36.13 15.77 16.96
C MET C 844 36.24 16.11 15.47
N GLU C 845 35.59 17.20 15.03
CA GLU C 845 35.63 17.69 13.62
C GLU C 845 37.04 18.21 13.29
N GLN C 846 37.69 18.90 14.23
CA GLN C 846 39.07 19.45 14.07
C GLN C 846 40.07 18.29 13.95
N LEU C 847 40.02 17.34 14.90
CA LEU C 847 40.93 16.17 14.97
C LEU C 847 40.78 15.31 13.70
N ALA C 848 39.56 15.24 13.15
CA ALA C 848 39.21 14.45 11.94
C ALA C 848 39.91 15.03 10.70
N SER C 849 40.15 16.34 10.67
CA SER C 849 40.74 17.08 9.52
C SER C 849 42.26 16.85 9.44
N LYS C 850 42.88 16.37 10.53
CA LYS C 850 44.34 16.08 10.61
C LYS C 850 44.63 14.69 10.00
N LEU C 851 43.61 13.87 9.76
CA LEU C 851 43.74 12.45 9.34
C LEU C 851 44.18 12.38 7.88
N PRO C 852 44.80 11.26 7.43
CA PRO C 852 45.30 11.13 6.06
C PRO C 852 44.25 11.42 4.96
N THR C 853 44.72 11.94 3.82
CA THR C 853 43.89 12.24 2.62
C THR C 853 43.20 10.95 2.14
N GLY C 854 41.88 11.01 1.91
CA GLY C 854 41.03 9.85 1.58
C GLY C 854 40.11 9.50 2.73
N VAL C 855 40.58 9.66 3.97
CA VAL C 855 39.80 9.40 5.22
C VAL C 855 38.91 10.62 5.51
N GLY C 856 37.61 10.48 5.28
CA GLY C 856 36.58 11.48 5.65
C GLY C 856 35.76 11.00 6.84
N TYR C 857 34.74 11.76 7.23
CA TYR C 857 33.87 11.45 8.39
C TYR C 857 32.44 11.95 8.14
N ASP C 858 31.54 11.72 9.10
CA ASP C 858 30.13 12.17 9.07
C ASP C 858 29.50 11.91 10.45
N TRP C 859 28.49 12.71 10.82
CA TRP C 859 27.67 12.53 12.04
C TRP C 859 26.41 11.75 11.68
N THR C 860 26.01 10.79 12.53
CA THR C 860 24.85 9.89 12.33
C THR C 860 23.95 9.90 13.58
N GLY C 861 22.80 9.24 13.49
CA GLY C 861 21.85 9.03 14.60
C GLY C 861 21.59 10.30 15.39
N MET C 862 22.10 10.35 16.63
CA MET C 862 21.82 11.42 17.62
C MET C 862 22.53 12.73 17.21
N SER C 863 23.79 12.63 16.79
CA SER C 863 24.67 13.78 16.43
C SER C 863 24.20 14.43 15.13
N TYR C 864 23.61 13.65 14.20
CA TYR C 864 23.06 14.14 12.91
C TYR C 864 21.95 15.15 13.19
N GLN C 865 21.02 14.80 14.07
CA GLN C 865 19.83 15.64 14.45
C GLN C 865 20.30 16.88 15.21
N GLU C 866 21.41 16.77 15.96
CA GLU C 866 21.96 17.86 16.82
C GLU C 866 22.46 19.01 15.94
N ARG C 867 23.31 18.72 14.95
CA ARG C 867 23.89 19.75 14.05
C ARG C 867 22.78 20.35 13.17
N LEU C 868 21.83 19.53 12.74
CA LEU C 868 20.64 19.95 11.95
C LEU C 868 19.88 21.03 12.74
N SER C 869 19.58 20.74 14.02
CA SER C 869 18.89 21.65 14.98
C SER C 869 19.60 23.00 15.04
N GLY C 870 20.94 22.99 15.11
CA GLY C 870 21.79 24.18 15.24
C GLY C 870 21.96 24.92 13.91
N ASN C 871 21.97 24.20 12.79
CA ASN C 871 22.20 24.76 11.43
C ASN C 871 20.96 25.51 10.94
N GLN C 872 19.77 25.15 11.44
CA GLN C 872 18.46 25.73 11.02
C GLN C 872 18.01 26.80 12.02
N ALA C 873 18.68 26.92 13.18
CA ALA C 873 18.31 27.83 14.29
C ALA C 873 18.34 29.28 13.84
N PRO C 874 19.39 29.74 13.10
CA PRO C 874 19.44 31.13 12.62
C PRO C 874 18.29 31.47 11.67
N SER C 875 18.02 30.57 10.71
CA SER C 875 16.91 30.66 9.73
C SER C 875 15.56 30.75 10.48
N LEU C 876 15.43 30.02 11.59
CA LEU C 876 14.20 29.93 12.42
C LEU C 876 13.91 31.28 13.09
N TYR C 877 14.92 31.88 13.72
CA TYR C 877 14.83 33.20 14.41
C TYR C 877 14.57 34.29 13.36
N ALA C 878 15.33 34.26 12.26
CA ALA C 878 15.27 35.25 11.15
C ALA C 878 13.83 35.43 10.67
N ILE C 879 13.20 34.35 10.18
CA ILE C 879 11.82 34.37 9.59
C ILE C 879 10.81 34.72 10.70
N SER C 880 10.99 34.17 11.91
CA SER C 880 10.10 34.40 13.08
C SER C 880 9.99 35.89 13.39
N LEU C 881 11.12 36.61 13.35
CA LEU C 881 11.20 38.08 13.55
C LEU C 881 10.45 38.81 12.43
N ILE C 882 10.76 38.46 11.17
CA ILE C 882 10.16 39.09 9.95
C ILE C 882 8.63 38.93 10.00
N VAL C 883 8.13 37.74 10.37
CA VAL C 883 6.68 37.42 10.46
C VAL C 883 6.02 38.30 11.51
N VAL C 884 6.60 38.36 12.72
CA VAL C 884 6.06 39.15 13.87
C VAL C 884 6.05 40.64 13.50
N PHE C 885 7.07 41.11 12.79
CA PHE C 885 7.19 42.51 12.29
C PHE C 885 6.03 42.80 11.31
N LEU C 886 5.87 41.95 10.29
CA LEU C 886 4.84 42.07 9.23
C LEU C 886 3.43 41.93 9.83
N CYS C 887 3.26 41.04 10.80
CA CYS C 887 1.98 40.80 11.54
C CYS C 887 1.53 42.09 12.23
N LEU C 888 2.46 42.77 12.91
CA LEU C 888 2.21 44.06 13.62
C LEU C 888 1.95 45.16 12.60
N ALA C 889 2.72 45.20 11.50
CA ALA C 889 2.62 46.19 10.41
C ALA C 889 1.19 46.20 9.85
N ALA C 890 0.63 45.00 9.59
CA ALA C 890 -0.73 44.80 9.05
C ALA C 890 -1.78 45.23 10.08
N LEU C 891 -1.63 44.77 11.33
CA LEU C 891 -2.64 44.94 12.42
C LEU C 891 -2.84 46.42 12.73
N TYR C 892 -1.76 47.16 12.99
CA TYR C 892 -1.78 48.57 13.46
C TYR C 892 -1.64 49.55 12.28
N GLU C 893 -1.45 49.03 11.07
CA GLU C 893 -1.35 49.84 9.82
C GLU C 893 -0.26 50.89 10.02
N SER C 894 0.99 50.45 10.16
CA SER C 894 2.16 51.30 10.50
C SER C 894 3.47 50.54 10.19
N TRP C 895 4.56 51.30 10.00
CA TRP C 895 5.96 50.80 9.95
C TRP C 895 6.72 51.24 11.21
N SER C 896 6.30 52.36 11.81
CA SER C 896 6.89 52.95 13.05
C SER C 896 6.58 52.05 14.25
N ILE C 897 5.32 51.68 14.44
CA ILE C 897 4.83 50.85 15.59
C ILE C 897 5.54 49.50 15.59
N PRO C 898 5.55 48.74 14.47
CA PRO C 898 6.33 47.51 14.38
C PRO C 898 7.81 47.70 14.76
N PHE C 899 8.51 48.62 14.10
CA PHE C 899 9.96 48.89 14.30
C PHE C 899 10.21 49.38 15.73
N SER C 900 9.29 50.19 16.28
CA SER C 900 9.32 50.70 17.67
C SER C 900 9.25 49.54 18.66
N VAL C 901 8.39 48.55 18.38
CA VAL C 901 8.19 47.33 19.23
C VAL C 901 9.42 46.43 19.08
N MET C 902 9.74 46.00 17.86
CA MET C 902 10.69 44.91 17.55
C MET C 902 12.11 45.20 18.10
N LEU C 903 12.41 46.47 18.40
CA LEU C 903 13.70 46.89 19.03
C LEU C 903 13.77 46.40 20.49
N VAL C 904 12.67 45.86 21.03
CA VAL C 904 12.58 45.33 22.42
C VAL C 904 13.24 43.94 22.49
N VAL C 905 13.27 43.20 21.37
CA VAL C 905 13.66 41.75 21.32
C VAL C 905 15.02 41.55 22.00
N PRO C 906 16.07 42.32 21.64
CA PRO C 906 17.38 42.19 22.31
C PRO C 906 17.34 42.31 23.85
N LEU C 907 16.45 43.14 24.40
CA LEU C 907 16.31 43.37 25.87
C LEU C 907 15.87 42.07 26.55
N GLY C 908 15.06 41.26 25.87
CA GLY C 908 14.59 39.95 26.36
C GLY C 908 15.65 38.87 26.16
N VAL C 909 16.19 38.75 24.95
CA VAL C 909 17.14 37.68 24.53
C VAL C 909 18.32 37.63 25.51
N ILE C 910 18.90 38.79 25.85
CA ILE C 910 20.06 38.91 26.79
C ILE C 910 19.69 38.25 28.13
N GLY C 911 18.47 38.46 28.62
CA GLY C 911 17.96 37.88 29.87
C GLY C 911 17.99 36.36 29.84
N ALA C 912 17.53 35.76 28.73
CA ALA C 912 17.52 34.30 28.50
C ALA C 912 18.96 33.77 28.48
N LEU C 913 19.85 34.45 27.76
CA LEU C 913 21.29 34.09 27.64
C LEU C 913 21.96 34.18 29.02
N LEU C 914 21.72 35.26 29.76
CA LEU C 914 22.28 35.48 31.14
C LEU C 914 21.87 34.33 32.04
N ALA C 915 20.56 34.05 32.11
CA ALA C 915 19.94 33.01 32.96
C ALA C 915 20.53 31.63 32.63
N ALA C 916 20.69 31.34 31.33
CA ALA C 916 21.23 30.06 30.81
C ALA C 916 22.73 29.95 31.16
N THR C 917 23.49 31.02 30.93
CA THR C 917 24.98 31.06 31.09
C THR C 917 25.34 30.99 32.59
N PHE C 918 24.55 31.62 33.46
CA PHE C 918 24.81 31.71 34.93
C PHE C 918 24.28 30.46 35.65
N ARG C 919 23.37 29.68 35.01
CA ARG C 919 22.87 28.39 35.55
C ARG C 919 23.51 27.22 34.80
N GLY C 920 24.44 27.50 33.87
CA GLY C 920 25.25 26.49 33.16
C GLY C 920 24.41 25.53 32.35
N LEU C 921 23.45 26.04 31.58
CA LEU C 921 22.68 25.28 30.55
C LEU C 921 23.33 25.54 29.19
N THR C 922 22.80 24.92 28.12
CA THR C 922 23.33 25.00 26.73
C THR C 922 22.24 25.52 25.79
N ASN C 923 22.65 26.06 24.63
CA ASN C 923 21.75 26.46 23.53
C ASN C 923 21.17 25.19 22.91
N ASP C 924 20.20 24.57 23.60
CA ASP C 924 19.58 23.27 23.22
C ASP C 924 18.22 23.54 22.57
N VAL C 925 17.52 22.48 22.14
CA VAL C 925 16.21 22.56 21.43
C VAL C 925 15.20 23.32 22.30
N TYR C 926 15.21 23.08 23.62
CA TYR C 926 14.30 23.73 24.60
C TYR C 926 14.61 25.23 24.69
N PHE C 927 15.89 25.61 24.64
CA PHE C 927 16.35 27.03 24.68
C PHE C 927 15.95 27.74 23.39
N GLN C 928 16.09 27.06 22.25
CA GLN C 928 15.68 27.58 20.91
C GLN C 928 14.19 27.94 20.97
N VAL C 929 13.35 27.04 21.51
CA VAL C 929 11.90 27.27 21.76
C VAL C 929 11.76 28.45 22.72
N GLY C 930 12.66 28.55 23.71
CA GLY C 930 12.69 29.63 24.72
C GLY C 930 12.93 30.99 24.08
N LEU C 931 13.88 31.09 23.15
CA LEU C 931 14.27 32.35 22.46
C LEU C 931 13.11 32.84 21.60
N LEU C 932 12.38 31.94 20.93
CA LEU C 932 11.16 32.26 20.14
C LEU C 932 10.08 32.81 21.08
N THR C 933 9.86 32.15 22.22
CA THR C 933 8.91 32.57 23.28
C THR C 933 9.28 33.97 23.76
N THR C 934 10.57 34.24 23.96
CA THR C 934 11.12 35.52 24.48
C THR C 934 10.81 36.66 23.51
N ILE C 935 10.93 36.43 22.19
CA ILE C 935 10.63 37.43 21.12
C ILE C 935 9.17 37.90 21.29
N GLY C 936 8.25 36.98 21.54
CA GLY C 936 6.82 37.25 21.76
C GLY C 936 6.58 37.97 23.09
N LEU C 937 7.23 37.50 24.17
CA LEU C 937 7.11 38.07 25.54
C LEU C 937 7.60 39.53 25.53
N SER C 938 8.73 39.79 24.88
CA SER C 938 9.34 41.14 24.72
C SER C 938 8.37 42.06 23.98
N ALA C 939 7.85 41.59 22.83
CA ALA C 939 6.87 42.30 21.98
C ALA C 939 5.59 42.56 22.78
N LYS C 940 5.12 41.57 23.55
CA LYS C 940 3.87 41.63 24.37
C LYS C 940 3.95 42.85 25.31
N ASN C 941 5.03 42.98 26.07
CA ASN C 941 5.25 44.10 27.02
C ASN C 941 5.39 45.42 26.24
N ALA C 942 6.11 45.39 25.11
CA ALA C 942 6.39 46.57 24.25
C ALA C 942 5.08 47.12 23.68
N ILE C 943 4.26 46.26 23.08
CA ILE C 943 2.95 46.60 22.44
C ILE C 943 2.11 47.41 23.44
N LEU C 944 1.97 46.91 24.67
CA LEU C 944 1.11 47.51 25.73
C LEU C 944 1.38 49.01 25.87
N ILE C 945 2.65 49.44 25.76
CA ILE C 945 3.07 50.87 25.83
C ILE C 945 2.85 51.52 24.45
N VAL C 946 3.48 50.97 23.40
CA VAL C 946 3.54 51.58 22.03
C VAL C 946 2.12 51.77 21.49
N GLU C 947 1.26 50.77 21.64
CA GLU C 947 -0.13 50.75 21.08
C GLU C 947 -0.94 51.88 21.72
N PHE C 948 -0.98 51.93 23.06
CA PHE C 948 -1.80 52.87 23.86
C PHE C 948 -1.25 54.31 23.71
N ALA C 949 0.07 54.45 23.56
CA ALA C 949 0.77 55.73 23.32
C ALA C 949 0.31 56.31 21.97
N LYS C 950 0.45 55.53 20.90
CA LYS C 950 0.05 55.88 19.51
C LYS C 950 -1.46 56.17 19.47
N ASP C 951 -2.26 55.44 20.25
CA ASP C 951 -3.74 55.55 20.30
C ASP C 951 -4.15 56.91 20.88
N LEU C 952 -3.54 57.30 21.99
CA LEU C 952 -3.83 58.59 22.70
C LEU C 952 -3.49 59.78 21.78
N MET C 953 -2.43 59.66 20.98
CA MET C 953 -1.99 60.69 19.98
C MET C 953 -3.09 60.88 18.93
N ASP C 954 -3.75 59.79 18.52
CA ASP C 954 -4.77 59.78 17.44
C ASP C 954 -6.14 60.20 18.00
N LYS C 955 -6.59 59.55 19.08
CA LYS C 955 -7.96 59.70 19.63
C LYS C 955 -8.08 61.02 20.41
N GLU C 956 -7.18 61.25 21.37
CA GLU C 956 -7.25 62.38 22.33
C GLU C 956 -6.32 63.52 21.90
N GLY C 957 -5.68 63.41 20.73
CA GLY C 957 -4.87 64.47 20.11
C GLY C 957 -3.82 65.02 21.06
N LYS C 958 -3.05 64.14 21.71
CA LYS C 958 -1.99 64.51 22.69
C LYS C 958 -0.63 64.59 22.00
N GLY C 959 0.32 65.34 22.59
CA GLY C 959 1.72 65.41 22.15
C GLY C 959 2.42 64.06 22.31
N LEU C 960 3.56 63.89 21.65
CA LEU C 960 4.32 62.60 21.61
C LEU C 960 4.72 62.19 23.05
N ILE C 961 5.34 63.10 23.80
CA ILE C 961 5.88 62.84 25.17
C ILE C 961 4.70 62.66 26.14
N GLU C 962 3.70 63.55 26.09
CA GLU C 962 2.51 63.52 26.96
C GLU C 962 1.82 62.15 26.85
N ALA C 963 1.58 61.70 25.62
CA ALA C 963 0.90 60.41 25.30
C ALA C 963 1.73 59.24 25.85
N THR C 964 3.04 59.24 25.60
CA THR C 964 3.99 58.20 26.04
C THR C 964 3.95 58.07 27.57
N LEU C 965 4.05 59.21 28.29
CA LEU C 965 4.06 59.26 29.78
C LEU C 965 2.71 58.79 30.33
N ASP C 966 1.61 59.25 29.74
CA ASP C 966 0.23 58.85 30.14
C ASP C 966 0.06 57.35 29.89
N ALA C 967 0.61 56.83 28.78
CA ALA C 967 0.52 55.42 28.36
C ALA C 967 1.21 54.53 29.40
N VAL C 968 2.50 54.78 29.65
CA VAL C 968 3.35 53.96 30.58
C VAL C 968 2.79 54.03 32.01
N ARG C 969 2.24 55.19 32.40
CA ARG C 969 1.62 55.42 33.72
C ARG C 969 0.46 54.43 33.93
N MET C 970 -0.45 54.35 32.96
CA MET C 970 -1.72 53.57 33.05
C MET C 970 -1.46 52.08 32.74
N ARG C 971 -0.30 51.75 32.15
CA ARG C 971 0.02 50.39 31.63
C ARG C 971 1.00 49.65 32.54
N LEU C 972 1.65 50.33 33.50
CA LEU C 972 2.65 49.70 34.41
C LEU C 972 1.99 48.53 35.15
N ARG C 973 0.84 48.77 35.79
CA ARG C 973 0.13 47.79 36.66
C ARG C 973 -0.24 46.56 35.82
N PRO C 974 -0.90 46.68 34.66
CA PRO C 974 -1.08 45.54 33.74
C PRO C 974 0.21 44.80 33.37
N ILE C 975 1.24 45.54 32.93
CA ILE C 975 2.53 44.97 32.41
C ILE C 975 3.16 44.08 33.48
N LEU C 976 3.23 44.55 34.73
CA LEU C 976 3.86 43.80 35.87
C LEU C 976 2.97 42.63 36.27
N MET C 977 1.65 42.80 36.27
CA MET C 977 0.66 41.73 36.57
C MET C 977 0.90 40.54 35.63
N THR C 978 0.97 40.80 34.32
CA THR C 978 1.11 39.79 33.25
C THR C 978 2.55 39.23 33.22
N SER C 979 3.54 40.04 33.61
CA SER C 979 4.98 39.68 33.61
C SER C 979 5.28 38.73 34.79
N LEU C 980 4.81 39.07 35.98
CA LEU C 980 4.99 38.26 37.22
C LEU C 980 4.18 36.96 37.11
N ALA C 981 3.06 36.99 36.37
CA ALA C 981 2.21 35.81 36.10
C ALA C 981 3.04 34.74 35.37
N PHE C 982 3.74 35.12 34.31
CA PHE C 982 4.59 34.21 33.47
C PHE C 982 5.82 33.77 34.27
N ILE C 983 6.51 34.71 34.92
CA ILE C 983 7.76 34.46 35.71
C ILE C 983 7.47 33.40 36.77
N LEU C 984 6.40 33.58 37.55
CA LEU C 984 5.97 32.64 38.64
C LEU C 984 5.15 31.49 38.04
N GLY C 985 4.68 31.63 36.80
CA GLY C 985 4.05 30.56 36.01
C GLY C 985 5.05 29.48 35.62
N VAL C 986 6.26 29.88 35.20
CA VAL C 986 7.35 28.97 34.76
C VAL C 986 8.36 28.76 35.90
N MET C 987 8.06 29.26 37.10
CA MET C 987 8.90 29.12 38.31
C MET C 987 9.08 27.63 38.62
N PRO C 988 8.00 26.81 38.65
CA PRO C 988 8.11 25.39 39.00
C PRO C 988 9.06 24.62 38.06
N LEU C 989 9.02 24.92 36.75
CA LEU C 989 9.91 24.32 35.72
C LEU C 989 11.38 24.57 36.10
N VAL C 990 11.69 25.79 36.56
CA VAL C 990 13.08 26.24 36.90
C VAL C 990 13.56 25.51 38.17
N ILE C 991 12.72 25.48 39.21
CA ILE C 991 13.09 24.96 40.57
C ILE C 991 12.79 23.45 40.65
N SER C 992 12.41 22.81 39.54
CA SER C 992 12.15 21.36 39.43
C SER C 992 13.44 20.57 39.65
N THR C 993 13.42 19.55 40.51
CA THR C 993 14.53 18.59 40.74
C THR C 993 13.98 17.15 40.77
N GLY C 994 12.81 16.92 40.17
CA GLY C 994 12.16 15.60 40.09
C GLY C 994 12.66 14.80 38.90
N ALA C 995 11.99 13.69 38.59
CA ALA C 995 12.29 12.84 37.41
C ALA C 995 11.99 13.62 36.13
N GLY C 996 12.95 13.69 35.21
CA GLY C 996 12.83 14.43 33.94
C GLY C 996 12.84 15.94 34.15
N SER C 997 13.54 16.41 35.19
CA SER C 997 13.70 17.86 35.53
C SER C 997 14.65 18.52 34.53
N GLY C 998 15.66 17.78 34.06
CA GLY C 998 16.62 18.24 33.05
C GLY C 998 15.93 18.94 31.88
N ALA C 999 14.84 18.35 31.39
CA ALA C 999 13.98 18.89 30.32
C ALA C 999 13.24 20.13 30.83
N GLN C 1000 12.60 20.03 32.00
CA GLN C 1000 11.81 21.13 32.64
C GLN C 1000 12.71 22.35 32.84
N ASN C 1001 13.89 22.16 33.44
CA ASN C 1001 14.87 23.21 33.77
C ASN C 1001 15.29 23.95 32.49
N ALA C 1002 15.51 23.21 31.39
CA ALA C 1002 15.94 23.74 30.07
C ALA C 1002 14.86 24.67 29.50
N VAL C 1003 13.58 24.36 29.71
CA VAL C 1003 12.42 25.13 29.17
C VAL C 1003 12.26 26.44 29.98
N GLY C 1004 12.17 26.32 31.31
CA GLY C 1004 11.80 27.42 32.22
C GLY C 1004 12.87 28.49 32.31
N THR C 1005 14.12 28.09 32.55
CA THR C 1005 15.28 29.00 32.84
C THR C 1005 15.37 30.10 31.78
N GLY C 1006 15.45 29.71 30.49
CA GLY C 1006 15.59 30.64 29.36
C GLY C 1006 14.52 31.72 29.35
N VAL C 1007 13.24 31.31 29.31
CA VAL C 1007 12.07 32.23 29.16
C VAL C 1007 11.89 33.07 30.44
N MET C 1008 12.11 32.48 31.62
CA MET C 1008 11.92 33.17 32.93
C MET C 1008 12.84 34.38 32.98
N GLY C 1009 14.15 34.16 32.79
CA GLY C 1009 15.18 35.23 32.71
C GLY C 1009 14.92 36.15 31.53
N GLY C 1010 14.38 35.61 30.43
CA GLY C 1010 13.95 36.36 29.24
C GLY C 1010 12.89 37.40 29.57
N MET C 1011 11.86 37.00 30.34
CA MET C 1011 10.71 37.86 30.72
C MET C 1011 11.17 38.92 31.72
N VAL C 1012 12.02 38.54 32.68
CA VAL C 1012 12.59 39.45 33.73
C VAL C 1012 13.17 40.68 33.04
N THR C 1013 14.15 40.50 32.16
CA THR C 1013 14.87 41.60 31.43
C THR C 1013 13.93 42.24 30.40
N ALA C 1014 12.97 41.48 29.86
CA ALA C 1014 11.96 41.96 28.89
C ALA C 1014 10.86 42.76 29.61
N THR C 1015 10.92 42.85 30.95
CA THR C 1015 10.04 43.69 31.79
C THR C 1015 10.87 44.85 32.37
N VAL C 1016 11.88 44.53 33.17
CA VAL C 1016 12.71 45.50 33.95
C VAL C 1016 13.25 46.58 32.98
N LEU C 1017 13.92 46.16 31.89
CA LEU C 1017 14.55 47.07 30.89
C LEU C 1017 13.46 47.70 30.02
N ALA C 1018 12.60 46.88 29.41
CA ALA C 1018 11.57 47.27 28.42
C ALA C 1018 10.85 48.55 28.86
N ILE C 1019 10.30 48.56 30.09
CA ILE C 1019 9.46 49.66 30.62
C ILE C 1019 10.19 51.01 30.51
N PHE C 1020 11.53 51.01 30.55
CA PHE C 1020 12.39 52.21 30.45
C PHE C 1020 12.80 52.47 28.99
N PHE C 1021 13.06 51.41 28.21
CA PHE C 1021 13.67 51.48 26.86
C PHE C 1021 12.60 51.56 25.76
N VAL C 1022 11.41 50.99 25.98
CA VAL C 1022 10.28 50.99 25.00
C VAL C 1022 9.84 52.43 24.74
N PRO C 1023 9.66 53.28 25.78
CA PRO C 1023 9.37 54.70 25.56
C PRO C 1023 10.39 55.40 24.66
N VAL C 1024 11.69 55.11 24.86
CA VAL C 1024 12.82 55.67 24.06
C VAL C 1024 12.62 55.25 22.59
N PHE C 1025 12.50 53.95 22.34
CA PHE C 1025 12.34 53.35 20.99
C PHE C 1025 11.20 54.07 20.23
N PHE C 1026 10.04 54.18 20.88
CA PHE C 1026 8.80 54.79 20.31
C PHE C 1026 9.06 56.26 19.96
N VAL C 1027 9.53 57.04 20.95
CA VAL C 1027 9.75 58.52 20.83
C VAL C 1027 10.82 58.79 19.76
N VAL C 1028 11.94 58.06 19.79
CA VAL C 1028 13.10 58.24 18.85
C VAL C 1028 12.64 57.93 17.41
N VAL C 1029 11.88 56.84 17.22
CA VAL C 1029 11.36 56.40 15.89
C VAL C 1029 10.28 57.39 15.43
N ARG C 1030 9.38 57.79 16.33
CA ARG C 1030 8.29 58.79 16.06
C ARG C 1030 8.90 60.11 15.57
N ARG C 1031 10.06 60.50 16.10
CA ARG C 1031 10.78 61.75 15.74
C ARG C 1031 11.37 61.61 14.33
N ARG C 1032 12.09 60.51 14.07
CA ARG C 1032 12.83 60.27 12.80
C ARG C 1032 11.84 59.84 11.72
N PHE C 1033 11.24 58.64 11.84
CA PHE C 1033 10.42 57.99 10.80
C PHE C 1033 8.92 58.06 11.16
N SER C 1034 8.35 59.27 11.18
CA SER C 1034 6.89 59.50 11.39
C SER C 1034 6.55 60.99 11.19
N ARG C 1035 5.48 61.26 10.43
CA ARG C 1035 4.85 62.59 10.24
C ARG C 1035 5.94 63.66 10.06
N SER D 12 19.65 -13.64 -56.12
CA SER D 12 19.34 -12.46 -57.00
C SER D 12 18.30 -11.55 -56.32
N ASP D 13 18.00 -10.41 -56.94
CA ASP D 13 17.05 -9.39 -56.43
C ASP D 13 15.65 -10.01 -56.35
N LEU D 14 15.19 -10.61 -57.45
CA LEU D 14 13.82 -11.21 -57.57
C LEU D 14 13.78 -12.56 -56.84
N GLY D 15 14.91 -13.29 -56.81
CA GLY D 15 15.04 -14.59 -56.13
C GLY D 15 14.55 -14.54 -54.69
N LYS D 16 14.93 -13.48 -53.96
CA LYS D 16 14.55 -13.26 -52.53
C LYS D 16 13.05 -12.93 -52.45
N LYS D 17 12.54 -12.14 -53.40
CA LYS D 17 11.13 -11.69 -53.45
C LYS D 17 10.20 -12.85 -53.82
N LEU D 18 10.73 -13.85 -54.54
CA LEU D 18 9.98 -15.09 -54.91
C LEU D 18 9.86 -16.01 -53.68
N LEU D 19 10.96 -16.20 -52.95
CA LEU D 19 11.03 -17.02 -51.71
C LEU D 19 9.96 -16.52 -50.72
N GLU D 20 9.89 -15.20 -50.50
CA GLU D 20 8.94 -14.55 -49.57
C GLU D 20 7.51 -14.71 -50.09
N ALA D 21 7.30 -14.45 -51.40
CA ALA D 21 5.98 -14.51 -52.08
C ALA D 21 5.45 -15.95 -52.07
N ALA D 22 6.32 -16.92 -52.37
CA ALA D 22 6.01 -18.38 -52.40
C ALA D 22 5.61 -18.85 -51.00
N ARG D 23 6.29 -18.34 -49.97
CA ARG D 23 6.04 -18.65 -48.53
C ARG D 23 4.68 -18.07 -48.13
N ALA D 24 4.47 -16.77 -48.35
CA ALA D 24 3.26 -16.01 -47.97
C ALA D 24 2.02 -16.64 -48.63
N GLY D 25 2.12 -16.95 -49.93
CA GLY D 25 1.03 -17.52 -50.75
C GLY D 25 0.43 -16.50 -51.71
N ARG D 26 1.10 -15.37 -51.92
CA ARG D 26 0.66 -14.28 -52.83
C ARG D 26 0.79 -14.76 -54.29
N ASP D 27 -0.29 -15.34 -54.83
CA ASP D 27 -0.34 -15.91 -56.20
C ASP D 27 -0.04 -14.82 -57.24
N ASP D 28 -0.60 -13.62 -57.04
CA ASP D 28 -0.50 -12.48 -57.98
C ASP D 28 0.97 -12.06 -58.14
N GLU D 29 1.72 -11.99 -57.04
CA GLU D 29 3.15 -11.56 -57.03
C GLU D 29 4.02 -12.64 -57.71
N VAL D 30 3.73 -13.92 -57.46
CA VAL D 30 4.46 -15.07 -58.06
C VAL D 30 4.33 -15.00 -59.58
N ARG D 31 3.10 -14.88 -60.08
CA ARG D 31 2.78 -14.76 -61.53
C ARG D 31 3.68 -13.70 -62.18
N ILE D 32 3.78 -12.52 -61.55
CA ILE D 32 4.58 -11.36 -62.05
C ILE D 32 6.07 -11.75 -62.06
N LEU D 33 6.54 -12.40 -61.00
CA LEU D 33 7.97 -12.79 -60.82
C LEU D 33 8.34 -13.91 -61.80
N MET D 34 7.39 -14.80 -62.13
CA MET D 34 7.56 -15.88 -63.13
C MET D 34 7.72 -15.27 -64.52
N ALA D 35 7.03 -14.15 -64.79
CA ALA D 35 7.08 -13.39 -66.06
C ALA D 35 8.39 -12.59 -66.14
N ASN D 36 8.74 -11.90 -65.05
CA ASN D 36 9.97 -11.05 -64.93
C ASN D 36 11.22 -11.93 -65.08
N GLY D 37 11.12 -13.21 -64.70
CA GLY D 37 12.19 -14.22 -64.87
C GLY D 37 12.93 -14.49 -63.57
N ALA D 38 12.21 -14.57 -62.46
CA ALA D 38 12.76 -14.91 -61.12
C ALA D 38 13.30 -16.34 -61.14
N ASP D 39 14.42 -16.57 -60.43
CA ASP D 39 15.12 -17.88 -60.36
C ASP D 39 14.29 -18.84 -59.50
N VAL D 40 13.76 -19.91 -60.11
CA VAL D 40 12.90 -20.94 -59.45
C VAL D 40 13.78 -21.91 -58.65
N ASN D 41 15.10 -21.85 -58.82
CA ASN D 41 16.11 -22.68 -58.10
C ASN D 41 16.84 -21.83 -57.06
N ALA D 42 16.31 -20.63 -56.75
CA ALA D 42 16.88 -19.67 -55.77
C ALA D 42 16.61 -20.19 -54.35
N ALA D 43 17.67 -20.58 -53.64
CA ALA D 43 17.63 -21.15 -52.27
C ALA D 43 17.88 -20.04 -51.25
N ASP D 44 17.38 -20.22 -50.01
CA ASP D 44 17.69 -19.36 -48.84
C ASP D 44 18.94 -19.94 -48.15
N VAL D 45 19.11 -19.69 -46.86
CA VAL D 45 20.34 -20.06 -46.08
C VAL D 45 20.31 -21.57 -45.80
N VAL D 46 19.15 -22.10 -45.38
CA VAL D 46 18.94 -23.54 -45.02
C VAL D 46 18.93 -24.39 -46.28
N GLY D 47 18.61 -23.80 -47.44
CA GLY D 47 18.64 -24.47 -48.76
C GLY D 47 17.26 -24.82 -49.26
N TRP D 48 16.27 -23.95 -49.03
CA TRP D 48 14.84 -24.13 -49.41
C TRP D 48 14.53 -23.30 -50.67
N THR D 49 14.15 -23.97 -51.77
CA THR D 49 13.67 -23.34 -53.02
C THR D 49 12.23 -22.87 -52.81
N PRO D 50 11.69 -21.96 -53.66
CA PRO D 50 10.31 -21.49 -53.51
C PRO D 50 9.28 -22.63 -53.43
N LEU D 51 9.59 -23.77 -54.08
CA LEU D 51 8.75 -25.00 -54.07
C LEU D 51 8.68 -25.56 -52.64
N HIS D 52 9.83 -25.62 -51.95
CA HIS D 52 9.94 -26.05 -50.52
C HIS D 52 8.99 -25.22 -49.65
N LEU D 53 9.04 -23.89 -49.81
CA LEU D 53 8.21 -22.92 -49.02
C LEU D 53 6.72 -23.18 -49.29
N ALA D 54 6.33 -23.23 -50.56
CA ALA D 54 4.94 -23.47 -51.02
C ALA D 54 4.47 -24.86 -50.54
N ALA D 55 5.35 -25.86 -50.59
CA ALA D 55 5.08 -27.26 -50.16
C ALA D 55 4.86 -27.31 -48.65
N TYR D 56 5.63 -26.54 -47.88
CA TYR D 56 5.59 -26.49 -46.39
C TYR D 56 4.29 -25.81 -45.93
N TRP D 57 4.03 -24.59 -46.42
CA TRP D 57 2.92 -23.72 -45.96
C TRP D 57 1.61 -24.08 -46.68
N GLY D 58 1.65 -25.00 -47.65
CA GLY D 58 0.46 -25.60 -48.28
C GLY D 58 -0.24 -24.65 -49.23
N HIS D 59 0.49 -24.12 -50.22
CA HIS D 59 -0.03 -23.22 -51.30
C HIS D 59 -0.03 -24.00 -52.62
N LEU D 60 -1.17 -24.60 -52.97
CA LEU D 60 -1.30 -25.59 -54.07
C LEU D 60 -0.98 -24.95 -55.43
N GLU D 61 -1.58 -23.79 -55.75
CA GLU D 61 -1.44 -23.13 -57.07
C GLU D 61 0.03 -22.82 -57.34
N ILE D 62 0.72 -22.18 -56.38
CA ILE D 62 2.15 -21.74 -56.53
C ILE D 62 3.01 -22.98 -56.81
N VAL D 63 2.78 -24.09 -56.11
CA VAL D 63 3.46 -25.40 -56.35
C VAL D 63 3.30 -25.77 -57.83
N GLU D 64 2.07 -25.67 -58.36
CA GLU D 64 1.73 -25.97 -59.78
C GLU D 64 2.44 -24.97 -60.70
N VAL D 65 2.38 -23.67 -60.35
CA VAL D 65 2.95 -22.54 -61.15
C VAL D 65 4.47 -22.70 -61.24
N LEU D 66 5.14 -22.98 -60.12
CA LEU D 66 6.62 -23.15 -60.03
C LEU D 66 7.05 -24.34 -60.90
N LEU D 67 6.36 -25.48 -60.77
CA LEU D 67 6.66 -26.74 -61.51
C LEU D 67 6.57 -26.49 -63.02
N LYS D 68 5.54 -25.75 -63.47
CA LYS D 68 5.36 -25.36 -64.89
C LYS D 68 6.54 -24.51 -65.35
N ASN D 69 7.12 -23.69 -64.45
CA ASN D 69 8.29 -22.81 -64.71
C ASN D 69 9.59 -23.57 -64.40
N GLY D 70 9.66 -24.86 -64.77
CA GLY D 70 10.87 -25.70 -64.70
C GLY D 70 11.58 -25.62 -63.35
N ALA D 71 10.82 -25.68 -62.25
CA ALA D 71 11.34 -25.73 -60.87
C ALA D 71 11.73 -27.19 -60.54
N ASP D 72 12.86 -27.37 -59.85
CA ASP D 72 13.40 -28.71 -59.48
C ASP D 72 12.50 -29.32 -58.41
N VAL D 73 11.76 -30.39 -58.77
CA VAL D 73 10.79 -31.10 -57.88
C VAL D 73 11.56 -31.92 -56.85
N ASN D 74 12.77 -32.38 -57.19
CA ASN D 74 13.62 -33.24 -56.32
C ASN D 74 14.78 -32.42 -55.73
N ALA D 75 14.63 -31.09 -55.66
CA ALA D 75 15.56 -30.17 -54.96
C ALA D 75 15.55 -30.52 -53.47
N TYR D 76 16.72 -30.56 -52.83
CA TYR D 76 16.90 -30.93 -51.40
C TYR D 76 17.68 -29.83 -50.67
N ASP D 77 17.44 -29.69 -49.36
CA ASP D 77 18.04 -28.65 -48.48
C ASP D 77 19.39 -29.18 -47.94
N THR D 78 20.00 -28.44 -47.00
CA THR D 78 21.33 -28.76 -46.42
C THR D 78 21.26 -30.06 -45.59
N LEU D 79 20.05 -30.50 -45.19
CA LEU D 79 19.82 -31.75 -44.42
C LEU D 79 19.21 -32.84 -45.31
N GLY D 80 18.90 -32.53 -46.56
CA GLY D 80 18.55 -33.52 -47.60
C GLY D 80 17.05 -33.74 -47.78
N SER D 81 16.21 -32.92 -47.12
CA SER D 81 14.73 -33.00 -47.17
C SER D 81 14.20 -32.30 -48.43
N THR D 82 13.31 -32.95 -49.17
CA THR D 82 12.72 -32.48 -50.46
C THR D 82 11.35 -31.87 -50.19
N PRO D 83 10.71 -31.18 -51.18
CA PRO D 83 9.36 -30.64 -51.00
C PRO D 83 8.31 -31.71 -50.68
N LEU D 84 8.48 -32.92 -51.23
CA LEU D 84 7.55 -34.08 -51.01
C LEU D 84 7.57 -34.46 -49.52
N HIS D 85 8.73 -34.42 -48.88
CA HIS D 85 8.90 -34.62 -47.41
C HIS D 85 7.99 -33.63 -46.66
N LEU D 86 8.13 -32.33 -46.97
CA LEU D 86 7.44 -31.22 -46.27
C LEU D 86 5.93 -31.30 -46.51
N ALA D 87 5.51 -31.58 -47.76
CA ALA D 87 4.10 -31.72 -48.19
C ALA D 87 3.47 -32.92 -47.48
N ALA D 88 4.16 -34.07 -47.44
CA ALA D 88 3.69 -35.34 -46.85
C ALA D 88 3.61 -35.23 -45.33
N HIS D 89 4.56 -34.53 -44.71
CA HIS D 89 4.71 -34.40 -43.23
C HIS D 89 3.61 -33.50 -42.67
N PHE D 90 3.27 -32.41 -43.36
CA PHE D 90 2.30 -31.36 -42.90
C PHE D 90 0.91 -31.65 -43.48
N GLY D 91 0.73 -32.79 -44.15
CA GLY D 91 -0.59 -33.34 -44.54
C GLY D 91 -1.26 -32.52 -45.64
N HIS D 92 -0.50 -32.13 -46.67
CA HIS D 92 -0.99 -31.34 -47.84
C HIS D 92 -1.25 -32.30 -49.00
N LEU D 93 -2.28 -33.16 -48.86
CA LEU D 93 -2.63 -34.27 -49.79
C LEU D 93 -2.58 -33.80 -51.25
N GLU D 94 -3.28 -32.69 -51.54
CA GLU D 94 -3.43 -32.13 -52.91
C GLU D 94 -2.04 -31.88 -53.52
N ILE D 95 -1.15 -31.25 -52.75
CA ILE D 95 0.23 -30.86 -53.20
C ILE D 95 1.08 -32.13 -53.40
N VAL D 96 0.97 -33.10 -52.49
CA VAL D 96 1.73 -34.40 -52.53
C VAL D 96 1.49 -35.06 -53.89
N GLU D 97 0.23 -35.13 -54.33
CA GLU D 97 -0.19 -35.73 -55.63
C GLU D 97 0.49 -35.00 -56.79
N VAL D 98 0.38 -33.67 -56.82
CA VAL D 98 0.92 -32.79 -57.91
C VAL D 98 2.43 -33.04 -58.06
N LEU D 99 3.17 -33.06 -56.94
CA LEU D 99 4.64 -33.27 -56.91
C LEU D 99 4.96 -34.65 -57.51
N LEU D 100 4.26 -35.69 -57.08
CA LEU D 100 4.46 -37.10 -57.52
C LEU D 100 4.21 -37.21 -59.04
N LYS D 101 3.21 -36.49 -59.56
CA LYS D 101 2.87 -36.47 -61.02
C LYS D 101 4.03 -35.85 -61.81
N ASN D 102 4.63 -34.77 -61.30
CA ASN D 102 5.73 -34.02 -61.97
C ASN D 102 7.07 -34.73 -61.75
N GLY D 103 7.07 -35.91 -61.10
CA GLY D 103 8.21 -36.82 -61.02
C GLY D 103 9.01 -36.63 -59.73
N ALA D 104 8.33 -36.44 -58.60
CA ALA D 104 8.94 -36.36 -57.25
C ALA D 104 9.36 -37.77 -56.81
N ASP D 105 10.59 -37.92 -56.32
CA ASP D 105 11.17 -39.21 -55.86
C ASP D 105 10.46 -39.60 -54.55
N VAL D 106 9.61 -40.63 -54.61
CA VAL D 106 8.74 -41.08 -53.48
C VAL D 106 9.60 -41.78 -52.41
N ASN D 107 10.75 -42.33 -52.80
CA ASN D 107 11.68 -43.06 -51.89
C ASN D 107 12.90 -42.18 -51.56
N ALA D 108 12.77 -40.86 -51.71
CA ALA D 108 13.83 -39.87 -51.42
C ALA D 108 14.21 -39.95 -49.94
N LYS D 109 15.51 -40.15 -49.65
CA LYS D 109 16.06 -40.26 -48.27
C LYS D 109 16.81 -38.97 -47.92
N ASP D 110 16.49 -38.35 -46.79
CA ASP D 110 17.26 -37.22 -46.21
C ASP D 110 18.53 -37.79 -45.56
N ASP D 111 19.28 -36.98 -44.82
CA ASP D 111 20.56 -37.37 -44.15
C ASP D 111 20.27 -38.34 -43.00
N ASN D 112 19.02 -38.41 -42.53
CA ASN D 112 18.57 -39.29 -41.42
C ASN D 112 18.04 -40.62 -41.97
N GLY D 113 17.83 -40.72 -43.29
CA GLY D 113 17.28 -41.90 -43.96
C GLY D 113 15.76 -41.92 -43.91
N ILE D 114 15.14 -40.78 -43.57
CA ILE D 114 13.66 -40.61 -43.44
C ILE D 114 13.07 -40.29 -44.82
N THR D 115 12.07 -41.05 -45.25
CA THR D 115 11.33 -40.87 -46.53
C THR D 115 10.02 -40.15 -46.25
N PRO D 116 9.34 -39.57 -47.28
CA PRO D 116 8.03 -38.96 -47.09
C PRO D 116 6.99 -39.90 -46.44
N LEU D 117 7.10 -41.21 -46.68
CA LEU D 117 6.22 -42.27 -46.11
C LEU D 117 6.35 -42.27 -44.59
N HIS D 118 7.58 -42.26 -44.07
CA HIS D 118 7.92 -42.23 -42.61
C HIS D 118 7.23 -41.03 -41.94
N LEU D 119 7.35 -39.85 -42.54
CA LEU D 119 6.84 -38.56 -42.01
C LEU D 119 5.30 -38.58 -42.02
N ALA D 120 4.70 -38.97 -43.16
CA ALA D 120 3.24 -39.09 -43.36
C ALA D 120 2.65 -40.09 -42.37
N ALA D 121 3.36 -41.18 -42.09
CA ALA D 121 2.98 -42.25 -41.13
C ALA D 121 3.01 -41.70 -39.70
N ASN D 122 4.03 -40.90 -39.36
CA ASN D 122 4.30 -40.41 -37.98
C ASN D 122 3.19 -39.43 -37.55
N ARG D 123 2.81 -38.50 -38.43
CA ARG D 123 1.69 -37.54 -38.20
C ARG D 123 0.36 -38.25 -38.48
N GLY D 124 0.38 -39.40 -39.16
CA GLY D 124 -0.76 -40.31 -39.33
C GLY D 124 -1.74 -39.81 -40.37
N HIS D 125 -1.24 -39.28 -41.49
CA HIS D 125 -2.04 -38.82 -42.65
C HIS D 125 -2.39 -40.02 -43.52
N LEU D 126 -3.52 -40.68 -43.22
CA LEU D 126 -3.95 -41.98 -43.83
C LEU D 126 -4.02 -41.85 -45.36
N GLU D 127 -4.65 -40.78 -45.85
CA GLU D 127 -4.94 -40.56 -47.29
C GLU D 127 -3.62 -40.45 -48.08
N ILE D 128 -2.63 -39.75 -47.53
CA ILE D 128 -1.30 -39.50 -48.18
C ILE D 128 -0.51 -40.81 -48.23
N VAL D 129 -0.50 -41.59 -47.15
CA VAL D 129 0.23 -42.89 -47.05
C VAL D 129 -0.21 -43.78 -48.21
N GLU D 130 -1.51 -43.83 -48.50
CA GLU D 130 -2.12 -44.64 -49.60
C GLU D 130 -1.62 -44.12 -50.95
N VAL D 131 -1.61 -42.80 -51.14
CA VAL D 131 -1.15 -42.12 -52.40
C VAL D 131 0.33 -42.44 -52.63
N LEU D 132 1.16 -42.30 -51.58
CA LEU D 132 2.62 -42.58 -51.65
C LEU D 132 2.84 -44.05 -52.03
N LEU D 133 2.13 -44.97 -51.37
CA LEU D 133 2.16 -46.43 -51.67
C LEU D 133 1.72 -46.66 -53.12
N LYS D 134 0.69 -45.93 -53.58
CA LYS D 134 0.11 -46.04 -54.96
C LYS D 134 1.19 -45.71 -56.00
N TYR D 135 2.02 -44.69 -55.73
CA TYR D 135 3.12 -44.23 -56.63
C TYR D 135 4.39 -45.05 -56.40
N GLY D 136 4.31 -46.11 -55.58
CA GLY D 136 5.36 -47.14 -55.43
C GLY D 136 6.35 -46.80 -54.33
N ALA D 137 5.86 -46.34 -53.18
CA ALA D 137 6.67 -46.04 -51.97
C ALA D 137 7.17 -47.37 -51.37
N ASP D 138 8.47 -47.47 -51.08
CA ASP D 138 9.11 -48.63 -50.43
C ASP D 138 8.63 -48.68 -48.97
N VAL D 139 7.74 -49.61 -48.64
CA VAL D 139 7.13 -49.76 -47.28
C VAL D 139 8.16 -50.33 -46.31
N ASN D 140 9.12 -51.12 -46.83
CA ASN D 140 10.20 -51.77 -46.05
C ASN D 140 11.39 -50.81 -45.85
N ALA D 141 11.30 -49.59 -46.39
CA ALA D 141 12.32 -48.52 -46.24
C ALA D 141 12.56 -48.24 -44.75
N GLN D 142 13.83 -48.20 -44.32
CA GLN D 142 14.25 -47.98 -42.92
C GLN D 142 15.00 -46.66 -42.81
N ASP D 143 14.94 -46.01 -41.64
CA ASP D 143 15.72 -44.79 -41.31
C ASP D 143 17.08 -45.24 -40.73
N LYS D 144 17.83 -44.31 -40.12
CA LYS D 144 19.17 -44.58 -39.53
C LYS D 144 19.04 -45.48 -38.31
N PHE D 145 17.87 -45.49 -37.65
CA PHE D 145 17.57 -46.28 -36.43
C PHE D 145 16.92 -47.62 -36.80
N GLY D 146 16.76 -47.90 -38.10
CA GLY D 146 16.19 -49.17 -38.61
C GLY D 146 14.69 -49.25 -38.38
N LYS D 147 13.98 -48.12 -38.53
CA LYS D 147 12.52 -48.00 -38.28
C LYS D 147 11.78 -47.89 -39.61
N THR D 148 10.83 -48.81 -39.87
CA THR D 148 9.90 -48.77 -41.04
C THR D 148 8.69 -47.89 -40.68
N ALA D 149 7.84 -47.60 -41.66
CA ALA D 149 6.57 -46.85 -41.49
C ALA D 149 5.64 -47.63 -40.54
N PHE D 150 5.71 -48.96 -40.58
CA PHE D 150 4.93 -49.90 -39.72
C PHE D 150 5.41 -49.79 -38.27
N ASP D 151 6.72 -49.72 -38.06
CA ASP D 151 7.35 -49.61 -36.71
C ASP D 151 6.85 -48.34 -36.01
N ILE D 152 6.63 -47.26 -36.77
CA ILE D 152 6.12 -45.94 -36.27
C ILE D 152 4.65 -46.09 -35.89
N SER D 153 3.85 -46.77 -36.73
CA SER D 153 2.37 -46.90 -36.58
C SER D 153 2.03 -47.68 -35.29
N ILE D 154 2.80 -48.72 -34.97
CA ILE D 154 2.58 -49.57 -33.76
C ILE D 154 3.10 -48.82 -32.51
N ASN D 155 4.14 -48.00 -32.66
CA ASN D 155 4.72 -47.18 -31.56
C ASN D 155 3.80 -45.99 -31.27
N ASN D 156 3.20 -45.41 -32.32
CA ASN D 156 2.18 -44.33 -32.21
C ASN D 156 0.84 -44.93 -31.75
N GLY D 157 0.62 -46.21 -32.01
CA GLY D 157 -0.61 -46.94 -31.63
C GLY D 157 -1.73 -46.74 -32.64
N ASN D 158 -1.40 -46.28 -33.84
CA ASN D 158 -2.36 -46.01 -34.94
C ASN D 158 -2.76 -47.35 -35.58
N GLU D 159 -3.94 -47.87 -35.21
CA GLU D 159 -4.45 -49.20 -35.64
C GLU D 159 -4.82 -49.15 -37.13
N ASP D 160 -5.51 -48.08 -37.55
CA ASP D 160 -5.97 -47.86 -38.95
C ASP D 160 -4.76 -47.84 -39.89
N LEU D 161 -3.73 -47.05 -39.55
CA LEU D 161 -2.48 -46.89 -40.34
C LEU D 161 -1.76 -48.24 -40.45
N ALA D 162 -1.62 -48.96 -39.33
CA ALA D 162 -0.95 -50.28 -39.23
C ALA D 162 -1.61 -51.29 -40.17
N GLU D 163 -2.95 -51.22 -40.30
CA GLU D 163 -3.77 -52.14 -41.13
C GLU D 163 -3.48 -51.89 -42.62
N ILE D 164 -3.31 -50.62 -43.02
CA ILE D 164 -3.01 -50.20 -44.42
C ILE D 164 -1.63 -50.74 -44.81
N LEU D 165 -0.65 -50.62 -43.90
CA LEU D 165 0.75 -51.06 -44.12
C LEU D 165 0.84 -52.59 -44.05
N GLN D 166 -0.06 -53.23 -43.29
CA GLN D 166 -0.17 -54.71 -43.11
C GLN D 166 1.19 -55.38 -43.35
N ASP E 13 -28.96 -51.19 12.72
CA ASP E 13 -29.18 -49.74 13.05
C ASP E 13 -28.83 -49.49 14.52
N LEU E 14 -29.35 -50.32 15.43
CA LEU E 14 -29.10 -50.23 16.89
C LEU E 14 -27.61 -50.50 17.19
N GLY E 15 -26.99 -51.38 16.41
CA GLY E 15 -25.55 -51.73 16.51
C GLY E 15 -24.65 -50.53 16.23
N LYS E 16 -25.11 -49.61 15.38
CA LYS E 16 -24.39 -48.36 15.01
C LYS E 16 -24.46 -47.37 16.18
N LYS E 17 -25.61 -47.27 16.85
CA LYS E 17 -25.83 -46.39 18.03
C LYS E 17 -24.95 -46.88 19.20
N LEU E 18 -24.76 -48.21 19.30
CA LEU E 18 -23.92 -48.85 20.36
C LEU E 18 -22.44 -48.53 20.11
N LEU E 19 -22.01 -48.54 18.83
CA LEU E 19 -20.63 -48.18 18.41
C LEU E 19 -20.36 -46.71 18.78
N GLU E 20 -21.29 -45.81 18.47
CA GLU E 20 -21.21 -44.35 18.75
C GLU E 20 -21.17 -44.12 20.27
N ALA E 21 -21.96 -44.90 21.03
CA ALA E 21 -22.09 -44.81 22.50
C ALA E 21 -20.82 -45.33 23.19
N ALA E 22 -20.36 -46.53 22.79
CA ALA E 22 -19.17 -47.21 23.35
C ALA E 22 -17.92 -46.34 23.18
N ARG E 23 -17.81 -45.64 22.05
CA ARG E 23 -16.67 -44.73 21.72
C ARG E 23 -16.71 -43.51 22.64
N ALA E 24 -17.80 -42.73 22.57
CA ALA E 24 -18.01 -41.47 23.32
C ALA E 24 -17.92 -41.74 24.83
N GLY E 25 -18.42 -42.91 25.27
CA GLY E 25 -18.35 -43.37 26.68
C GLY E 25 -19.62 -43.04 27.44
N ARG E 26 -20.79 -43.20 26.80
CA ARG E 26 -22.12 -43.01 27.41
C ARG E 26 -22.54 -44.29 28.13
N ASP E 27 -22.25 -44.40 29.43
CA ASP E 27 -22.49 -45.61 30.26
C ASP E 27 -23.99 -45.89 30.36
N ASP E 28 -24.83 -44.87 30.26
CA ASP E 28 -26.32 -44.99 30.31
C ASP E 28 -26.83 -45.56 28.97
N GLU E 29 -26.51 -44.91 27.86
CA GLU E 29 -27.06 -45.23 26.51
C GLU E 29 -26.70 -46.66 26.13
N VAL E 30 -25.50 -47.12 26.49
CA VAL E 30 -25.01 -48.52 26.22
C VAL E 30 -26.00 -49.51 26.82
N ARG E 31 -26.42 -49.28 28.07
CA ARG E 31 -27.37 -50.16 28.83
C ARG E 31 -28.75 -50.15 28.16
N ILE E 32 -29.22 -48.97 27.74
CA ILE E 32 -30.59 -48.77 27.15
C ILE E 32 -30.65 -49.45 25.78
N LEU E 33 -29.57 -49.34 24.98
CA LEU E 33 -29.47 -49.97 23.63
C LEU E 33 -29.30 -51.48 23.79
N MET E 34 -28.67 -51.94 24.88
CA MET E 34 -28.46 -53.38 25.20
C MET E 34 -29.81 -54.01 25.59
N ALA E 35 -30.60 -53.30 26.41
CA ALA E 35 -31.94 -53.71 26.89
C ALA E 35 -32.87 -53.95 25.70
N ASN E 36 -32.71 -53.18 24.62
CA ASN E 36 -33.51 -53.29 23.37
C ASN E 36 -32.89 -54.33 22.42
N GLY E 37 -31.87 -55.07 22.88
CA GLY E 37 -31.28 -56.22 22.17
C GLY E 37 -30.49 -55.81 20.95
N ALA E 38 -29.57 -54.85 21.11
CA ALA E 38 -28.64 -54.38 20.05
C ALA E 38 -27.49 -55.40 19.91
N ASP E 39 -26.95 -55.56 18.71
CA ASP E 39 -25.83 -56.48 18.39
C ASP E 39 -24.59 -56.03 19.19
N VAL E 40 -24.06 -56.91 20.05
CA VAL E 40 -22.90 -56.64 20.95
C VAL E 40 -21.59 -56.77 20.18
N ASN E 41 -21.62 -57.47 19.03
CA ASN E 41 -20.45 -57.68 18.14
C ASN E 41 -20.65 -56.90 16.83
N ALA E 42 -21.26 -55.71 16.91
CA ALA E 42 -21.56 -54.83 15.76
C ALA E 42 -20.26 -54.20 15.24
N ALA E 43 -19.77 -54.68 14.09
CA ALA E 43 -18.54 -54.20 13.43
C ALA E 43 -18.83 -52.90 12.66
N ASP E 44 -17.87 -51.98 12.65
CA ASP E 44 -17.92 -50.71 11.88
C ASP E 44 -17.28 -50.96 10.51
N VAL E 45 -16.74 -49.92 9.86
CA VAL E 45 -16.18 -49.98 8.47
C VAL E 45 -14.86 -50.76 8.51
N VAL E 46 -14.01 -50.51 9.51
CA VAL E 46 -12.64 -51.11 9.64
C VAL E 46 -12.74 -52.48 10.36
N GLY E 47 -13.88 -52.77 10.99
CA GLY E 47 -14.16 -54.05 11.66
C GLY E 47 -13.94 -53.98 13.17
N TRP E 48 -14.27 -52.84 13.78
CA TRP E 48 -14.15 -52.59 15.24
C TRP E 48 -15.50 -52.80 15.92
N THR E 49 -15.58 -53.75 16.86
CA THR E 49 -16.73 -53.97 17.77
C THR E 49 -16.80 -52.82 18.77
N PRO E 50 -17.91 -52.66 19.54
CA PRO E 50 -17.95 -51.70 20.64
C PRO E 50 -16.84 -51.97 21.68
N LEU E 51 -16.46 -53.23 21.85
CA LEU E 51 -15.42 -53.70 22.81
C LEU E 51 -14.04 -53.15 22.38
N HIS E 52 -13.78 -53.05 21.07
CA HIS E 52 -12.56 -52.43 20.49
C HIS E 52 -12.50 -50.95 20.89
N LEU E 53 -13.57 -50.20 20.63
CA LEU E 53 -13.69 -48.74 20.88
C LEU E 53 -13.58 -48.47 22.39
N ALA E 54 -14.24 -49.29 23.21
CA ALA E 54 -14.21 -49.20 24.70
C ALA E 54 -12.79 -49.45 25.21
N ALA E 55 -12.06 -50.39 24.61
CA ALA E 55 -10.68 -50.77 24.97
C ALA E 55 -9.69 -49.68 24.54
N TYR E 56 -9.90 -49.11 23.35
CA TYR E 56 -9.03 -48.07 22.73
C TYR E 56 -9.07 -46.78 23.57
N TRP E 57 -10.25 -46.15 23.62
CA TRP E 57 -10.48 -44.83 24.29
C TRP E 57 -10.40 -44.98 25.81
N GLY E 58 -10.57 -46.20 26.33
CA GLY E 58 -10.41 -46.53 27.76
C GLY E 58 -11.66 -46.23 28.56
N HIS E 59 -12.69 -47.08 28.43
CA HIS E 59 -13.99 -46.99 29.17
C HIS E 59 -14.24 -48.31 29.89
N LEU E 60 -13.55 -48.52 31.01
CA LEU E 60 -13.49 -49.80 31.78
C LEU E 60 -14.89 -50.30 32.12
N GLU E 61 -15.77 -49.41 32.59
CA GLU E 61 -17.14 -49.73 33.05
C GLU E 61 -17.96 -50.29 31.87
N ILE E 62 -17.79 -49.72 30.68
CA ILE E 62 -18.50 -50.14 29.42
C ILE E 62 -17.93 -51.48 28.95
N VAL E 63 -16.61 -51.68 29.05
CA VAL E 63 -15.91 -52.95 28.65
C VAL E 63 -16.54 -54.12 29.42
N GLU E 64 -16.82 -53.95 30.71
CA GLU E 64 -17.42 -54.98 31.59
C GLU E 64 -18.89 -55.20 31.22
N VAL E 65 -19.65 -54.12 31.01
CA VAL E 65 -21.10 -54.16 30.66
C VAL E 65 -21.29 -54.86 29.32
N LEU E 66 -20.35 -54.71 28.39
CA LEU E 66 -20.36 -55.38 27.05
C LEU E 66 -20.10 -56.88 27.21
N LEU E 67 -19.03 -57.23 27.92
CA LEU E 67 -18.61 -58.64 28.19
C LEU E 67 -19.69 -59.38 28.98
N LYS E 68 -20.38 -58.68 29.89
CA LYS E 68 -21.52 -59.20 30.69
C LYS E 68 -22.58 -59.78 29.76
N ASN E 69 -22.87 -59.09 28.66
CA ASN E 69 -23.90 -59.49 27.64
C ASN E 69 -23.23 -60.28 26.51
N GLY E 70 -22.14 -61.00 26.81
CA GLY E 70 -21.48 -61.95 25.90
C GLY E 70 -20.87 -61.29 24.68
N ALA E 71 -20.14 -60.19 24.87
CA ALA E 71 -19.35 -59.50 23.82
C ALA E 71 -18.14 -60.36 23.47
N ASP E 72 -17.94 -60.65 22.19
CA ASP E 72 -16.84 -61.52 21.67
C ASP E 72 -15.49 -60.88 22.07
N VAL E 73 -14.77 -61.54 22.98
CA VAL E 73 -13.51 -61.03 23.61
C VAL E 73 -12.35 -61.17 22.60
N ASN E 74 -12.43 -62.15 21.69
CA ASN E 74 -11.40 -62.42 20.66
C ASN E 74 -11.94 -62.06 19.27
N ALA E 75 -12.84 -61.07 19.19
CA ALA E 75 -13.26 -60.41 17.94
C ALA E 75 -12.07 -59.63 17.38
N TYR E 76 -11.80 -59.75 16.08
CA TYR E 76 -10.62 -59.12 15.41
C TYR E 76 -11.08 -58.30 14.20
N ASP E 77 -10.37 -57.20 13.92
CA ASP E 77 -10.66 -56.24 12.82
C ASP E 77 -10.13 -56.81 11.50
N THR E 78 -10.15 -56.01 10.43
CA THR E 78 -9.73 -56.40 9.06
C THR E 78 -8.22 -56.68 9.01
N LEU E 79 -7.47 -56.32 10.06
CA LEU E 79 -6.00 -56.56 10.16
C LEU E 79 -5.67 -57.57 11.27
N GLY E 80 -6.66 -58.01 12.06
CA GLY E 80 -6.53 -59.13 13.01
C GLY E 80 -6.15 -58.68 14.42
N SER E 81 -6.47 -57.43 14.78
CA SER E 81 -6.15 -56.82 16.11
C SER E 81 -7.36 -56.94 17.04
N THR E 82 -7.21 -57.65 18.16
CA THR E 82 -8.25 -57.88 19.20
C THR E 82 -8.25 -56.71 20.19
N PRO E 83 -9.32 -56.52 20.99
CA PRO E 83 -9.34 -55.45 22.01
C PRO E 83 -8.15 -55.49 22.98
N LEU E 84 -7.63 -56.68 23.28
CA LEU E 84 -6.47 -56.90 24.17
C LEU E 84 -5.22 -56.20 23.59
N HIS E 85 -5.10 -56.14 22.26
CA HIS E 85 -4.05 -55.37 21.54
C HIS E 85 -4.18 -53.88 21.88
N LEU E 86 -5.38 -53.32 21.68
CA LEU E 86 -5.68 -51.87 21.84
C LEU E 86 -5.54 -51.48 23.31
N ALA E 87 -5.90 -52.38 24.23
CA ALA E 87 -5.82 -52.18 25.70
C ALA E 87 -4.35 -52.14 26.13
N ALA E 88 -3.55 -53.11 25.69
CA ALA E 88 -2.13 -53.31 26.06
C ALA E 88 -1.25 -52.22 25.45
N HIS E 89 -1.64 -51.68 24.28
CA HIS E 89 -0.86 -50.69 23.50
C HIS E 89 -1.00 -49.29 24.12
N PHE E 90 -2.20 -48.92 24.58
CA PHE E 90 -2.55 -47.58 25.10
C PHE E 90 -2.58 -47.59 26.64
N GLY E 91 -1.86 -48.52 27.27
CA GLY E 91 -1.57 -48.53 28.72
C GLY E 91 -2.82 -48.48 29.58
N HIS E 92 -3.81 -49.32 29.27
CA HIS E 92 -5.07 -49.46 30.05
C HIS E 92 -5.02 -50.75 30.88
N LEU E 93 -4.28 -50.72 32.00
CA LEU E 93 -3.98 -51.88 32.88
C LEU E 93 -5.28 -52.57 33.32
N GLU E 94 -6.25 -51.81 33.81
CA GLU E 94 -7.52 -52.32 34.40
C GLU E 94 -8.31 -53.09 33.33
N ILE E 95 -8.35 -52.57 32.10
CA ILE E 95 -9.09 -53.18 30.95
C ILE E 95 -8.41 -54.49 30.55
N VAL E 96 -7.07 -54.53 30.52
CA VAL E 96 -6.26 -55.73 30.14
C VAL E 96 -6.61 -56.88 31.10
N GLU E 97 -6.69 -56.59 32.40
CA GLU E 97 -6.99 -57.59 33.47
C GLU E 97 -8.42 -58.12 33.29
N VAL E 98 -9.38 -57.23 32.99
CA VAL E 98 -10.82 -57.58 32.79
C VAL E 98 -10.95 -58.47 31.55
N LEU E 99 -10.29 -58.11 30.44
CA LEU E 99 -10.30 -58.87 29.16
C LEU E 99 -9.72 -60.27 29.40
N LEU E 100 -8.55 -60.35 30.05
CA LEU E 100 -7.83 -61.62 30.34
C LEU E 100 -8.67 -62.50 31.29
N LYS E 101 -9.42 -61.89 32.21
CA LYS E 101 -10.33 -62.59 33.15
C LYS E 101 -11.46 -63.28 32.37
N ASN E 102 -11.96 -62.64 31.30
CA ASN E 102 -13.08 -63.15 30.46
C ASN E 102 -12.54 -64.00 29.32
N GLY E 103 -11.30 -64.51 29.44
CA GLY E 103 -10.72 -65.53 28.54
C GLY E 103 -10.26 -64.93 27.22
N ALA E 104 -9.53 -63.83 27.26
CA ALA E 104 -8.88 -63.19 26.09
C ALA E 104 -7.61 -63.96 25.74
N ASP E 105 -7.37 -64.18 24.44
CA ASP E 105 -6.17 -64.89 23.92
C ASP E 105 -4.96 -63.97 24.13
N VAL E 106 -4.08 -64.32 25.08
CA VAL E 106 -2.90 -63.50 25.49
C VAL E 106 -1.84 -63.54 24.38
N ASN E 107 -1.81 -64.60 23.57
CA ASN E 107 -0.89 -64.78 22.42
C ASN E 107 -1.65 -64.58 21.11
N ALA E 108 -2.66 -63.70 21.10
CA ALA E 108 -3.44 -63.29 19.91
C ALA E 108 -2.51 -62.55 18.95
N LYS E 109 -2.44 -62.99 17.69
CA LYS E 109 -1.56 -62.41 16.64
C LYS E 109 -2.42 -61.76 15.55
N ASP E 110 -2.06 -60.53 15.16
CA ASP E 110 -2.65 -59.81 14.01
C ASP E 110 -1.97 -60.31 12.72
N ASP E 111 -2.28 -59.70 11.57
CA ASP E 111 -1.74 -60.08 10.24
C ASP E 111 -0.20 -59.96 10.24
N ASN E 112 0.37 -59.18 11.16
CA ASN E 112 1.82 -58.89 11.25
C ASN E 112 2.50 -59.83 12.25
N GLY E 113 1.73 -60.68 12.95
CA GLY E 113 2.23 -61.62 13.96
C GLY E 113 2.58 -60.92 15.27
N ILE E 114 2.02 -59.72 15.51
CA ILE E 114 2.28 -58.88 16.70
C ILE E 114 1.27 -59.26 17.80
N THR E 115 1.78 -59.57 19.00
CA THR E 115 0.99 -59.95 20.20
C THR E 115 0.82 -58.74 21.12
N PRO E 116 -0.17 -58.73 22.03
CA PRO E 116 -0.33 -57.64 23.00
C PRO E 116 0.94 -57.38 23.84
N LEU E 117 1.76 -58.40 24.07
CA LEU E 117 3.05 -58.31 24.81
C LEU E 117 3.99 -57.35 24.08
N HIS E 118 4.09 -57.46 22.74
CA HIS E 118 4.94 -56.60 21.88
C HIS E 118 4.53 -55.14 22.03
N LEU E 119 3.22 -54.86 21.93
CA LEU E 119 2.63 -53.49 21.99
C LEU E 119 2.85 -52.90 23.40
N ALA E 120 2.70 -53.72 24.44
CA ALA E 120 2.97 -53.37 25.85
C ALA E 120 4.47 -53.08 26.02
N ALA E 121 5.33 -53.93 25.45
CA ALA E 121 6.80 -53.83 25.52
C ALA E 121 7.30 -52.61 24.73
N ASN E 122 6.65 -52.31 23.59
CA ASN E 122 7.05 -51.23 22.65
C ASN E 122 6.83 -49.87 23.32
N ARG E 123 5.61 -49.62 23.82
CA ARG E 123 5.24 -48.36 24.53
C ARG E 123 5.81 -48.40 25.95
N GLY E 124 6.09 -49.59 26.48
CA GLY E 124 6.83 -49.79 27.74
C GLY E 124 5.94 -49.60 28.97
N HIS E 125 4.76 -50.24 28.97
CA HIS E 125 3.83 -50.32 30.13
C HIS E 125 4.16 -51.57 30.93
N LEU E 126 5.10 -51.46 31.89
CA LEU E 126 5.71 -52.61 32.61
C LEU E 126 4.66 -53.31 33.48
N GLU E 127 3.70 -52.54 34.02
CA GLU E 127 2.57 -53.07 34.85
C GLU E 127 1.76 -54.08 34.03
N ILE E 128 1.50 -53.77 32.75
CA ILE E 128 0.70 -54.62 31.82
C ILE E 128 1.54 -55.81 31.36
N VAL E 129 2.82 -55.59 31.02
CA VAL E 129 3.78 -56.65 30.57
C VAL E 129 3.74 -57.81 31.57
N GLU E 130 3.80 -57.49 32.87
CA GLU E 130 3.84 -58.48 33.98
C GLU E 130 2.52 -59.25 34.05
N VAL E 131 1.38 -58.56 33.87
CA VAL E 131 0.02 -59.17 33.88
C VAL E 131 -0.09 -60.17 32.73
N LEU E 132 0.30 -59.77 31.51
CA LEU E 132 0.28 -60.63 30.29
C LEU E 132 1.13 -61.88 30.53
N LEU E 133 2.35 -61.71 31.04
CA LEU E 133 3.30 -62.81 31.38
C LEU E 133 2.66 -63.73 32.44
N LYS E 134 2.00 -63.15 33.43
CA LYS E 134 1.37 -63.87 34.58
C LYS E 134 0.17 -64.69 34.08
N TYR E 135 -0.46 -64.28 32.98
CA TYR E 135 -1.61 -64.97 32.34
C TYR E 135 -1.11 -65.97 31.28
N GLY E 136 0.21 -66.05 31.06
CA GLY E 136 0.86 -67.07 30.24
C GLY E 136 1.16 -66.57 28.83
N ALA E 137 1.79 -65.41 28.71
CA ALA E 137 2.24 -64.81 27.43
C ALA E 137 3.60 -65.40 27.04
N ASP E 138 3.73 -65.86 25.80
CA ASP E 138 4.97 -66.46 25.24
C ASP E 138 5.97 -65.34 24.96
N VAL E 139 7.08 -65.30 25.70
CA VAL E 139 8.18 -64.30 25.55
C VAL E 139 8.87 -64.52 24.21
N ASN E 140 9.00 -65.78 23.77
CA ASN E 140 9.72 -66.19 22.53
C ASN E 140 8.87 -65.84 21.29
N ALA E 141 7.58 -65.50 21.48
CA ALA E 141 6.63 -65.12 20.41
C ALA E 141 7.28 -64.08 19.48
N GLN E 142 7.44 -64.43 18.19
CA GLN E 142 8.05 -63.58 17.15
C GLN E 142 6.94 -62.97 16.27
N ASP E 143 7.22 -61.81 15.65
CA ASP E 143 6.36 -61.15 14.64
C ASP E 143 6.81 -61.59 13.24
N LYS E 144 6.39 -60.89 12.18
CA LYS E 144 6.74 -61.20 10.78
C LYS E 144 8.23 -60.96 10.53
N PHE E 145 8.86 -60.05 11.29
CA PHE E 145 10.29 -59.66 11.16
C PHE E 145 11.16 -60.50 12.11
N GLY E 146 10.56 -61.35 12.93
CA GLY E 146 11.26 -62.26 13.87
C GLY E 146 11.74 -61.55 15.12
N LYS E 147 10.92 -60.63 15.65
CA LYS E 147 11.24 -59.79 16.83
C LYS E 147 10.45 -60.27 18.05
N THR E 148 11.14 -60.53 19.16
CA THR E 148 10.54 -60.85 20.49
C THR E 148 10.32 -59.55 21.27
N ALA E 149 9.64 -59.63 22.42
CA ALA E 149 9.43 -58.50 23.36
C ALA E 149 10.78 -58.06 23.93
N PHE E 150 11.73 -59.00 24.08
CA PHE E 150 13.11 -58.78 24.57
C PHE E 150 13.90 -57.94 23.56
N ASP E 151 13.76 -58.25 22.26
CA ASP E 151 14.43 -57.53 21.14
C ASP E 151 14.01 -56.06 21.14
N ILE E 152 12.73 -55.80 21.42
CA ILE E 152 12.11 -54.43 21.48
C ILE E 152 12.75 -53.65 22.63
N SER E 153 12.79 -54.23 23.84
CA SER E 153 13.27 -53.60 25.09
C SER E 153 14.73 -53.14 24.93
N ILE E 154 15.58 -53.98 24.33
CA ILE E 154 17.03 -53.70 24.09
C ILE E 154 17.14 -52.57 23.06
N ASN E 155 16.43 -52.70 21.93
CA ASN E 155 16.43 -51.70 20.81
C ASN E 155 15.93 -50.35 21.34
N ASN E 156 14.81 -50.35 22.06
CA ASN E 156 14.19 -49.13 22.66
C ASN E 156 15.13 -48.54 23.73
N GLY E 157 15.87 -49.40 24.44
CA GLY E 157 16.82 -49.01 25.50
C GLY E 157 16.23 -49.12 26.89
N ASN E 158 14.98 -49.61 27.00
CA ASN E 158 14.28 -49.86 28.29
C ASN E 158 14.93 -51.06 28.96
N GLU E 159 15.66 -50.83 30.06
CA GLU E 159 16.45 -51.85 30.79
C GLU E 159 15.68 -52.36 32.01
N ASP E 160 14.69 -51.59 32.48
CA ASP E 160 13.71 -52.02 33.54
C ASP E 160 12.85 -53.16 32.98
N LEU E 161 12.50 -53.08 31.69
CA LEU E 161 11.67 -54.08 30.96
C LEU E 161 12.53 -55.28 30.56
N ALA E 162 13.81 -55.04 30.22
CA ALA E 162 14.78 -56.03 29.71
C ALA E 162 15.01 -57.14 30.74
N GLU E 163 15.06 -56.80 32.03
CA GLU E 163 15.36 -57.75 33.14
C GLU E 163 14.16 -58.66 33.38
N ILE E 164 12.93 -58.16 33.20
CA ILE E 164 11.66 -58.91 33.41
C ILE E 164 11.59 -60.05 32.40
N LEU E 165 11.96 -59.78 31.14
CA LEU E 165 11.91 -60.75 30.00
C LEU E 165 13.19 -61.60 29.96
N GLN E 166 14.28 -61.10 30.57
CA GLN E 166 15.58 -61.82 30.72
C GLN E 166 16.21 -62.03 29.33
#